data_7B6U
#
_entry.id   7B6U
#
_cell.length_a   129.645
_cell.length_b   129.645
_cell.length_c   220.431
_cell.angle_alpha   90.000
_cell.angle_beta   90.000
_cell.angle_gamma   120.000
#
_symmetry.space_group_name_H-M   'P 31'
#
loop_
_entity.id
_entity.type
_entity.pdbx_description
1 polymer 'Capsid protein VP1'
2 branched 'N-acetyl-alpha-neuraminic acid-(2-6)-beta-D-galactopyranose-(1-4)-2-acetamido-2-deoxy-beta-D-glucopyranose'
3 branched 2-acetamido-2-deoxy-alpha-D-galactopyranose-(1-3)-2-acetamido-2-deoxy-beta-D-galactopyranose-(1-3)-alpha-D-galactopyranose-(1-4)-beta-D-galactopyranose
4 non-polymer 1,2-ETHANEDIOL
5 non-polymer DI(HYDROXYETHYL)ETHER
6 non-polymer 'N-acetyl-alpha-neuraminic acid'
7 non-polymer 'TRIETHYLENE GLYCOL'
8 water water
#
_entity_poly.entity_id   1
_entity_poly.type   'polypeptide(L)'
_entity_poly.pdbx_seq_one_letter_code
;GSHMGGIEVLAVRTGPDSITEIEAYLNPRMGQPQNEDFYGFSDNVTVSDDFGSDAPPWKQFPCYSTARISLPMLNQDMTS
DTILMWEAISCRTEVMGVNMLTNVHSAQKRVYENDREGTGIGVEGMGYHMFAIGGEPLELQFMVFNHRATYPAEATVIKN
PGASSQVFDPNLKGTLTADGVFPVEAWGPDPFKNENTRYFGQYTGGTQTPPVLTFTNTQTTILLDENGVGPLCKGDGLFL
SCADIVGFFTQHNKKMSFRGLPRYFRVTLRKRVVKN
;
_entity_poly.pdbx_strand_id   AAA,BBB,CCC,DDD,EEE,FFF,GGG,HHH,III,JJJ
#
loop_
_chem_comp.id
_chem_comp.type
_chem_comp.name
_chem_comp.formula
A2G D-saccharide, alpha linking 2-acetamido-2-deoxy-alpha-D-galactopyranose 'C8 H15 N O6'
EDO non-polymer 1,2-ETHANEDIOL 'C2 H6 O2'
GAL D-saccharide, beta linking beta-D-galactopyranose 'C6 H12 O6'
GLA D-saccharide, alpha linking alpha-D-galactopyranose 'C6 H12 O6'
NAG D-saccharide, beta linking 2-acetamido-2-deoxy-beta-D-glucopyranose 'C8 H15 N O6'
NGA D-saccharide, beta linking 2-acetamido-2-deoxy-beta-D-galactopyranose 'C8 H15 N O6'
PEG non-polymer DI(HYDROXYETHYL)ETHER 'C4 H10 O3'
PGE non-polymer 'TRIETHYLENE GLYCOL' 'C6 H14 O4'
SIA D-saccharide, alpha linking 'N-acetyl-alpha-neuraminic acid' 'C11 H19 N O9'
#
# COMPACT_ATOMS: atom_id res chain seq x y z
N ILE A 7 36.54 1.30 -3.90
CA ILE A 7 35.93 -0.02 -4.23
C ILE A 7 34.65 0.22 -5.05
N GLU A 8 34.51 -0.45 -6.19
CA GLU A 8 33.24 -0.47 -6.97
C GLU A 8 32.39 -1.61 -6.41
N VAL A 9 31.23 -1.25 -5.84
CA VAL A 9 30.33 -2.14 -5.07
C VAL A 9 29.25 -2.66 -6.02
N LEU A 10 29.14 -3.99 -6.14
CA LEU A 10 28.15 -4.69 -7.00
C LEU A 10 27.10 -5.37 -6.11
N ALA A 11 26.58 -6.51 -6.58
CA ALA A 11 25.39 -7.17 -6.01
C ALA A 11 25.75 -7.83 -4.68
N VAL A 12 24.77 -7.93 -3.78
CA VAL A 12 24.81 -8.82 -2.59
C VAL A 12 24.95 -10.25 -3.11
N ARG A 13 25.85 -11.03 -2.49
CA ARG A 13 26.02 -12.47 -2.80
C ARG A 13 25.16 -13.25 -1.81
N THR A 14 24.17 -13.94 -2.36
CA THR A 14 23.20 -14.83 -1.68
C THR A 14 23.66 -16.28 -1.84
N GLY A 15 22.97 -17.21 -1.21
CA GLY A 15 23.34 -18.63 -1.13
C GLY A 15 23.54 -19.05 0.33
N PRO A 16 23.72 -20.36 0.58
CA PRO A 16 24.04 -20.86 1.93
C PRO A 16 25.43 -20.36 2.35
N ASP A 17 25.58 -20.05 3.64
CA ASP A 17 26.81 -19.48 4.25
C ASP A 17 27.10 -18.09 3.66
N SER A 18 26.10 -17.35 3.19
CA SER A 18 26.27 -15.95 2.70
C SER A 18 26.08 -14.93 3.84
N ILE A 19 25.44 -15.35 4.93
CA ILE A 19 25.26 -14.58 6.21
C ILE A 19 26.17 -15.19 7.25
N THR A 20 26.84 -14.38 8.05
CA THR A 20 27.53 -14.87 9.27
C THR A 20 27.36 -13.82 10.37
N GLU A 21 27.67 -14.22 11.61
CA GLU A 21 27.53 -13.41 12.84
C GLU A 21 28.82 -13.55 13.65
N ILE A 22 29.36 -12.44 14.14
CA ILE A 22 30.47 -12.54 15.13
C ILE A 22 29.97 -11.92 16.44
N GLU A 23 30.39 -12.49 17.56
CA GLU A 23 30.20 -11.83 18.88
C GLU A 23 31.59 -11.52 19.42
N ALA A 24 31.76 -10.35 20.00
CA ALA A 24 33.05 -9.90 20.58
C ALA A 24 32.78 -9.02 21.81
N TYR A 25 33.77 -8.93 22.69
CA TYR A 25 33.74 -7.95 23.81
C TYR A 25 34.94 -7.03 23.62
N LEU A 26 34.80 -5.74 24.00
CA LEU A 26 35.93 -4.84 24.35
C LEU A 26 35.84 -4.49 25.84
N ASN A 27 36.89 -4.83 26.59
CA ASN A 27 37.06 -4.37 27.98
C ASN A 27 37.51 -2.91 27.97
N PRO A 28 37.15 -2.13 29.01
CA PRO A 28 37.49 -0.71 29.06
C PRO A 28 38.98 -0.53 29.35
N ARG A 29 39.51 0.64 28.97
CA ARG A 29 40.92 1.01 29.22
C ARG A 29 40.89 2.35 29.96
N MET A 30 40.42 2.35 31.21
CA MET A 30 40.24 3.57 32.03
C MET A 30 41.56 4.03 32.64
N GLY A 31 42.61 3.19 32.64
CA GLY A 31 43.99 3.61 32.99
C GLY A 31 44.71 2.60 33.86
N GLN A 32 44.02 2.02 34.85
CA GLN A 32 44.65 1.06 35.80
C GLN A 32 44.95 -0.24 35.05
N PRO A 33 46.08 -0.90 35.40
CA PRO A 33 46.47 -2.14 34.72
C PRO A 33 45.50 -3.32 34.85
N GLN A 34 45.35 -4.03 33.72
CA GLN A 34 44.71 -5.36 33.59
C GLN A 34 45.10 -6.29 34.73
N ASN A 35 44.12 -7.03 35.25
CA ASN A 35 44.32 -8.19 36.15
C ASN A 35 45.06 -7.72 37.42
N GLU A 36 44.87 -6.46 37.80
CA GLU A 36 45.28 -5.94 39.13
C GLU A 36 44.02 -5.35 39.78
N ASP A 37 44.13 -4.93 41.05
CA ASP A 37 42.95 -4.73 41.93
C ASP A 37 42.04 -3.62 41.41
N PHE A 38 42.53 -2.72 40.56
CA PHE A 38 41.75 -1.52 40.16
C PHE A 38 41.36 -1.64 38.68
N TYR A 39 41.44 -2.85 38.12
CA TYR A 39 41.02 -3.11 36.70
C TYR A 39 39.56 -2.62 36.54
N GLY A 40 39.35 -1.76 35.54
CA GLY A 40 38.08 -1.09 35.22
C GLY A 40 38.02 0.34 35.69
N PHE A 41 39.00 0.78 36.49
CA PHE A 41 39.11 2.16 37.03
C PHE A 41 40.30 2.87 36.38
N SER A 42 40.27 4.19 36.36
CA SER A 42 41.51 5.02 36.35
C SER A 42 42.11 5.03 37.76
N ASP A 43 43.37 5.44 37.82
CA ASP A 43 44.02 5.90 39.06
C ASP A 43 43.41 7.26 39.43
N ASN A 44 43.63 7.69 40.67
CA ASN A 44 43.01 8.93 41.20
C ASN A 44 43.48 10.14 40.38
N VAL A 45 42.54 10.99 40.00
CA VAL A 45 42.74 12.13 39.08
C VAL A 45 43.38 13.28 39.86
N THR A 46 44.52 13.72 39.37
CA THR A 46 45.21 14.95 39.81
C THR A 46 44.85 16.06 38.83
N VAL A 47 44.91 17.29 39.30
CA VAL A 47 44.45 18.46 38.53
C VAL A 47 45.56 19.50 38.54
N SER A 48 45.86 20.04 37.39
CA SER A 48 46.89 21.08 37.22
C SER A 48 46.33 22.44 37.72
N ASP A 49 47.23 23.40 37.92
CA ASP A 49 46.90 24.76 38.43
C ASP A 49 46.75 25.72 37.25
N ASP A 50 47.27 25.36 36.07
CA ASP A 50 47.47 26.28 34.93
C ASP A 50 47.59 25.41 33.66
N PHE A 51 47.11 25.90 32.52
CA PHE A 51 47.26 25.15 31.24
C PHE A 51 48.75 24.99 30.88
N GLY A 52 49.59 25.93 31.30
CA GLY A 52 51.03 25.93 30.99
C GLY A 52 51.83 24.96 31.84
N SER A 53 51.24 24.38 32.89
CA SER A 53 51.87 23.36 33.78
C SER A 53 50.91 22.17 33.99
N ASP A 54 50.40 21.62 32.90
CA ASP A 54 49.35 20.56 32.90
C ASP A 54 49.97 19.30 32.30
N ALA A 55 50.04 18.24 33.08
CA ALA A 55 50.62 16.95 32.67
C ALA A 55 49.82 15.81 33.31
N PRO A 56 48.82 15.25 32.60
CA PRO A 56 48.03 14.15 33.15
C PRO A 56 48.92 12.91 33.24
N PRO A 57 49.25 12.43 34.45
CA PRO A 57 50.05 11.22 34.58
C PRO A 57 49.35 10.02 33.93
N TRP A 58 50.16 9.15 33.34
CA TRP A 58 49.69 7.83 32.84
C TRP A 58 48.89 7.13 33.93
N LYS A 59 47.77 6.50 33.54
CA LYS A 59 46.79 5.71 34.33
C LYS A 59 45.66 6.61 34.85
N GLN A 60 45.75 7.93 34.73
CA GLN A 60 44.75 8.84 35.37
C GLN A 60 43.72 9.30 34.35
N PHE A 61 43.74 8.76 33.12
CA PHE A 61 42.76 9.11 32.07
C PHE A 61 42.46 7.88 31.23
N PRO A 62 41.21 7.79 30.71
CA PRO A 62 40.79 6.71 29.83
C PRO A 62 41.33 6.83 28.40
N CYS A 63 41.54 5.67 27.79
CA CYS A 63 41.92 5.48 26.37
C CYS A 63 40.82 4.63 25.67
N TYR A 64 40.72 4.77 24.35
CA TYR A 64 39.84 3.95 23.51
C TYR A 64 40.25 2.48 23.60
N SER A 65 39.24 1.63 23.57
CA SER A 65 39.32 0.17 23.34
C SER A 65 39.20 -0.09 21.84
N THR A 66 39.97 -1.04 21.32
CA THR A 66 39.89 -1.38 19.88
C THR A 66 40.41 -2.81 19.66
N ALA A 67 39.79 -3.48 18.70
CA ALA A 67 40.17 -4.84 18.24
C ALA A 67 39.79 -5.00 16.77
N ARG A 68 40.58 -5.81 16.06
CA ARG A 68 40.25 -6.35 14.72
C ARG A 68 39.88 -7.82 14.91
N ILE A 69 38.68 -8.21 14.48
CA ILE A 69 38.20 -9.62 14.52
C ILE A 69 38.52 -10.26 13.15
N SER A 70 39.17 -11.42 13.16
CA SER A 70 39.40 -12.23 11.93
C SER A 70 38.08 -12.89 11.55
N LEU A 71 37.62 -12.69 10.31
CA LEU A 71 36.29 -13.16 9.86
C LEU A 71 36.43 -14.53 9.18
N PRO A 72 35.32 -15.31 9.06
CA PRO A 72 35.35 -16.57 8.35
C PRO A 72 35.90 -16.46 6.92
N MET A 73 36.53 -17.53 6.41
CA MET A 73 36.92 -17.66 4.97
C MET A 73 35.69 -17.36 4.09
N LEU A 74 35.87 -16.70 2.94
CA LEU A 74 34.76 -16.23 2.08
C LEU A 74 34.39 -17.26 0.99
N ASN A 75 35.25 -18.24 0.67
CA ASN A 75 35.01 -19.17 -0.46
C ASN A 75 34.89 -18.35 -1.75
N GLN A 76 35.97 -17.63 -2.09
CA GLN A 76 36.08 -16.74 -3.27
C GLN A 76 35.90 -17.53 -4.57
N ASP A 77 35.24 -16.95 -5.56
CA ASP A 77 35.22 -17.49 -6.94
C ASP A 77 36.59 -17.22 -7.61
N MET A 78 37.45 -18.24 -7.72
CA MET A 78 38.87 -18.11 -8.17
C MET A 78 38.98 -17.48 -9.57
N THR A 79 38.08 -17.83 -10.48
CA THR A 79 38.15 -17.44 -11.91
C THR A 79 37.38 -16.14 -12.14
N SER A 80 36.65 -15.62 -11.14
CA SER A 80 35.87 -14.36 -11.30
C SER A 80 36.81 -13.16 -11.43
N ASP A 81 36.36 -12.13 -12.13
CA ASP A 81 37.03 -10.81 -12.23
C ASP A 81 36.85 -10.08 -10.89
N THR A 82 35.70 -10.26 -10.23
CA THR A 82 35.30 -9.64 -8.94
C THR A 82 35.86 -10.42 -7.73
N ILE A 83 35.79 -9.83 -6.53
CA ILE A 83 36.03 -10.56 -5.26
C ILE A 83 34.84 -10.36 -4.31
N LEU A 84 34.73 -11.24 -3.32
CA LEU A 84 33.73 -11.15 -2.23
C LEU A 84 34.36 -10.42 -1.04
N MET A 85 33.55 -9.62 -0.36
CA MET A 85 33.92 -8.98 0.93
C MET A 85 32.77 -9.20 1.93
N TRP A 86 33.11 -9.39 3.21
CA TRP A 86 32.11 -9.36 4.30
C TRP A 86 31.63 -7.93 4.47
N GLU A 87 30.32 -7.77 4.49
CA GLU A 87 29.64 -6.46 4.58
C GLU A 87 28.88 -6.48 5.92
N ALA A 88 29.22 -5.60 6.86
CA ALA A 88 28.49 -5.48 8.15
C ALA A 88 27.16 -4.79 7.86
N ILE A 89 26.03 -5.47 8.08
CA ILE A 89 24.66 -4.93 7.75
C ILE A 89 23.94 -4.42 9.00
N SER A 90 24.18 -5.03 10.16
CA SER A 90 23.52 -4.65 11.44
C SER A 90 24.40 -5.07 12.61
N CYS A 91 24.07 -4.58 13.81
CA CYS A 91 24.72 -5.05 15.04
C CYS A 91 23.71 -4.95 16.18
N ARG A 92 23.94 -5.74 17.22
CA ARG A 92 23.48 -5.43 18.58
C ARG A 92 24.76 -5.07 19.35
N THR A 93 24.69 -4.00 20.13
CA THR A 93 25.73 -3.69 21.15
C THR A 93 25.03 -3.38 22.48
N GLU A 94 25.60 -3.88 23.58
CA GLU A 94 25.13 -3.65 24.96
C GLU A 94 26.34 -3.22 25.78
N VAL A 95 26.14 -2.28 26.69
CA VAL A 95 27.09 -2.08 27.80
C VAL A 95 26.84 -3.23 28.77
N MET A 96 27.86 -4.03 29.11
CA MET A 96 27.69 -5.14 30.06
C MET A 96 28.05 -4.66 31.48
N GLY A 97 27.51 -5.36 32.48
CA GLY A 97 27.81 -5.18 33.90
C GLY A 97 27.16 -3.95 34.50
N VAL A 98 26.11 -3.45 33.84
CA VAL A 98 25.29 -2.32 34.34
C VAL A 98 24.82 -2.67 35.77
N ASN A 99 24.52 -3.94 36.02
CA ASN A 99 24.16 -4.52 37.35
C ASN A 99 25.12 -4.07 38.48
N MET A 100 26.43 -3.93 38.23
CA MET A 100 27.43 -3.66 39.29
C MET A 100 27.21 -2.27 39.87
N LEU A 101 26.47 -1.39 39.19
CA LEU A 101 26.31 0.02 39.62
C LEU A 101 25.28 0.12 40.74
N THR A 102 24.61 -0.99 41.10
CA THR A 102 23.76 -1.11 42.30
C THR A 102 24.63 -1.26 43.57
N ASN A 103 25.94 -1.37 43.43
CA ASN A 103 26.89 -1.47 44.58
C ASN A 103 27.04 -0.07 45.20
N VAL A 104 26.59 0.11 46.43
CA VAL A 104 26.78 1.36 47.20
C VAL A 104 27.40 1.06 48.57
N HIS A 105 28.25 0.03 48.67
CA HIS A 105 28.88 -0.38 49.94
C HIS A 105 30.42 -0.40 49.80
N SER A 106 31.00 -0.33 48.59
CA SER A 106 32.45 -0.62 48.39
C SER A 106 33.31 0.65 48.48
N ALA A 107 33.79 1.02 49.69
CA ALA A 107 34.77 2.10 49.91
C ALA A 107 34.34 3.41 49.25
N GLN A 108 33.04 3.75 49.31
CA GLN A 108 32.54 4.98 48.67
C GLN A 108 32.27 6.05 49.72
N LYS A 109 32.63 7.29 49.40
CA LYS A 109 32.13 8.49 50.08
C LYS A 109 30.63 8.31 50.30
N ARG A 110 30.16 8.56 51.52
CA ARG A 110 28.75 8.31 51.88
C ARG A 110 27.91 9.58 51.65
N VAL A 111 26.61 9.41 51.50
CA VAL A 111 25.66 10.52 51.21
C VAL A 111 25.81 11.53 52.36
N TYR A 112 25.80 11.05 53.60
CA TYR A 112 25.96 11.87 54.83
C TYR A 112 27.34 11.59 55.45
N GLU A 113 28.42 11.86 54.72
CA GLU A 113 29.79 11.50 55.16
C GLU A 113 30.08 12.13 56.53
N ASN A 114 29.69 13.38 56.78
CA ASN A 114 29.98 14.09 58.06
C ASN A 114 29.20 13.47 59.23
N ASP A 115 28.16 12.67 58.96
CA ASP A 115 27.47 11.87 59.98
C ASP A 115 27.93 10.41 59.89
N ARG A 116 28.91 10.12 59.04
CA ARG A 116 29.40 8.74 58.75
C ARG A 116 28.21 7.79 58.55
N GLU A 117 27.26 8.17 57.69
CA GLU A 117 25.97 7.45 57.54
C GLU A 117 25.45 7.52 56.10
N GLY A 118 24.54 6.62 55.76
CA GLY A 118 23.93 6.56 54.42
C GLY A 118 24.65 5.58 53.53
N THR A 119 24.11 5.35 52.34
CA THR A 119 24.77 4.55 51.31
C THR A 119 26.03 5.27 50.81
N GLY A 120 26.86 4.54 50.08
CA GLY A 120 27.80 5.15 49.14
C GLY A 120 27.06 6.06 48.17
N ILE A 121 27.74 7.05 47.59
CA ILE A 121 27.14 7.90 46.52
C ILE A 121 27.16 7.14 45.19
N GLY A 122 27.90 6.03 45.11
CA GLY A 122 27.95 5.17 43.92
C GLY A 122 28.71 5.83 42.78
N VAL A 123 28.55 5.35 41.56
CA VAL A 123 29.23 5.99 40.39
C VAL A 123 28.38 7.18 39.91
N GLU A 124 28.95 8.38 39.88
CA GLU A 124 28.23 9.60 39.44
C GLU A 124 29.14 10.40 38.53
N GLY A 125 28.57 11.33 37.78
CA GLY A 125 29.34 12.24 36.93
C GLY A 125 29.29 11.81 35.47
N MET A 126 30.33 12.12 34.74
CA MET A 126 30.20 12.22 33.26
C MET A 126 30.06 10.82 32.67
N GLY A 127 29.25 10.70 31.65
CA GLY A 127 29.08 9.47 30.87
C GLY A 127 29.51 9.77 29.47
N TYR A 128 30.46 9.00 28.95
CA TYR A 128 30.90 9.06 27.54
C TYR A 128 30.77 7.65 27.01
N HIS A 129 29.89 7.46 26.03
CA HIS A 129 29.53 6.14 25.44
C HIS A 129 29.58 6.30 23.93
N MET A 130 30.56 5.63 23.34
CA MET A 130 30.77 5.67 21.89
C MET A 130 31.25 4.28 21.47
N PHE A 131 30.74 3.85 20.32
CA PHE A 131 31.23 2.63 19.63
C PHE A 131 31.24 2.91 18.15
N ALA A 132 32.06 2.13 17.47
CA ALA A 132 32.33 2.26 16.03
C ALA A 132 32.46 0.84 15.47
N ILE A 133 31.93 0.64 14.29
CA ILE A 133 32.04 -0.66 13.58
C ILE A 133 32.42 -0.35 12.13
N GLY A 134 33.55 -0.91 11.69
CA GLY A 134 34.12 -0.58 10.38
C GLY A 134 34.87 -1.71 9.70
N GLY A 135 35.13 -1.49 8.41
CA GLY A 135 35.92 -2.40 7.57
C GLY A 135 37.37 -2.00 7.53
N GLU A 136 37.75 -1.04 8.38
CA GLU A 136 39.15 -0.54 8.53
C GLU A 136 39.26 0.24 9.86
N PRO A 137 40.47 0.53 10.38
CA PRO A 137 40.62 1.25 11.65
C PRO A 137 39.81 2.56 11.64
N LEU A 138 39.28 2.93 12.80
CA LEU A 138 38.52 4.19 13.00
C LEU A 138 39.44 5.36 12.65
N GLU A 139 38.98 6.30 11.83
CA GLU A 139 39.80 7.48 11.50
C GLU A 139 39.51 8.55 12.56
N LEU A 140 40.56 9.19 13.07
CA LEU A 140 40.48 10.10 14.24
C LEU A 140 40.88 11.53 13.88
N GLN A 141 40.20 12.51 14.51
CA GLN A 141 40.59 13.95 14.56
C GLN A 141 41.21 14.19 15.93
N PHE A 142 42.45 14.67 15.97
CA PHE A 142 43.09 15.13 17.22
C PHE A 142 42.43 16.44 17.63
N MET A 143 41.99 16.48 18.88
CA MET A 143 41.36 17.70 19.43
C MET A 143 41.37 17.58 20.96
N VAL A 144 41.89 18.60 21.63
CA VAL A 144 42.18 18.60 23.09
C VAL A 144 41.58 19.86 23.70
N PHE A 145 41.27 19.74 24.98
CA PHE A 145 40.71 20.86 25.78
C PHE A 145 41.78 21.94 25.94
N ASN A 146 43.02 21.50 26.19
CA ASN A 146 44.21 22.37 26.40
C ASN A 146 45.41 21.85 25.58
N HIS A 147 45.86 22.61 24.59
CA HIS A 147 46.93 22.18 23.66
C HIS A 147 48.29 22.07 24.38
N ARG A 148 48.48 22.80 25.48
CA ARG A 148 49.77 22.82 26.24
C ARG A 148 49.83 21.62 27.20
N ALA A 149 48.79 20.77 27.30
CA ALA A 149 48.87 19.52 28.10
C ALA A 149 50.05 18.66 27.59
N THR A 150 50.89 18.17 28.49
CA THR A 150 51.98 17.20 28.19
C THR A 150 51.48 15.79 28.54
N TYR A 151 51.18 15.01 27.50
CA TYR A 151 50.71 13.63 27.63
C TYR A 151 51.90 12.74 27.89
N PRO A 152 51.71 11.65 28.63
CA PRO A 152 52.83 10.77 28.98
C PRO A 152 53.27 9.96 27.75
N ALA A 153 54.47 9.41 27.81
CA ALA A 153 55.12 8.72 26.68
C ALA A 153 54.34 7.45 26.35
N GLU A 154 53.65 6.85 27.33
CA GLU A 154 52.81 5.63 27.17
C GLU A 154 51.64 5.88 26.21
N ALA A 155 51.14 7.12 26.12
CA ALA A 155 49.94 7.50 25.33
C ALA A 155 50.36 7.91 23.90
N THR A 156 49.56 7.56 22.89
CA THR A 156 49.70 8.03 21.48
C THR A 156 48.95 9.36 21.31
N VAL A 157 49.69 10.46 21.12
CA VAL A 157 49.16 11.82 20.83
C VAL A 157 50.02 12.48 19.74
N ILE A 158 49.57 13.64 19.26
CA ILE A 158 50.41 14.56 18.45
C ILE A 158 51.11 15.47 19.47
N LYS A 159 52.41 15.30 19.63
CA LYS A 159 53.22 16.15 20.53
C LYS A 159 53.19 17.57 19.96
N ASN A 160 53.21 18.58 20.84
CA ASN A 160 53.28 20.01 20.45
C ASN A 160 52.23 20.33 19.40
N PRO A 161 50.94 20.01 19.63
CA PRO A 161 49.93 20.10 18.59
C PRO A 161 49.64 21.54 18.13
N GLY A 162 49.86 22.54 18.99
CA GLY A 162 49.58 23.95 18.71
C GLY A 162 48.18 24.34 19.17
N ALA A 163 47.93 25.65 19.21
CA ALA A 163 46.68 26.24 19.74
C ALA A 163 45.47 25.80 18.89
N SER A 164 45.65 25.58 17.59
CA SER A 164 44.58 25.21 16.63
C SER A 164 43.94 23.85 16.99
N SER A 165 44.65 23.03 17.76
CA SER A 165 44.22 21.67 18.18
C SER A 165 43.13 21.75 19.26
N GLN A 166 42.87 22.93 19.83
CA GLN A 166 41.76 23.18 20.80
C GLN A 166 40.44 23.34 20.06
N VAL A 167 40.50 23.49 18.73
CA VAL A 167 39.32 23.41 17.83
C VAL A 167 39.67 22.49 16.65
N PHE A 168 39.04 22.63 15.48
CA PHE A 168 39.37 21.81 14.29
C PHE A 168 40.57 22.39 13.54
N ASP A 169 41.58 21.53 13.32
CA ASP A 169 42.74 21.77 12.44
C ASP A 169 42.86 20.55 11.52
N PRO A 170 42.70 20.74 10.19
CA PRO A 170 42.69 19.60 9.26
C PRO A 170 44.02 18.83 9.22
N ASN A 171 45.10 19.38 9.75
CA ASN A 171 46.44 18.76 9.72
C ASN A 171 46.56 17.69 10.82
N LEU A 172 45.64 17.65 11.80
CA LEU A 172 45.85 16.85 13.04
C LEU A 172 44.97 15.59 12.97
N LYS A 173 45.46 14.60 12.24
CA LYS A 173 44.73 13.36 11.89
C LYS A 173 45.42 12.19 12.56
N GLY A 174 44.71 11.06 12.65
CA GLY A 174 45.29 9.80 13.10
C GLY A 174 44.30 8.70 12.87
N THR A 175 44.67 7.47 13.21
CA THR A 175 43.85 6.27 12.98
C THR A 175 44.01 5.42 14.24
N LEU A 176 42.92 4.82 14.71
CA LEU A 176 42.93 4.04 15.97
C LEU A 176 43.51 2.66 15.70
N THR A 177 44.82 2.53 15.88
CA THR A 177 45.60 1.35 15.46
C THR A 177 46.04 0.54 16.67
N ALA A 178 45.71 0.95 17.90
CA ALA A 178 46.19 0.27 19.12
C ALA A 178 45.22 0.49 20.27
N ASP A 179 45.07 -0.54 21.09
CA ASP A 179 44.13 -0.62 22.22
C ASP A 179 44.78 0.05 23.43
N GLY A 180 44.00 0.80 24.23
CA GLY A 180 44.43 1.32 25.55
C GLY A 180 45.58 2.34 25.51
N VAL A 181 45.81 3.05 24.42
CA VAL A 181 46.88 4.10 24.35
C VAL A 181 46.43 5.43 23.78
N PHE A 182 45.31 5.52 23.06
CA PHE A 182 44.82 6.78 22.45
C PHE A 182 43.89 7.43 23.46
N PRO A 183 44.27 8.55 24.10
CA PRO A 183 43.44 9.10 25.18
C PRO A 183 42.11 9.57 24.60
N VAL A 184 41.03 9.21 25.27
CA VAL A 184 39.67 9.64 24.86
C VAL A 184 39.67 11.16 24.75
N GLU A 185 40.34 11.87 25.66
CA GLU A 185 40.25 13.36 25.75
C GLU A 185 41.07 14.05 24.63
N ALA A 186 41.80 13.31 23.80
CA ALA A 186 42.68 13.90 22.77
C ALA A 186 42.29 13.49 21.35
N TRP A 187 41.40 12.52 21.19
CA TRP A 187 41.00 11.95 19.87
C TRP A 187 39.50 11.71 19.83
N GLY A 188 38.85 12.01 18.69
CA GLY A 188 37.42 11.75 18.43
C GLY A 188 37.30 11.20 17.01
N PRO A 189 36.13 10.66 16.60
CA PRO A 189 35.98 10.19 15.23
C PRO A 189 36.06 11.36 14.27
N ASP A 190 36.68 11.15 13.10
CA ASP A 190 36.92 12.17 12.07
C ASP A 190 35.75 12.13 11.08
N PRO A 191 34.83 13.14 11.08
CA PRO A 191 33.68 13.09 10.18
C PRO A 191 34.02 13.38 8.72
N PHE A 192 35.22 13.89 8.44
CA PHE A 192 35.72 14.10 7.06
C PHE A 192 36.14 12.77 6.44
N LYS A 193 36.24 11.71 7.24
CA LYS A 193 36.63 10.37 6.74
C LYS A 193 35.60 9.35 7.22
N ASN A 194 36.03 8.13 7.55
CA ASN A 194 35.16 7.07 8.11
C ASN A 194 34.04 6.74 7.12
N GLU A 195 34.30 6.82 5.81
CA GLU A 195 33.30 6.42 4.78
C GLU A 195 32.97 4.94 4.95
N ASN A 196 33.87 4.15 5.57
CA ASN A 196 33.75 2.68 5.67
C ASN A 196 33.57 2.26 7.13
N THR A 197 33.09 3.15 7.98
CA THR A 197 32.84 2.89 9.43
C THR A 197 31.56 3.62 9.84
N ARG A 198 30.78 3.04 10.74
CA ARG A 198 29.63 3.70 11.41
C ARG A 198 30.03 3.94 12.88
N TYR A 199 29.91 5.17 13.34
CA TYR A 199 30.24 5.50 14.75
C TYR A 199 29.04 6.23 15.33
N PHE A 200 28.87 6.05 16.63
CA PHE A 200 27.77 6.59 17.46
C PHE A 200 28.37 6.96 18.81
N GLY A 201 28.12 8.19 19.24
CA GLY A 201 28.59 8.65 20.56
C GLY A 201 27.51 9.44 21.29
N GLN A 202 27.54 9.32 22.62
CA GLN A 202 26.79 10.21 23.53
C GLN A 202 27.73 10.66 24.65
N TYR A 203 27.68 11.94 24.96
CA TYR A 203 28.36 12.52 26.13
C TYR A 203 27.31 13.20 26.98
N THR A 204 27.30 12.88 28.27
CA THR A 204 26.53 13.56 29.34
C THR A 204 27.53 14.05 30.39
N GLY A 205 27.75 15.35 30.53
CA GLY A 205 28.76 15.87 31.47
C GLY A 205 28.32 15.92 32.94
N GLY A 206 29.06 16.69 33.72
CA GLY A 206 28.82 16.92 35.16
C GLY A 206 29.68 15.98 35.98
N THR A 207 29.84 16.26 37.29
CA THR A 207 30.56 15.33 38.21
C THR A 207 29.57 14.70 39.23
N GLN A 208 28.31 15.14 39.27
CA GLN A 208 27.28 14.58 40.19
C GLN A 208 26.07 14.08 39.38
N THR A 209 26.23 13.95 38.07
CA THR A 209 25.16 13.52 37.15
C THR A 209 24.91 12.03 37.34
N PRO A 210 23.65 11.59 37.48
CA PRO A 210 23.36 10.17 37.59
C PRO A 210 23.57 9.48 36.25
N PRO A 211 24.34 8.38 36.23
CA PRO A 211 24.43 7.57 35.04
C PRO A 211 23.04 7.02 34.66
N VAL A 212 22.77 6.98 33.36
CA VAL A 212 21.55 6.40 32.76
C VAL A 212 21.98 5.40 31.70
N LEU A 213 21.69 4.14 31.91
CA LEU A 213 22.16 3.05 31.03
C LEU A 213 21.00 2.09 30.82
N THR A 214 20.81 1.64 29.58
CA THR A 214 19.81 0.61 29.22
C THR A 214 20.54 -0.59 28.63
N PHE A 215 19.95 -1.78 28.78
CA PHE A 215 20.48 -3.05 28.25
C PHE A 215 19.31 -3.97 27.88
N THR A 216 19.41 -4.56 26.70
CA THR A 216 18.41 -5.52 26.17
C THR A 216 19.08 -6.33 25.08
N ASN A 217 18.60 -7.56 24.85
CA ASN A 217 19.08 -8.40 23.71
C ASN A 217 18.15 -8.27 22.51
N THR A 218 17.27 -7.26 22.48
CA THR A 218 16.17 -7.20 21.49
C THR A 218 16.38 -6.02 20.52
N GLN A 219 17.44 -5.21 20.66
CA GLN A 219 17.64 -3.95 19.90
C GLN A 219 18.70 -4.13 18.82
N THR A 220 18.35 -3.89 17.57
CA THR A 220 19.27 -3.95 16.41
C THR A 220 19.53 -2.54 15.88
N THR A 221 20.77 -2.27 15.50
CA THR A 221 21.16 -1.07 14.72
C THR A 221 21.59 -1.51 13.32
N ILE A 222 20.91 -1.00 12.29
CA ILE A 222 21.26 -1.12 10.85
C ILE A 222 22.54 -0.32 10.58
N LEU A 223 23.49 -0.90 9.83
CA LEU A 223 24.81 -0.30 9.48
C LEU A 223 24.86 0.08 8.00
N LEU A 224 23.79 -0.11 7.24
CA LEU A 224 23.73 0.28 5.80
C LEU A 224 23.70 1.81 5.66
N ASP A 225 24.41 2.35 4.68
CA ASP A 225 24.40 3.81 4.37
C ASP A 225 23.18 4.08 3.48
N GLU A 226 23.03 5.32 3.01
CA GLU A 226 21.91 5.77 2.14
C GLU A 226 21.88 5.00 0.81
N ASN A 227 22.95 4.29 0.42
CA ASN A 227 23.01 3.47 -0.82
C ASN A 227 22.81 1.97 -0.53
N GLY A 228 22.41 1.64 0.70
CA GLY A 228 22.18 0.25 1.13
C GLY A 228 23.48 -0.52 1.26
N VAL A 229 24.61 0.15 1.53
CA VAL A 229 25.95 -0.52 1.67
C VAL A 229 26.46 -0.32 3.10
N GLY A 230 26.80 -1.42 3.77
CA GLY A 230 27.41 -1.42 5.10
C GLY A 230 28.92 -1.39 4.98
N PRO A 231 29.61 -1.21 6.13
CA PRO A 231 31.08 -1.31 6.16
C PRO A 231 31.59 -2.55 5.40
N LEU A 232 32.55 -2.36 4.49
CA LEU A 232 33.14 -3.50 3.74
C LEU A 232 34.47 -3.88 4.39
N CYS A 233 34.62 -5.13 4.80
CA CYS A 233 35.73 -5.58 5.67
C CYS A 233 37.02 -5.82 4.86
N LYS A 234 37.90 -4.81 4.86
CA LYS A 234 39.19 -4.86 4.14
C LYS A 234 40.14 -5.83 4.86
N GLY A 235 40.80 -6.69 4.09
CA GLY A 235 41.68 -7.77 4.63
C GLY A 235 40.89 -8.78 5.44
N ASP A 236 39.57 -8.85 5.23
CA ASP A 236 38.69 -9.81 5.96
C ASP A 236 38.80 -9.58 7.47
N GLY A 237 38.89 -8.30 7.86
CA GLY A 237 38.91 -7.87 9.28
C GLY A 237 37.73 -6.97 9.57
N LEU A 238 37.10 -7.19 10.73
CA LEU A 238 36.02 -6.36 11.32
C LEU A 238 36.66 -5.54 12.47
N PHE A 239 36.57 -4.22 12.39
CA PHE A 239 37.23 -3.28 13.33
C PHE A 239 36.16 -2.69 14.26
N LEU A 240 36.28 -3.04 15.53
CA LEU A 240 35.40 -2.62 16.64
C LEU A 240 36.17 -1.65 17.53
N SER A 241 35.56 -0.52 17.87
CA SER A 241 36.16 0.50 18.76
C SER A 241 35.09 1.00 19.73
N CYS A 242 35.49 1.34 20.96
CA CYS A 242 34.55 1.96 21.90
C CYS A 242 35.29 2.70 23.02
N ALA A 243 34.50 3.49 23.72
CA ALA A 243 34.81 4.02 25.06
C ALA A 243 33.49 4.13 25.82
N ASP A 244 33.50 3.65 27.06
CA ASP A 244 32.30 3.54 27.92
C ASP A 244 32.68 3.97 29.34
N ILE A 245 32.96 5.26 29.45
CA ILE A 245 33.13 5.94 30.76
C ILE A 245 31.73 6.01 31.36
N VAL A 246 31.51 5.39 32.52
CA VAL A 246 30.19 5.43 33.19
C VAL A 246 30.09 6.66 34.09
N GLY A 247 31.17 6.97 34.79
CA GLY A 247 31.33 8.16 35.62
C GLY A 247 32.47 7.99 36.61
N PHE A 248 32.38 8.65 37.76
CA PHE A 248 33.47 8.70 38.77
C PHE A 248 33.11 7.83 39.98
N PHE A 249 34.15 7.16 40.47
CA PHE A 249 34.20 6.58 41.82
C PHE A 249 34.87 7.58 42.77
N THR A 250 34.19 7.90 43.88
CA THR A 250 34.66 8.83 44.93
C THR A 250 34.94 8.05 46.22
N GLN A 251 36.17 8.14 46.70
CA GLN A 251 36.62 7.52 47.97
C GLN A 251 36.15 8.38 49.15
N HIS A 252 36.29 7.87 50.37
CA HIS A 252 36.03 8.65 51.61
C HIS A 252 36.91 9.90 51.63
N ASN A 253 38.18 9.83 51.22
CA ASN A 253 39.15 10.96 51.26
C ASN A 253 38.94 11.86 50.03
N LYS A 254 37.89 11.58 49.23
CA LYS A 254 37.38 12.44 48.14
C LYS A 254 38.24 12.28 46.89
N LYS A 255 39.17 11.32 46.85
CA LYS A 255 39.93 11.04 45.62
C LYS A 255 38.95 10.42 44.61
N MET A 256 39.05 10.82 43.35
CA MET A 256 38.09 10.39 42.31
C MET A 256 38.79 9.74 41.11
N SER A 257 38.14 8.70 40.59
CA SER A 257 38.68 7.89 39.48
C SER A 257 37.55 7.61 38.51
N PHE A 258 37.88 7.56 37.23
CA PHE A 258 36.97 7.09 36.17
C PHE A 258 36.62 5.61 36.46
N ARG A 259 35.36 5.22 36.27
CA ARG A 259 34.92 3.80 36.19
C ARG A 259 34.35 3.56 34.78
N GLY A 260 34.80 2.48 34.13
CA GLY A 260 34.31 2.08 32.80
C GLY A 260 33.65 0.73 32.83
N LEU A 261 32.95 0.38 31.75
CA LEU A 261 32.29 -0.94 31.60
C LEU A 261 32.65 -1.51 30.23
N PRO A 262 32.69 -2.85 30.14
CA PRO A 262 32.92 -3.51 28.87
C PRO A 262 31.69 -3.40 27.97
N ARG A 263 31.94 -3.48 26.65
CA ARG A 263 30.87 -3.47 25.63
C ARG A 263 30.86 -4.77 24.82
N TYR A 264 29.66 -5.30 24.63
CA TYR A 264 29.30 -6.47 23.81
C TYR A 264 28.99 -5.99 22.39
N PHE A 265 29.49 -6.71 21.37
CA PHE A 265 29.16 -6.50 19.95
C PHE A 265 28.62 -7.83 19.39
N ARG A 266 27.46 -7.78 18.74
CA ARG A 266 27.10 -8.83 17.76
C ARG A 266 26.89 -8.14 16.43
N VAL A 267 27.65 -8.58 15.44
CA VAL A 267 27.63 -8.01 14.07
C VAL A 267 27.22 -9.12 13.11
N THR A 268 26.18 -8.84 12.33
CA THR A 268 25.71 -9.67 11.20
C THR A 268 26.39 -9.14 9.95
N LEU A 269 27.07 -10.01 9.22
CA LEU A 269 27.78 -9.67 7.95
C LEU A 269 27.19 -10.53 6.82
N ARG A 270 27.10 -9.98 5.61
CA ARG A 270 26.70 -10.74 4.41
C ARG A 270 27.81 -10.62 3.37
N LYS A 271 27.85 -11.56 2.42
CA LYS A 271 28.83 -11.51 1.31
C LYS A 271 28.39 -10.42 0.33
N ARG A 272 29.31 -9.56 -0.06
CA ARG A 272 29.10 -8.53 -1.11
C ARG A 272 30.11 -8.75 -2.24
N VAL A 273 29.62 -8.65 -3.47
CA VAL A 273 30.50 -8.65 -4.67
C VAL A 273 31.05 -7.23 -4.89
N VAL A 274 32.36 -7.16 -5.09
CA VAL A 274 33.05 -5.88 -5.42
C VAL A 274 34.02 -6.15 -6.58
N LYS A 275 34.34 -5.11 -7.35
CA LYS A 275 35.35 -5.12 -8.44
C LYS A 275 36.68 -4.63 -7.85
N ILE B 7 17.26 -25.89 18.55
CA ILE B 7 15.99 -26.57 18.13
C ILE B 7 15.66 -26.13 16.69
N GLU B 8 15.37 -27.09 15.79
CA GLU B 8 14.78 -26.79 14.46
C GLU B 8 13.29 -26.49 14.65
N VAL B 9 12.88 -25.27 14.35
CA VAL B 9 11.50 -24.75 14.59
C VAL B 9 10.72 -24.90 13.28
N LEU B 10 9.51 -25.44 13.36
CA LEU B 10 8.59 -25.59 12.20
C LEU B 10 7.42 -24.60 12.34
N ALA B 11 6.21 -25.00 11.95
CA ALA B 11 5.04 -24.08 11.85
C ALA B 11 4.35 -23.95 13.21
N VAL B 12 3.70 -22.80 13.44
CA VAL B 12 2.78 -22.56 14.57
C VAL B 12 1.62 -23.55 14.43
N ARG B 13 1.37 -24.34 15.47
CA ARG B 13 0.25 -25.32 15.54
C ARG B 13 -1.00 -24.59 16.04
N THR B 14 -1.87 -24.21 15.09
CA THR B 14 -3.20 -23.59 15.30
C THR B 14 -4.21 -24.66 15.71
N GLY B 15 -5.37 -24.25 16.27
CA GLY B 15 -6.43 -25.15 16.75
C GLY B 15 -7.11 -24.64 18.03
N PRO B 16 -8.14 -25.37 18.53
CA PRO B 16 -8.76 -25.03 19.81
C PRO B 16 -7.80 -25.23 20.99
N ASP B 17 -7.71 -24.26 21.89
CA ASP B 17 -6.72 -24.25 23.00
C ASP B 17 -5.30 -24.37 22.41
N SER B 18 -5.00 -23.63 21.32
CA SER B 18 -3.64 -23.45 20.77
C SER B 18 -2.94 -22.27 21.46
N ILE B 19 -3.72 -21.28 21.90
CA ILE B 19 -3.25 -20.06 22.62
C ILE B 19 -3.58 -20.24 24.10
N THR B 20 -2.64 -19.91 24.97
CA THR B 20 -2.87 -19.83 26.43
C THR B 20 -2.27 -18.51 26.91
N GLU B 21 -2.60 -18.11 28.14
CA GLU B 21 -2.10 -16.88 28.77
C GLU B 21 -1.89 -17.16 30.25
N ILE B 22 -0.73 -16.76 30.78
CA ILE B 22 -0.42 -16.87 32.24
C ILE B 22 -0.28 -15.47 32.84
N GLU B 23 -0.69 -15.31 34.11
CA GLU B 23 -0.38 -14.11 34.90
C GLU B 23 0.41 -14.56 36.11
N ALA B 24 1.40 -13.75 36.49
CA ALA B 24 2.33 -14.06 37.58
C ALA B 24 2.78 -12.74 38.19
N TYR B 25 3.12 -12.79 39.46
CA TYR B 25 3.82 -11.68 40.13
C TYR B 25 5.13 -12.23 40.65
N LEU B 26 6.13 -11.37 40.70
CA LEU B 26 7.41 -11.62 41.39
C LEU B 26 7.57 -10.50 42.42
N ASN B 27 7.48 -10.86 43.68
CA ASN B 27 7.84 -9.96 44.79
C ASN B 27 9.33 -9.68 44.77
N PRO B 28 9.69 -8.45 45.18
CA PRO B 28 11.10 -8.04 45.24
C PRO B 28 11.84 -8.78 46.36
N ARG B 29 13.14 -8.88 46.19
CA ARG B 29 14.07 -9.50 47.16
C ARG B 29 15.15 -8.48 47.50
N MET B 30 14.78 -7.41 48.21
CA MET B 30 15.68 -6.27 48.51
C MET B 30 16.61 -6.60 49.69
N GLY B 31 16.31 -7.63 50.49
CA GLY B 31 17.28 -8.17 51.47
C GLY B 31 16.64 -8.54 52.78
N GLN B 32 15.72 -7.74 53.29
CA GLN B 32 15.01 -8.02 54.57
C GLN B 32 14.10 -9.23 54.39
N PRO B 33 13.96 -10.07 55.44
CA PRO B 33 13.12 -11.28 55.37
C PRO B 33 11.65 -11.08 54.97
N GLN B 34 11.16 -12.04 54.21
CA GLN B 34 9.75 -12.19 53.81
C GLN B 34 8.86 -12.08 55.05
N ASN B 35 7.76 -11.35 54.92
CA ASN B 35 6.60 -11.42 55.84
C ASN B 35 7.01 -10.94 57.23
N GLU B 36 8.06 -10.13 57.32
CA GLU B 36 8.44 -9.38 58.55
C GLU B 36 8.32 -7.88 58.21
N ASP B 37 8.63 -7.02 59.18
CA ASP B 37 8.16 -5.62 59.19
C ASP B 37 8.84 -4.81 58.09
N PHE B 38 9.99 -5.26 57.55
CA PHE B 38 10.73 -4.54 56.50
C PHE B 38 10.71 -5.27 55.17
N TYR B 39 9.72 -6.13 54.94
CA TYR B 39 9.51 -6.81 53.63
C TYR B 39 9.41 -5.73 52.54
N GLY B 40 10.25 -5.83 51.50
CA GLY B 40 10.28 -4.86 50.37
C GLY B 40 11.43 -3.90 50.50
N PHE B 41 12.12 -3.94 51.63
CA PHE B 41 13.31 -3.13 51.94
C PHE B 41 14.54 -4.02 52.09
N SER B 42 15.69 -3.40 51.86
CA SER B 42 17.00 -3.88 52.37
C SER B 42 17.10 -3.42 53.84
N ASP B 43 17.99 -4.04 54.60
CA ASP B 43 18.50 -3.50 55.86
C ASP B 43 19.35 -2.26 55.54
N ASN B 44 19.60 -1.45 56.55
CA ASN B 44 20.38 -0.19 56.41
C ASN B 44 21.75 -0.51 55.85
N VAL B 45 22.18 0.26 54.86
CA VAL B 45 23.42 -0.02 54.11
C VAL B 45 24.61 0.52 54.90
N THR B 46 25.55 -0.37 55.19
CA THR B 46 26.89 -0.02 55.72
C THR B 46 27.88 0.04 54.56
N VAL B 47 28.92 0.86 54.71
CA VAL B 47 29.94 1.13 53.67
C VAL B 47 31.31 0.78 54.26
N SER B 48 32.11 0.04 53.52
CA SER B 48 33.51 -0.33 53.86
C SER B 48 34.43 0.88 53.65
N ASP B 49 35.61 0.90 54.27
CA ASP B 49 36.65 1.95 54.12
C ASP B 49 37.66 1.62 53.01
N ASP B 50 37.72 0.37 52.56
CA ASP B 50 38.73 -0.12 51.57
C ASP B 50 38.08 -1.28 50.81
N PHE B 51 38.49 -1.51 49.56
CA PHE B 51 38.02 -2.66 48.76
C PHE B 51 38.54 -3.94 49.39
N GLY B 52 39.69 -3.87 50.09
CA GLY B 52 40.37 -5.03 50.72
C GLY B 52 39.57 -5.61 51.87
N SER B 53 38.80 -4.77 52.57
CA SER B 53 38.00 -5.14 53.77
C SER B 53 36.54 -4.79 53.49
N ASP B 54 36.01 -5.32 52.40
CA ASP B 54 34.62 -5.06 51.92
C ASP B 54 33.79 -6.33 52.12
N ALA B 55 32.81 -6.30 53.00
CA ALA B 55 31.98 -7.47 53.35
C ALA B 55 30.54 -7.04 53.57
N PRO B 56 29.73 -6.94 52.49
CA PRO B 56 28.35 -6.49 52.60
C PRO B 56 27.55 -7.58 53.32
N PRO B 57 27.03 -7.29 54.52
CA PRO B 57 26.26 -8.27 55.28
C PRO B 57 25.00 -8.68 54.54
N TRP B 58 24.56 -9.90 54.78
CA TRP B 58 23.28 -10.43 54.28
C TRP B 58 22.18 -9.47 54.75
N LYS B 59 21.24 -9.17 53.86
CA LYS B 59 20.03 -8.32 54.02
C LYS B 59 20.33 -6.88 53.55
N GLN B 60 21.59 -6.52 53.30
CA GLN B 60 21.93 -5.10 53.01
C GLN B 60 22.00 -4.86 51.49
N PHE B 61 21.74 -5.86 50.63
CA PHE B 61 21.79 -5.69 49.15
C PHE B 61 20.72 -6.54 48.50
N PRO B 62 20.17 -6.03 47.38
CA PRO B 62 19.15 -6.77 46.65
C PRO B 62 19.66 -7.94 45.79
N CYS B 63 18.78 -8.92 45.64
CA CYS B 63 18.94 -10.13 44.81
C CYS B 63 17.85 -10.15 43.73
N TYR B 64 18.11 -10.86 42.64
CA TYR B 64 17.15 -11.04 41.53
C TYR B 64 16.00 -11.90 42.04
N SER B 65 14.79 -11.61 41.58
CA SER B 65 13.60 -12.48 41.72
C SER B 65 13.56 -13.40 40.50
N THR B 66 13.14 -14.64 40.70
CA THR B 66 12.87 -15.59 39.59
C THR B 66 11.82 -16.61 40.03
N ALA B 67 11.03 -17.07 39.06
CA ALA B 67 10.03 -18.14 39.21
C ALA B 67 9.98 -18.95 37.91
N ARG B 68 9.63 -20.22 38.05
CA ARG B 68 9.25 -21.07 36.89
C ARG B 68 7.74 -21.30 36.96
N ILE B 69 7.03 -20.97 35.89
CA ILE B 69 5.57 -21.17 35.78
C ILE B 69 5.31 -22.48 35.01
N SER B 70 4.59 -23.41 35.64
CA SER B 70 4.11 -24.64 34.96
C SER B 70 3.05 -24.24 33.93
N LEU B 71 3.26 -24.61 32.65
CA LEU B 71 2.26 -24.43 31.56
C LEU B 71 1.51 -25.76 31.39
N PRO B 72 0.40 -25.79 30.63
CA PRO B 72 -0.26 -27.07 30.32
C PRO B 72 0.64 -28.07 29.58
N MET B 73 0.70 -29.32 30.05
CA MET B 73 1.43 -30.44 29.37
C MET B 73 0.95 -30.51 27.91
N LEU B 74 1.85 -30.83 26.98
CA LEU B 74 1.58 -30.74 25.53
C LEU B 74 1.60 -32.13 24.87
N ASN B 75 2.59 -32.96 25.21
CA ASN B 75 2.87 -34.25 24.53
C ASN B 75 2.44 -35.40 25.44
N THR B 82 8.96 -34.72 15.49
CA THR B 82 8.29 -33.41 15.73
C THR B 82 7.55 -33.43 17.07
N ILE B 83 7.74 -32.41 17.92
CA ILE B 83 7.01 -32.26 19.21
C ILE B 83 6.37 -30.86 19.23
N LEU B 84 5.41 -30.64 20.11
CA LEU B 84 4.82 -29.29 20.37
C LEU B 84 5.59 -28.65 21.53
N MET B 85 5.84 -27.34 21.43
CA MET B 85 6.34 -26.51 22.55
C MET B 85 5.51 -25.24 22.65
N TRP B 86 5.34 -24.74 23.87
CA TRP B 86 4.81 -23.39 24.16
C TRP B 86 5.82 -22.32 23.72
N GLU B 87 5.35 -21.37 22.93
CA GLU B 87 6.18 -20.26 22.38
C GLU B 87 5.62 -18.97 22.97
N ALA B 88 6.43 -18.22 23.72
CA ALA B 88 6.03 -16.89 24.25
C ALA B 88 6.09 -15.87 23.12
N ILE B 89 4.97 -15.27 22.75
CA ILE B 89 4.88 -14.35 21.58
C ILE B 89 4.79 -12.89 22.03
N SER B 90 4.17 -12.63 23.17
CA SER B 90 4.00 -11.26 23.68
C SER B 90 3.85 -11.26 25.19
N CYS B 91 3.95 -10.09 25.80
CA CYS B 91 3.84 -9.98 27.26
C CYS B 91 3.43 -8.56 27.58
N ARG B 92 2.79 -8.43 28.73
CA ARG B 92 2.60 -7.14 29.41
C ARG B 92 3.26 -7.29 30.77
N THR B 93 3.93 -6.24 31.20
CA THR B 93 4.62 -6.22 32.50
C THR B 93 4.40 -4.85 33.11
N GLU B 94 4.13 -4.83 34.40
CA GLU B 94 3.87 -3.58 35.17
C GLU B 94 4.65 -3.70 36.47
N VAL B 95 5.30 -2.62 36.89
CA VAL B 95 5.70 -2.44 38.31
C VAL B 95 4.42 -2.10 39.06
N MET B 96 4.07 -2.87 40.07
CA MET B 96 2.89 -2.64 40.92
C MET B 96 3.27 -1.83 42.15
N GLY B 97 2.31 -1.13 42.73
CA GLY B 97 2.48 -0.40 44.00
C GLY B 97 3.22 0.93 43.84
N VAL B 98 3.29 1.49 42.63
CA VAL B 98 3.91 2.83 42.36
C VAL B 98 3.20 3.86 43.25
N ASN B 99 1.92 3.64 43.47
CA ASN B 99 1.05 4.44 44.37
C ASN B 99 1.67 4.69 45.75
N MET B 100 2.40 3.73 46.33
CA MET B 100 2.93 3.82 47.71
C MET B 100 3.98 4.94 47.79
N LEU B 101 4.57 5.36 46.66
CA LEU B 101 5.69 6.34 46.69
C LEU B 101 5.16 7.76 46.93
N THR B 102 3.84 7.93 47.00
CA THR B 102 3.18 9.19 47.40
C THR B 102 3.23 9.33 48.92
N ASN B 103 3.80 8.35 49.63
CA ASN B 103 3.93 8.39 51.12
C ASN B 103 5.15 9.23 51.49
N VAL B 104 4.92 10.38 52.11
CA VAL B 104 6.02 11.22 52.65
C VAL B 104 5.79 11.47 54.14
N HIS B 105 5.16 10.54 54.85
CA HIS B 105 4.94 10.66 56.31
C HIS B 105 5.69 9.57 57.11
N SER B 106 6.10 8.47 56.47
CA SER B 106 6.44 7.22 57.21
C SER B 106 7.92 7.21 57.61
N ALA B 107 8.29 7.85 58.74
CA ALA B 107 9.62 7.73 59.39
C ALA B 107 10.76 8.19 58.48
N GLN B 108 10.55 9.24 57.69
CA GLN B 108 11.47 9.68 56.64
C GLN B 108 12.20 10.91 57.15
N LYS B 109 13.50 11.02 56.87
CA LYS B 109 14.22 12.29 57.02
C LYS B 109 13.39 13.39 56.33
N ARG B 110 13.26 14.53 57.00
CA ARG B 110 12.38 15.61 56.51
C ARG B 110 13.18 16.56 55.63
N VAL B 111 12.49 17.28 54.74
CA VAL B 111 13.07 18.25 53.77
C VAL B 111 13.82 19.32 54.58
N TYR B 112 13.24 19.76 55.70
CA TYR B 112 13.81 20.81 56.57
C TYR B 112 14.15 20.19 57.93
N GLU B 113 15.01 19.17 57.91
CA GLU B 113 15.31 18.31 59.09
C GLU B 113 15.70 19.19 60.30
N ASN B 114 16.42 20.29 60.08
CA ASN B 114 16.99 21.11 61.17
C ASN B 114 15.91 22.01 61.76
N ASP B 115 14.80 22.23 61.04
CA ASP B 115 13.61 22.95 61.59
C ASP B 115 12.57 21.91 62.05
N ARG B 116 12.90 20.62 62.00
CA ARG B 116 11.95 19.48 62.22
C ARG B 116 10.66 19.77 61.46
N GLU B 117 10.77 20.19 60.20
CA GLU B 117 9.58 20.60 59.43
C GLU B 117 9.69 20.05 58.01
N GLY B 118 8.56 20.03 57.31
CA GLY B 118 8.48 19.66 55.89
C GLY B 118 7.97 18.26 55.78
N THR B 119 7.76 17.81 54.55
CA THR B 119 7.47 16.38 54.26
C THR B 119 8.72 15.53 54.55
N GLY B 120 8.52 14.22 54.61
CA GLY B 120 9.63 13.29 54.36
C GLY B 120 10.20 13.52 52.96
N ILE B 121 11.46 13.20 52.77
CA ILE B 121 12.11 13.37 51.44
C ILE B 121 11.59 12.25 50.50
N GLY B 122 10.91 11.25 51.03
CA GLY B 122 10.38 10.09 50.28
C GLY B 122 11.49 9.19 49.77
N VAL B 123 11.21 8.41 48.74
CA VAL B 123 12.16 7.44 48.16
C VAL B 123 12.91 8.17 47.05
N GLU B 124 14.23 8.15 47.09
CA GLU B 124 15.01 8.75 45.98
C GLU B 124 16.31 8.00 45.79
N GLY B 125 16.94 8.28 44.65
CA GLY B 125 18.23 7.73 44.28
C GLY B 125 18.04 6.70 43.20
N MET B 126 18.81 5.63 43.24
CA MET B 126 19.01 4.85 42.01
C MET B 126 17.75 4.03 41.70
N GLY B 127 17.49 3.88 40.41
CA GLY B 127 16.47 3.00 39.84
C GLY B 127 17.16 1.95 39.00
N TYR B 128 16.92 0.68 39.30
CA TYR B 128 17.32 -0.49 38.48
C TYR B 128 16.11 -1.36 38.25
N HIS B 129 15.64 -1.35 37.00
CA HIS B 129 14.40 -2.02 36.55
C HIS B 129 14.80 -2.90 35.39
N MET B 130 14.71 -4.21 35.59
CA MET B 130 15.00 -5.21 34.56
C MET B 130 14.01 -6.34 34.67
N PHE B 131 13.58 -6.87 33.54
CA PHE B 131 12.79 -8.12 33.51
C PHE B 131 13.28 -9.02 32.38
N ALA B 132 13.04 -10.29 32.55
CA ALA B 132 13.40 -11.32 31.54
C ALA B 132 12.26 -12.33 31.45
N ILE B 133 12.04 -12.80 30.22
CA ILE B 133 11.03 -13.84 29.91
C ILE B 133 11.68 -14.84 28.97
N GLY B 134 11.70 -16.13 29.34
CA GLY B 134 12.47 -17.12 28.55
C GLY B 134 11.95 -18.54 28.74
N GLY B 135 12.42 -19.46 27.90
CA GLY B 135 11.99 -20.87 27.94
C GLY B 135 13.01 -21.70 28.68
N GLU B 136 13.89 -21.04 29.44
CA GLU B 136 14.93 -21.67 30.30
C GLU B 136 15.50 -20.60 31.24
N PRO B 137 16.25 -20.98 32.29
CA PRO B 137 16.78 -20.00 33.23
C PRO B 137 17.58 -18.90 32.54
N LEU B 138 17.47 -17.67 33.06
CA LEU B 138 18.30 -16.54 32.62
C LEU B 138 19.76 -16.92 32.75
N GLU B 139 20.51 -16.77 31.66
CA GLU B 139 21.98 -16.99 31.63
C GLU B 139 22.67 -15.70 32.09
N LEU B 140 23.60 -15.83 33.03
CA LEU B 140 24.17 -14.66 33.75
C LEU B 140 25.66 -14.55 33.49
N GLN B 141 26.12 -13.29 33.43
CA GLN B 141 27.56 -12.93 33.49
C GLN B 141 27.84 -12.41 34.90
N PHE B 142 28.84 -12.97 35.60
CA PHE B 142 29.32 -12.44 36.89
C PHE B 142 30.17 -11.18 36.64
N MET B 143 29.85 -10.08 37.30
CA MET B 143 30.64 -8.84 37.17
C MET B 143 30.36 -7.98 38.40
N VAL B 144 31.43 -7.54 39.06
CA VAL B 144 31.35 -6.82 40.37
C VAL B 144 32.10 -5.51 40.26
N PHE B 145 31.70 -4.55 41.07
CA PHE B 145 32.39 -3.26 41.22
C PHE B 145 33.78 -3.52 41.81
N ASN B 146 33.87 -4.41 42.80
CA ASN B 146 35.12 -4.71 43.57
C ASN B 146 35.26 -6.22 43.71
N HIS B 147 36.25 -6.83 43.04
CA HIS B 147 36.40 -8.31 43.06
C HIS B 147 36.71 -8.78 44.49
N ARG B 148 37.24 -7.92 45.35
CA ARG B 148 37.70 -8.33 46.71
C ARG B 148 36.53 -8.29 47.70
N ALA B 149 35.33 -7.90 47.27
CA ALA B 149 34.13 -8.00 48.13
C ALA B 149 33.98 -9.47 48.58
N THR B 150 33.75 -9.69 49.87
CA THR B 150 33.39 -11.02 50.43
C THR B 150 31.88 -10.99 50.63
N TYR B 151 31.16 -11.74 49.79
CA TYR B 151 29.69 -11.90 49.87
C TYR B 151 29.43 -12.96 50.93
N PRO B 152 28.26 -12.87 51.58
CA PRO B 152 27.86 -13.81 52.62
C PRO B 152 27.36 -15.15 52.07
N ALA B 153 27.29 -16.10 52.99
CA ALA B 153 26.99 -17.53 52.78
C ALA B 153 25.67 -17.70 52.03
N GLU B 154 24.68 -16.90 52.42
CA GLU B 154 23.29 -16.85 51.87
C GLU B 154 23.33 -16.51 50.38
N ALA B 155 24.30 -15.71 49.94
CA ALA B 155 24.43 -15.25 48.55
C ALA B 155 25.07 -16.33 47.66
N THR B 156 24.55 -16.48 46.44
CA THR B 156 25.20 -17.27 45.37
C THR B 156 26.05 -16.33 44.53
N VAL B 157 27.38 -16.51 44.59
CA VAL B 157 28.40 -15.69 43.87
C VAL B 157 29.49 -16.65 43.39
N ILE B 158 30.39 -16.20 42.52
CA ILE B 158 31.66 -16.91 42.26
C ILE B 158 32.63 -16.43 43.35
N LYS B 159 33.02 -17.32 44.26
CA LYS B 159 33.98 -17.00 45.35
C LYS B 159 35.33 -16.70 44.70
N ASN B 160 36.10 -15.77 45.26
CA ASN B 160 37.45 -15.34 44.80
C ASN B 160 37.50 -15.23 43.27
N PRO B 161 36.63 -14.39 42.66
CA PRO B 161 36.50 -14.34 41.20
C PRO B 161 37.69 -13.71 40.48
N GLY B 162 38.54 -12.96 41.19
CA GLY B 162 39.76 -12.32 40.65
C GLY B 162 39.49 -10.97 40.02
N ALA B 163 40.55 -10.21 39.73
CA ALA B 163 40.51 -8.82 39.26
C ALA B 163 39.73 -8.71 37.93
N SER B 164 39.80 -9.71 37.04
CA SER B 164 39.14 -9.65 35.70
C SER B 164 37.60 -9.61 35.86
N SER B 165 37.08 -9.96 37.04
CA SER B 165 35.63 -9.98 37.35
C SER B 165 35.09 -8.55 37.42
N GLN B 166 35.95 -7.53 37.49
CA GLN B 166 35.57 -6.10 37.58
C GLN B 166 35.21 -5.58 36.18
N VAL B 167 35.57 -6.35 35.15
CA VAL B 167 35.19 -6.15 33.73
C VAL B 167 34.71 -7.51 33.22
N PHE B 168 34.79 -7.78 31.91
CA PHE B 168 34.25 -9.01 31.29
C PHE B 168 35.33 -10.10 31.34
N ASP B 169 34.98 -11.20 31.97
CA ASP B 169 35.79 -12.45 31.95
C ASP B 169 34.89 -13.57 31.44
N PRO B 170 35.22 -14.16 30.27
CA PRO B 170 34.38 -15.22 29.70
C PRO B 170 34.25 -16.48 30.54
N ASN B 171 35.12 -16.71 31.51
CA ASN B 171 35.05 -17.88 32.43
C ASN B 171 33.97 -17.71 33.50
N LEU B 172 33.42 -16.50 33.72
CA LEU B 172 32.63 -16.20 34.95
C LEU B 172 31.13 -16.17 34.63
N LYS B 173 30.55 -17.37 34.48
CA LYS B 173 29.17 -17.58 33.98
C LYS B 173 28.34 -18.20 35.11
N GLY B 174 27.02 -18.03 35.03
CA GLY B 174 26.04 -18.75 35.85
C GLY B 174 24.69 -18.63 35.20
N THR B 175 23.69 -19.20 35.83
CA THR B 175 22.28 -19.20 35.38
C THR B 175 21.42 -18.93 36.61
N LEU B 176 20.32 -18.21 36.41
CA LEU B 176 19.47 -17.74 37.53
C LEU B 176 18.55 -18.87 37.99
N THR B 177 19.01 -19.69 38.93
CA THR B 177 18.38 -21.00 39.26
C THR B 177 17.66 -20.91 40.61
N ALA B 178 17.73 -19.78 41.33
CA ALA B 178 17.14 -19.64 42.68
C ALA B 178 16.68 -18.20 42.92
N ASP B 179 15.52 -18.05 43.54
CA ASP B 179 14.93 -16.74 43.87
C ASP B 179 15.67 -16.13 45.07
N GLY B 180 15.96 -14.83 44.97
CA GLY B 180 16.38 -13.98 46.09
C GLY B 180 17.72 -14.37 46.69
N VAL B 181 18.68 -14.87 45.90
CA VAL B 181 20.05 -15.19 46.41
C VAL B 181 21.17 -14.77 45.45
N PHE B 182 20.90 -14.42 44.19
CA PHE B 182 21.93 -13.90 43.27
C PHE B 182 21.99 -12.38 43.46
N PRO B 183 23.08 -11.84 44.01
CA PRO B 183 23.18 -10.39 44.19
C PRO B 183 23.01 -9.70 42.83
N VAL B 184 22.16 -8.68 42.78
CA VAL B 184 22.04 -7.76 41.62
C VAL B 184 23.43 -7.20 41.26
N GLU B 185 24.20 -6.76 42.26
CA GLU B 185 25.50 -6.08 42.05
C GLU B 185 26.61 -7.04 41.59
N ALA B 186 26.34 -8.33 41.54
CA ALA B 186 27.32 -9.38 41.16
C ALA B 186 26.92 -10.14 39.89
N TRP B 187 25.68 -10.01 39.42
CA TRP B 187 25.22 -10.76 38.21
C TRP B 187 24.45 -9.83 37.28
N GLY B 188 24.69 -9.96 35.98
CA GLY B 188 23.86 -9.33 34.94
C GLY B 188 23.53 -10.34 33.85
N PRO B 189 22.52 -10.06 33.00
CA PRO B 189 22.21 -10.96 31.89
C PRO B 189 23.41 -11.06 30.95
N ASP B 190 23.75 -12.28 30.52
CA ASP B 190 24.84 -12.58 29.57
C ASP B 190 24.35 -12.37 28.13
N PRO B 191 24.85 -11.33 27.40
CA PRO B 191 24.49 -11.15 26.00
C PRO B 191 25.12 -12.17 25.02
N PHE B 192 26.10 -12.97 25.46
CA PHE B 192 26.75 -14.00 24.62
C PHE B 192 25.88 -15.25 24.59
N LYS B 193 24.90 -15.38 25.50
CA LYS B 193 23.89 -16.46 25.47
C LYS B 193 22.48 -15.85 25.44
N ASN B 194 21.54 -16.42 26.19
CA ASN B 194 20.13 -15.93 26.23
C ASN B 194 19.50 -15.93 24.82
N GLU B 195 19.77 -16.91 23.95
CA GLU B 195 19.12 -16.95 22.62
C GLU B 195 17.63 -17.29 22.80
N ASN B 196 17.25 -17.85 23.93
CA ASN B 196 15.89 -18.36 24.17
C ASN B 196 15.20 -17.55 25.28
N THR B 197 15.74 -16.37 25.57
CA THR B 197 15.22 -15.38 26.57
C THR B 197 15.27 -13.97 25.97
N ARG B 198 14.26 -13.15 26.26
CA ARG B 198 14.27 -11.71 25.99
C ARG B 198 14.50 -11.03 27.35
N TYR B 199 15.46 -10.12 27.45
CA TYR B 199 15.64 -9.33 28.69
C TYR B 199 15.70 -7.86 28.31
N PHE B 200 15.33 -7.05 29.30
CA PHE B 200 15.21 -5.58 29.19
C PHE B 200 15.60 -4.99 30.54
N GLY B 201 16.47 -3.97 30.54
CA GLY B 201 16.92 -3.32 31.78
C GLY B 201 17.10 -1.84 31.60
N GLN B 202 16.83 -1.07 32.65
CA GLN B 202 17.27 0.34 32.72
C GLN B 202 17.86 0.62 34.11
N TYR B 203 18.98 1.32 34.14
CA TYR B 203 19.58 1.85 35.37
C TYR B 203 19.66 3.38 35.29
N THR B 204 19.17 4.03 36.33
CA THR B 204 19.37 5.46 36.65
C THR B 204 20.04 5.56 38.03
N GLY B 205 21.25 6.10 38.09
CA GLY B 205 22.03 6.10 39.34
C GLY B 205 21.71 7.30 40.22
N GLY B 206 22.65 7.63 41.10
CA GLY B 206 22.50 8.70 42.10
C GLY B 206 21.83 8.20 43.36
N THR B 207 21.85 9.04 44.39
CA THR B 207 21.30 8.80 45.74
C THR B 207 20.19 9.82 46.05
N GLN B 208 20.10 10.91 45.28
CA GLN B 208 19.02 11.93 45.42
C GLN B 208 18.24 12.07 44.12
N THR B 209 18.41 11.13 43.19
CA THR B 209 17.69 11.14 41.89
C THR B 209 16.20 10.91 42.10
N PRO B 210 15.32 11.69 41.45
CA PRO B 210 13.89 11.47 41.56
C PRO B 210 13.52 10.20 40.81
N PRO B 211 12.81 9.23 41.43
CA PRO B 211 12.32 8.07 40.70
C PRO B 211 11.28 8.50 39.65
N VAL B 212 11.26 7.80 38.51
CA VAL B 212 10.23 7.98 37.46
C VAL B 212 9.67 6.61 37.08
N LEU B 213 8.40 6.40 37.37
CA LEU B 213 7.77 5.10 37.06
C LEU B 213 6.46 5.38 36.33
N THR B 214 6.18 4.61 35.28
CA THR B 214 4.88 4.66 34.59
C THR B 214 4.19 3.31 34.83
N PHE B 215 2.88 3.29 34.78
CA PHE B 215 2.09 2.03 34.77
C PHE B 215 0.87 2.20 33.87
N THR B 216 0.55 1.16 33.12
CA THR B 216 -0.71 1.10 32.33
C THR B 216 -1.03 -0.37 32.08
N ASN B 217 -2.29 -0.68 31.81
CA ASN B 217 -2.70 -2.04 31.38
C ASN B 217 -2.83 -2.06 29.84
N THR B 218 -2.28 -1.09 29.11
CA THR B 218 -2.52 -0.92 27.66
C THR B 218 -1.28 -1.23 26.80
N GLN B 219 -0.15 -1.65 27.36
CA GLN B 219 1.13 -1.71 26.61
C GLN B 219 1.55 -3.17 26.50
N THR B 220 1.88 -3.62 25.28
CA THR B 220 2.33 -5.00 24.99
C THR B 220 3.72 -4.95 24.36
N THR B 221 4.60 -5.82 24.82
CA THR B 221 5.95 -6.06 24.26
C THR B 221 5.90 -7.38 23.47
N ILE B 222 6.29 -7.34 22.20
CA ILE B 222 6.37 -8.56 21.34
C ILE B 222 7.67 -9.29 21.68
N LEU B 223 7.64 -10.61 21.84
CA LEU B 223 8.82 -11.41 22.29
C LEU B 223 9.45 -12.20 21.14
N LEU B 224 8.90 -12.10 19.93
CA LEU B 224 9.44 -12.72 18.69
C LEU B 224 10.78 -12.08 18.34
N ASP B 225 11.75 -12.90 17.92
CA ASP B 225 13.05 -12.48 17.33
C ASP B 225 12.84 -12.16 15.84
N GLU B 226 13.93 -11.78 15.16
CA GLU B 226 13.99 -11.41 13.72
C GLU B 226 13.35 -12.49 12.84
N ASN B 227 13.36 -13.75 13.29
CA ASN B 227 12.86 -14.92 12.52
C ASN B 227 11.38 -15.21 12.82
N GLY B 228 10.71 -14.43 13.70
CA GLY B 228 9.30 -14.63 14.09
C GLY B 228 9.15 -15.71 15.15
N VAL B 229 10.23 -16.00 15.86
CA VAL B 229 10.24 -17.09 16.86
C VAL B 229 10.34 -16.46 18.24
N GLY B 230 9.41 -16.81 19.13
CA GLY B 230 9.41 -16.40 20.54
C GLY B 230 10.28 -17.35 21.36
N PRO B 231 10.51 -17.07 22.67
CA PRO B 231 11.07 -18.08 23.56
C PRO B 231 10.28 -19.39 23.54
N LEU B 232 10.98 -20.52 23.46
CA LEU B 232 10.37 -21.88 23.41
C LEU B 232 10.59 -22.55 24.77
N CYS B 233 9.49 -22.96 25.39
CA CYS B 233 9.46 -23.29 26.83
C CYS B 233 9.89 -24.74 27.05
N LYS B 234 11.18 -24.93 27.37
CA LYS B 234 11.80 -26.25 27.64
C LYS B 234 11.11 -26.84 28.89
N GLY B 235 10.72 -28.11 28.80
CA GLY B 235 10.04 -28.83 29.90
C GLY B 235 8.70 -28.23 30.25
N ASP B 236 8.06 -27.52 29.31
CA ASP B 236 6.76 -26.81 29.55
C ASP B 236 6.92 -25.86 30.75
N GLY B 237 8.07 -25.21 30.88
CA GLY B 237 8.37 -24.20 31.91
C GLY B 237 8.58 -22.83 31.29
N LEU B 238 7.93 -21.80 31.84
CA LEU B 238 8.12 -20.39 31.44
C LEU B 238 8.92 -19.71 32.54
N PHE B 239 10.08 -19.16 32.21
CA PHE B 239 11.04 -18.62 33.19
C PHE B 239 10.88 -17.09 33.21
N LEU B 240 10.54 -16.57 34.38
CA LEU B 240 10.36 -15.11 34.63
C LEU B 240 11.40 -14.65 35.66
N SER B 241 12.04 -13.52 35.40
CA SER B 241 13.09 -12.93 36.24
C SER B 241 12.93 -11.41 36.24
N CYS B 242 13.31 -10.75 37.34
CA CYS B 242 13.30 -9.28 37.45
C CYS B 242 14.11 -8.82 38.66
N ALA B 243 14.43 -7.53 38.65
CA ALA B 243 14.86 -6.72 39.81
C ALA B 243 14.22 -5.33 39.62
N ASP B 244 13.60 -4.80 40.67
CA ASP B 244 12.89 -3.48 40.60
C ASP B 244 13.25 -2.66 41.84
N ILE B 245 14.45 -2.11 41.82
CA ILE B 245 14.95 -1.17 42.86
C ILE B 245 14.45 0.22 42.50
N VAL B 246 13.64 0.80 43.37
CA VAL B 246 12.93 2.08 43.08
C VAL B 246 13.81 3.22 43.55
N GLY B 247 14.58 2.99 44.62
CA GLY B 247 15.50 3.97 45.19
C GLY B 247 15.75 3.66 46.66
N PHE B 248 16.14 4.67 47.41
CA PHE B 248 16.50 4.51 48.84
C PHE B 248 15.47 5.18 49.74
N PHE B 249 15.27 4.55 50.89
CA PHE B 249 14.50 5.08 52.03
C PHE B 249 15.50 5.65 53.05
N THR B 250 15.34 6.93 53.44
CA THR B 250 16.25 7.62 54.40
C THR B 250 15.51 7.85 55.74
N GLN B 251 16.06 7.30 56.80
CA GLN B 251 15.57 7.54 58.17
C GLN B 251 15.96 8.95 58.63
N HIS B 252 15.30 9.40 59.69
CA HIS B 252 15.66 10.63 60.43
C HIS B 252 17.15 10.63 60.79
N ASN B 253 17.70 9.48 61.14
CA ASN B 253 19.12 9.39 61.59
C ASN B 253 20.06 9.14 60.40
N LYS B 254 19.53 9.20 59.18
CA LYS B 254 20.26 9.23 57.87
C LYS B 254 20.69 7.84 57.42
N LYS B 255 20.23 6.78 58.09
CA LYS B 255 20.41 5.39 57.63
C LYS B 255 19.55 5.16 56.39
N MET B 256 20.10 4.44 55.44
CA MET B 256 19.49 4.37 54.09
C MET B 256 19.40 2.90 53.71
N SER B 257 18.24 2.54 53.17
CA SER B 257 17.89 1.18 52.73
C SER B 257 17.34 1.24 51.31
N PHE B 258 17.57 0.18 50.53
CA PHE B 258 16.89 -0.05 49.24
C PHE B 258 15.40 -0.29 49.48
N ARG B 259 14.54 0.20 48.58
CA ARG B 259 13.11 -0.11 48.52
C ARG B 259 12.81 -0.61 47.10
N GLY B 260 12.16 -1.75 47.01
CA GLY B 260 11.76 -2.38 45.73
C GLY B 260 10.26 -2.54 45.69
N LEU B 261 9.75 -2.93 44.53
CA LEU B 261 8.33 -3.05 44.19
C LEU B 261 8.16 -4.36 43.43
N PRO B 262 6.99 -5.02 43.61
CA PRO B 262 6.66 -6.24 42.89
C PRO B 262 6.39 -5.97 41.40
N ARG B 263 6.57 -7.01 40.59
CA ARG B 263 6.31 -6.92 39.14
C ARG B 263 5.24 -7.93 38.72
N TYR B 264 4.30 -7.42 37.94
CA TYR B 264 3.22 -8.14 37.25
C TYR B 264 3.76 -8.63 35.89
N PHE B 265 3.46 -9.88 35.56
CA PHE B 265 3.69 -10.43 34.20
C PHE B 265 2.40 -11.04 33.62
N ARG B 266 2.02 -10.59 32.43
CA ARG B 266 1.07 -11.30 31.58
C ARG B 266 1.86 -11.82 30.38
N VAL B 267 1.78 -13.12 30.09
CA VAL B 267 2.50 -13.71 28.93
C VAL B 267 1.49 -14.53 28.11
N THR B 268 1.44 -14.26 26.80
CA THR B 268 0.62 -15.01 25.82
C THR B 268 1.54 -16.00 25.12
N LEU B 269 1.14 -17.27 25.08
CA LEU B 269 1.92 -18.35 24.44
C LEU B 269 1.08 -19.09 23.40
N ARG B 270 1.72 -19.51 22.30
CA ARG B 270 1.07 -20.33 21.25
C ARG B 270 1.81 -21.67 21.14
N LYS B 271 1.10 -22.67 20.62
CA LYS B 271 1.67 -24.00 20.32
C LYS B 271 2.53 -23.86 19.06
N ARG B 272 3.74 -24.39 19.12
CA ARG B 272 4.74 -24.35 18.04
C ARG B 272 5.26 -25.77 17.86
N VAL B 273 5.25 -26.28 16.62
CA VAL B 273 5.92 -27.56 16.25
C VAL B 273 7.42 -27.32 16.13
N VAL B 274 8.23 -28.18 16.77
CA VAL B 274 9.71 -28.22 16.66
C VAL B 274 10.12 -29.66 16.28
N LYS B 275 11.28 -29.81 15.60
CA LYS B 275 11.82 -31.11 15.12
C LYS B 275 11.75 -32.17 16.25
N ILE C 7 -19.32 -10.81 29.35
CA ILE C 7 -20.06 -10.45 28.10
C ILE C 7 -19.38 -11.11 26.91
N GLU C 8 -20.10 -11.97 26.18
CA GLU C 8 -19.78 -12.33 24.77
C GLU C 8 -20.09 -11.10 23.92
N VAL C 9 -19.06 -10.49 23.30
CA VAL C 9 -19.19 -9.22 22.54
C VAL C 9 -19.51 -9.55 21.08
N LEU C 10 -20.63 -9.05 20.56
CA LEU C 10 -21.03 -9.19 19.14
C LEU C 10 -20.69 -7.88 18.40
N ALA C 11 -21.51 -7.44 17.45
CA ALA C 11 -21.13 -6.38 16.48
C ALA C 11 -21.48 -5.01 17.05
N VAL C 12 -20.75 -3.99 16.61
CA VAL C 12 -21.09 -2.55 16.81
C VAL C 12 -22.45 -2.25 16.20
N ARG C 13 -23.42 -1.80 17.00
CA ARG C 13 -24.75 -1.33 16.53
C ARG C 13 -24.61 0.06 15.92
N THR C 14 -24.51 0.17 14.59
CA THR C 14 -24.46 1.48 13.89
C THR C 14 -25.89 1.98 13.65
N GLY C 15 -26.06 3.28 13.47
CA GLY C 15 -27.36 3.97 13.40
C GLY C 15 -27.24 5.45 13.72
N PRO C 16 -28.34 6.23 13.57
CA PRO C 16 -28.28 7.66 13.85
C PRO C 16 -27.87 8.02 15.30
N ASP C 17 -28.37 7.29 16.28
CA ASP C 17 -28.18 7.58 17.73
C ASP C 17 -27.13 6.64 18.34
N SER C 18 -26.20 6.12 17.54
CA SER C 18 -25.24 5.04 17.92
C SER C 18 -24.00 5.60 18.64
N ILE C 19 -23.68 6.88 18.49
CA ILE C 19 -22.45 7.49 19.10
C ILE C 19 -22.88 8.62 20.05
N THR C 20 -22.26 8.65 21.23
CA THR C 20 -22.49 9.71 22.24
C THR C 20 -21.14 10.14 22.79
N GLU C 21 -21.10 11.37 23.29
CA GLU C 21 -19.89 12.01 23.86
C GLU C 21 -20.29 12.58 25.23
N ILE C 22 -19.53 12.29 26.28
CA ILE C 22 -19.74 12.94 27.61
C ILE C 22 -18.50 13.77 27.93
N GLU C 23 -18.70 14.84 28.69
CA GLU C 23 -17.60 15.61 29.32
C GLU C 23 -17.84 15.68 30.83
N ALA C 24 -16.77 15.50 31.60
CA ALA C 24 -16.85 15.57 33.07
C ALA C 24 -15.55 16.10 33.64
N TYR C 25 -15.61 16.61 34.86
CA TYR C 25 -14.43 17.07 35.61
C TYR C 25 -14.40 16.25 36.88
N LEU C 26 -13.21 15.87 37.32
CA LEU C 26 -12.99 15.39 38.69
C LEU C 26 -12.09 16.41 39.38
N ASN C 27 -12.61 16.97 40.46
CA ASN C 27 -11.85 17.85 41.39
C ASN C 27 -10.97 16.96 42.24
N PRO C 28 -9.73 17.41 42.53
CA PRO C 28 -8.80 16.63 43.35
C PRO C 28 -9.28 16.53 44.81
N ARG C 29 -8.72 15.55 45.51
CA ARG C 29 -9.03 15.21 46.93
C ARG C 29 -7.72 15.12 47.71
N MET C 30 -7.02 16.26 47.83
CA MET C 30 -5.68 16.37 48.44
C MET C 30 -5.77 16.40 49.97
N GLY C 31 -6.95 16.61 50.55
CA GLY C 31 -7.19 16.39 52.01
C GLY C 31 -8.02 17.50 52.65
N GLN C 32 -7.74 18.75 52.33
CA GLN C 32 -8.49 19.87 52.93
C GLN C 32 -9.93 19.83 52.41
N PRO C 33 -10.90 20.22 53.24
CA PRO C 33 -12.32 20.13 52.86
C PRO C 33 -12.75 21.07 51.71
N GLN C 34 -13.69 20.61 50.90
CA GLN C 34 -14.29 21.37 49.77
C GLN C 34 -14.88 22.69 50.25
N ASN C 35 -14.85 23.72 49.39
CA ASN C 35 -15.51 25.03 49.59
C ASN C 35 -14.95 25.73 50.85
N GLU C 36 -13.74 25.39 51.29
CA GLU C 36 -13.02 26.12 52.37
C GLU C 36 -11.67 26.60 51.81
N ASP C 37 -10.95 27.42 52.59
CA ASP C 37 -9.86 28.27 52.07
C ASP C 37 -8.69 27.45 51.51
N PHE C 38 -8.53 26.19 51.93
CA PHE C 38 -7.41 25.33 51.46
C PHE C 38 -7.87 24.24 50.51
N TYR C 39 -9.04 24.38 49.91
CA TYR C 39 -9.52 23.45 48.84
C TYR C 39 -8.47 23.36 47.72
N GLY C 40 -8.09 22.12 47.38
CA GLY C 40 -7.05 21.79 46.38
C GLY C 40 -5.75 21.41 47.07
N PHE C 41 -5.61 21.68 48.35
CA PHE C 41 -4.40 21.36 49.15
C PHE C 41 -4.70 20.22 50.13
N SER C 42 -3.62 19.58 50.58
CA SER C 42 -3.63 18.84 51.86
C SER C 42 -3.40 19.85 52.99
N ASP C 43 -3.71 19.41 54.19
CA ASP C 43 -3.19 20.07 55.40
C ASP C 43 -1.67 19.88 55.48
N ASN C 44 -1.00 20.65 56.35
CA ASN C 44 0.46 20.58 56.57
C ASN C 44 0.89 19.16 57.03
N VAL C 45 1.89 18.61 56.33
CA VAL C 45 2.25 17.17 56.49
C VAL C 45 3.15 17.06 57.71
N THR C 46 2.80 16.14 58.61
CA THR C 46 3.59 15.70 59.79
C THR C 46 4.22 14.34 59.45
N VAL C 47 5.35 14.04 60.07
CA VAL C 47 6.19 12.86 59.72
C VAL C 47 6.41 12.12 61.04
N SER C 48 6.18 10.80 61.03
CA SER C 48 6.32 9.91 62.20
C SER C 48 7.81 9.68 62.45
N ASP C 49 8.16 9.25 63.67
CA ASP C 49 9.56 8.92 64.06
C ASP C 49 9.88 7.49 63.63
N ASP C 50 8.89 6.61 63.46
CA ASP C 50 9.15 5.18 63.18
C ASP C 50 7.86 4.51 62.69
N PHE C 51 8.02 3.41 61.96
CA PHE C 51 6.93 2.67 61.30
C PHE C 51 5.94 2.17 62.36
N GLY C 52 6.42 1.91 63.58
CA GLY C 52 5.62 1.41 64.72
C GLY C 52 4.65 2.44 65.30
N SER C 53 4.88 3.74 65.09
CA SER C 53 4.10 4.89 65.62
C SER C 53 3.78 5.87 64.50
N ASP C 54 2.99 5.40 63.53
CA ASP C 54 2.90 6.05 62.21
C ASP C 54 1.43 6.21 61.91
N ALA C 55 0.89 7.39 62.14
CA ALA C 55 -0.57 7.62 62.03
C ALA C 55 -0.79 8.88 61.21
N PRO C 56 -0.84 8.78 59.85
CA PRO C 56 -1.08 9.95 59.01
C PRO C 56 -2.47 10.54 59.28
N PRO C 57 -2.57 11.75 59.85
CA PRO C 57 -3.87 12.35 60.15
C PRO C 57 -4.72 12.63 58.91
N TRP C 58 -6.02 12.46 59.06
CA TRP C 58 -7.01 12.89 58.05
C TRP C 58 -6.68 14.31 57.59
N LYS C 59 -6.84 14.57 56.30
CA LYS C 59 -6.56 15.86 55.60
C LYS C 59 -5.09 15.97 55.22
N GLN C 60 -4.20 15.07 55.64
CA GLN C 60 -2.74 15.29 55.44
C GLN C 60 -2.20 14.45 54.27
N PHE C 61 -3.06 13.70 53.58
CA PHE C 61 -2.68 12.83 52.44
C PHE C 61 -3.78 12.86 51.42
N PRO C 62 -3.43 12.69 50.11
CA PRO C 62 -4.44 12.73 49.07
C PRO C 62 -5.13 11.38 48.91
N CYS C 63 -6.34 11.45 48.39
CA CYS C 63 -7.18 10.27 48.05
C CYS C 63 -7.57 10.34 46.57
N TYR C 64 -7.93 9.20 45.99
CA TYR C 64 -8.41 9.11 44.60
C TYR C 64 -9.72 9.87 44.48
N SER C 65 -9.88 10.52 43.33
CA SER C 65 -11.16 11.07 42.83
C SER C 65 -11.83 10.00 41.94
N THR C 66 -13.15 9.89 42.05
CA THR C 66 -13.95 8.97 41.22
C THR C 66 -15.37 9.51 41.03
N ALA C 67 -15.98 9.17 39.89
CA ALA C 67 -17.38 9.49 39.57
C ALA C 67 -17.94 8.43 38.61
N ARG C 68 -19.21 8.10 38.79
CA ARG C 68 -20.00 7.34 37.79
C ARG C 68 -20.83 8.34 36.97
N ILE C 69 -20.65 8.35 35.65
CA ILE C 69 -21.45 9.20 34.73
C ILE C 69 -22.59 8.33 34.22
N SER C 70 -23.83 8.75 34.46
CA SER C 70 -25.03 8.12 33.87
C SER C 70 -25.03 8.38 32.37
N LEU C 71 -25.12 7.33 31.56
CA LEU C 71 -25.24 7.44 30.08
C LEU C 71 -26.71 7.32 29.69
N PRO C 72 -27.09 7.69 28.45
CA PRO C 72 -28.47 7.48 27.99
C PRO C 72 -28.91 6.02 28.20
N MET C 73 -30.10 5.82 28.76
CA MET C 73 -30.64 4.48 29.12
C MET C 73 -31.04 3.77 27.81
N LEU C 74 -30.46 2.60 27.56
CA LEU C 74 -30.68 1.83 26.31
C LEU C 74 -31.87 0.89 26.55
N ASN C 75 -31.68 -0.42 26.34
CA ASN C 75 -32.73 -1.47 26.47
C ASN C 75 -33.02 -1.70 27.96
N ASP C 81 -32.36 -12.31 24.26
CA ASP C 81 -31.30 -12.90 23.39
C ASP C 81 -30.02 -12.08 23.57
N THR C 82 -30.06 -10.80 23.18
CA THR C 82 -28.93 -9.84 23.20
C THR C 82 -29.38 -8.52 23.82
N ILE C 83 -28.42 -7.71 24.25
CA ILE C 83 -28.67 -6.32 24.75
C ILE C 83 -27.63 -5.39 24.12
N LEU C 84 -27.90 -4.09 24.18
CA LEU C 84 -26.95 -3.01 23.83
C LEU C 84 -26.23 -2.52 25.09
N MET C 85 -24.97 -2.14 24.93
CA MET C 85 -24.10 -1.50 25.95
C MET C 85 -23.31 -0.39 25.29
N TRP C 86 -23.15 0.74 25.99
CA TRP C 86 -22.21 1.81 25.57
C TRP C 86 -20.80 1.27 25.71
N GLU C 87 -20.03 1.38 24.62
CA GLU C 87 -18.59 1.02 24.55
C GLU C 87 -17.77 2.31 24.42
N ALA C 88 -16.89 2.60 25.37
CA ALA C 88 -15.99 3.78 25.31
C ALA C 88 -14.87 3.43 24.34
N ILE C 89 -14.76 4.16 23.24
CA ILE C 89 -13.80 3.83 22.16
C ILE C 89 -12.59 4.79 22.21
N SER C 90 -12.74 6.01 22.75
CA SER C 90 -11.66 7.01 22.78
C SER C 90 -11.93 8.01 23.92
N CYS C 91 -10.90 8.76 24.31
CA CYS C 91 -11.09 9.84 25.30
C CYS C 91 -10.05 10.93 25.03
N ARG C 92 -10.37 12.15 25.43
CA ARG C 92 -9.36 13.19 25.67
C ARG C 92 -9.40 13.48 27.18
N THR C 93 -8.23 13.57 27.79
CA THR C 93 -8.13 13.99 29.20
C THR C 93 -7.09 15.09 29.34
N GLU C 94 -7.39 16.11 30.15
CA GLU C 94 -6.47 17.24 30.41
C GLU C 94 -6.43 17.53 31.91
N VAL C 95 -5.25 17.79 32.44
CA VAL C 95 -5.08 18.48 33.73
C VAL C 95 -5.42 19.96 33.51
N MET C 96 -6.34 20.49 34.29
CA MET C 96 -6.77 21.89 34.20
C MET C 96 -6.09 22.72 35.27
N GLY C 97 -6.02 24.03 35.06
CA GLY C 97 -5.45 24.99 36.00
C GLY C 97 -3.94 24.87 36.14
N VAL C 98 -3.26 24.29 35.16
CA VAL C 98 -1.77 24.31 35.08
C VAL C 98 -1.31 25.78 35.17
N ASN C 99 -2.07 26.74 34.64
CA ASN C 99 -1.75 28.18 34.65
C ASN C 99 -1.46 28.71 36.07
N MET C 100 -2.13 28.17 37.09
CA MET C 100 -2.06 28.72 38.48
C MET C 100 -0.65 28.52 39.04
N LEU C 101 0.12 27.56 38.51
CA LEU C 101 1.48 27.27 39.04
C LEU C 101 2.51 28.35 38.66
N THR C 102 2.10 29.43 37.98
CA THR C 102 2.93 30.60 37.63
C THR C 102 2.91 31.57 38.82
N ASN C 103 2.09 31.28 39.83
CA ASN C 103 1.95 32.06 41.09
C ASN C 103 3.18 31.77 41.97
N VAL C 104 4.02 32.78 42.15
CA VAL C 104 5.16 32.70 43.12
C VAL C 104 5.11 33.88 44.11
N HIS C 105 3.92 34.40 44.40
CA HIS C 105 3.73 35.45 45.44
C HIS C 105 2.92 34.97 46.66
N SER C 106 2.19 33.86 46.60
CA SER C 106 1.11 33.53 47.59
C SER C 106 1.69 32.77 48.80
N ALA C 107 2.29 33.49 49.75
CA ALA C 107 2.67 33.00 51.10
C ALA C 107 3.63 31.81 50.98
N GLN C 108 4.60 31.92 50.09
CA GLN C 108 5.55 30.83 49.76
C GLN C 108 6.89 31.14 50.41
N LYS C 109 7.55 30.11 50.93
CA LYS C 109 9.00 30.18 51.21
C LYS C 109 9.68 30.82 50.00
N ARG C 110 10.58 31.75 50.24
CA ARG C 110 11.26 32.53 49.18
C ARG C 110 12.57 31.83 48.77
N VAL C 111 13.04 32.14 47.57
CA VAL C 111 14.29 31.56 47.00
C VAL C 111 15.46 31.96 47.93
N TYR C 112 15.45 33.20 48.42
CA TYR C 112 16.52 33.74 49.32
C TYR C 112 15.85 34.15 50.63
N GLU C 113 15.33 33.17 51.36
CA GLU C 113 14.55 33.35 52.61
C GLU C 113 15.38 34.13 53.64
N ASN C 114 16.66 33.82 53.78
CA ASN C 114 17.59 34.51 54.70
C ASN C 114 17.66 36.01 54.40
N ASP C 115 17.48 36.42 53.14
CA ASP C 115 17.52 37.85 52.71
C ASP C 115 16.09 38.39 52.59
N ARG C 116 15.06 37.59 52.89
CA ARG C 116 13.65 37.99 52.69
C ARG C 116 13.50 38.53 51.25
N GLU C 117 14.04 37.82 50.28
CA GLU C 117 14.10 38.29 48.89
C GLU C 117 13.88 37.10 47.95
N GLY C 118 13.51 37.40 46.71
CA GLY C 118 13.34 36.48 45.58
C GLY C 118 11.89 36.08 45.47
N THR C 119 11.58 35.29 44.45
CA THR C 119 10.20 34.82 44.26
C THR C 119 9.89 33.84 45.37
N GLY C 120 8.63 33.49 45.53
CA GLY C 120 8.29 32.16 46.09
C GLY C 120 8.98 31.02 45.34
N ILE C 121 9.22 29.90 46.02
CA ILE C 121 9.81 28.71 45.36
C ILE C 121 8.75 27.99 44.53
N GLY C 122 7.47 28.36 44.67
CA GLY C 122 6.39 27.73 43.91
C GLY C 122 6.06 26.32 44.38
N VAL C 123 5.30 25.60 43.57
CA VAL C 123 5.04 24.14 43.77
C VAL C 123 6.19 23.32 43.16
N GLU C 124 6.75 22.42 43.98
CA GLU C 124 7.83 21.49 43.55
C GLU C 124 7.68 20.18 44.29
N GLY C 125 8.38 19.17 43.79
CA GLY C 125 8.42 17.83 44.40
C GLY C 125 7.57 16.89 43.58
N MET C 126 7.03 15.87 44.23
CA MET C 126 6.54 14.67 43.53
C MET C 126 5.36 15.02 42.63
N GLY C 127 5.32 14.40 41.47
CA GLY C 127 4.17 14.41 40.57
C GLY C 127 3.56 13.03 40.57
N TYR C 128 2.26 12.93 40.79
CA TYR C 128 1.56 11.65 40.61
C TYR C 128 0.30 11.97 39.82
N HIS C 129 0.24 11.45 38.61
CA HIS C 129 -0.85 11.71 37.65
C HIS C 129 -1.30 10.36 37.11
N MET C 130 -2.55 10.03 37.35
CA MET C 130 -3.13 8.74 36.93
C MET C 130 -4.60 8.99 36.63
N PHE C 131 -5.11 8.33 35.61
CA PHE C 131 -6.56 8.35 35.30
C PHE C 131 -6.94 6.95 34.84
N ALA C 132 -8.24 6.66 34.90
CA ALA C 132 -8.83 5.37 34.51
C ALA C 132 -10.23 5.62 33.98
N ILE C 133 -10.58 4.87 32.94
CA ILE C 133 -11.89 4.96 32.27
C ILE C 133 -12.34 3.51 32.09
N GLY C 134 -13.51 3.18 32.62
CA GLY C 134 -13.98 1.78 32.57
C GLY C 134 -15.47 1.68 32.60
N GLY C 135 -15.96 0.45 32.39
CA GLY C 135 -17.41 0.17 32.41
C GLY C 135 -17.86 -0.33 33.75
N GLU C 136 -16.98 -0.26 34.76
CA GLU C 136 -17.24 -0.64 36.16
C GLU C 136 -16.20 0.03 37.04
N PRO C 137 -16.40 0.05 38.36
CA PRO C 137 -15.43 0.65 39.29
C PRO C 137 -14.02 0.09 39.08
N LEU C 138 -13.01 0.96 39.17
CA LEU C 138 -11.57 0.56 39.04
C LEU C 138 -11.25 -0.50 40.09
N GLU C 139 -10.62 -1.59 39.68
CA GLU C 139 -10.23 -2.68 40.62
C GLU C 139 -8.85 -2.34 41.19
N LEU C 140 -8.71 -2.47 42.50
CA LEU C 140 -7.53 -1.95 43.23
C LEU C 140 -6.78 -3.10 43.89
N GLN C 141 -5.45 -2.93 43.95
CA GLN C 141 -4.54 -3.71 44.81
C GLN C 141 -4.11 -2.79 45.96
N PHE C 142 -4.35 -3.22 47.20
CA PHE C 142 -3.84 -2.55 48.41
C PHE C 142 -2.34 -2.80 48.49
N MET C 143 -1.55 -1.73 48.62
CA MET C 143 -0.07 -1.84 48.77
C MET C 143 0.41 -0.54 49.43
N VAL C 144 1.18 -0.64 50.52
CA VAL C 144 1.62 0.53 51.32
C VAL C 144 3.12 0.48 51.52
N PHE C 145 3.72 1.65 51.73
CA PHE C 145 5.14 1.79 52.09
C PHE C 145 5.42 1.08 53.41
N ASN C 146 4.54 1.22 54.40
CA ASN C 146 4.66 0.71 55.79
C ASN C 146 3.33 0.11 56.22
N HIS C 147 3.29 -1.20 56.40
CA HIS C 147 2.04 -1.93 56.73
C HIS C 147 1.54 -1.51 58.13
N ARG C 148 2.40 -0.95 59.00
CA ARG C 148 2.01 -0.65 60.41
C ARG C 148 1.35 0.73 60.53
N ALA C 149 1.35 1.52 59.45
CA ALA C 149 0.64 2.82 59.41
C ALA C 149 -0.82 2.63 59.86
N THR C 150 -1.25 3.47 60.79
CA THR C 150 -2.66 3.55 61.24
C THR C 150 -3.32 4.70 60.46
N TYR C 151 -4.21 4.35 59.55
CA TYR C 151 -5.02 5.28 58.73
C TYR C 151 -6.24 5.71 59.52
N PRO C 152 -6.71 6.95 59.30
CA PRO C 152 -7.80 7.51 60.10
C PRO C 152 -9.15 6.89 59.73
N ALA C 153 -10.17 7.09 60.58
CA ALA C 153 -11.52 6.54 60.42
C ALA C 153 -12.13 7.00 59.08
N GLU C 154 -11.73 8.16 58.56
CA GLU C 154 -12.35 8.77 57.33
C GLU C 154 -11.95 7.96 56.09
N ALA C 155 -10.82 7.24 56.14
CA ALA C 155 -10.16 6.63 54.97
C ALA C 155 -10.69 5.21 54.82
N THR C 156 -10.75 4.72 53.58
CA THR C 156 -11.09 3.32 53.28
C THR C 156 -9.77 2.57 53.02
N VAL C 157 -9.42 1.65 53.91
CA VAL C 157 -8.17 0.86 53.79
C VAL C 157 -8.52 -0.56 54.25
N ILE C 158 -7.62 -1.49 53.99
CA ILE C 158 -7.66 -2.81 54.66
C ILE C 158 -6.92 -2.65 55.98
N LYS C 159 -7.64 -2.78 57.10
CA LYS C 159 -7.06 -2.67 58.46
C LYS C 159 -6.23 -3.94 58.72
N ASN C 160 -5.12 -3.79 59.44
CA ASN C 160 -4.18 -4.89 59.80
C ASN C 160 -3.83 -5.70 58.56
N PRO C 161 -3.30 -5.03 57.50
CA PRO C 161 -3.07 -5.69 56.22
C PRO C 161 -1.95 -6.75 56.25
N GLY C 162 -1.03 -6.65 57.19
CA GLY C 162 0.10 -7.58 57.37
C GLY C 162 1.35 -7.10 56.65
N ALA C 163 2.50 -7.64 57.03
CA ALA C 163 3.82 -7.34 56.41
C ALA C 163 3.78 -7.48 54.88
N SER C 164 3.06 -8.47 54.34
CA SER C 164 3.03 -8.74 52.87
C SER C 164 2.35 -7.61 52.08
N SER C 165 1.61 -6.69 52.74
CA SER C 165 0.97 -5.51 52.08
C SER C 165 2.01 -4.47 51.64
N GLN C 166 3.28 -4.65 52.00
CA GLN C 166 4.41 -3.76 51.61
C GLN C 166 4.88 -4.14 50.20
N VAL C 167 4.48 -5.32 49.74
CA VAL C 167 4.72 -5.83 48.37
C VAL C 167 3.38 -6.41 47.90
N PHE C 168 3.38 -7.40 46.99
CA PHE C 168 2.12 -7.93 46.42
C PHE C 168 1.65 -9.12 47.26
N ASP C 169 0.44 -8.99 47.79
CA ASP C 169 -0.32 -10.06 48.48
C ASP C 169 -1.61 -10.25 47.69
N PRO C 170 -1.81 -11.40 47.05
CA PRO C 170 -3.01 -11.61 46.25
C PRO C 170 -4.37 -11.53 46.97
N ASN C 171 -4.41 -11.56 48.31
CA ASN C 171 -5.66 -11.44 49.12
C ASN C 171 -6.08 -9.96 49.30
N LEU C 172 -5.20 -8.99 49.04
CA LEU C 172 -5.45 -7.59 49.47
C LEU C 172 -6.06 -6.75 48.33
N LYS C 173 -7.36 -6.97 48.06
CA LYS C 173 -8.04 -6.40 46.88
C LYS C 173 -9.07 -5.39 47.37
N GLY C 174 -9.38 -4.41 46.52
CA GLY C 174 -10.56 -3.55 46.66
C GLY C 174 -11.05 -3.05 45.31
N THR C 175 -12.11 -2.26 45.31
CA THR C 175 -12.67 -1.55 44.14
C THR C 175 -12.89 -0.11 44.56
N LEU C 176 -12.69 0.83 43.65
CA LEU C 176 -12.76 2.28 43.91
C LEU C 176 -14.23 2.71 43.88
N THR C 177 -14.89 2.71 45.04
CA THR C 177 -16.37 2.80 45.09
C THR C 177 -16.83 4.10 45.75
N ALA C 178 -15.91 5.00 46.10
CA ALA C 178 -16.21 6.27 46.78
C ALA C 178 -15.11 7.29 46.47
N ASP C 179 -15.54 8.51 46.21
CA ASP C 179 -14.70 9.68 45.95
C ASP C 179 -14.05 10.14 47.26
N GLY C 180 -12.76 10.44 47.22
CA GLY C 180 -12.05 11.22 48.25
C GLY C 180 -11.79 10.46 49.54
N VAL C 181 -11.68 9.13 49.55
CA VAL C 181 -11.51 8.37 50.83
C VAL C 181 -10.52 7.20 50.73
N PHE C 182 -10.21 6.76 49.52
CA PHE C 182 -9.18 5.73 49.21
C PHE C 182 -7.82 6.43 49.10
N PRO C 183 -6.94 6.28 50.10
CA PRO C 183 -5.65 6.99 50.06
C PRO C 183 -4.84 6.54 48.84
N VAL C 184 -4.29 7.49 48.10
CA VAL C 184 -3.37 7.18 46.95
C VAL C 184 -2.23 6.29 47.44
N GLU C 185 -1.68 6.58 48.61
CA GLU C 185 -0.50 5.86 49.15
C GLU C 185 -0.84 4.44 49.59
N ALA C 186 -2.11 4.05 49.61
CA ALA C 186 -2.53 2.70 50.07
C ALA C 186 -3.10 1.83 48.94
N TRP C 187 -3.54 2.40 47.82
CA TRP C 187 -4.20 1.65 46.71
C TRP C 187 -3.59 2.03 45.35
N GLY C 188 -3.40 1.06 44.47
CA GLY C 188 -3.12 1.33 43.05
C GLY C 188 -3.91 0.39 42.14
N PRO C 189 -3.90 0.59 40.81
CA PRO C 189 -4.67 -0.27 39.90
C PRO C 189 -4.20 -1.72 40.00
N ASP C 190 -5.16 -2.65 40.06
CA ASP C 190 -4.90 -4.12 40.03
C ASP C 190 -4.68 -4.55 38.59
N PRO C 191 -3.43 -4.91 38.18
CA PRO C 191 -3.17 -5.42 36.83
C PRO C 191 -3.71 -6.84 36.64
N PHE C 192 -4.05 -7.55 37.72
CA PHE C 192 -4.62 -8.92 37.65
C PHE C 192 -6.10 -8.85 37.22
N LYS C 193 -6.72 -7.66 37.26
CA LYS C 193 -8.16 -7.49 36.94
C LYS C 193 -8.27 -6.33 35.95
N ASN C 194 -9.28 -5.47 36.05
CA ASN C 194 -9.41 -4.29 35.14
C ASN C 194 -9.41 -4.72 33.66
N GLU C 195 -9.98 -5.88 33.31
CA GLU C 195 -10.21 -6.26 31.89
C GLU C 195 -11.18 -5.28 31.21
N ASN C 196 -12.01 -4.58 31.98
CA ASN C 196 -13.08 -3.69 31.46
C ASN C 196 -12.75 -2.23 31.82
N THR C 197 -11.49 -1.93 32.09
CA THR C 197 -11.00 -0.58 32.43
C THR C 197 -9.63 -0.36 31.78
N ARG C 198 -9.36 0.86 31.37
CA ARG C 198 -8.02 1.29 30.90
C ARG C 198 -7.47 2.31 31.91
N TYR C 199 -6.28 2.06 32.42
CA TYR C 199 -5.64 2.97 33.40
C TYR C 199 -4.26 3.32 32.88
N PHE C 200 -3.84 4.53 33.21
CA PHE C 200 -2.56 5.12 32.79
C PHE C 200 -2.02 5.95 33.97
N GLY C 201 -0.75 5.75 34.35
CA GLY C 201 -0.16 6.54 35.46
C GLY C 201 1.31 6.84 35.29
N GLN C 202 1.75 7.95 35.89
CA GLN C 202 3.17 8.38 35.92
C GLN C 202 3.46 8.94 37.30
N TYR C 203 4.55 8.50 37.89
CA TYR C 203 5.06 9.05 39.15
C TYR C 203 6.43 9.65 38.89
N THR C 204 6.65 10.89 39.34
CA THR C 204 7.99 11.51 39.40
C THR C 204 8.21 11.92 40.85
N GLY C 205 9.24 11.39 41.50
CA GLY C 205 9.42 11.56 42.95
C GLY C 205 10.18 12.83 43.28
N GLY C 206 10.68 12.91 44.51
CA GLY C 206 11.47 14.05 44.99
C GLY C 206 10.56 15.07 45.64
N THR C 207 11.16 16.00 46.37
CA THR C 207 10.51 17.14 47.06
C THR C 207 10.97 18.50 46.48
N GLN C 208 12.07 18.55 45.73
CA GLN C 208 12.53 19.78 45.00
C GLN C 208 12.53 19.57 43.49
N THR C 209 11.85 18.53 43.02
CA THR C 209 11.73 18.26 41.56
C THR C 209 10.79 19.25 40.91
N PRO C 210 11.20 19.83 39.76
CA PRO C 210 10.29 20.66 38.99
C PRO C 210 9.12 19.89 38.40
N PRO C 211 7.87 20.32 38.63
CA PRO C 211 6.72 19.73 37.98
C PRO C 211 6.80 20.00 36.46
N VAL C 212 6.45 19.00 35.67
CA VAL C 212 6.33 19.07 34.18
C VAL C 212 4.92 18.66 33.78
N LEU C 213 4.13 19.62 33.31
CA LEU C 213 2.74 19.36 32.89
C LEU C 213 2.54 19.93 31.49
N THR C 214 1.82 19.19 30.65
CA THR C 214 1.37 19.67 29.33
C THR C 214 -0.15 19.66 29.29
N PHE C 215 -0.72 20.47 28.41
CA PHE C 215 -2.18 20.57 28.19
C PHE C 215 -2.41 20.94 26.73
N THR C 216 -3.34 20.25 26.10
CA THR C 216 -3.76 20.58 24.72
C THR C 216 -5.16 20.00 24.56
N ASN C 217 -5.92 20.54 23.61
CA ASN C 217 -7.28 20.00 23.31
C ASN C 217 -7.19 19.08 22.07
N THR C 218 -5.98 18.67 21.66
CA THR C 218 -5.74 18.00 20.35
C THR C 218 -5.27 16.55 20.52
N GLN C 219 -5.16 16.01 21.73
CA GLN C 219 -4.61 14.64 21.96
C GLN C 219 -5.77 13.68 22.23
N THR C 220 -5.84 12.57 21.50
CA THR C 220 -6.87 11.54 21.74
C THR C 220 -6.17 10.26 22.15
N THR C 221 -6.69 9.56 23.16
CA THR C 221 -6.27 8.22 23.58
C THR C 221 -7.35 7.23 23.13
N ILE C 222 -6.95 6.19 22.40
CA ILE C 222 -7.87 5.12 21.91
C ILE C 222 -8.05 4.11 23.04
N LEU C 223 -9.28 3.72 23.33
CA LEU C 223 -9.59 2.89 24.52
C LEU C 223 -9.87 1.44 24.12
N LEU C 224 -9.76 1.12 22.83
CA LEU C 224 -10.02 -0.23 22.29
C LEU C 224 -8.88 -1.16 22.73
N ASP C 225 -9.18 -2.43 23.04
CA ASP C 225 -8.15 -3.46 23.39
C ASP C 225 -7.65 -4.14 22.10
N GLU C 226 -6.78 -5.14 22.24
CA GLU C 226 -6.12 -5.88 21.12
C GLU C 226 -7.21 -6.47 20.18
N ASN C 227 -8.38 -6.79 20.73
CA ASN C 227 -9.54 -7.37 20.00
C ASN C 227 -10.49 -6.28 19.48
N GLY C 228 -10.13 -5.00 19.62
CA GLY C 228 -10.95 -3.88 19.12
C GLY C 228 -12.16 -3.59 19.98
N VAL C 229 -12.14 -3.95 21.26
CA VAL C 229 -13.29 -3.70 22.19
C VAL C 229 -12.85 -2.65 23.22
N GLY C 230 -13.64 -1.60 23.40
CA GLY C 230 -13.45 -0.63 24.49
C GLY C 230 -14.17 -1.07 25.77
N PRO C 231 -13.98 -0.39 26.92
CA PRO C 231 -14.77 -0.66 28.12
C PRO C 231 -16.28 -0.64 27.84
N LEU C 232 -17.00 -1.61 28.42
CA LEU C 232 -18.45 -1.82 28.20
C LEU C 232 -19.17 -1.41 29.46
N CYS C 233 -20.04 -0.39 29.37
CA CYS C 233 -20.56 0.36 30.54
C CYS C 233 -21.67 -0.45 31.23
N LYS C 234 -21.32 -1.15 32.31
CA LYS C 234 -22.29 -2.01 33.06
C LYS C 234 -23.28 -1.09 33.75
N GLY C 235 -24.57 -1.43 33.63
CA GLY C 235 -25.70 -0.65 34.14
C GLY C 235 -25.81 0.72 33.51
N ASP C 236 -25.22 0.94 32.33
CA ASP C 236 -25.20 2.24 31.61
C ASP C 236 -24.46 3.28 32.46
N GLY C 237 -23.40 2.86 33.16
CA GLY C 237 -22.52 3.74 33.94
C GLY C 237 -21.14 3.82 33.33
N LEU C 238 -20.57 5.03 33.25
CA LEU C 238 -19.16 5.24 32.83
C LEU C 238 -18.39 5.69 34.07
N PHE C 239 -17.32 4.97 34.40
CA PHE C 239 -16.58 5.09 35.68
C PHE C 239 -15.27 5.80 35.35
N LEU C 240 -15.16 7.01 35.87
CA LEU C 240 -13.96 7.88 35.72
C LEU C 240 -13.24 7.96 37.05
N SER C 241 -11.93 7.79 37.04
CA SER C 241 -11.06 7.87 38.24
C SER C 241 -9.77 8.65 37.90
N CYS C 242 -9.23 9.37 38.87
CA CYS C 242 -7.89 10.00 38.75
C CYS C 242 -7.29 10.34 40.11
N ALA C 243 -6.00 10.67 40.05
CA ALA C 243 -5.26 11.42 41.07
C ALA C 243 -4.23 12.29 40.32
N ASP C 244 -4.16 13.58 40.66
CA ASP C 244 -3.27 14.58 40.02
C ASP C 244 -2.55 15.39 41.09
N ILE C 245 -1.56 14.77 41.72
CA ILE C 245 -0.65 15.43 42.70
C ILE C 245 0.36 16.20 41.87
N VAL C 246 0.39 17.51 42.00
CA VAL C 246 1.31 18.37 41.21
C VAL C 246 2.64 18.48 41.95
N GLY C 247 2.59 18.48 43.28
CA GLY C 247 3.79 18.60 44.13
C GLY C 247 3.42 19.21 45.48
N PHE C 248 4.36 19.94 46.06
CA PHE C 248 4.24 20.49 47.43
C PHE C 248 4.27 22.01 47.41
N PHE C 249 3.38 22.59 48.22
CA PHE C 249 3.38 24.01 48.62
C PHE C 249 4.18 24.14 49.92
N THR C 250 5.17 25.02 49.93
CA THR C 250 6.05 25.28 51.11
C THR C 250 5.77 26.68 51.67
N GLN C 251 5.31 26.76 52.92
CA GLN C 251 5.11 28.05 53.66
C GLN C 251 6.47 28.67 54.06
N HIS C 252 6.46 29.94 54.45
CA HIS C 252 7.64 30.64 55.05
C HIS C 252 8.19 29.83 56.22
N ASN C 253 7.33 29.20 57.01
CA ASN C 253 7.79 28.48 58.22
C ASN C 253 8.13 27.02 57.89
N LYS C 254 8.19 26.68 56.60
CA LYS C 254 8.71 25.41 56.02
C LYS C 254 7.70 24.27 56.14
N LYS C 255 6.48 24.56 56.59
CA LYS C 255 5.38 23.56 56.52
C LYS C 255 5.05 23.32 55.05
N MET C 256 4.81 22.05 54.72
CA MET C 256 4.56 21.60 53.34
C MET C 256 3.22 20.89 53.23
N SER C 257 2.50 21.17 52.15
CA SER C 257 1.20 20.55 51.80
C SER C 257 1.23 20.03 50.36
N PHE C 258 0.50 18.96 50.09
CA PHE C 258 0.17 18.51 48.72
C PHE C 258 -0.66 19.59 48.01
N ARG C 259 -0.36 19.82 46.73
CA ARG C 259 -1.22 20.64 45.84
C ARG C 259 -1.64 19.73 44.70
N GLY C 260 -2.93 19.71 44.41
CA GLY C 260 -3.53 18.94 43.31
C GLY C 260 -4.29 19.83 42.35
N LEU C 261 -4.62 19.26 41.20
CA LEU C 261 -5.38 19.94 40.13
C LEU C 261 -6.49 19.03 39.63
N PRO C 262 -7.59 19.66 39.17
CA PRO C 262 -8.70 18.94 38.58
C PRO C 262 -8.32 18.45 37.18
N ARG C 263 -9.04 17.42 36.74
CA ARG C 263 -8.84 16.72 35.47
C ARG C 263 -10.17 16.75 34.71
N TYR C 264 -10.03 17.03 33.43
CA TYR C 264 -11.10 17.05 32.43
C TYR C 264 -11.10 15.71 31.69
N PHE C 265 -12.31 15.21 31.45
CA PHE C 265 -12.54 13.98 30.63
C PHE C 265 -13.49 14.36 29.50
N ARG C 266 -13.14 14.00 28.28
CA ARG C 266 -14.11 13.81 27.17
C ARG C 266 -14.05 12.35 26.75
N VAL C 267 -15.20 11.67 26.73
CA VAL C 267 -15.29 10.23 26.35
C VAL C 267 -16.33 10.10 25.24
N THR C 268 -15.94 9.43 24.17
CA THR C 268 -16.79 9.05 23.00
C THR C 268 -17.16 7.58 23.16
N LEU C 269 -18.46 7.30 23.08
CA LEU C 269 -19.01 5.94 23.29
C LEU C 269 -19.89 5.62 22.09
N ARG C 270 -19.88 4.35 21.69
CA ARG C 270 -20.72 3.81 20.60
C ARG C 270 -21.58 2.68 21.16
N LYS C 271 -22.63 2.28 20.45
CA LYS C 271 -23.50 1.17 20.88
C LYS C 271 -22.88 -0.15 20.42
N ARG C 272 -22.84 -1.11 21.32
CA ARG C 272 -22.31 -2.48 21.07
C ARG C 272 -23.37 -3.50 21.47
N VAL C 273 -23.62 -4.46 20.58
CA VAL C 273 -24.50 -5.64 20.86
C VAL C 273 -23.64 -6.64 21.61
N VAL C 274 -24.17 -7.19 22.69
CA VAL C 274 -23.54 -8.24 23.55
C VAL C 274 -24.58 -9.35 23.80
N LYS C 275 -24.12 -10.58 24.04
CA LYS C 275 -24.97 -11.81 24.10
C LYS C 275 -25.80 -11.80 25.39
N ILE D 7 -22.05 26.36 13.00
CA ILE D 7 -21.66 26.42 11.56
C ILE D 7 -21.85 25.02 10.96
N GLU D 8 -22.70 24.90 9.93
CA GLU D 8 -22.78 23.69 9.05
C GLU D 8 -21.59 23.74 8.10
N VAL D 9 -20.61 22.86 8.28
CA VAL D 9 -19.33 22.89 7.51
C VAL D 9 -19.51 22.08 6.24
N LEU D 10 -19.19 22.64 5.08
CA LEU D 10 -19.32 21.95 3.77
C LEU D 10 -17.94 21.74 3.13
N ALA D 11 -17.85 21.82 1.81
CA ALA D 11 -16.65 21.47 1.03
C ALA D 11 -15.56 22.53 1.24
N VAL D 12 -14.31 22.13 1.15
CA VAL D 12 -13.16 23.08 0.95
C VAL D 12 -13.32 23.70 -0.43
N ARG D 13 -13.23 25.04 -0.52
CA ARG D 13 -13.23 25.80 -1.81
C ARG D 13 -11.78 25.87 -2.32
N THR D 14 -11.50 25.23 -3.44
CA THR D 14 -10.19 25.23 -4.15
C THR D 14 -10.15 26.40 -5.17
N GLY D 15 -8.99 26.64 -5.78
CA GLY D 15 -8.83 27.68 -6.81
C GLY D 15 -7.67 28.63 -6.52
N PRO D 16 -7.32 29.51 -7.48
CA PRO D 16 -6.05 30.24 -7.46
C PRO D 16 -5.68 30.98 -6.16
N ASP D 17 -6.65 31.64 -5.52
CA ASP D 17 -6.42 32.44 -4.27
C ASP D 17 -7.08 31.76 -3.06
N SER D 18 -7.21 30.43 -3.08
CA SER D 18 -7.99 29.66 -2.07
C SER D 18 -7.15 29.42 -0.80
N ILE D 19 -5.83 29.59 -0.88
CA ILE D 19 -4.86 29.36 0.24
C ILE D 19 -4.16 30.68 0.51
N THR D 20 -3.98 31.06 1.76
CA THR D 20 -3.20 32.28 2.12
C THR D 20 -2.38 31.97 3.36
N GLU D 21 -1.30 32.69 3.58
CA GLU D 21 -0.42 32.52 4.77
C GLU D 21 -0.39 33.87 5.47
N ILE D 22 -0.56 33.90 6.78
CA ILE D 22 -0.30 35.16 7.53
C ILE D 22 0.87 34.94 8.48
N GLU D 23 1.64 35.98 8.73
CA GLU D 23 2.74 35.96 9.73
C GLU D 23 2.39 37.03 10.76
N ALA D 24 2.61 36.73 12.04
CA ALA D 24 2.37 37.71 13.13
C ALA D 24 3.32 37.39 14.28
N TYR D 25 3.49 38.34 15.15
CA TYR D 25 4.21 38.18 16.43
C TYR D 25 3.28 38.67 17.52
N LEU D 26 3.41 38.04 18.68
CA LEU D 26 2.91 38.58 19.95
C LEU D 26 4.11 38.79 20.87
N ASN D 27 4.28 40.03 21.31
CA ASN D 27 5.25 40.40 22.37
C ASN D 27 4.71 39.97 23.72
N PRO D 28 5.62 39.59 24.64
CA PRO D 28 5.22 39.17 25.98
C PRO D 28 4.68 40.34 26.81
N ARG D 29 3.80 39.99 27.76
CA ARG D 29 3.22 40.94 28.73
C ARG D 29 3.59 40.44 30.14
N MET D 30 4.89 40.53 30.48
CA MET D 30 5.45 40.05 31.78
C MET D 30 5.18 41.03 32.94
N GLY D 31 4.85 42.28 32.63
CA GLY D 31 4.27 43.19 33.65
C GLY D 31 4.83 44.59 33.54
N GLN D 32 6.11 44.74 33.24
CA GLN D 32 6.72 46.08 33.09
C GLN D 32 6.21 46.73 31.80
N PRO D 33 6.05 48.07 31.81
CA PRO D 33 5.51 48.80 30.66
C PRO D 33 6.30 48.65 29.35
N GLN D 34 5.58 48.62 28.23
CA GLN D 34 6.15 48.66 26.86
C GLN D 34 7.06 49.86 26.69
N ASN D 35 8.16 49.66 25.95
CA ASN D 35 9.04 50.72 25.42
C ASN D 35 9.69 51.50 26.57
N GLU D 36 9.73 50.91 27.76
CA GLU D 36 10.56 51.39 28.90
C GLU D 36 11.61 50.31 29.18
N ASP D 37 12.55 50.60 30.08
CA ASP D 37 13.87 49.93 30.18
C ASP D 37 13.70 48.46 30.58
N PHE D 38 12.56 48.08 31.16
CA PHE D 38 12.37 46.71 31.69
C PHE D 38 11.33 45.97 30.84
N TYR D 39 11.06 46.44 29.60
CA TYR D 39 10.14 45.75 28.65
C TYR D 39 10.65 44.32 28.46
N GLY D 40 9.76 43.33 28.69
CA GLY D 40 10.09 41.91 28.55
C GLY D 40 10.27 41.26 29.90
N PHE D 41 10.34 42.05 30.96
CA PHE D 41 10.41 41.60 32.37
C PHE D 41 9.12 41.90 33.13
N SER D 42 8.92 41.18 34.23
CA SER D 42 8.09 41.69 35.34
C SER D 42 8.94 42.68 36.16
N ASP D 43 8.27 43.50 36.98
CA ASP D 43 8.89 44.15 38.16
C ASP D 43 9.23 43.06 39.19
N ASN D 44 10.09 43.41 40.13
CA ASN D 44 10.62 42.48 41.15
C ASN D 44 9.49 41.95 42.01
N VAL D 45 9.43 40.62 42.17
CA VAL D 45 8.27 39.91 42.78
C VAL D 45 8.35 40.03 44.31
N THR D 46 7.30 40.57 44.90
CA THR D 46 7.10 40.58 46.36
C THR D 46 6.24 39.38 46.72
N VAL D 47 6.38 38.91 47.96
CA VAL D 47 5.71 37.68 48.46
C VAL D 47 4.93 38.00 49.75
N SER D 48 3.69 37.55 49.81
CA SER D 48 2.77 37.69 50.96
C SER D 48 3.16 36.71 52.07
N ASP D 49 2.74 36.99 53.29
CA ASP D 49 3.06 36.16 54.49
C ASP D 49 1.96 35.13 54.71
N ASP D 50 0.80 35.32 54.09
CA ASP D 50 -0.47 34.59 54.38
C ASP D 50 -1.37 34.77 53.15
N PHE D 51 -2.20 33.77 52.82
CA PHE D 51 -3.17 33.79 51.69
C PHE D 51 -4.19 34.90 51.96
N GLY D 52 -4.49 35.18 53.23
CA GLY D 52 -5.49 36.19 53.62
C GLY D 52 -4.99 37.62 53.47
N SER D 53 -3.69 37.85 53.28
CA SER D 53 -3.10 39.22 53.12
C SER D 53 -2.17 39.20 51.90
N ASP D 54 -2.72 38.75 50.79
CA ASP D 54 -2.00 38.42 49.54
C ASP D 54 -2.53 39.37 48.48
N ALA D 55 -1.71 40.29 48.00
CA ALA D 55 -2.07 41.27 46.95
C ALA D 55 -0.89 41.45 46.00
N PRO D 56 -0.85 40.71 44.87
CA PRO D 56 0.23 40.84 43.89
C PRO D 56 0.11 42.21 43.23
N PRO D 57 1.08 43.13 43.43
CA PRO D 57 0.99 44.46 42.86
C PRO D 57 1.04 44.40 41.33
N TRP D 58 0.34 45.33 40.67
CA TRP D 58 0.43 45.50 39.20
C TRP D 58 1.90 45.64 38.79
N LYS D 59 2.27 44.88 37.75
CA LYS D 59 3.59 44.80 37.09
C LYS D 59 4.40 43.60 37.60
N GLN D 60 3.99 42.94 38.69
CA GLN D 60 4.82 41.85 39.29
C GLN D 60 4.38 40.47 38.78
N PHE D 61 3.47 40.37 37.81
CA PHE D 61 2.98 39.04 37.31
C PHE D 61 2.64 39.16 35.85
N PRO D 62 2.93 38.09 35.06
CA PRO D 62 2.66 38.10 33.63
C PRO D 62 1.17 37.92 33.34
N CYS D 63 0.78 38.54 32.23
CA CYS D 63 -0.55 38.41 31.62
C CYS D 63 -0.44 37.74 30.24
N TYR D 64 -1.55 37.20 29.73
CA TYR D 64 -1.66 36.59 28.40
C TYR D 64 -1.53 37.69 27.34
N SER D 65 -0.83 37.35 26.26
CA SER D 65 -0.76 38.09 24.98
C SER D 65 -1.87 37.62 24.03
N THR D 66 -2.53 38.55 23.35
CA THR D 66 -3.59 38.16 22.38
C THR D 66 -3.70 39.24 21.28
N ALA D 67 -4.00 38.82 20.04
CA ALA D 67 -4.29 39.71 18.89
C ALA D 67 -5.35 39.06 18.00
N ARG D 68 -6.23 39.88 17.44
CA ARG D 68 -7.08 39.47 16.28
C ARG D 68 -6.37 39.95 15.02
N ILE D 69 -6.01 39.03 14.14
CA ILE D 69 -5.42 39.37 12.81
C ILE D 69 -6.57 39.53 11.82
N SER D 70 -6.64 40.69 11.16
CA SER D 70 -7.60 40.93 10.05
C SER D 70 -7.12 40.15 8.83
N LEU D 71 -8.00 39.37 8.20
CA LEU D 71 -7.56 38.45 7.12
C LEU D 71 -7.80 39.08 5.76
N PRO D 72 -7.15 38.56 4.69
CA PRO D 72 -7.39 39.08 3.33
C PRO D 72 -8.86 38.88 2.92
N MET D 73 -9.40 39.78 2.10
CA MET D 73 -10.76 39.67 1.49
C MET D 73 -10.90 38.25 0.89
N LEU D 74 -12.09 37.65 1.02
CA LEU D 74 -12.39 36.26 0.58
C LEU D 74 -12.90 36.25 -0.87
N ASN D 75 -13.45 37.36 -1.36
CA ASN D 75 -14.06 37.43 -2.71
C ASN D 75 -15.25 36.46 -2.69
N GLN D 76 -16.25 36.77 -1.88
CA GLN D 76 -17.44 35.91 -1.64
C GLN D 76 -18.20 35.71 -2.95
N ASP D 77 -18.90 34.59 -3.09
CA ASP D 77 -19.90 34.37 -4.17
C ASP D 77 -21.18 35.12 -3.77
N MET D 78 -21.41 36.29 -4.37
CA MET D 78 -22.46 37.28 -3.99
C MET D 78 -23.84 36.62 -4.00
N THR D 79 -24.10 35.73 -4.98
CA THR D 79 -25.45 35.14 -5.24
C THR D 79 -25.54 33.73 -4.65
N SER D 80 -24.49 33.21 -4.01
CA SER D 80 -24.50 31.86 -3.38
C SER D 80 -25.29 31.89 -2.08
N ASP D 81 -26.02 30.81 -1.76
CA ASP D 81 -26.69 30.63 -0.45
C ASP D 81 -25.65 30.42 0.67
N THR D 82 -24.47 29.90 0.34
CA THR D 82 -23.38 29.59 1.30
C THR D 82 -22.45 30.80 1.49
N ILE D 83 -21.51 30.68 2.45
CA ILE D 83 -20.52 31.70 2.87
C ILE D 83 -19.15 31.04 2.80
N LEU D 84 -18.11 31.74 2.30
CA LEU D 84 -16.70 31.32 2.45
C LEU D 84 -16.18 31.81 3.82
N MET D 85 -15.43 30.96 4.51
CA MET D 85 -14.68 31.32 5.75
C MET D 85 -13.25 30.83 5.56
N TRP D 86 -12.30 31.60 6.09
CA TRP D 86 -10.89 31.16 6.18
C TRP D 86 -10.85 30.06 7.24
N GLU D 87 -10.26 28.92 6.89
CA GLU D 87 -10.03 27.77 7.81
C GLU D 87 -8.52 27.65 8.02
N ALA D 88 -8.06 27.82 9.25
CA ALA D 88 -6.66 27.60 9.69
C ALA D 88 -6.37 26.09 9.69
N ILE D 89 -5.52 25.63 8.76
CA ILE D 89 -5.23 24.20 8.55
C ILE D 89 -3.91 23.82 9.24
N SER D 90 -2.95 24.73 9.33
CA SER D 90 -1.61 24.45 9.92
C SER D 90 -0.94 25.73 10.34
N CYS D 91 0.10 25.58 11.16
CA CYS D 91 0.86 26.73 11.65
C CYS D 91 2.31 26.31 11.88
N ARG D 92 3.21 27.27 11.77
CA ARG D 92 4.54 27.20 12.40
C ARG D 92 4.53 28.25 13.50
N THR D 93 5.04 27.91 14.66
CA THR D 93 5.19 28.90 15.76
C THR D 93 6.58 28.73 16.34
N GLU D 94 7.21 29.84 16.70
CA GLU D 94 8.62 29.82 17.16
C GLU D 94 8.71 30.79 18.32
N VAL D 95 9.35 30.42 19.43
CA VAL D 95 9.74 31.41 20.46
C VAL D 95 10.93 32.16 19.86
N MET D 96 10.86 33.49 19.72
CA MET D 96 11.98 34.28 19.17
C MET D 96 12.85 34.81 20.32
N GLY D 97 14.08 35.17 19.99
CA GLY D 97 15.05 35.79 20.91
C GLY D 97 15.68 34.79 21.87
N VAL D 98 15.64 33.49 21.57
CA VAL D 98 16.25 32.46 22.48
C VAL D 98 17.74 32.79 22.63
N ASN D 99 18.36 33.22 21.54
CA ASN D 99 19.75 33.74 21.50
C ASN D 99 20.11 34.63 22.72
N MET D 100 19.21 35.50 23.16
CA MET D 100 19.50 36.52 24.19
C MET D 100 19.87 35.83 25.51
N LEU D 101 19.43 34.59 25.71
CA LEU D 101 19.61 33.89 27.01
C LEU D 101 21.06 33.39 27.15
N THR D 102 21.91 33.51 26.13
CA THR D 102 23.40 33.30 26.23
C THR D 102 24.05 34.47 27.01
N ASN D 103 23.31 35.54 27.34
CA ASN D 103 23.80 36.69 28.12
C ASN D 103 23.92 36.26 29.59
N VAL D 104 25.13 36.17 30.11
CA VAL D 104 25.40 35.96 31.56
C VAL D 104 26.26 37.12 32.12
N HIS D 105 26.15 38.34 31.59
CA HIS D 105 26.94 39.52 32.07
C HIS D 105 26.04 40.66 32.59
N SER D 106 24.77 40.72 32.24
CA SER D 106 23.91 41.91 32.51
C SER D 106 23.29 41.82 33.90
N ALA D 107 23.97 42.38 34.92
CA ALA D 107 23.46 42.77 36.25
C ALA D 107 22.89 41.56 36.99
N GLN D 108 23.53 40.41 36.82
CA GLN D 108 22.99 39.11 37.31
C GLN D 108 23.76 38.66 38.53
N LYS D 109 23.05 38.13 39.50
CA LYS D 109 23.63 37.42 40.66
C LYS D 109 24.69 36.44 40.11
N ARG D 110 25.87 36.36 40.73
CA ARG D 110 26.97 35.58 40.11
C ARG D 110 26.96 34.16 40.67
N VAL D 111 27.53 33.23 39.92
CA VAL D 111 27.67 31.81 40.36
C VAL D 111 28.40 31.80 41.70
N TYR D 112 29.46 32.60 41.87
CA TYR D 112 30.25 32.57 43.12
C TYR D 112 30.13 33.94 43.76
N GLU D 113 28.92 34.26 44.21
CA GLU D 113 28.55 35.63 44.65
C GLU D 113 29.48 36.06 45.79
N ASN D 114 29.79 35.16 46.73
CA ASN D 114 30.68 35.46 47.89
C ASN D 114 32.08 35.87 47.42
N ASP D 115 32.57 35.28 46.33
CA ASP D 115 33.94 35.53 45.80
C ASP D 115 33.87 36.68 44.77
N ARG D 116 32.68 37.26 44.58
CA ARG D 116 32.38 38.23 43.50
C ARG D 116 32.96 37.72 42.16
N GLU D 117 32.74 36.45 41.82
CA GLU D 117 33.40 35.81 40.65
C GLU D 117 32.42 34.88 39.93
N GLY D 118 32.73 34.56 38.68
CA GLY D 118 31.97 33.66 37.83
C GLY D 118 31.04 34.44 36.93
N THR D 119 30.35 33.71 36.07
CA THR D 119 29.30 34.28 35.20
C THR D 119 28.12 34.68 36.08
N GLY D 120 27.22 35.49 35.53
CA GLY D 120 25.85 35.54 36.04
C GLY D 120 25.23 34.14 36.03
N ILE D 121 24.24 33.92 36.88
CA ILE D 121 23.45 32.65 36.84
C ILE D 121 22.51 32.60 35.62
N GLY D 122 22.34 33.70 34.88
CA GLY D 122 21.45 33.78 33.71
C GLY D 122 19.99 33.63 34.09
N VAL D 123 19.12 33.43 33.11
CA VAL D 123 17.66 33.18 33.35
C VAL D 123 17.50 31.72 33.78
N GLU D 124 16.82 31.48 34.90
CA GLU D 124 16.44 30.09 35.29
C GLU D 124 15.14 30.10 36.08
N GLY D 125 14.58 28.91 36.23
CA GLY D 125 13.31 28.64 36.92
C GLY D 125 12.24 28.31 35.91
N MET D 126 11.03 28.77 36.16
CA MET D 126 9.87 28.15 35.50
C MET D 126 9.77 28.61 34.03
N GLY D 127 9.42 27.65 33.19
CA GLY D 127 9.01 27.84 31.82
C GLY D 127 7.53 27.59 31.69
N TYR D 128 6.78 28.57 31.21
CA TYR D 128 5.36 28.35 30.86
C TYR D 128 5.20 28.80 29.42
N HIS D 129 4.87 27.87 28.55
CA HIS D 129 4.84 28.12 27.09
C HIS D 129 3.53 27.57 26.56
N MET D 130 2.62 28.47 26.22
CA MET D 130 1.32 28.09 25.63
C MET D 130 1.05 29.02 24.45
N PHE D 131 0.40 28.47 23.43
CA PHE D 131 -0.14 29.25 22.29
C PHE D 131 -1.50 28.64 21.93
N ALA D 132 -2.35 29.47 21.34
CA ALA D 132 -3.71 29.09 20.91
C ALA D 132 -3.95 29.82 19.60
N ILE D 133 -4.50 29.10 18.63
CA ILE D 133 -4.90 29.60 17.29
C ILE D 133 -6.36 29.22 17.11
N GLY D 134 -7.21 30.25 16.94
CA GLY D 134 -8.67 30.06 16.89
C GLY D 134 -9.35 31.01 15.92
N GLY D 135 -10.60 30.68 15.61
CA GLY D 135 -11.50 31.48 14.75
C GLY D 135 -12.34 32.42 15.59
N GLU D 136 -12.10 32.45 16.91
CA GLU D 136 -12.80 33.30 17.89
C GLU D 136 -11.90 33.43 19.13
N PRO D 137 -12.12 34.42 20.02
CA PRO D 137 -11.30 34.59 21.22
C PRO D 137 -11.19 33.29 22.04
N LEU D 138 -10.00 33.04 22.60
CA LEU D 138 -9.75 31.85 23.46
C LEU D 138 -10.73 31.86 24.65
N GLU D 139 -11.39 30.73 24.89
CA GLU D 139 -12.29 30.58 26.05
C GLU D 139 -11.49 30.12 27.27
N LEU D 140 -11.73 30.77 28.40
CA LEU D 140 -10.91 30.64 29.62
C LEU D 140 -11.75 30.04 30.75
N GLN D 141 -11.03 29.29 31.58
CA GLN D 141 -11.45 28.80 32.91
C GLN D 141 -10.63 29.57 33.93
N PHE D 142 -11.30 30.27 34.83
CA PHE D 142 -10.70 30.99 35.98
C PHE D 142 -10.29 29.93 36.99
N MET D 143 -9.03 29.94 37.40
CA MET D 143 -8.49 29.04 38.45
C MET D 143 -7.20 29.64 39.02
N VAL D 144 -7.12 29.76 40.35
CA VAL D 144 -6.04 30.48 41.09
C VAL D 144 -5.47 29.53 42.11
N PHE D 145 -4.20 29.70 42.44
CA PHE D 145 -3.54 29.03 43.59
C PHE D 145 -4.23 29.36 44.93
N ASN D 146 -4.54 30.63 45.15
CA ASN D 146 -5.15 31.22 46.35
C ASN D 146 -6.32 32.14 45.94
N HIS D 147 -7.55 31.77 46.30
CA HIS D 147 -8.79 32.51 45.95
C HIS D 147 -8.83 33.83 46.71
N ARG D 148 -8.16 33.96 47.85
CA ARG D 148 -8.20 35.21 48.66
C ARG D 148 -7.21 36.25 48.14
N ALA D 149 -6.46 35.96 47.07
CA ALA D 149 -5.57 36.94 46.43
C ALA D 149 -6.41 38.10 45.89
N THR D 150 -6.00 39.32 46.19
CA THR D 150 -6.61 40.57 45.66
C THR D 150 -5.72 41.04 44.51
N TYR D 151 -6.22 40.85 43.30
CA TYR D 151 -5.55 41.31 42.05
C TYR D 151 -5.76 42.81 41.90
N PRO D 152 -4.80 43.49 41.25
CA PRO D 152 -4.84 44.94 41.08
C PRO D 152 -6.03 45.34 40.16
N ALA D 153 -6.46 46.60 40.26
CA ALA D 153 -7.51 47.16 39.38
C ALA D 153 -7.12 47.00 37.90
N GLU D 154 -5.83 47.13 37.57
CA GLU D 154 -5.32 47.02 36.17
C GLU D 154 -5.61 45.65 35.54
N ALA D 155 -5.86 44.61 36.35
CA ALA D 155 -5.94 43.19 35.90
C ALA D 155 -7.41 42.83 35.71
N THR D 156 -7.69 42.00 34.71
CA THR D 156 -9.03 41.40 34.51
C THR D 156 -9.06 40.03 35.18
N VAL D 157 -9.87 39.92 36.24
CA VAL D 157 -10.08 38.71 37.10
C VAL D 157 -11.57 38.63 37.43
N ILE D 158 -12.01 37.51 38.01
CA ILE D 158 -13.29 37.40 38.75
C ILE D 158 -13.00 37.79 40.20
N LYS D 159 -13.58 38.90 40.64
CA LYS D 159 -13.37 39.44 42.00
C LYS D 159 -14.10 38.52 42.98
N ASN D 160 -13.56 38.37 44.18
CA ASN D 160 -14.11 37.53 45.28
C ASN D 160 -14.60 36.20 44.70
N PRO D 161 -13.75 35.39 44.01
CA PRO D 161 -14.24 34.22 43.27
C PRO D 161 -14.66 33.01 44.12
N GLY D 162 -14.25 32.97 45.38
CA GLY D 162 -14.63 31.92 46.34
C GLY D 162 -13.63 30.76 46.32
N ALA D 163 -13.70 29.91 47.34
CA ALA D 163 -12.79 28.77 47.57
C ALA D 163 -12.83 27.79 46.39
N SER D 164 -13.96 27.64 45.68
CA SER D 164 -14.11 26.70 44.51
C SER D 164 -13.18 27.10 43.36
N SER D 165 -12.71 28.34 43.30
CA SER D 165 -11.82 28.87 42.24
C SER D 165 -10.39 28.32 42.38
N GLN D 166 -10.09 27.60 43.47
CA GLN D 166 -8.77 26.94 43.69
C GLN D 166 -8.73 25.59 42.97
N VAL D 167 -9.87 25.07 42.53
CA VAL D 167 -10.00 23.89 41.65
C VAL D 167 -11.02 24.24 40.56
N PHE D 168 -11.73 23.26 39.95
CA PHE D 168 -12.69 23.53 38.86
C PHE D 168 -14.05 23.92 39.45
N ASP D 169 -14.56 25.08 39.05
CA ASP D 169 -15.94 25.58 39.32
C ASP D 169 -16.53 25.95 37.98
N PRO D 170 -17.57 25.23 37.50
CA PRO D 170 -18.13 25.47 36.17
C PRO D 170 -18.73 26.87 35.98
N ASN D 171 -18.89 27.66 37.05
CA ASN D 171 -19.48 29.03 36.97
C ASN D 171 -18.41 30.07 36.60
N LEU D 172 -17.11 29.73 36.61
CA LEU D 172 -16.01 30.72 36.65
C LEU D 172 -15.33 30.73 35.28
N LYS D 173 -15.99 31.37 34.33
CA LYS D 173 -15.61 31.45 32.90
C LYS D 173 -15.25 32.87 32.50
N GLY D 174 -14.47 32.98 31.43
CA GLY D 174 -14.24 34.24 30.72
C GLY D 174 -13.74 33.94 29.32
N THR D 175 -13.41 34.99 28.60
CA THR D 175 -12.87 34.93 27.22
C THR D 175 -11.72 35.92 27.17
N LEU D 176 -10.65 35.53 26.48
CA LEU D 176 -9.42 36.34 26.30
C LEU D 176 -9.68 37.46 25.27
N THR D 177 -10.22 38.57 25.76
CA THR D 177 -10.78 39.65 24.90
C THR D 177 -9.81 40.82 24.89
N ALA D 178 -8.72 40.78 25.67
CA ALA D 178 -7.78 41.92 25.77
C ALA D 178 -6.36 41.43 26.05
N ASP D 179 -5.40 42.13 25.47
CA ASP D 179 -3.95 41.83 25.57
C ASP D 179 -3.39 42.45 26.85
N GLY D 180 -2.52 41.72 27.54
CA GLY D 180 -1.71 42.27 28.65
C GLY D 180 -2.45 42.45 29.97
N VAL D 181 -3.65 41.90 30.20
CA VAL D 181 -4.43 42.22 31.43
C VAL D 181 -5.04 40.97 32.07
N PHE D 182 -5.06 39.84 31.39
CA PHE D 182 -5.57 38.59 31.96
C PHE D 182 -4.39 37.91 32.66
N PRO D 183 -4.32 37.84 34.02
CA PRO D 183 -3.18 37.19 34.65
C PRO D 183 -3.04 35.71 34.22
N VAL D 184 -1.83 35.32 33.85
CA VAL D 184 -1.56 33.90 33.54
C VAL D 184 -1.95 33.05 34.77
N GLU D 185 -1.67 33.50 35.99
CA GLU D 185 -1.88 32.67 37.21
C GLU D 185 -3.37 32.57 37.59
N ALA D 186 -4.25 33.32 36.93
CA ALA D 186 -5.70 33.37 37.24
C ALA D 186 -6.55 32.72 36.15
N TRP D 187 -6.01 32.50 34.96
CA TRP D 187 -6.78 31.99 33.79
C TRP D 187 -5.99 30.94 33.01
N GLY D 188 -6.71 29.94 32.51
CA GLY D 188 -6.21 28.92 31.59
C GLY D 188 -7.28 28.55 30.57
N PRO D 189 -6.89 27.83 29.51
CA PRO D 189 -7.84 27.42 28.48
C PRO D 189 -8.89 26.47 29.04
N ASP D 190 -10.15 26.76 28.72
CA ASP D 190 -11.36 26.01 29.11
C ASP D 190 -11.51 24.79 28.22
N PRO D 191 -11.21 23.57 28.69
CA PRO D 191 -11.35 22.37 27.86
C PRO D 191 -12.80 21.97 27.53
N PHE D 192 -13.76 22.53 28.26
CA PHE D 192 -15.22 22.30 28.07
C PHE D 192 -15.71 23.11 26.87
N LYS D 193 -14.91 24.07 26.40
CA LYS D 193 -15.25 24.83 25.17
C LYS D 193 -14.07 24.78 24.20
N ASN D 194 -13.80 25.89 23.51
CA ASN D 194 -12.71 26.02 22.53
C ASN D 194 -12.86 24.98 21.43
N GLU D 195 -14.10 24.75 20.97
CA GLU D 195 -14.38 23.85 19.82
C GLU D 195 -13.78 24.47 18.55
N ASN D 196 -13.55 25.79 18.53
CA ASN D 196 -13.11 26.51 17.31
C ASN D 196 -11.71 27.08 17.51
N THR D 197 -10.94 26.54 18.44
CA THR D 197 -9.56 26.96 18.77
C THR D 197 -8.70 25.73 19.09
N ARG D 198 -7.43 25.76 18.71
CA ARG D 198 -6.46 24.71 19.11
C ARG D 198 -5.49 25.37 20.08
N TYR D 199 -5.29 24.76 21.25
CA TYR D 199 -4.30 25.26 22.24
C TYR D 199 -3.33 24.15 22.63
N PHE D 200 -2.16 24.60 23.05
CA PHE D 200 -0.94 23.80 23.34
C PHE D 200 -0.19 24.52 24.46
N GLY D 201 0.11 23.79 25.55
CA GLY D 201 0.72 24.34 26.76
C GLY D 201 1.73 23.38 27.32
N GLN D 202 2.86 23.89 27.74
CA GLN D 202 3.82 23.15 28.59
C GLN D 202 4.23 24.03 29.77
N TYR D 203 4.25 23.43 30.96
CA TYR D 203 4.75 24.02 32.23
C TYR D 203 5.94 23.19 32.74
N THR D 204 7.07 23.85 32.97
CA THR D 204 8.21 23.26 33.72
C THR D 204 8.47 24.16 34.93
N GLY D 205 8.24 23.69 36.15
CA GLY D 205 8.30 24.51 37.36
C GLY D 205 9.73 24.76 37.86
N GLY D 206 9.78 25.29 39.07
CA GLY D 206 11.01 25.56 39.82
C GLY D 206 11.48 27.00 39.67
N THR D 207 12.52 27.30 40.44
CA THR D 207 13.17 28.63 40.48
C THR D 207 14.64 28.51 40.00
N GLN D 208 15.23 27.31 39.98
CA GLN D 208 16.64 27.11 39.52
C GLN D 208 16.67 26.15 38.33
N THR D 209 15.51 25.79 37.77
CA THR D 209 15.41 24.85 36.64
C THR D 209 16.06 25.45 35.40
N PRO D 210 16.85 24.68 34.64
CA PRO D 210 17.46 25.20 33.41
C PRO D 210 16.42 25.38 32.32
N PRO D 211 16.30 26.54 31.66
CA PRO D 211 15.36 26.66 30.57
C PRO D 211 15.84 25.79 29.41
N VAL D 212 14.92 25.18 28.69
CA VAL D 212 15.18 24.34 27.49
C VAL D 212 14.25 24.86 26.39
N LEU D 213 14.83 25.43 25.33
CA LEU D 213 14.03 26.00 24.24
C LEU D 213 14.65 25.58 22.92
N THR D 214 13.82 25.15 21.96
CA THR D 214 14.27 24.83 20.59
C THR D 214 13.66 25.87 19.64
N PHE D 215 14.29 26.07 18.48
CA PHE D 215 13.78 26.95 17.40
C PHE D 215 14.22 26.35 16.06
N THR D 216 13.31 26.40 15.10
CA THR D 216 13.52 25.94 13.71
C THR D 216 12.45 26.57 12.85
N ASN D 217 12.76 26.74 11.56
CA ASN D 217 11.78 27.21 10.56
C ASN D 217 11.25 26.00 9.77
N THR D 218 11.45 24.77 10.26
CA THR D 218 11.13 23.53 9.52
C THR D 218 9.95 22.75 10.13
N GLN D 219 9.36 23.18 11.25
CA GLN D 219 8.38 22.36 12.02
C GLN D 219 6.97 22.93 11.82
N THR D 220 6.00 22.07 11.50
CA THR D 220 4.60 22.45 11.22
C THR D 220 3.64 21.66 12.10
N THR D 221 2.67 22.34 12.69
CA THR D 221 1.59 21.79 13.53
C THR D 221 0.29 21.85 12.70
N ILE D 222 -0.31 20.70 12.45
CA ILE D 222 -1.63 20.58 11.76
C ILE D 222 -2.72 21.00 12.76
N LEU D 223 -3.69 21.80 12.30
CA LEU D 223 -4.74 22.37 13.19
C LEU D 223 -6.10 21.73 12.92
N LEU D 224 -6.17 20.77 12.00
CA LEU D 224 -7.41 20.02 11.66
C LEU D 224 -7.79 19.12 12.85
N ASP D 225 -9.08 19.10 13.15
CA ASP D 225 -9.71 18.22 14.18
C ASP D 225 -9.86 16.81 13.58
N GLU D 226 -10.44 15.87 14.32
CA GLU D 226 -10.77 14.48 13.89
C GLU D 226 -11.64 14.43 12.62
N ASN D 227 -12.40 15.48 12.31
CA ASN D 227 -13.27 15.62 11.11
C ASN D 227 -12.53 16.27 9.92
N GLY D 228 -11.23 16.53 10.03
CA GLY D 228 -10.46 17.23 8.98
C GLY D 228 -10.81 18.71 8.92
N VAL D 229 -11.29 19.31 10.03
CA VAL D 229 -11.72 20.74 10.07
C VAL D 229 -10.82 21.55 11.00
N GLY D 230 -10.24 22.63 10.47
CA GLY D 230 -9.45 23.58 11.29
C GLY D 230 -10.33 24.68 11.85
N PRO D 231 -9.79 25.54 12.72
CA PRO D 231 -10.53 26.71 13.19
C PRO D 231 -11.09 27.52 12.00
N LEU D 232 -12.36 27.87 12.10
CA LEU D 232 -13.08 28.74 11.14
C LEU D 232 -13.18 30.16 11.69
N CYS D 233 -12.65 31.10 10.94
CA CYS D 233 -12.34 32.47 11.38
C CYS D 233 -13.60 33.34 11.28
N LYS D 234 -14.30 33.48 12.41
CA LYS D 234 -15.59 34.21 12.49
C LYS D 234 -15.31 35.71 12.34
N GLY D 235 -16.18 36.39 11.61
CA GLY D 235 -15.96 37.78 11.15
C GLY D 235 -14.61 37.95 10.49
N ASP D 236 -14.02 36.90 9.90
CA ASP D 236 -12.77 37.02 9.09
C ASP D 236 -11.62 37.52 9.98
N GLY D 237 -11.62 37.14 11.25
CA GLY D 237 -10.52 37.38 12.20
C GLY D 237 -9.87 36.06 12.63
N LEU D 238 -8.55 36.05 12.65
CA LEU D 238 -7.77 34.93 13.22
C LEU D 238 -7.28 35.38 14.61
N PHE D 239 -7.55 34.58 15.64
CA PHE D 239 -7.28 34.90 17.06
C PHE D 239 -6.07 34.10 17.51
N LEU D 240 -5.03 34.83 17.84
CA LEU D 240 -3.74 34.26 18.30
C LEU D 240 -3.57 34.67 19.75
N SER D 241 -3.12 33.73 20.58
CA SER D 241 -2.87 33.95 22.02
C SER D 241 -1.61 33.21 22.43
N CYS D 242 -0.91 33.73 23.43
CA CYS D 242 0.22 32.97 24.03
C CYS D 242 0.61 33.56 25.37
N ALA D 243 1.45 32.79 26.09
CA ALA D 243 2.29 33.22 27.22
C ALA D 243 3.59 32.42 27.10
N ASP D 244 4.72 33.10 27.22
CA ASP D 244 6.07 32.51 27.05
C ASP D 244 6.96 33.02 28.16
N ILE D 245 6.70 32.54 29.38
CA ILE D 245 7.57 32.84 30.55
C ILE D 245 8.78 31.92 30.37
N VAL D 246 9.99 32.46 30.33
CA VAL D 246 11.26 31.70 30.08
CA VAL D 246 11.19 31.61 30.09
C VAL D 246 11.85 31.27 31.43
N GLY D 247 11.64 32.10 32.46
CA GLY D 247 12.29 31.91 33.76
C GLY D 247 12.39 33.20 34.53
N PHE D 248 13.22 33.20 35.56
CA PHE D 248 13.49 34.41 36.38
C PHE D 248 14.88 34.99 36.08
N PHE D 249 14.94 36.30 36.16
CA PHE D 249 16.16 37.12 36.26
C PHE D 249 16.41 37.47 37.74
N THR D 250 17.58 37.13 38.25
CA THR D 250 18.02 37.39 39.64
C THR D 250 19.10 38.49 39.66
N GLN D 251 18.81 39.60 40.34
CA GLN D 251 19.76 40.72 40.56
C GLN D 251 20.79 40.28 41.63
N HIS D 252 21.85 41.06 41.76
CA HIS D 252 22.90 40.88 42.80
C HIS D 252 22.27 40.94 44.19
N ASN D 253 21.22 41.75 44.39
CA ASN D 253 20.54 41.93 45.70
C ASN D 253 19.42 40.89 45.84
N LYS D 254 19.35 39.89 44.95
CA LYS D 254 18.46 38.69 44.99
C LYS D 254 17.01 39.02 44.64
N LYS D 255 16.70 40.22 44.16
CA LYS D 255 15.36 40.52 43.63
C LYS D 255 15.16 39.74 42.32
N MET D 256 13.96 39.21 42.11
CA MET D 256 13.70 38.27 41.00
C MET D 256 12.51 38.77 40.20
N SER D 257 12.63 38.70 38.89
CA SER D 257 11.62 39.11 37.91
C SER D 257 11.40 37.99 36.89
N PHE D 258 10.16 37.87 36.44
CA PHE D 258 9.81 37.08 35.24
C PHE D 258 10.52 37.69 34.03
N ARG D 259 11.04 36.83 33.16
CA ARG D 259 11.51 37.23 31.81
C ARG D 259 10.71 36.41 30.80
N GLY D 260 10.17 37.09 29.79
CA GLY D 260 9.41 36.47 28.70
C GLY D 260 10.02 36.75 27.35
N LEU D 261 9.55 36.03 26.33
CA LEU D 261 10.04 36.19 24.93
C LEU D 261 8.82 36.31 24.00
N PRO D 262 9.02 37.02 22.87
CA PRO D 262 7.99 37.09 21.83
C PRO D 262 7.83 35.77 21.10
N ARG D 263 6.64 35.56 20.56
CA ARG D 263 6.30 34.35 19.78
C ARG D 263 5.95 34.73 18.35
N TYR D 264 6.52 33.98 17.42
CA TYR D 264 6.24 34.14 15.97
C TYR D 264 5.10 33.18 15.63
N PHE D 265 4.17 33.61 14.80
CA PHE D 265 3.15 32.70 14.21
C PHE D 265 3.18 32.83 12.67
N ARG D 266 3.24 31.69 11.98
CA ARG D 266 2.87 31.57 10.55
C ARG D 266 1.66 30.64 10.50
N VAL D 267 0.52 31.13 10.02
CA VAL D 267 -0.71 30.29 9.95
C VAL D 267 -1.13 30.17 8.48
N THR D 268 -1.38 28.94 8.02
CA THR D 268 -1.90 28.64 6.68
C THR D 268 -3.41 28.44 6.76
N LEU D 269 -4.12 29.20 5.92
CA LEU D 269 -5.60 29.20 5.88
C LEU D 269 -6.04 28.88 4.45
N ARG D 270 -7.14 28.16 4.36
CA ARG D 270 -7.80 27.83 3.09
C ARG D 270 -9.25 28.30 3.18
N LYS D 271 -9.89 28.42 2.02
CA LYS D 271 -11.31 28.79 1.92
C LYS D 271 -12.13 27.53 2.17
N ARG D 272 -13.14 27.65 3.02
CA ARG D 272 -14.07 26.59 3.41
C ARG D 272 -15.47 27.14 3.16
N VAL D 273 -16.29 26.38 2.43
CA VAL D 273 -17.74 26.69 2.27
C VAL D 273 -18.43 26.28 3.57
N VAL D 274 -19.21 27.19 4.15
CA VAL D 274 -20.11 26.89 5.31
C VAL D 274 -21.53 27.34 4.94
N LYS D 275 -22.55 26.74 5.54
CA LYS D 275 -23.97 27.05 5.23
C LYS D 275 -24.31 28.46 5.73
N ILE E 7 13.23 33.54 -7.82
CA ILE E 7 13.23 32.34 -8.71
C ILE E 7 11.80 31.79 -8.77
N GLU E 8 11.28 31.54 -9.99
CA GLU E 8 10.22 30.52 -10.24
C GLU E 8 10.94 29.19 -10.41
N VAL E 9 10.49 28.14 -9.72
CA VAL E 9 11.21 26.83 -9.70
C VAL E 9 10.58 25.87 -10.72
N LEU E 10 11.42 25.23 -11.52
CA LEU E 10 11.04 24.29 -12.60
C LEU E 10 11.64 22.93 -12.30
N ALA E 11 11.80 22.07 -13.30
CA ALA E 11 12.19 20.65 -13.11
C ALA E 11 13.58 20.57 -12.47
N VAL E 12 13.81 19.50 -11.73
CA VAL E 12 15.17 19.09 -11.29
C VAL E 12 15.93 18.62 -12.53
N ARG E 13 17.12 19.19 -12.76
CA ARG E 13 18.03 18.76 -13.85
C ARG E 13 18.66 17.44 -13.42
N THR E 14 18.79 16.51 -14.36
CA THR E 14 19.39 15.16 -14.13
C THR E 14 20.53 14.95 -15.11
N GLY E 15 21.45 14.03 -14.81
CA GLY E 15 22.63 13.74 -15.64
C GLY E 15 23.84 13.34 -14.80
N PRO E 16 24.95 12.94 -15.47
CA PRO E 16 26.10 12.38 -14.76
C PRO E 16 26.58 13.23 -13.57
N ASP E 17 26.77 14.53 -13.79
CA ASP E 17 27.24 15.51 -12.76
C ASP E 17 26.10 16.46 -12.38
N SER E 18 24.88 15.95 -12.12
CA SER E 18 23.74 16.78 -11.65
C SER E 18 23.78 16.94 -10.11
N ILE E 19 24.59 16.13 -9.43
CA ILE E 19 24.65 16.00 -7.94
C ILE E 19 26.08 16.33 -7.51
N THR E 20 26.27 17.22 -6.54
CA THR E 20 27.60 17.41 -5.90
C THR E 20 27.44 17.38 -4.37
N GLU E 21 28.52 17.04 -3.68
CA GLU E 21 28.59 17.00 -2.19
C GLU E 21 29.76 17.86 -1.75
N ILE E 22 29.54 18.74 -0.78
CA ILE E 22 30.62 19.54 -0.14
C ILE E 22 30.68 19.16 1.33
N GLU E 23 31.89 19.14 1.88
CA GLU E 23 32.13 19.06 3.33
C GLU E 23 32.85 20.34 3.77
N ALA E 24 32.53 20.83 4.96
CA ALA E 24 33.07 22.10 5.48
C ALA E 24 33.12 22.01 7.00
N TYR E 25 33.99 22.78 7.64
CA TYR E 25 34.02 22.96 9.11
C TYR E 25 33.86 24.46 9.41
N LEU E 26 33.15 24.78 10.48
CA LEU E 26 33.23 26.14 11.08
C LEU E 26 33.77 25.95 12.49
N ASN E 27 34.93 26.54 12.72
CA ASN E 27 35.52 26.70 14.08
C ASN E 27 34.65 27.67 14.88
N PRO E 28 34.56 27.45 16.22
CA PRO E 28 33.79 28.35 17.11
C PRO E 28 34.42 29.75 17.25
N ARG E 29 33.58 30.75 17.53
CA ARG E 29 34.01 32.14 17.76
C ARG E 29 33.63 32.57 19.19
N MET E 30 34.21 31.94 20.20
CA MET E 30 33.87 32.11 21.64
C MET E 30 34.49 33.39 22.24
N GLY E 31 35.47 34.02 21.59
CA GLY E 31 35.95 35.36 21.94
C GLY E 31 37.47 35.47 21.90
N GLN E 32 38.18 34.47 22.41
CA GLN E 32 39.66 34.52 22.47
C GLN E 32 40.22 34.40 21.04
N PRO E 33 41.34 35.08 20.74
CA PRO E 33 41.87 35.06 19.37
C PRO E 33 42.31 33.65 18.88
N GLN E 34 42.21 33.45 17.57
CA GLN E 34 42.62 32.19 16.88
C GLN E 34 44.12 31.98 17.06
N ASN E 35 44.54 30.72 17.05
CA ASN E 35 45.95 30.28 17.03
C ASN E 35 46.69 30.90 18.23
N GLU E 36 45.95 31.27 19.28
CA GLU E 36 46.55 31.60 20.60
C GLU E 36 46.01 30.63 21.65
N ASP E 37 46.57 30.70 22.86
CA ASP E 37 46.53 29.59 23.86
C ASP E 37 45.10 29.32 24.37
N PHE E 38 44.18 30.27 24.25
CA PHE E 38 42.78 30.12 24.72
C PHE E 38 41.80 30.06 23.56
N TYR E 39 42.28 29.70 22.36
CA TYR E 39 41.43 29.40 21.19
C TYR E 39 40.37 28.34 21.51
N GLY E 40 39.10 28.69 21.30
CA GLY E 40 37.95 27.84 21.66
C GLY E 40 37.25 28.34 22.90
N PHE E 41 37.87 29.25 23.67
CA PHE E 41 37.26 29.82 24.89
C PHE E 41 36.92 31.28 24.66
N SER E 42 36.08 31.80 25.54
CA SER E 42 35.93 33.25 25.75
C SER E 42 37.02 33.62 26.74
N ASP E 43 37.25 34.91 26.91
CA ASP E 43 37.98 35.40 28.08
C ASP E 43 37.07 35.25 29.30
N ASN E 44 37.64 35.39 30.48
CA ASN E 44 36.94 35.28 31.78
C ASN E 44 35.83 36.34 31.85
N VAL E 45 34.63 35.91 32.21
CA VAL E 45 33.40 36.73 32.10
C VAL E 45 33.28 37.63 33.35
N THR E 46 33.16 38.93 33.13
CA THR E 46 32.86 39.98 34.14
C THR E 46 31.37 40.27 34.02
N VAL E 47 30.75 40.61 35.13
CA VAL E 47 29.30 40.91 35.22
C VAL E 47 29.11 42.34 35.72
N SER E 48 28.22 43.10 35.08
CA SER E 48 27.85 44.48 35.47
C SER E 48 26.97 44.47 36.71
N ASP E 49 26.87 45.64 37.33
CA ASP E 49 26.13 45.90 38.58
C ASP E 49 24.68 46.24 38.23
N ASP E 50 24.43 46.78 37.05
CA ASP E 50 23.08 47.24 36.63
C ASP E 50 23.06 47.40 35.12
N PHE E 51 21.87 47.42 34.53
CA PHE E 51 21.62 47.48 33.07
C PHE E 51 22.18 48.81 32.50
N GLY E 52 22.22 49.88 33.29
CA GLY E 52 22.64 51.21 32.80
C GLY E 52 24.15 51.34 32.67
N SER E 53 24.92 50.45 33.30
CA SER E 53 26.40 50.40 33.26
C SER E 53 26.88 48.99 32.89
N ASP E 54 26.51 48.57 31.69
CA ASP E 54 26.66 47.17 31.25
C ASP E 54 27.39 47.21 29.91
N ALA E 55 28.65 46.82 29.91
CA ALA E 55 29.51 46.87 28.71
C ALA E 55 30.33 45.60 28.62
N PRO E 56 29.83 44.55 27.93
CA PRO E 56 30.49 43.25 27.92
C PRO E 56 31.78 43.41 27.12
N PRO E 57 32.96 43.22 27.73
CA PRO E 57 34.19 43.47 26.97
C PRO E 57 34.29 42.49 25.79
N TRP E 58 34.93 42.92 24.71
CA TRP E 58 35.34 42.06 23.59
C TRP E 58 36.17 40.90 24.14
N LYS E 59 35.95 39.72 23.58
CA LYS E 59 36.55 38.40 23.95
C LYS E 59 35.74 37.72 25.05
N GLN E 60 34.77 38.38 25.70
CA GLN E 60 34.11 37.76 26.88
C GLN E 60 32.75 37.16 26.48
N PHE E 61 32.34 37.22 25.21
CA PHE E 61 31.03 36.72 24.75
C PHE E 61 31.23 36.06 23.40
N PRO E 62 30.46 34.98 23.11
CA PRO E 62 30.54 34.33 21.81
C PRO E 62 29.81 35.07 20.68
N CYS E 63 30.33 34.87 19.49
CA CYS E 63 29.74 35.32 18.22
C CYS E 63 29.46 34.12 17.31
N TYR E 64 28.61 34.34 16.32
CA TYR E 64 28.22 33.33 15.31
C TYR E 64 29.39 33.11 14.37
N SER E 65 29.60 31.85 14.04
CA SER E 65 30.47 31.43 12.92
C SER E 65 29.70 31.45 11.59
N THR E 66 30.38 31.83 10.50
CA THR E 66 29.72 31.83 9.17
C THR E 66 30.76 31.64 8.05
N ALA E 67 30.35 30.97 6.97
CA ALA E 67 31.16 30.85 5.74
C ALA E 67 30.27 30.76 4.52
N ARG E 68 30.73 31.33 3.40
CA ARG E 68 30.21 31.09 2.04
C ARG E 68 31.11 30.03 1.37
N ILE E 69 30.52 28.91 0.99
CA ILE E 69 31.24 27.83 0.24
C ILE E 69 31.02 28.08 -1.25
N SER E 70 32.11 28.13 -2.02
CA SER E 70 32.07 28.25 -3.49
C SER E 70 31.72 26.88 -4.08
N LEU E 71 30.63 26.82 -4.84
CA LEU E 71 30.17 25.60 -5.54
C LEU E 71 30.65 25.65 -6.99
N PRO E 72 30.74 24.50 -7.70
CA PRO E 72 31.02 24.50 -9.14
C PRO E 72 30.15 25.51 -9.93
N MET E 73 30.76 26.43 -10.69
CA MET E 73 30.03 27.40 -11.56
C MET E 73 29.15 26.61 -12.55
N LEU E 74 27.94 27.10 -12.84
CA LEU E 74 26.98 26.42 -13.73
C LEU E 74 26.84 27.20 -15.05
N ASN E 75 26.33 28.44 -14.97
CA ASN E 75 26.02 29.31 -16.14
C ASN E 75 27.18 30.29 -16.37
N THR E 82 15.94 30.41 -18.98
CA THR E 82 16.03 29.50 -17.80
C THR E 82 17.50 29.34 -17.37
N ILE E 83 17.76 29.45 -16.07
CA ILE E 83 19.10 29.35 -15.41
C ILE E 83 19.19 28.01 -14.68
N LEU E 84 20.41 27.47 -14.49
CA LEU E 84 20.68 26.37 -13.51
C LEU E 84 21.13 26.97 -12.17
N MET E 85 20.59 26.42 -11.06
CA MET E 85 21.06 26.74 -9.68
C MET E 85 21.24 25.43 -8.91
N TRP E 86 22.23 25.43 -8.01
CA TRP E 86 22.46 24.35 -7.04
C TRP E 86 21.37 24.43 -5.97
N GLU E 87 20.76 23.29 -5.66
CA GLU E 87 19.68 23.12 -4.66
C GLU E 87 20.24 22.23 -3.55
N ALA E 88 20.33 22.72 -2.31
CA ALA E 88 20.74 21.90 -1.16
C ALA E 88 19.56 21.00 -0.78
N ILE E 89 19.71 19.67 -0.83
CA ILE E 89 18.56 18.75 -0.63
C ILE E 89 18.64 18.09 0.76
N SER E 90 19.85 17.90 1.30
CA SER E 90 20.06 17.21 2.59
C SER E 90 21.45 17.52 3.14
N CYS E 91 21.63 17.34 4.44
CA CYS E 91 22.92 17.61 5.08
C CYS E 91 23.12 16.57 6.17
N ARG E 92 24.39 16.36 6.51
CA ARG E 92 24.78 15.78 7.80
C ARG E 92 25.58 16.86 8.51
N THR E 93 25.34 17.03 9.80
CA THR E 93 26.10 18.00 10.61
C THR E 93 26.39 17.34 11.93
N GLU E 94 27.60 17.55 12.44
CA GLU E 94 28.07 16.93 13.69
C GLU E 94 28.85 17.98 14.44
N VAL E 95 28.70 17.99 15.75
CA VAL E 95 29.61 18.72 16.66
C VAL E 95 30.87 17.86 16.78
N MET E 96 32.04 18.45 16.54
CA MET E 96 33.34 17.72 16.59
C MET E 96 34.01 18.02 17.93
N GLY E 97 34.92 17.13 18.33
CA GLY E 97 35.72 17.30 19.54
C GLY E 97 34.95 17.10 20.83
N VAL E 98 33.80 16.45 20.79
CA VAL E 98 33.02 16.14 22.03
C VAL E 98 33.95 15.37 22.98
N ASN E 99 34.80 14.52 22.43
CA ASN E 99 35.80 13.70 23.15
C ASN E 99 36.59 14.56 24.17
N MET E 100 36.84 15.82 23.89
CA MET E 100 37.78 16.66 24.70
C MET E 100 37.14 16.91 26.07
N LEU E 101 35.82 16.69 26.23
CA LEU E 101 35.10 17.03 27.49
C LEU E 101 35.27 15.95 28.55
N THR E 102 35.98 14.86 28.23
CA THR E 102 36.37 13.85 29.22
C THR E 102 37.60 14.35 29.99
N ASN E 103 38.10 15.54 29.68
CA ASN E 103 39.26 16.17 30.39
C ASN E 103 38.77 16.81 31.69
N VAL E 104 39.15 16.23 32.81
CA VAL E 104 38.86 16.78 34.17
C VAL E 104 40.17 17.02 34.94
N HIS E 105 41.27 17.37 34.23
CA HIS E 105 42.60 17.62 34.85
C HIS E 105 43.19 19.00 34.54
N SER E 106 42.67 19.74 33.56
CA SER E 106 43.30 20.95 33.01
C SER E 106 42.82 22.22 33.74
N ALA E 107 43.51 22.59 34.80
CA ALA E 107 43.39 23.91 35.50
C ALA E 107 41.94 24.23 35.85
N GLN E 108 41.19 23.23 36.30
CA GLN E 108 39.74 23.30 36.62
C GLN E 108 39.55 23.38 38.14
N LYS E 109 38.62 24.21 38.61
CA LYS E 109 38.03 24.11 39.97
C LYS E 109 37.70 22.64 40.24
N ARG E 110 38.08 22.14 41.42
CA ARG E 110 37.92 20.70 41.71
C ARG E 110 36.59 20.50 42.42
N VAL E 111 36.11 19.26 42.45
CA VAL E 111 34.79 18.86 43.01
C VAL E 111 34.86 19.15 44.51
N TYR E 112 36.00 18.89 45.16
CA TYR E 112 36.22 19.16 46.59
C TYR E 112 37.35 20.17 46.70
N GLU E 113 37.11 21.38 46.18
CA GLU E 113 38.19 22.40 46.01
C GLU E 113 38.75 22.74 47.41
N ASN E 114 37.93 22.69 48.45
CA ASN E 114 38.38 23.01 49.84
C ASN E 114 39.37 21.94 50.31
N ASP E 115 39.23 20.71 49.85
CA ASP E 115 40.13 19.59 50.24
C ASP E 115 41.27 19.46 49.23
N ARG E 116 41.30 20.30 48.18
CA ARG E 116 42.27 20.20 47.05
C ARG E 116 42.18 18.77 46.50
N GLU E 117 40.96 18.28 46.28
CA GLU E 117 40.76 16.85 45.94
C GLU E 117 39.63 16.69 44.95
N GLY E 118 39.65 15.56 44.25
CA GLY E 118 38.65 15.16 43.25
C GLY E 118 39.03 15.62 41.88
N THR E 119 38.22 15.25 40.89
CA THR E 119 38.46 15.66 39.50
C THR E 119 38.19 17.16 39.40
N GLY E 120 38.60 17.78 38.31
CA GLY E 120 37.99 19.04 37.86
C GLY E 120 36.49 18.87 37.72
N ILE E 121 35.74 19.97 37.75
CA ILE E 121 34.25 19.87 37.58
C ILE E 121 33.93 19.80 36.08
N GLY E 122 34.94 19.98 35.22
CA GLY E 122 34.79 19.90 33.76
C GLY E 122 33.93 21.02 33.26
N VAL E 123 33.44 20.89 32.04
CA VAL E 123 32.62 21.96 31.41
C VAL E 123 31.17 21.70 31.83
N GLU E 124 30.48 22.74 32.31
CA GLU E 124 29.03 22.63 32.58
C GLU E 124 28.37 23.97 32.35
N GLY E 125 27.04 23.95 32.43
CA GLY E 125 26.21 25.15 32.27
C GLY E 125 25.59 25.14 30.90
N MET E 126 25.47 26.32 30.30
CA MET E 126 24.52 26.49 29.19
C MET E 126 25.02 25.80 27.92
N GLY E 127 24.10 25.20 27.19
CA GLY E 127 24.34 24.71 25.85
C GLY E 127 23.59 25.60 24.90
N TYR E 128 24.25 26.16 23.90
CA TYR E 128 23.55 26.81 22.77
C TYR E 128 24.11 26.19 21.51
N HIS E 129 23.27 25.42 20.82
CA HIS E 129 23.69 24.71 19.58
C HIS E 129 22.71 25.07 18.48
N MET E 130 23.21 25.81 17.49
CA MET E 130 22.39 26.15 16.31
C MET E 130 23.22 26.04 15.03
N PHE E 131 22.56 25.70 13.92
CA PHE E 131 23.20 25.68 12.59
C PHE E 131 22.15 26.14 11.58
N ALA E 132 22.62 26.73 10.48
CA ALA E 132 21.77 27.13 9.34
C ALA E 132 22.52 26.80 8.05
N ILE E 133 21.76 26.34 7.06
CA ILE E 133 22.22 26.10 5.67
C ILE E 133 21.27 26.83 4.72
N GLY E 134 21.81 27.72 3.88
CA GLY E 134 21.00 28.54 2.94
C GLY E 134 21.73 28.89 1.66
N GLY E 135 20.99 29.48 0.72
CA GLY E 135 21.46 29.91 -0.60
C GLY E 135 21.69 31.40 -0.64
N GLU E 136 21.68 31.98 0.56
CA GLU E 136 22.07 33.37 0.85
C GLU E 136 22.34 33.48 2.35
N PRO E 137 22.94 34.60 2.80
CA PRO E 137 23.24 34.78 4.23
C PRO E 137 22.03 34.64 5.18
N LEU E 138 22.26 34.14 6.38
CA LEU E 138 21.19 33.97 7.39
C LEU E 138 20.60 35.34 7.71
N GLU E 139 19.28 35.44 7.70
CA GLU E 139 18.54 36.69 8.01
C GLU E 139 18.32 36.70 9.53
N LEU E 140 18.67 37.83 10.16
CA LEU E 140 18.80 37.91 11.63
C LEU E 140 17.78 38.92 12.17
N GLN E 141 17.21 38.61 13.34
CA GLN E 141 16.40 39.54 14.15
C GLN E 141 17.32 40.00 15.28
N PHE E 142 17.51 41.31 15.49
CA PHE E 142 18.23 41.82 16.68
C PHE E 142 17.31 41.74 17.90
N MET E 143 17.80 41.12 19.00
CA MET E 143 17.06 40.97 20.30
C MET E 143 18.09 40.71 21.39
N VAL E 144 18.04 41.50 22.47
CA VAL E 144 19.03 41.52 23.56
C VAL E 144 18.28 41.37 24.88
N PHE E 145 18.95 40.81 25.86
CA PHE E 145 18.43 40.75 27.24
C PHE E 145 18.24 42.17 27.79
N ASN E 146 19.23 43.04 27.60
CA ASN E 146 19.28 44.45 28.09
C ASN E 146 19.68 45.38 26.94
N HIS E 147 18.74 46.21 26.48
CA HIS E 147 18.91 47.14 25.34
C HIS E 147 19.98 48.18 25.66
N ARG E 148 20.29 48.42 26.94
CA ARG E 148 21.29 49.46 27.32
C ARG E 148 22.70 48.88 27.30
N ALA E 149 22.89 47.58 27.08
CA ALA E 149 24.25 47.02 26.93
C ALA E 149 24.99 47.86 25.85
N THR E 150 26.23 48.25 26.12
CA THR E 150 27.16 48.87 25.15
C THR E 150 28.11 47.79 24.64
N TYR E 151 27.90 47.32 23.42
CA TYR E 151 28.75 46.30 22.78
C TYR E 151 30.02 47.00 22.33
N PRO E 152 31.14 46.26 22.28
CA PRO E 152 32.41 46.83 21.87
C PRO E 152 32.48 47.09 20.35
N ALA E 153 33.51 47.83 19.96
CA ALA E 153 33.72 48.33 18.59
C ALA E 153 33.93 47.14 17.65
N GLU E 154 34.57 46.07 18.11
CA GLU E 154 34.78 44.82 17.33
C GLU E 154 33.46 44.17 16.92
N ALA E 155 32.36 44.38 17.66
CA ALA E 155 31.08 43.64 17.47
C ALA E 155 30.22 44.36 16.44
N THR E 156 29.44 43.59 15.67
CA THR E 156 28.44 44.14 14.74
C THR E 156 27.11 44.03 15.47
N VAL E 157 26.53 45.18 15.84
CA VAL E 157 25.23 45.29 16.53
C VAL E 157 24.46 46.48 15.99
N ILE E 158 23.16 46.56 16.27
CA ILE E 158 22.38 47.80 16.10
C ILE E 158 22.71 48.66 17.33
N LYS E 159 23.28 49.84 17.11
CA LYS E 159 23.59 50.78 18.21
C LYS E 159 22.30 51.46 18.67
N ASN E 160 22.20 51.80 19.96
CA ASN E 160 21.04 52.48 20.58
C ASN E 160 19.74 51.82 20.09
N PRO E 161 19.59 50.50 20.28
CA PRO E 161 18.48 49.77 19.66
C PRO E 161 17.07 50.11 20.20
N GLY E 162 16.98 50.64 21.41
CA GLY E 162 15.70 51.01 22.04
C GLY E 162 15.21 49.89 22.95
N ALA E 163 14.33 50.22 23.89
CA ALA E 163 13.71 49.29 24.86
C ALA E 163 13.02 48.13 24.11
N SER E 164 12.50 48.37 22.89
CA SER E 164 11.72 47.40 22.09
C SER E 164 12.62 46.25 21.62
N SER E 165 13.93 46.45 21.60
CA SER E 165 14.93 45.42 21.24
C SER E 165 15.01 44.34 22.31
N GLN E 166 14.48 44.58 23.51
CA GLN E 166 14.36 43.53 24.57
C GLN E 166 13.27 42.53 24.21
N VAL E 167 12.41 42.87 23.25
CA VAL E 167 11.41 41.91 22.68
C VAL E 167 11.48 42.04 21.16
N PHE E 168 10.41 41.72 20.45
CA PHE E 168 10.40 41.82 18.97
C PHE E 168 10.06 43.24 18.52
N ASP E 169 10.97 43.78 17.72
CA ASP E 169 10.78 45.04 16.96
C ASP E 169 11.05 44.75 15.48
N PRO E 170 10.04 44.90 14.60
CA PRO E 170 10.19 44.58 13.18
C PRO E 170 11.17 45.47 12.40
N ASN E 171 11.68 46.54 13.02
CA ASN E 171 12.70 47.42 12.42
C ASN E 171 14.09 46.82 12.61
N LEU E 172 14.29 45.91 13.55
CA LEU E 172 15.69 45.58 13.97
C LEU E 172 16.16 44.32 13.27
N LYS E 173 16.52 44.48 12.00
CA LYS E 173 16.92 43.39 11.10
C LYS E 173 18.42 43.49 10.83
N GLY E 174 19.03 42.36 10.48
CA GLY E 174 20.36 42.31 9.89
C GLY E 174 20.53 41.05 9.10
N THR E 175 21.72 40.86 8.54
CA THR E 175 22.10 39.60 7.85
C THR E 175 23.46 39.18 8.38
N LEU E 176 23.68 37.89 8.53
CA LEU E 176 25.00 37.40 9.00
C LEU E 176 26.01 37.46 7.84
N THR E 177 26.73 38.56 7.72
CA THR E 177 27.62 38.81 6.56
C THR E 177 29.08 38.67 6.94
N ALA E 178 29.41 38.37 8.21
CA ALA E 178 30.80 38.30 8.67
C ALA E 178 30.92 37.30 9.81
N ASP E 179 32.01 36.53 9.77
CA ASP E 179 32.36 35.51 10.77
C ASP E 179 32.92 36.17 12.04
N GLY E 180 32.50 35.67 13.19
CA GLY E 180 33.12 35.95 14.51
C GLY E 180 32.87 37.37 15.02
N VAL E 181 31.82 38.10 14.61
CA VAL E 181 31.59 39.52 15.06
C VAL E 181 30.11 39.82 15.39
N PHE E 182 29.14 39.01 14.97
CA PHE E 182 27.71 39.11 15.38
C PHE E 182 27.53 38.37 16.69
N PRO E 183 27.32 39.08 17.82
CA PRO E 183 27.15 38.38 19.10
C PRO E 183 25.89 37.52 19.16
N VAL E 184 26.05 36.31 19.66
CA VAL E 184 24.96 35.31 19.82
C VAL E 184 23.89 35.95 20.69
N GLU E 185 24.28 36.68 21.74
CA GLU E 185 23.32 37.26 22.73
C GLU E 185 22.55 38.44 22.14
N ALA E 186 22.79 38.85 20.88
CA ALA E 186 22.12 40.05 20.31
C ALA E 186 21.41 39.75 18.99
N TRP E 187 21.68 38.60 18.38
CA TRP E 187 21.11 38.20 17.08
C TRP E 187 20.60 36.76 17.14
N GLY E 188 19.42 36.55 16.59
CA GLY E 188 18.83 35.22 16.33
C GLY E 188 18.29 35.18 14.91
N PRO E 189 17.99 33.96 14.40
CA PRO E 189 17.38 33.82 13.08
C PRO E 189 16.00 34.47 13.08
N ASP E 190 15.74 35.20 11.99
CA ASP E 190 14.46 35.91 11.76
C ASP E 190 13.49 34.94 11.09
N PRO E 191 12.46 34.49 11.83
CA PRO E 191 11.46 33.60 11.24
C PRO E 191 10.55 34.29 10.22
N PHE E 192 10.58 35.62 10.12
CA PHE E 192 9.75 36.39 9.16
C PHE E 192 10.39 36.34 7.75
N LYS E 193 11.62 35.85 7.69
CA LYS E 193 12.40 35.75 6.43
C LYS E 193 12.98 34.33 6.38
N ASN E 194 14.21 34.17 5.89
CA ASN E 194 14.89 32.85 5.73
C ASN E 194 14.00 31.85 4.98
N GLU E 195 13.25 32.31 3.98
CA GLU E 195 12.55 31.44 3.00
C GLU E 195 13.58 30.57 2.27
N ASN E 196 14.83 31.04 2.11
CA ASN E 196 15.88 30.34 1.32
C ASN E 196 16.98 29.78 2.22
N THR E 197 16.68 29.62 3.52
CA THR E 197 17.58 28.99 4.55
C THR E 197 16.74 28.07 5.46
N ARG E 198 17.35 27.01 5.94
CA ARG E 198 16.82 26.14 7.00
C ARG E 198 17.70 26.34 8.23
N TYR E 199 17.09 26.68 9.35
CA TYR E 199 17.83 26.80 10.63
C TYR E 199 17.22 25.88 11.68
N PHE E 200 18.05 25.52 12.63
CA PHE E 200 17.74 24.60 13.74
C PHE E 200 18.51 25.08 14.96
N GLY E 201 17.88 25.14 16.13
CA GLY E 201 18.59 25.54 17.36
C GLY E 201 18.01 24.92 18.60
N GLN E 202 18.89 24.70 19.59
CA GLN E 202 18.52 24.25 20.94
C GLN E 202 19.33 25.08 21.95
N TYR E 203 18.63 25.59 22.94
CA TYR E 203 19.20 26.26 24.12
C TYR E 203 18.83 25.45 25.37
N THR E 204 19.84 25.03 26.14
CA THR E 204 19.70 24.52 27.53
C THR E 204 20.48 25.45 28.47
N GLY E 205 19.78 26.10 29.38
CA GLY E 205 20.33 27.18 30.24
C GLY E 205 20.97 26.67 31.51
N GLY E 206 21.35 27.60 32.38
CA GLY E 206 21.95 27.33 33.70
C GLY E 206 23.47 27.33 33.63
N THR E 207 24.12 27.27 34.79
CA THR E 207 25.59 27.39 34.90
C THR E 207 26.22 26.11 35.47
N GLN E 208 25.45 25.21 36.05
CA GLN E 208 25.91 23.88 36.55
C GLN E 208 25.19 22.73 35.82
N THR E 209 24.42 23.02 34.77
CA THR E 209 23.73 22.01 33.93
C THR E 209 24.77 21.08 33.28
N PRO E 210 24.57 19.75 33.28
CA PRO E 210 25.49 18.85 32.59
C PRO E 210 25.29 18.98 31.09
N PRO E 211 26.34 19.23 30.31
CA PRO E 211 26.20 19.18 28.86
C PRO E 211 25.74 17.82 28.32
N VAL E 212 24.84 17.79 27.30
CA VAL E 212 24.38 16.54 26.62
C VAL E 212 24.65 16.67 25.13
N LEU E 213 25.57 15.87 24.60
CA LEU E 213 26.01 15.97 23.18
C LEU E 213 26.06 14.57 22.56
N THR E 214 25.57 14.47 21.34
CA THR E 214 25.61 13.20 20.56
C THR E 214 26.36 13.47 19.28
N PHE E 215 27.01 12.45 18.72
CA PHE E 215 27.76 12.54 17.46
C PHE E 215 27.65 11.18 16.77
N THR E 216 27.37 11.22 15.49
CA THR E 216 27.30 10.01 14.62
C THR E 216 27.47 10.50 13.19
N ASN E 217 27.94 9.61 12.31
CA ASN E 217 28.03 9.86 10.85
C ASN E 217 26.85 9.22 10.12
N THR E 218 25.74 8.95 10.81
CA THR E 218 24.63 8.14 10.25
C THR E 218 23.33 8.93 10.11
N GLN E 219 23.31 10.22 10.45
CA GLN E 219 22.03 10.98 10.52
C GLN E 219 22.01 12.01 9.40
N THR E 220 20.94 11.96 8.61
CA THR E 220 20.67 12.93 7.53
C THR E 220 19.47 13.77 7.93
N THR E 221 19.61 15.08 7.76
CA THR E 221 18.53 16.09 7.82
C THR E 221 18.16 16.47 6.38
N ILE E 222 16.89 16.27 6.02
CA ILE E 222 16.32 16.66 4.69
C ILE E 222 16.07 18.16 4.70
N LEU E 223 16.48 18.87 3.65
CA LEU E 223 16.43 20.34 3.60
C LEU E 223 15.29 20.81 2.70
N LEU E 224 14.56 19.89 2.06
CA LEU E 224 13.46 20.27 1.12
C LEU E 224 12.32 20.88 1.94
N ASP E 225 11.65 21.90 1.42
CA ASP E 225 10.46 22.52 2.06
C ASP E 225 9.22 21.69 1.70
N GLU E 226 8.04 22.11 2.16
CA GLU E 226 6.74 21.44 1.89
C GLU E 226 6.55 21.23 0.38
N ASN E 227 7.11 22.12 -0.47
CA ASN E 227 6.94 22.10 -1.94
C ASN E 227 8.03 21.24 -2.60
N GLY E 228 8.94 20.64 -1.81
CA GLY E 228 10.03 19.80 -2.33
C GLY E 228 11.20 20.62 -2.86
N VAL E 229 11.35 21.87 -2.42
CA VAL E 229 12.46 22.76 -2.87
C VAL E 229 13.43 23.00 -1.70
N GLY E 230 14.70 22.72 -1.95
CA GLY E 230 15.79 22.98 -1.00
C GLY E 230 16.24 24.43 -1.10
N PRO E 231 17.14 24.89 -0.20
CA PRO E 231 17.85 26.15 -0.40
C PRO E 231 18.48 26.29 -1.79
N LEU E 232 18.12 27.37 -2.50
CA LEU E 232 18.59 27.59 -3.90
C LEU E 232 19.75 28.59 -3.83
N CYS E 233 20.93 28.14 -4.26
CA CYS E 233 22.23 28.80 -3.98
C CYS E 233 22.50 30.00 -4.92
N LYS E 234 22.17 31.20 -4.45
CA LYS E 234 22.30 32.46 -5.21
C LYS E 234 23.79 32.76 -5.40
N GLY E 235 24.18 33.07 -6.63
CA GLY E 235 25.58 33.35 -7.00
C GLY E 235 26.45 32.12 -6.86
N ASP E 236 25.87 30.93 -6.90
CA ASP E 236 26.55 29.62 -6.74
C ASP E 236 27.31 29.60 -5.41
N GLY E 237 26.71 30.16 -4.35
CA GLY E 237 27.30 30.20 -3.00
C GLY E 237 26.41 29.46 -2.02
N LEU E 238 27.00 28.58 -1.21
CA LEU E 238 26.30 27.87 -0.11
C LEU E 238 26.70 28.50 1.23
N PHE E 239 25.70 29.00 1.99
CA PHE E 239 25.90 29.76 3.26
C PHE E 239 25.68 28.84 4.47
N LEU E 240 26.76 28.60 5.22
CA LEU E 240 26.77 27.80 6.47
C LEU E 240 26.93 28.76 7.65
N SER E 241 26.18 28.55 8.72
CA SER E 241 26.24 29.35 9.97
C SER E 241 26.04 28.42 11.16
N CYS E 242 26.71 28.68 12.27
CA CYS E 242 26.43 27.98 13.53
C CYS E 242 26.89 28.80 14.72
N ALA E 243 26.46 28.31 15.88
CA ALA E 243 27.01 28.62 17.22
C ALA E 243 26.89 27.34 18.04
N ASP E 244 28.01 26.93 18.67
CA ASP E 244 28.07 25.71 19.50
C ASP E 244 28.71 26.04 20.84
N ILE E 245 27.98 26.70 21.73
CA ILE E 245 28.41 26.88 23.14
C ILE E 245 28.16 25.57 23.88
N VAL E 246 29.20 24.93 24.40
CA VAL E 246 29.05 23.65 25.16
C VAL E 246 28.73 23.94 26.63
N GLY E 247 29.30 24.99 27.18
CA GLY E 247 29.15 25.35 28.61
C GLY E 247 30.26 26.27 29.05
N PHE E 248 30.53 26.29 30.36
CA PHE E 248 31.55 27.13 31.03
C PHE E 248 32.69 26.27 31.55
N PHE E 249 33.88 26.82 31.41
CA PHE E 249 35.13 26.32 32.02
C PHE E 249 35.39 27.20 33.25
N THR E 250 35.53 26.57 34.40
CA THR E 250 35.67 27.27 35.72
C THR E 250 37.09 27.04 36.25
N GLN E 251 37.85 28.13 36.46
CA GLN E 251 39.22 28.05 37.04
C GLN E 251 39.16 27.76 38.55
N HIS E 252 40.31 27.41 39.13
CA HIS E 252 40.49 27.30 40.59
C HIS E 252 40.00 28.56 41.32
N ASN E 253 40.27 29.72 40.76
CA ASN E 253 39.92 31.02 41.41
C ASN E 253 38.51 31.45 40.98
N LYS E 254 37.75 30.57 40.31
CA LYS E 254 36.27 30.60 40.09
C LYS E 254 35.92 31.50 38.91
N LYS E 255 36.93 31.97 38.17
CA LYS E 255 36.77 32.68 36.89
C LYS E 255 36.20 31.69 35.86
N MET E 256 35.15 32.12 35.19
CA MET E 256 34.42 31.26 34.24
C MET E 256 34.50 31.87 32.84
N SER E 257 34.63 30.98 31.84
CA SER E 257 34.70 31.32 30.41
C SER E 257 33.85 30.33 29.60
N PHE E 258 33.23 30.81 28.54
CA PHE E 258 32.54 29.97 27.54
C PHE E 258 33.57 29.05 26.89
N ARG E 259 33.22 27.78 26.67
CA ARG E 259 33.95 26.84 25.78
C ARG E 259 33.02 26.44 24.64
N GLY E 260 33.56 26.45 23.43
CA GLY E 260 32.86 26.12 22.18
C GLY E 260 33.52 24.96 21.46
N LEU E 261 32.84 24.44 20.46
CA LEU E 261 33.35 23.30 19.67
C LEU E 261 33.07 23.58 18.20
N PRO E 262 33.92 23.03 17.31
CA PRO E 262 33.73 23.22 15.88
C PRO E 262 32.60 22.31 15.38
N ARG E 263 32.04 22.69 14.25
CA ARG E 263 30.94 21.95 13.63
C ARG E 263 31.34 21.51 12.20
N TYR E 264 31.01 20.27 11.88
CA TYR E 264 31.18 19.60 10.57
C TYR E 264 29.86 19.72 9.83
N PHE E 265 29.95 20.03 8.55
CA PHE E 265 28.81 20.03 7.61
C PHE E 265 29.15 19.21 6.37
N ARG E 266 28.22 18.34 6.00
CA ARG E 266 28.18 17.69 4.65
C ARG E 266 26.84 18.01 4.01
N VAL E 267 26.88 18.66 2.87
CA VAL E 267 25.66 19.11 2.15
C VAL E 267 25.68 18.44 0.78
N THR E 268 24.59 17.76 0.44
CA THR E 268 24.33 17.23 -0.92
C THR E 268 23.48 18.26 -1.68
N LEU E 269 23.88 18.60 -2.91
CA LEU E 269 23.13 19.52 -3.76
C LEU E 269 22.85 18.86 -5.12
N ARG E 270 21.85 19.37 -5.81
CA ARG E 270 21.43 18.89 -7.14
C ARG E 270 21.15 20.13 -7.98
N LYS E 271 21.28 19.98 -9.30
CA LYS E 271 21.03 21.08 -10.26
C LYS E 271 19.51 21.25 -10.39
N ARG E 272 19.06 22.50 -10.39
CA ARG E 272 17.62 22.83 -10.44
C ARG E 272 17.44 23.94 -11.47
N VAL E 273 16.48 23.75 -12.36
CA VAL E 273 16.07 24.75 -13.39
C VAL E 273 15.16 25.79 -12.75
N VAL E 274 15.44 27.07 -12.97
CA VAL E 274 14.58 28.21 -12.54
C VAL E 274 14.41 29.19 -13.71
N LYS E 275 13.31 29.95 -13.70
CA LYS E 275 12.98 31.03 -14.67
C LYS E 275 14.26 31.74 -15.12
N ILE F 7 -35.29 8.38 -1.12
CA ILE F 7 -34.96 8.07 0.31
C ILE F 7 -33.62 8.73 0.66
N GLU F 8 -33.55 9.39 1.82
CA GLU F 8 -32.28 9.80 2.47
C GLU F 8 -31.68 8.53 3.08
N VAL F 9 -30.54 8.08 2.55
CA VAL F 9 -29.90 6.81 2.99
C VAL F 9 -28.88 7.14 4.08
N LEU F 10 -29.03 6.50 5.23
CA LEU F 10 -28.10 6.67 6.38
C LEU F 10 -27.24 5.40 6.49
N ALA F 11 -26.90 4.96 7.70
CA ALA F 11 -25.86 3.94 7.98
C ALA F 11 -26.45 2.54 7.79
N VAL F 12 -25.60 1.60 7.39
CA VAL F 12 -25.90 0.14 7.44
C VAL F 12 -26.21 -0.19 8.91
N ARG F 13 -27.43 -0.68 9.18
CA ARG F 13 -27.85 -1.21 10.51
C ARG F 13 -27.22 -2.59 10.73
N THR F 14 -26.00 -2.63 11.27
CA THR F 14 -25.32 -3.88 11.70
C THR F 14 -26.03 -4.45 12.94
N GLY F 15 -25.83 -5.75 13.22
CA GLY F 15 -26.45 -6.45 14.37
C GLY F 15 -26.61 -7.95 14.13
N PRO F 16 -27.07 -8.71 15.15
CA PRO F 16 -27.09 -10.18 15.07
C PRO F 16 -27.83 -10.77 13.86
N ASP F 17 -28.99 -10.21 13.50
CA ASP F 17 -29.78 -10.61 12.31
C ASP F 17 -29.76 -9.48 11.26
N SER F 18 -28.60 -8.90 10.96
CA SER F 18 -28.50 -7.74 10.04
C SER F 18 -28.53 -8.19 8.57
N ILE F 19 -28.07 -9.42 8.29
CA ILE F 19 -27.89 -9.99 6.92
C ILE F 19 -28.89 -11.12 6.70
N THR F 20 -29.53 -11.14 5.54
CA THR F 20 -30.37 -12.28 5.07
C THR F 20 -30.00 -12.64 3.62
N GLU F 21 -30.34 -13.87 3.23
CA GLU F 21 -30.10 -14.44 1.88
C GLU F 21 -31.41 -15.03 1.38
N ILE F 22 -31.81 -14.71 0.15
CA ILE F 22 -32.92 -15.44 -0.53
C ILE F 22 -32.32 -16.19 -1.73
N GLU F 23 -32.97 -17.28 -2.07
CA GLU F 23 -32.79 -18.00 -3.36
C GLU F 23 -34.15 -18.05 -4.03
N ALA F 24 -34.20 -17.94 -5.35
CA ALA F 24 -35.44 -18.05 -6.13
C ALA F 24 -35.10 -18.55 -7.53
N TYR F 25 -36.10 -19.00 -8.28
CA TYR F 25 -36.01 -19.32 -9.72
C TYR F 25 -37.10 -18.56 -10.46
N LEU F 26 -36.81 -18.21 -11.71
CA LEU F 26 -37.83 -17.70 -12.63
C LEU F 26 -37.84 -18.64 -13.83
N ASN F 27 -38.95 -19.33 -14.03
CA ASN F 27 -39.17 -20.19 -15.21
C ASN F 27 -39.37 -19.30 -16.42
N PRO F 28 -38.92 -19.73 -17.61
CA PRO F 28 -39.10 -18.91 -18.80
C PRO F 28 -40.59 -18.86 -19.21
N ARG F 29 -40.91 -17.81 -19.98
CA ARG F 29 -42.26 -17.58 -20.57
C ARG F 29 -42.09 -17.40 -22.07
N MET F 30 -41.70 -18.46 -22.77
CA MET F 30 -41.40 -18.48 -24.23
C MET F 30 -42.68 -18.51 -25.06
N GLY F 31 -43.81 -18.88 -24.45
CA GLY F 31 -45.13 -18.67 -25.07
C GLY F 31 -46.06 -19.85 -24.91
N GLN F 32 -45.55 -21.09 -24.93
CA GLN F 32 -46.39 -22.30 -24.71
C GLN F 32 -46.84 -22.39 -23.26
N PRO F 33 -48.09 -22.85 -23.01
CA PRO F 33 -48.64 -22.91 -21.65
C PRO F 33 -47.88 -23.78 -20.65
N GLN F 34 -47.80 -23.32 -19.40
CA GLN F 34 -47.22 -24.02 -18.22
C GLN F 34 -47.78 -25.43 -18.15
N ASN F 35 -46.93 -26.39 -17.74
CA ASN F 35 -47.27 -27.79 -17.41
C ASN F 35 -48.04 -28.44 -18.56
N GLU F 36 -47.72 -28.05 -19.80
CA GLU F 36 -48.18 -28.75 -21.03
C GLU F 36 -46.93 -29.19 -21.79
N ASP F 37 -47.10 -30.01 -22.83
CA ASP F 37 -46.01 -30.82 -23.44
C ASP F 37 -44.92 -29.88 -24.00
N PHE F 38 -45.21 -28.61 -24.29
CA PHE F 38 -44.25 -27.69 -24.95
C PHE F 38 -43.88 -26.55 -24.02
N TYR F 39 -43.98 -26.79 -22.71
CA TYR F 39 -43.52 -25.84 -21.66
C TYR F 39 -42.00 -25.61 -21.81
N GLY F 40 -41.61 -24.34 -21.94
CA GLY F 40 -40.23 -23.84 -22.18
C GLY F 40 -40.01 -23.44 -23.62
N PHE F 41 -40.98 -23.71 -24.48
CA PHE F 41 -40.93 -23.38 -25.92
C PHE F 41 -41.99 -22.32 -26.23
N SER F 42 -41.79 -21.62 -27.32
CA SER F 42 -42.89 -20.89 -28.02
C SER F 42 -43.58 -21.89 -28.94
N ASP F 43 -44.79 -21.54 -29.36
CA ASP F 43 -45.46 -22.18 -30.50
C ASP F 43 -44.68 -21.78 -31.76
N ASN F 44 -44.87 -22.55 -32.81
CA ASN F 44 -44.18 -22.41 -34.12
C ASN F 44 -44.38 -20.98 -34.64
N VAL F 45 -43.31 -20.30 -35.03
CA VAL F 45 -43.37 -18.87 -35.39
C VAL F 45 -43.93 -18.73 -36.80
N THR F 46 -44.96 -17.89 -36.97
CA THR F 46 -45.49 -17.45 -38.28
C THR F 46 -44.96 -16.05 -38.57
N VAL F 47 -44.88 -15.74 -39.86
CA VAL F 47 -44.21 -14.51 -40.37
C VAL F 47 -45.21 -13.81 -41.29
N SER F 48 -45.41 -12.52 -41.04
CA SER F 48 -46.28 -11.60 -41.84
C SER F 48 -45.62 -11.31 -43.19
N ASP F 49 -46.40 -10.84 -44.15
CA ASP F 49 -45.91 -10.49 -45.50
C ASP F 49 -45.60 -9.00 -45.58
N ASP F 50 -45.99 -8.21 -44.59
CA ASP F 50 -45.95 -6.72 -44.62
C ASP F 50 -46.12 -6.20 -43.19
N PHE F 51 -45.48 -5.09 -42.87
CA PHE F 51 -45.58 -4.36 -41.58
C PHE F 51 -47.03 -3.95 -41.28
N GLY F 52 -47.83 -3.67 -42.31
CA GLY F 52 -49.22 -3.19 -42.21
C GLY F 52 -50.20 -4.33 -41.95
N SER F 53 -49.84 -5.59 -42.16
CA SER F 53 -50.69 -6.79 -41.86
C SER F 53 -49.91 -7.75 -40.98
N ASP F 54 -49.38 -7.23 -39.87
CA ASP F 54 -48.43 -7.96 -38.99
C ASP F 54 -49.11 -8.18 -37.64
N ALA F 55 -49.34 -9.43 -37.26
CA ALA F 55 -50.11 -9.81 -36.05
C ALA F 55 -49.53 -11.09 -35.46
N PRO F 56 -48.55 -10.98 -34.53
CA PRO F 56 -47.94 -12.16 -33.93
C PRO F 56 -48.99 -12.75 -32.99
N PRO F 57 -49.44 -13.99 -33.30
CA PRO F 57 -50.39 -14.68 -32.46
C PRO F 57 -49.80 -15.02 -31.10
N TRP F 58 -50.69 -15.06 -30.11
CA TRP F 58 -50.36 -15.49 -28.73
C TRP F 58 -49.75 -16.90 -28.78
N LYS F 59 -48.66 -17.08 -28.03
CA LYS F 59 -47.85 -18.30 -27.78
C LYS F 59 -46.62 -18.32 -28.68
N GLN F 60 -46.53 -17.45 -29.69
CA GLN F 60 -45.47 -17.51 -30.73
C GLN F 60 -44.33 -16.54 -30.40
N PHE F 61 -44.36 -15.85 -29.25
CA PHE F 61 -43.29 -14.90 -28.86
C PHE F 61 -43.06 -14.92 -27.36
N PRO F 62 -41.79 -14.78 -26.93
CA PRO F 62 -41.44 -14.72 -25.52
C PRO F 62 -41.89 -13.45 -24.80
N CYS F 63 -42.17 -13.61 -23.51
CA CYS F 63 -42.44 -12.51 -22.56
C CYS F 63 -41.42 -12.63 -21.42
N TYR F 64 -41.25 -11.52 -20.70
CA TYR F 64 -40.43 -11.40 -19.48
C TYR F 64 -41.03 -12.25 -18.36
N SER F 65 -40.13 -12.85 -17.60
CA SER F 65 -40.39 -13.52 -16.30
C SER F 65 -40.18 -12.48 -15.21
N THR F 66 -41.03 -12.49 -14.19
CA THR F 66 -40.88 -11.58 -13.02
C THR F 66 -41.53 -12.20 -11.78
N ALA F 67 -40.96 -11.91 -10.61
CA ALA F 67 -41.49 -12.27 -9.28
C ALA F 67 -41.02 -11.25 -8.25
N ARG F 68 -41.90 -10.99 -7.28
CA ARG F 68 -41.59 -10.22 -6.04
C ARG F 68 -41.41 -11.22 -4.91
N ILE F 69 -40.25 -11.20 -4.26
CA ILE F 69 -39.92 -12.09 -3.12
C ILE F 69 -40.19 -11.32 -1.81
N SER F 70 -40.97 -11.89 -0.91
CA SER F 70 -41.24 -11.29 0.42
C SER F 70 -40.01 -11.46 1.31
N LEU F 71 -39.52 -10.36 1.88
CA LEU F 71 -38.35 -10.43 2.80
C LEU F 71 -38.88 -10.45 4.23
N PRO F 72 -38.05 -10.79 5.24
CA PRO F 72 -38.47 -10.68 6.63
C PRO F 72 -39.06 -9.29 6.95
N MET F 73 -40.11 -9.24 7.78
CA MET F 73 -40.81 -7.99 8.18
C MET F 73 -39.88 -7.17 9.06
N LEU F 74 -40.02 -5.84 9.03
CA LEU F 74 -39.12 -4.91 9.78
C LEU F 74 -39.96 -3.93 10.60
N THR F 82 -36.91 7.79 11.05
CA THR F 82 -36.05 6.83 10.29
C THR F 82 -36.69 5.44 10.30
N ILE F 83 -36.66 4.72 9.16
CA ILE F 83 -37.14 3.31 9.02
C ILE F 83 -35.93 2.41 8.67
N LEU F 84 -36.09 1.09 8.76
CA LEU F 84 -35.10 0.13 8.23
C LEU F 84 -35.62 -0.42 6.90
N MET F 85 -34.69 -0.62 5.95
CA MET F 85 -35.01 -1.29 4.67
C MET F 85 -33.99 -2.41 4.42
N TRP F 86 -34.40 -3.45 3.69
CA TRP F 86 -33.46 -4.47 3.17
C TRP F 86 -32.76 -3.86 1.95
N GLU F 87 -31.44 -3.96 1.92
CA GLU F 87 -30.55 -3.42 0.86
C GLU F 87 -29.84 -4.62 0.23
N ALA F 88 -30.16 -4.92 -1.04
CA ALA F 88 -29.51 -6.00 -1.81
C ALA F 88 -28.10 -5.53 -2.18
N ILE F 89 -27.07 -6.21 -1.64
CA ILE F 89 -25.64 -5.82 -1.78
C ILE F 89 -24.96 -6.67 -2.86
N SER F 90 -25.42 -7.89 -3.09
CA SER F 90 -24.73 -8.90 -3.92
C SER F 90 -25.71 -9.96 -4.40
N CYS F 91 -25.39 -10.58 -5.53
CA CYS F 91 -26.17 -11.72 -6.04
C CYS F 91 -25.24 -12.71 -6.75
N ARG F 92 -25.75 -13.91 -6.88
CA ARG F 92 -25.28 -14.92 -7.85
CA ARG F 92 -25.29 -14.94 -7.84
C ARG F 92 -26.49 -15.25 -8.73
N THR F 93 -26.28 -15.26 -10.04
CA THR F 93 -27.34 -15.72 -10.95
C THR F 93 -26.72 -16.73 -11.89
N GLU F 94 -27.48 -17.76 -12.20
CA GLU F 94 -27.12 -18.88 -13.10
C GLU F 94 -28.28 -19.16 -14.03
N VAL F 95 -27.99 -19.39 -15.31
CA VAL F 95 -28.96 -20.02 -16.24
C VAL F 95 -28.94 -21.50 -15.89
N MET F 96 -30.10 -22.11 -15.63
CA MET F 96 -30.19 -23.55 -15.29
C MET F 96 -30.62 -24.37 -16.50
N GLY F 97 -30.25 -25.64 -16.53
CA GLY F 97 -30.59 -26.60 -17.58
C GLY F 97 -29.78 -26.44 -18.85
N VAL F 98 -28.60 -25.80 -18.83
CA VAL F 98 -27.74 -25.72 -20.05
C VAL F 98 -27.46 -27.16 -20.54
N ASN F 99 -27.32 -28.09 -19.60
CA ASN F 99 -27.13 -29.54 -19.84
C ASN F 99 -28.09 -30.07 -20.92
N MET F 100 -29.31 -29.56 -20.98
CA MET F 100 -30.36 -30.18 -21.85
C MET F 100 -29.99 -29.91 -23.30
N LEU F 101 -29.12 -28.95 -23.57
CA LEU F 101 -28.80 -28.52 -24.95
C LEU F 101 -27.83 -29.50 -25.62
N THR F 102 -27.33 -30.50 -24.88
CA THR F 102 -26.56 -31.63 -25.45
C THR F 102 -27.49 -32.63 -26.17
N ASN F 103 -28.81 -32.42 -26.10
CA ASN F 103 -29.84 -33.28 -26.76
C ASN F 103 -29.85 -32.93 -28.25
N VAL F 104 -29.40 -33.85 -29.10
CA VAL F 104 -29.51 -33.67 -30.57
C VAL F 104 -30.28 -34.84 -31.18
N HIS F 105 -31.27 -35.39 -30.49
CA HIS F 105 -32.08 -36.56 -30.94
C HIS F 105 -33.60 -36.31 -30.94
N SER F 106 -34.11 -35.24 -30.32
CA SER F 106 -35.56 -35.07 -30.04
C SER F 106 -36.26 -34.30 -31.18
N ALA F 107 -36.78 -35.01 -32.18
CA ALA F 107 -37.58 -34.46 -33.32
C ALA F 107 -36.95 -33.20 -33.92
N GLN F 108 -35.65 -33.21 -34.19
CA GLN F 108 -34.89 -32.06 -34.72
C GLN F 108 -34.57 -32.28 -36.21
N LYS F 109 -34.75 -31.27 -37.05
CA LYS F 109 -34.20 -31.26 -38.44
C LYS F 109 -32.75 -31.74 -38.36
N ARG F 110 -32.37 -32.69 -39.20
CA ARG F 110 -31.05 -33.36 -39.11
C ARG F 110 -30.01 -32.58 -39.93
N VAL F 111 -28.74 -32.75 -39.58
CA VAL F 111 -27.61 -32.06 -40.23
C VAL F 111 -27.62 -32.41 -41.73
N TYR F 112 -27.79 -33.68 -42.09
CA TYR F 112 -27.91 -34.11 -43.51
C TYR F 112 -29.34 -34.58 -43.77
N GLU F 113 -30.27 -33.62 -43.92
CA GLU F 113 -31.72 -33.95 -43.96
C GLU F 113 -32.05 -34.72 -45.25
N ASN F 114 -31.42 -34.41 -46.38
CA ASN F 114 -31.69 -35.06 -47.69
C ASN F 114 -31.21 -36.51 -47.67
N ASP F 115 -30.23 -36.83 -46.81
CA ASP F 115 -29.70 -38.19 -46.60
C ASP F 115 -30.41 -38.83 -45.39
N ARG F 116 -31.36 -38.14 -44.75
CA ARG F 116 -32.03 -38.65 -43.53
C ARG F 116 -30.95 -39.13 -42.55
N GLU F 117 -29.88 -38.33 -42.37
CA GLU F 117 -28.70 -38.76 -41.58
C GLU F 117 -28.13 -37.61 -40.76
N GLY F 118 -27.26 -37.96 -39.80
CA GLY F 118 -26.58 -37.02 -38.90
C GLY F 118 -27.37 -36.80 -37.62
N THR F 119 -26.84 -36.00 -36.69
CA THR F 119 -27.53 -35.63 -35.44
C THR F 119 -28.65 -34.64 -35.81
N GLY F 120 -29.51 -34.30 -34.85
CA GLY F 120 -30.32 -33.07 -34.99
C GLY F 120 -29.40 -31.86 -35.00
N ILE F 121 -29.87 -30.70 -35.46
CA ILE F 121 -29.04 -29.47 -35.52
C ILE F 121 -29.05 -28.81 -34.15
N GLY F 122 -29.90 -29.30 -33.23
CA GLY F 122 -29.98 -28.78 -31.85
C GLY F 122 -30.61 -27.40 -31.83
N VAL F 123 -30.49 -26.72 -30.70
CA VAL F 123 -30.94 -25.31 -30.55
C VAL F 123 -29.82 -24.40 -31.10
N GLU F 124 -30.20 -23.45 -31.95
CA GLU F 124 -29.25 -22.47 -32.50
C GLU F 124 -30.05 -21.24 -32.89
N GLY F 125 -29.32 -20.18 -33.17
CA GLY F 125 -29.91 -18.87 -33.43
C GLY F 125 -29.81 -17.98 -32.21
N MET F 126 -30.76 -17.09 -32.04
CA MET F 126 -30.51 -15.90 -31.19
C MET F 126 -30.57 -16.25 -29.71
N GLY F 127 -29.59 -15.69 -28.99
CA GLY F 127 -29.50 -15.62 -27.53
C GLY F 127 -29.94 -14.24 -27.05
N TYR F 128 -30.91 -14.19 -26.18
CA TYR F 128 -31.24 -12.96 -25.41
C TYR F 128 -31.31 -13.33 -23.95
N HIS F 129 -30.36 -12.85 -23.16
CA HIS F 129 -30.17 -13.14 -21.73
C HIS F 129 -30.10 -11.82 -20.97
N MET F 130 -31.08 -11.58 -20.12
CA MET F 130 -31.19 -10.36 -19.29
C MET F 130 -31.71 -10.75 -17.91
N PHE F 131 -31.18 -10.15 -16.84
CA PHE F 131 -31.75 -10.26 -15.48
C PHE F 131 -31.72 -8.88 -14.82
N ALA F 132 -32.61 -8.71 -13.85
CA ALA F 132 -32.72 -7.46 -13.09
C ALA F 132 -33.10 -7.81 -11.66
N ILE F 133 -32.50 -7.06 -10.74
CA ILE F 133 -32.71 -7.19 -9.27
C ILE F 133 -32.90 -5.76 -8.76
N GLY F 134 -34.01 -5.52 -8.05
CA GLY F 134 -34.43 -4.18 -7.65
C GLY F 134 -35.31 -4.18 -6.41
N GLY F 135 -35.45 -3.00 -5.80
CA GLY F 135 -36.33 -2.78 -4.64
C GLY F 135 -37.70 -2.29 -5.06
N GLU F 136 -37.95 -2.29 -6.38
CA GLU F 136 -39.27 -2.02 -7.01
C GLU F 136 -39.29 -2.67 -8.40
N PRO F 137 -40.45 -2.75 -9.08
CA PRO F 137 -40.51 -3.35 -10.41
C PRO F 137 -39.54 -2.70 -11.40
N LEU F 138 -38.89 -3.51 -12.23
CA LEU F 138 -38.09 -3.02 -13.39
C LEU F 138 -38.92 -1.98 -14.15
N GLU F 139 -38.33 -0.83 -14.42
CA GLU F 139 -38.95 0.25 -15.25
C GLU F 139 -38.60 -0.03 -16.72
N LEU F 140 -39.60 -0.04 -17.58
CA LEU F 140 -39.46 -0.45 -19.02
C LEU F 140 -39.57 0.76 -19.95
N GLN F 141 -38.78 0.74 -21.03
CA GLN F 141 -39.00 1.59 -22.22
C GLN F 141 -39.72 0.74 -23.27
N PHE F 142 -40.82 1.22 -23.83
CA PHE F 142 -41.52 0.52 -24.94
C PHE F 142 -40.77 0.79 -26.25
N MET F 143 -40.44 -0.26 -27.00
CA MET F 143 -39.82 -0.07 -28.33
C MET F 143 -39.97 -1.37 -29.13
N VAL F 144 -40.40 -1.25 -30.40
CA VAL F 144 -40.79 -2.39 -31.27
C VAL F 144 -40.09 -2.19 -32.62
N PHE F 145 -39.85 -3.31 -33.30
CA PHE F 145 -39.27 -3.38 -34.65
C PHE F 145 -40.24 -2.70 -35.64
N ASN F 146 -41.52 -2.98 -35.49
CA ASN F 146 -42.60 -2.51 -36.40
C ASN F 146 -43.76 -2.00 -35.54
N HIS F 147 -43.98 -0.68 -35.55
CA HIS F 147 -45.04 -0.03 -34.72
C HIS F 147 -46.44 -0.51 -35.12
N ARG F 148 -46.64 -0.99 -36.34
CA ARG F 148 -47.99 -1.38 -36.84
C ARG F 148 -48.33 -2.81 -36.42
N ALA F 149 -47.43 -3.53 -35.75
CA ALA F 149 -47.74 -4.89 -35.24
C ALA F 149 -48.97 -4.78 -34.33
N THR F 150 -49.92 -5.70 -34.51
CA THR F 150 -51.06 -5.85 -33.56
C THR F 150 -50.77 -7.03 -32.64
N TYR F 151 -50.39 -6.73 -31.39
CA TYR F 151 -50.11 -7.73 -30.34
C TYR F 151 -51.42 -8.31 -29.83
N PRO F 152 -51.42 -9.57 -29.35
CA PRO F 152 -52.65 -10.23 -28.95
C PRO F 152 -53.17 -9.65 -27.63
N ALA F 153 -54.43 -9.95 -27.30
CA ALA F 153 -55.14 -9.43 -26.10
C ALA F 153 -54.39 -9.87 -24.83
N GLU F 154 -53.79 -11.06 -24.87
CA GLU F 154 -53.07 -11.68 -23.72
C GLU F 154 -51.85 -10.86 -23.34
N ALA F 155 -51.25 -10.12 -24.27
CA ALA F 155 -49.97 -9.41 -24.12
C ALA F 155 -50.23 -8.02 -23.53
N THR F 156 -49.42 -7.59 -22.54
CA THR F 156 -49.35 -6.16 -22.08
C THR F 156 -48.42 -5.37 -23.02
N VAL F 157 -49.00 -4.46 -23.81
CA VAL F 157 -48.27 -3.54 -24.73
C VAL F 157 -49.00 -2.18 -24.73
N ILE F 158 -48.36 -1.14 -25.22
CA ILE F 158 -49.00 0.15 -25.60
C ILE F 158 -49.63 -0.03 -26.99
N LYS F 159 -50.96 0.00 -27.07
CA LYS F 159 -51.75 -0.16 -28.32
C LYS F 159 -51.55 1.10 -29.17
N ASN F 160 -51.52 0.94 -30.49
CA ASN F 160 -51.38 2.03 -31.49
C ASN F 160 -50.27 2.99 -31.05
N PRO F 161 -49.04 2.47 -30.77
CA PRO F 161 -47.98 3.29 -30.17
C PRO F 161 -47.37 4.38 -31.06
N GLY F 162 -47.60 4.31 -32.38
CA GLY F 162 -47.12 5.29 -33.34
C GLY F 162 -45.74 4.97 -33.87
N ALA F 163 -45.40 5.50 -35.04
CA ALA F 163 -44.06 5.37 -35.69
C ALA F 163 -42.90 5.68 -34.72
N SER F 164 -43.06 6.60 -33.76
CA SER F 164 -41.97 7.02 -32.84
C SER F 164 -41.47 5.86 -31.96
N SER F 165 -42.33 4.87 -31.70
CA SER F 165 -42.06 3.62 -30.91
C SER F 165 -41.04 2.71 -31.59
N GLN F 166 -40.63 3.00 -32.83
CA GLN F 166 -39.64 2.16 -33.59
C GLN F 166 -38.24 2.57 -33.13
N VAL F 167 -38.14 3.74 -32.49
CA VAL F 167 -36.92 4.29 -31.82
C VAL F 167 -37.31 4.80 -30.42
N PHE F 168 -36.58 5.73 -29.82
CA PHE F 168 -36.84 6.21 -28.44
C PHE F 168 -37.90 7.31 -28.49
N ASP F 169 -39.02 7.12 -27.81
CA ASP F 169 -40.05 8.17 -27.59
C ASP F 169 -40.25 8.23 -26.08
N PRO F 170 -39.92 9.37 -25.41
CA PRO F 170 -39.96 9.48 -23.96
C PRO F 170 -41.34 9.28 -23.31
N ASN F 171 -42.41 9.36 -24.10
CA ASN F 171 -43.81 9.18 -23.64
C ASN F 171 -44.16 7.71 -23.39
N LEU F 172 -43.36 6.76 -23.89
CA LEU F 172 -43.78 5.34 -24.01
C LEU F 172 -43.07 4.48 -22.96
N LYS F 173 -43.65 4.45 -21.76
CA LYS F 173 -43.05 3.87 -20.55
C LYS F 173 -43.97 2.77 -20.06
N GLY F 174 -43.42 1.86 -19.27
CA GLY F 174 -44.21 0.96 -18.44
C GLY F 174 -43.38 0.42 -17.32
N THR F 175 -43.98 -0.43 -16.49
CA THR F 175 -43.29 -1.15 -15.39
C THR F 175 -43.68 -2.64 -15.49
N LEU F 176 -42.69 -3.50 -15.25
CA LEU F 176 -42.85 -4.97 -15.31
C LEU F 176 -43.51 -5.44 -14.01
N THR F 177 -44.83 -5.44 -14.00
CA THR F 177 -45.71 -5.69 -12.82
C THR F 177 -46.43 -7.03 -12.97
N ALA F 178 -46.16 -7.81 -14.04
CA ALA F 178 -46.82 -9.11 -14.27
C ALA F 178 -45.91 -10.05 -15.09
N ASP F 179 -45.87 -11.31 -14.68
CA ASP F 179 -45.05 -12.39 -15.27
C ASP F 179 -45.70 -12.90 -16.57
N GLY F 180 -44.88 -13.12 -17.60
CA GLY F 180 -45.28 -13.92 -18.77
C GLY F 180 -46.22 -13.17 -19.72
N VAL F 181 -46.30 -11.83 -19.71
CA VAL F 181 -47.24 -11.12 -20.62
C VAL F 181 -46.63 -9.87 -21.26
N PHE F 182 -45.48 -9.39 -20.78
CA PHE F 182 -44.74 -8.25 -21.39
C PHE F 182 -43.83 -8.84 -22.46
N PRO F 183 -44.16 -8.66 -23.75
CA PRO F 183 -43.33 -9.21 -24.81
C PRO F 183 -41.92 -8.67 -24.74
N VAL F 184 -40.95 -9.58 -24.76
CA VAL F 184 -39.51 -9.25 -24.90
C VAL F 184 -39.35 -8.29 -26.09
N GLU F 185 -40.03 -8.53 -27.21
CA GLU F 185 -39.75 -7.74 -28.44
C GLU F 185 -40.39 -6.35 -28.40
N ALA F 186 -41.13 -6.00 -27.33
CA ALA F 186 -41.86 -4.71 -27.20
C ALA F 186 -41.35 -3.88 -26.01
N TRP F 187 -40.59 -4.46 -25.09
CA TRP F 187 -40.15 -3.79 -23.83
C TRP F 187 -38.68 -4.06 -23.57
N GLY F 188 -37.94 -3.01 -23.19
CA GLY F 188 -36.56 -3.12 -22.70
C GLY F 188 -36.40 -2.31 -21.42
N PRO F 189 -35.32 -2.53 -20.65
CA PRO F 189 -35.10 -1.73 -19.45
C PRO F 189 -34.92 -0.26 -19.80
N ASP F 190 -35.53 0.66 -19.04
CA ASP F 190 -35.46 2.12 -19.28
C ASP F 190 -34.24 2.67 -18.57
N PRO F 191 -33.17 3.08 -19.31
CA PRO F 191 -31.97 3.60 -18.67
C PRO F 191 -32.18 4.98 -18.01
N PHE F 192 -33.25 5.69 -18.37
CA PHE F 192 -33.61 7.00 -17.79
C PHE F 192 -34.16 6.80 -16.37
N LYS F 193 -34.56 5.59 -16.00
CA LYS F 193 -35.03 5.31 -14.62
C LYS F 193 -34.17 4.18 -14.05
N ASN F 194 -34.75 3.29 -13.25
CA ASN F 194 -34.05 2.13 -12.65
C ASN F 194 -32.90 2.57 -11.76
N GLU F 195 -33.03 3.72 -11.10
CA GLU F 195 -32.12 4.17 -10.03
C GLU F 195 -32.05 3.13 -8.90
N ASN F 196 -33.15 2.41 -8.65
CA ASN F 196 -33.27 1.47 -7.51
C ASN F 196 -33.26 0.02 -8.01
N THR F 197 -32.73 -0.23 -9.21
CA THR F 197 -32.66 -1.58 -9.87
C THR F 197 -31.31 -1.69 -10.59
N ARG F 198 -30.68 -2.86 -10.59
CA ARG F 198 -29.51 -3.15 -11.44
C ARG F 198 -29.96 -4.14 -12.52
N TYR F 199 -29.73 -3.84 -13.81
CA TYR F 199 -30.08 -4.74 -14.93
C TYR F 199 -28.83 -4.98 -15.80
N PHE F 200 -28.83 -6.14 -16.43
CA PHE F 200 -27.72 -6.72 -17.23
C PHE F 200 -28.30 -7.53 -18.37
N GLY F 201 -27.82 -7.31 -19.59
CA GLY F 201 -28.36 -8.03 -20.76
C GLY F 201 -27.31 -8.19 -21.83
N GLN F 202 -27.44 -9.28 -22.59
CA GLN F 202 -26.65 -9.56 -23.81
C GLN F 202 -27.59 -10.16 -24.83
N TYR F 203 -27.46 -9.67 -26.06
CA TYR F 203 -28.11 -10.17 -27.27
C TYR F 203 -27.05 -10.68 -28.24
N THR F 204 -27.21 -11.93 -28.66
CA THR F 204 -26.52 -12.48 -29.87
C THR F 204 -27.57 -12.87 -30.90
N GLY F 205 -27.52 -12.26 -32.07
CA GLY F 205 -28.59 -12.44 -33.08
C GLY F 205 -28.37 -13.66 -33.96
N GLY F 206 -29.09 -13.68 -35.07
CA GLY F 206 -29.02 -14.74 -36.09
C GLY F 206 -30.04 -15.85 -35.82
N THR F 207 -30.18 -16.76 -36.77
CA THR F 207 -31.06 -17.95 -36.68
C THR F 207 -30.25 -19.26 -36.74
N GLN F 208 -28.97 -19.23 -37.12
CA GLN F 208 -28.07 -20.42 -37.15
C GLN F 208 -26.86 -20.23 -36.22
N THR F 209 -26.88 -19.21 -35.36
CA THR F 209 -25.77 -18.90 -34.43
C THR F 209 -25.65 -19.96 -33.34
N PRO F 210 -24.45 -20.43 -32.99
CA PRO F 210 -24.36 -21.45 -31.94
C PRO F 210 -24.56 -20.76 -30.60
N PRO F 211 -25.43 -21.27 -29.73
CA PRO F 211 -25.58 -20.72 -28.39
C PRO F 211 -24.31 -20.84 -27.57
N VAL F 212 -24.00 -19.81 -26.78
CA VAL F 212 -22.86 -19.85 -25.83
C VAL F 212 -23.34 -19.51 -24.41
N LEU F 213 -23.23 -20.46 -23.48
CA LEU F 213 -23.71 -20.30 -22.09
C LEU F 213 -22.66 -20.86 -21.13
N THR F 214 -22.49 -20.22 -19.98
CA THR F 214 -21.59 -20.64 -18.88
C THR F 214 -22.46 -20.76 -17.64
N PHE F 215 -22.02 -21.55 -16.67
CA PHE F 215 -22.72 -21.73 -15.37
C PHE F 215 -21.67 -22.09 -14.33
N THR F 216 -21.76 -21.47 -13.17
CA THR F 216 -20.86 -21.73 -12.02
C THR F 216 -21.64 -21.31 -10.78
N ASN F 217 -21.33 -21.94 -9.65
CA ASN F 217 -21.81 -21.51 -8.31
C ASN F 217 -20.74 -20.63 -7.63
N THR F 218 -19.73 -20.13 -8.36
CA THR F 218 -18.58 -19.41 -7.75
C THR F 218 -18.61 -17.90 -8.02
N GLN F 219 -19.55 -17.39 -8.81
CA GLN F 219 -19.48 -16.02 -9.37
C GLN F 219 -20.43 -15.11 -8.60
N THR F 220 -19.94 -14.01 -8.03
CA THR F 220 -20.83 -13.02 -7.37
C THR F 220 -20.76 -11.69 -8.11
N THR F 221 -21.92 -11.05 -8.29
CA THR F 221 -22.06 -9.67 -8.81
C THR F 221 -22.45 -8.77 -7.64
N ILE F 222 -21.71 -7.69 -7.45
CA ILE F 222 -21.99 -6.62 -6.45
C ILE F 222 -23.11 -5.74 -7.01
N LEU F 223 -24.08 -5.35 -6.18
CA LEU F 223 -25.26 -4.55 -6.61
C LEU F 223 -25.18 -3.12 -6.05
N LEU F 224 -24.13 -2.82 -5.29
CA LEU F 224 -23.85 -1.45 -4.75
C LEU F 224 -23.49 -0.50 -5.89
N ASP F 225 -24.02 0.73 -5.88
CA ASP F 225 -23.70 1.79 -6.87
C ASP F 225 -22.38 2.49 -6.48
N GLU F 226 -22.05 3.57 -7.19
CA GLU F 226 -20.82 4.37 -6.98
C GLU F 226 -20.81 5.00 -5.58
N ASN F 227 -21.98 5.12 -4.92
CA ASN F 227 -22.14 5.68 -3.55
C ASN F 227 -22.08 4.54 -2.52
N GLY F 228 -21.98 3.28 -2.95
CA GLY F 228 -21.99 2.09 -2.08
C GLY F 228 -23.38 1.76 -1.57
N VAL F 229 -24.43 2.09 -2.33
CA VAL F 229 -25.85 1.79 -1.97
C VAL F 229 -26.37 0.74 -2.95
N GLY F 230 -26.80 -0.41 -2.43
CA GLY F 230 -27.50 -1.43 -3.22
C GLY F 230 -28.98 -1.06 -3.40
N PRO F 231 -29.76 -1.79 -4.22
CA PRO F 231 -31.21 -1.61 -4.26
C PRO F 231 -31.88 -1.66 -2.87
N LEU F 232 -32.77 -0.70 -2.60
CA LEU F 232 -33.51 -0.59 -1.32
C LEU F 232 -34.92 -1.14 -1.51
N CYS F 233 -35.27 -2.18 -0.76
CA CYS F 233 -36.48 -3.00 -1.03
C CYS F 233 -37.74 -2.31 -0.48
N LYS F 234 -38.49 -1.67 -1.36
CA LYS F 234 -39.71 -0.93 -0.99
C LYS F 234 -40.76 -1.97 -0.61
N GLY F 235 -41.43 -1.72 0.53
CA GLY F 235 -42.52 -2.57 1.05
C GLY F 235 -42.02 -3.96 1.39
N ASP F 236 -40.73 -4.08 1.73
CA ASP F 236 -40.06 -5.36 2.11
C ASP F 236 -40.23 -6.38 0.98
N GLY F 237 -40.12 -5.94 -0.28
CA GLY F 237 -40.19 -6.84 -1.45
C GLY F 237 -38.94 -6.69 -2.31
N LEU F 238 -38.42 -7.81 -2.79
CA LEU F 238 -37.25 -7.88 -3.72
C LEU F 238 -37.79 -8.32 -5.08
N PHE F 239 -37.52 -7.53 -6.15
CA PHE F 239 -38.08 -7.71 -7.50
C PHE F 239 -37.00 -8.28 -8.41
N LEU F 240 -37.24 -9.51 -8.88
CA LEU F 240 -36.39 -10.26 -9.84
C LEU F 240 -37.10 -10.34 -11.20
N SER F 241 -36.34 -10.15 -12.27
CA SER F 241 -36.85 -10.14 -13.67
C SER F 241 -35.79 -10.78 -14.55
N CYS F 242 -36.22 -11.55 -15.54
CA CYS F 242 -35.27 -12.06 -16.56
C CYS F 242 -36.00 -12.42 -17.84
N ALA F 243 -35.18 -12.71 -18.83
CA ALA F 243 -35.55 -13.38 -20.10
C ALA F 243 -34.31 -14.13 -20.55
N ASP F 244 -34.47 -15.41 -20.91
CA ASP F 244 -33.33 -16.30 -21.24
C ASP F 244 -33.69 -17.09 -22.49
N ILE F 245 -33.76 -16.42 -23.61
CA ILE F 245 -33.98 -17.09 -24.92
C ILE F 245 -32.63 -17.68 -25.29
N VAL F 246 -32.58 -18.99 -25.44
CA VAL F 246 -31.36 -19.75 -25.82
C VAL F 246 -31.20 -19.77 -27.33
N GLY F 247 -32.31 -19.80 -28.08
CA GLY F 247 -32.28 -20.02 -29.53
C GLY F 247 -33.57 -20.62 -30.02
N PHE F 248 -33.53 -21.15 -31.24
CA PHE F 248 -34.67 -21.83 -31.90
C PHE F 248 -34.47 -23.34 -31.96
N PHE F 249 -35.59 -24.02 -31.72
CA PHE F 249 -35.82 -25.44 -32.07
C PHE F 249 -36.45 -25.52 -33.47
N THR F 250 -35.82 -26.31 -34.34
CA THR F 250 -36.24 -26.52 -35.74
C THR F 250 -36.70 -27.98 -35.90
N GLN F 251 -37.96 -28.15 -36.24
CA GLN F 251 -38.60 -29.45 -36.55
C GLN F 251 -38.14 -29.95 -37.93
N HIS F 252 -38.40 -31.23 -38.21
CA HIS F 252 -38.05 -31.89 -39.51
C HIS F 252 -38.76 -31.14 -40.64
N ASN F 253 -39.96 -30.64 -40.37
CA ASN F 253 -40.76 -29.91 -41.39
C ASN F 253 -40.41 -28.41 -41.37
N LYS F 254 -39.34 -28.02 -40.64
CA LYS F 254 -38.70 -26.67 -40.64
C LYS F 254 -39.52 -25.65 -39.84
N LYS F 255 -40.51 -26.09 -39.08
CA LYS F 255 -41.17 -25.20 -38.09
C LYS F 255 -40.18 -24.92 -36.97
N MET F 256 -40.13 -23.65 -36.60
CA MET F 256 -39.14 -23.11 -35.66
C MET F 256 -39.87 -22.43 -34.52
N SER F 257 -39.37 -22.68 -33.32
CA SER F 257 -39.91 -22.22 -32.02
C SER F 257 -38.75 -21.70 -31.16
N PHE F 258 -38.99 -20.64 -30.42
CA PHE F 258 -38.09 -20.21 -29.33
C PHE F 258 -37.98 -21.34 -28.30
N ARG F 259 -36.78 -21.50 -27.74
CA ARG F 259 -36.52 -22.32 -26.54
C ARG F 259 -35.89 -21.42 -25.48
N GLY F 260 -36.38 -21.49 -24.24
CA GLY F 260 -35.89 -20.71 -23.09
C GLY F 260 -35.40 -21.60 -21.97
N LEU F 261 -34.76 -21.00 -20.97
CA LEU F 261 -34.23 -21.77 -19.82
C LEU F 261 -34.59 -20.97 -18.58
N PRO F 262 -34.76 -21.65 -17.44
CA PRO F 262 -35.06 -20.99 -16.17
C PRO F 262 -33.78 -20.40 -15.59
N ARG F 263 -33.97 -19.40 -14.72
CA ARG F 263 -32.87 -18.67 -14.05
C ARG F 263 -32.96 -18.80 -12.54
N TYR F 264 -31.80 -19.10 -11.96
CA TYR F 264 -31.55 -19.18 -10.50
C TYR F 264 -31.03 -17.82 -10.04
N PHE F 265 -31.48 -17.41 -8.86
CA PHE F 265 -31.07 -16.13 -8.22
C PHE F 265 -30.72 -16.41 -6.77
N ARG F 266 -29.55 -15.96 -6.35
CA ARG F 266 -29.25 -15.83 -4.90
C ARG F 266 -28.98 -14.36 -4.61
N VAL F 267 -29.63 -13.77 -3.62
CA VAL F 267 -29.42 -12.32 -3.31
C VAL F 267 -29.13 -12.17 -1.81
N THR F 268 -27.98 -11.62 -1.45
CA THR F 268 -27.64 -11.27 -0.05
C THR F 268 -28.10 -9.84 0.20
N LEU F 269 -28.73 -9.63 1.37
CA LEU F 269 -29.36 -8.35 1.75
C LEU F 269 -28.96 -8.02 3.18
N ARG F 270 -28.81 -6.73 3.45
CA ARG F 270 -28.41 -6.17 4.77
C ARG F 270 -29.46 -5.12 5.16
N LYS F 271 -29.47 -4.78 6.44
CA LYS F 271 -30.37 -3.73 6.99
C LYS F 271 -29.67 -2.38 6.79
N ARG F 272 -30.46 -1.42 6.29
CA ARG F 272 -30.03 -0.04 6.00
C ARG F 272 -31.03 0.91 6.67
N VAL F 273 -30.52 1.84 7.48
CA VAL F 273 -31.31 2.94 8.11
C VAL F 273 -31.55 3.97 7.00
N VAL F 274 -32.81 4.31 6.74
CA VAL F 274 -33.24 5.37 5.79
C VAL F 274 -34.10 6.40 6.55
N LYS F 275 -34.01 7.69 6.20
CA LYS F 275 -34.76 8.80 6.86
C LYS F 275 -36.26 8.51 6.85
N ILE G 7 -21.99 -28.03 8.99
CA ILE G 7 -20.71 -28.13 9.76
C ILE G 7 -20.36 -26.75 10.34
N GLU G 8 -20.09 -26.69 11.64
CA GLU G 8 -19.44 -25.54 12.32
C GLU G 8 -17.93 -25.62 12.07
N VAL G 9 -17.37 -24.70 11.28
CA VAL G 9 -15.96 -24.75 10.82
C VAL G 9 -15.09 -23.89 11.73
N LEU G 10 -13.99 -24.44 12.24
CA LEU G 10 -13.02 -23.72 13.11
C LEU G 10 -11.73 -23.42 12.32
N ALA G 11 -10.59 -23.36 13.00
CA ALA G 11 -9.31 -22.89 12.44
C ALA G 11 -8.73 -23.96 11.51
N VAL G 12 -8.01 -23.51 10.48
CA VAL G 12 -7.08 -24.38 9.72
C VAL G 12 -6.13 -25.00 10.75
N ARG G 13 -5.79 -26.28 10.64
CA ARG G 13 -4.73 -26.86 11.51
C ARG G 13 -3.46 -27.05 10.69
N THR G 14 -2.53 -26.11 10.85
CA THR G 14 -1.17 -26.11 10.27
C THR G 14 -0.32 -27.23 10.90
N GLY G 15 0.88 -27.48 10.36
CA GLY G 15 1.82 -28.48 10.87
C GLY G 15 2.46 -29.29 9.76
N PRO G 16 3.17 -30.38 10.13
CA PRO G 16 4.00 -31.12 9.18
C PRO G 16 3.19 -31.77 8.04
N ASP G 17 2.17 -32.56 8.40
CA ASP G 17 1.34 -33.34 7.44
C ASP G 17 -0.02 -32.67 7.27
N SER G 18 -0.06 -31.33 7.23
CA SER G 18 -1.30 -30.52 7.21
C SER G 18 -1.82 -30.35 5.78
N ILE G 19 -0.94 -30.48 4.78
CA ILE G 19 -1.27 -30.26 3.33
C ILE G 19 -1.06 -31.59 2.60
N THR G 20 -1.99 -31.95 1.74
CA THR G 20 -1.87 -33.11 0.80
C THR G 20 -2.35 -32.66 -0.60
N GLU G 21 -1.90 -33.38 -1.61
CA GLU G 21 -2.24 -33.13 -3.04
C GLU G 21 -2.62 -34.46 -3.66
N ILE G 22 -3.68 -34.46 -4.47
CA ILE G 22 -4.08 -35.67 -5.22
C ILE G 22 -4.17 -35.32 -6.70
N GLU G 23 -3.85 -36.30 -7.54
CA GLU G 23 -4.03 -36.20 -9.00
C GLU G 23 -4.93 -37.36 -9.41
N ALA G 24 -5.88 -37.07 -10.26
CA ALA G 24 -6.83 -38.07 -10.79
C ALA G 24 -7.20 -37.71 -12.23
N TYR G 25 -7.66 -38.72 -12.95
CA TYR G 25 -8.29 -38.57 -14.27
C TYR G 25 -9.69 -39.14 -14.19
N LEU G 26 -10.60 -38.54 -14.95
CA LEU G 26 -11.89 -39.15 -15.33
C LEU G 26 -11.90 -39.30 -16.84
N ASN G 27 -12.04 -40.54 -17.28
CA ASN G 27 -12.30 -40.89 -18.70
C ASN G 27 -13.73 -40.49 -19.05
N PRO G 28 -13.94 -40.06 -20.32
CA PRO G 28 -15.27 -39.68 -20.78
C PRO G 28 -16.21 -40.89 -20.90
N ARG G 29 -17.51 -40.61 -20.75
CA ARG G 29 -18.61 -41.61 -20.85
C ARG G 29 -19.54 -41.17 -21.98
N MET G 30 -19.01 -41.15 -23.23
CA MET G 30 -19.73 -40.73 -24.45
C MET G 30 -20.73 -41.78 -24.95
N GLY G 31 -20.60 -43.06 -24.56
CA GLY G 31 -21.69 -44.04 -24.76
C GLY G 31 -21.18 -45.40 -25.20
N GLN G 32 -20.18 -45.45 -26.08
CA GLN G 32 -19.60 -46.74 -26.55
C GLN G 32 -18.80 -47.38 -25.44
N PRO G 33 -18.85 -48.73 -25.29
CA PRO G 33 -18.19 -49.45 -24.20
C PRO G 33 -16.68 -49.23 -24.07
N GLN G 34 -16.23 -49.17 -22.82
CA GLN G 34 -14.80 -49.17 -22.42
C GLN G 34 -14.05 -50.29 -23.12
N ASN G 35 -12.80 -50.04 -23.48
CA ASN G 35 -11.80 -51.04 -23.94
C ASN G 35 -12.31 -51.76 -25.19
N GLU G 36 -13.19 -51.12 -25.96
CA GLU G 36 -13.60 -51.60 -27.30
C GLU G 36 -13.30 -50.48 -28.30
N ASP G 37 -13.44 -50.77 -29.59
CA ASP G 37 -12.80 -50.00 -30.68
C ASP G 37 -13.29 -48.54 -30.73
N PHE G 38 -14.45 -48.24 -30.18
CA PHE G 38 -15.11 -46.90 -30.27
C PHE G 38 -15.13 -46.22 -28.90
N TYR G 39 -14.28 -46.66 -27.97
CA TYR G 39 -14.08 -46.04 -26.65
C TYR G 39 -13.68 -44.58 -26.85
N GLY G 40 -14.42 -43.65 -26.24
CA GLY G 40 -14.23 -42.20 -26.50
C GLY G 40 -15.38 -41.63 -27.29
N PHE G 41 -16.15 -42.47 -27.97
CA PHE G 41 -17.24 -42.04 -28.86
C PHE G 41 -18.58 -42.49 -28.30
N SER G 42 -19.62 -41.81 -28.78
CA SER G 42 -21.01 -42.34 -28.76
C SER G 42 -21.15 -43.31 -29.93
N ASP G 43 -22.20 -44.13 -29.91
CA ASP G 43 -22.64 -44.82 -31.13
C ASP G 43 -23.28 -43.75 -32.03
N ASN G 44 -23.48 -44.05 -33.31
CA ASN G 44 -24.12 -43.18 -34.32
C ASN G 44 -25.50 -42.73 -33.84
N VAL G 45 -25.74 -41.43 -33.92
CA VAL G 45 -26.96 -40.81 -33.33
C VAL G 45 -28.15 -40.97 -34.27
N THR G 46 -29.23 -41.55 -33.76
CA THR G 46 -30.57 -41.59 -34.39
C THR G 46 -31.43 -40.46 -33.84
N VAL G 47 -32.40 -40.00 -34.63
CA VAL G 47 -33.19 -38.78 -34.31
C VAL G 47 -34.65 -39.17 -34.47
N SER G 48 -35.48 -38.92 -33.44
CA SER G 48 -36.93 -39.21 -33.46
C SER G 48 -37.67 -38.24 -34.40
N ASP G 49 -38.93 -38.57 -34.72
CA ASP G 49 -39.77 -37.81 -35.67
C ASP G 49 -40.60 -36.81 -34.87
N ASP G 50 -40.84 -37.07 -33.56
CA ASP G 50 -41.68 -36.26 -32.68
C ASP G 50 -41.40 -36.64 -31.24
N PHE G 51 -41.63 -35.67 -30.35
CA PHE G 51 -41.39 -35.77 -28.90
C PHE G 51 -42.13 -36.97 -28.29
N GLY G 52 -43.18 -37.47 -28.94
CA GLY G 52 -44.10 -38.51 -28.43
C GLY G 52 -43.57 -39.91 -28.68
N SER G 53 -42.61 -40.05 -29.60
CA SER G 53 -41.98 -41.34 -30.01
C SER G 53 -40.47 -41.11 -30.05
N ASP G 54 -39.92 -40.75 -28.90
CA ASP G 54 -38.53 -40.26 -28.75
C ASP G 54 -37.87 -41.12 -27.67
N ALA G 55 -37.03 -42.04 -28.11
CA ALA G 55 -36.34 -43.01 -27.23
C ALA G 55 -34.87 -43.04 -27.62
N PRO G 56 -33.98 -42.21 -27.04
CA PRO G 56 -32.58 -42.27 -27.47
C PRO G 56 -31.96 -43.58 -26.99
N PRO G 57 -31.49 -44.46 -27.92
CA PRO G 57 -30.89 -45.73 -27.53
C PRO G 57 -29.66 -45.51 -26.67
N TRP G 58 -29.44 -46.47 -25.78
CA TRP G 58 -28.21 -46.62 -25.00
C TRP G 58 -27.00 -46.65 -25.93
N LYS G 59 -25.94 -45.97 -25.51
CA LYS G 59 -24.66 -45.72 -26.26
C LYS G 59 -24.76 -44.53 -27.20
N GLN G 60 -25.96 -43.98 -27.44
CA GLN G 60 -26.08 -42.91 -28.47
C GLN G 60 -26.02 -41.54 -27.80
N PHE G 61 -25.77 -41.47 -26.49
CA PHE G 61 -25.75 -40.17 -25.77
C PHE G 61 -24.75 -40.20 -24.63
N PRO G 62 -24.13 -39.04 -24.29
CA PRO G 62 -23.16 -38.98 -23.21
C PRO G 62 -23.78 -38.94 -21.81
N CYS G 63 -23.02 -39.47 -20.87
CA CYS G 63 -23.29 -39.41 -19.42
C CYS G 63 -22.15 -38.74 -18.67
N TYR G 64 -22.44 -38.26 -17.47
CA TYR G 64 -21.45 -37.69 -16.52
C TYR G 64 -20.46 -38.78 -16.08
N SER G 65 -19.19 -38.39 -15.99
CA SER G 65 -18.11 -39.10 -15.30
C SER G 65 -18.05 -38.64 -13.85
N THR G 66 -17.75 -39.56 -12.93
CA THR G 66 -17.64 -39.23 -11.49
C THR G 66 -16.73 -40.28 -10.82
N ALA G 67 -15.97 -39.83 -9.84
CA ALA G 67 -15.16 -40.68 -8.94
C ALA G 67 -15.12 -40.09 -7.53
N ARG G 68 -14.95 -40.98 -6.55
CA ARG G 68 -14.60 -40.60 -5.17
C ARG G 68 -13.14 -40.99 -4.96
N ILE G 69 -12.32 -40.03 -4.55
CA ILE G 69 -10.89 -40.28 -4.23
C ILE G 69 -10.84 -40.47 -2.71
N SER G 70 -10.27 -41.58 -2.24
CA SER G 70 -9.95 -41.77 -0.80
C SER G 70 -8.76 -40.88 -0.43
N LEU G 71 -8.93 -40.10 0.62
CA LEU G 71 -7.88 -39.23 1.20
C LEU G 71 -7.25 -39.95 2.38
N PRO G 72 -6.09 -39.50 2.89
CA PRO G 72 -5.50 -40.13 4.08
C PRO G 72 -6.46 -39.99 5.28
N MET G 73 -6.87 -41.09 5.92
CA MET G 73 -7.71 -41.05 7.16
C MET G 73 -7.02 -40.10 8.14
N LEU G 74 -7.81 -39.32 8.91
CA LEU G 74 -7.29 -38.24 9.80
C LEU G 74 -7.42 -38.69 11.26
N ASN G 75 -8.63 -39.11 11.68
CA ASN G 75 -9.02 -39.36 13.09
C ASN G 75 -8.88 -40.85 13.39
N THR G 82 -14.25 -31.75 18.59
CA THR G 82 -13.89 -31.25 17.24
C THR G 82 -13.32 -32.41 16.40
N ILE G 83 -13.63 -32.43 15.09
CA ILE G 83 -13.04 -33.39 14.11
C ILE G 83 -12.04 -32.62 13.23
N LEU G 84 -11.10 -33.35 12.62
CA LEU G 84 -10.32 -32.86 11.46
C LEU G 84 -11.09 -33.24 10.19
N MET G 85 -11.10 -32.37 9.20
CA MET G 85 -11.55 -32.70 7.82
C MET G 85 -10.58 -32.08 6.81
N TRP G 86 -10.32 -32.81 5.73
CA TRP G 86 -9.61 -32.31 4.53
C TRP G 86 -10.50 -31.24 3.89
N GLU G 87 -9.92 -30.08 3.63
CA GLU G 87 -10.55 -28.93 2.94
C GLU G 87 -9.80 -28.71 1.61
N ALA G 88 -10.50 -28.92 0.50
CA ALA G 88 -9.99 -28.66 -0.86
C ALA G 88 -9.89 -27.15 -1.04
N ILE G 89 -8.68 -26.62 -1.23
CA ILE G 89 -8.43 -25.15 -1.21
C ILE G 89 -8.26 -24.62 -2.63
N SER G 90 -7.79 -25.46 -3.56
CA SER G 90 -7.50 -25.09 -4.96
C SER G 90 -7.39 -26.35 -5.82
N CYS G 91 -7.43 -26.14 -7.13
CA CYS G 91 -7.28 -27.22 -8.12
C CYS G 91 -6.59 -26.70 -9.38
N ARG G 92 -5.98 -27.61 -10.09
CA ARG G 92 -5.67 -27.43 -11.52
C ARG G 92 -6.50 -28.50 -12.22
N THR G 93 -7.10 -28.15 -13.36
CA THR G 93 -7.82 -29.11 -14.23
C THR G 93 -7.43 -28.82 -15.68
N GLU G 94 -7.30 -29.88 -16.45
CA GLU G 94 -6.94 -29.82 -17.88
C GLU G 94 -7.72 -30.91 -18.62
N VAL G 95 -8.29 -30.55 -19.75
CA VAL G 95 -8.82 -31.53 -20.74
C VAL G 95 -7.59 -32.12 -21.41
N MET G 96 -7.44 -33.44 -21.43
CA MET G 96 -6.26 -34.12 -22.02
C MET G 96 -6.61 -34.64 -23.40
N GLY G 97 -5.59 -34.76 -24.26
CA GLY G 97 -5.76 -35.41 -25.55
C GLY G 97 -6.31 -34.47 -26.61
N VAL G 98 -6.32 -33.15 -26.34
CA VAL G 98 -6.65 -32.09 -27.33
C VAL G 98 -5.85 -32.34 -28.61
N ASN G 99 -4.61 -32.80 -28.50
CA ASN G 99 -3.72 -33.14 -29.64
C ASN G 99 -4.42 -34.05 -30.67
N MET G 100 -5.26 -35.00 -30.24
CA MET G 100 -5.83 -36.00 -31.18
C MET G 100 -6.72 -35.28 -32.20
N LEU G 101 -7.19 -34.06 -31.91
CA LEU G 101 -8.15 -33.41 -32.85
C LEU G 101 -7.46 -32.85 -34.09
N THR G 102 -6.14 -33.02 -34.23
CA THR G 102 -5.36 -32.67 -35.43
C THR G 102 -5.43 -33.83 -36.44
N ASN G 103 -6.08 -34.95 -36.09
CA ASN G 103 -6.33 -36.10 -36.99
C ASN G 103 -7.48 -35.73 -37.95
N VAL G 104 -7.18 -35.58 -39.24
CA VAL G 104 -8.20 -35.40 -40.30
C VAL G 104 -8.03 -36.51 -41.35
N HIS G 105 -7.57 -37.69 -40.97
CA HIS G 105 -7.48 -38.84 -41.93
C HIS G 105 -8.32 -40.06 -41.50
N SER G 106 -8.77 -40.17 -40.25
CA SER G 106 -9.43 -41.43 -39.79
C SER G 106 -10.92 -41.48 -40.18
N ALA G 107 -11.29 -42.02 -41.36
CA ALA G 107 -12.67 -42.46 -41.70
C ALA G 107 -13.66 -41.31 -41.59
N GLN G 108 -13.21 -40.11 -41.97
CA GLN G 108 -13.99 -38.86 -41.84
C GLN G 108 -14.56 -38.44 -43.19
N LYS G 109 -15.82 -38.03 -43.20
CA LYS G 109 -16.39 -37.26 -44.32
C LYS G 109 -15.35 -36.21 -44.69
N ARG G 110 -15.12 -36.09 -46.00
CA ARG G 110 -14.09 -35.21 -46.58
C ARG G 110 -14.73 -33.86 -46.90
N VAL G 111 -13.91 -32.81 -46.96
CA VAL G 111 -14.32 -31.40 -47.22
C VAL G 111 -14.92 -31.30 -48.63
N TYR G 112 -14.44 -32.10 -49.57
CA TYR G 112 -14.90 -32.13 -50.98
C TYR G 112 -15.35 -33.56 -51.28
N GLU G 113 -16.42 -33.97 -50.61
CA GLU G 113 -16.92 -35.37 -50.61
C GLU G 113 -17.28 -35.80 -52.05
N ASN G 114 -17.88 -34.90 -52.84
CA ASN G 114 -18.28 -35.19 -54.23
C ASN G 114 -17.05 -35.51 -55.08
N ASP G 115 -15.89 -34.93 -54.75
CA ASP G 115 -14.63 -35.08 -55.51
C ASP G 115 -13.76 -36.17 -54.87
N ARG G 116 -14.18 -36.71 -53.73
CA ARG G 116 -13.42 -37.69 -52.92
C ARG G 116 -12.06 -37.08 -52.61
N GLU G 117 -12.06 -35.83 -52.13
CA GLU G 117 -10.80 -35.06 -52.00
C GLU G 117 -10.89 -34.14 -50.78
N GLY G 118 -9.73 -33.68 -50.31
CA GLY G 118 -9.64 -32.83 -49.13
C GLY G 118 -9.36 -33.65 -47.91
N THR G 119 -9.08 -32.97 -46.80
CA THR G 119 -8.94 -33.57 -45.46
C THR G 119 -10.30 -34.11 -45.05
N GLY G 120 -10.35 -34.95 -44.04
CA GLY G 120 -11.56 -35.12 -43.23
C GLY G 120 -12.04 -33.78 -42.67
N ILE G 121 -13.34 -33.66 -42.38
CA ILE G 121 -13.89 -32.40 -41.78
C ILE G 121 -13.49 -32.35 -40.30
N GLY G 122 -12.98 -33.44 -39.74
CA GLY G 122 -12.52 -33.48 -38.35
C GLY G 122 -13.70 -33.47 -37.38
N VAL G 123 -13.41 -33.20 -36.12
CA VAL G 123 -14.45 -33.10 -35.05
C VAL G 123 -14.96 -31.66 -35.11
N GLU G 124 -16.28 -31.53 -35.18
CA GLU G 124 -16.96 -30.21 -35.31
C GLU G 124 -18.19 -30.25 -34.40
N GLY G 125 -18.73 -29.10 -34.03
CA GLY G 125 -20.03 -29.06 -33.36
C GLY G 125 -19.88 -28.70 -31.90
N MET G 126 -20.82 -29.15 -31.09
CA MET G 126 -21.00 -28.60 -29.74
C MET G 126 -19.87 -29.03 -28.81
N GLY G 127 -19.50 -28.10 -27.95
CA GLY G 127 -18.58 -28.32 -26.84
C GLY G 127 -19.41 -28.18 -25.58
N TYR G 128 -19.38 -29.18 -24.72
CA TYR G 128 -19.96 -29.11 -23.36
C TYR G 128 -18.86 -29.55 -22.41
N HIS G 129 -18.38 -28.62 -21.59
CA HIS G 129 -17.22 -28.82 -20.71
C HIS G 129 -17.63 -28.37 -19.32
N MET G 130 -17.73 -29.32 -18.42
CA MET G 130 -18.06 -29.04 -17.00
C MET G 130 -17.22 -29.89 -16.06
N PHE G 131 -16.85 -29.33 -14.91
CA PHE G 131 -16.21 -30.13 -13.84
C PHE G 131 -16.75 -29.64 -12.51
N ALA G 132 -16.73 -30.53 -11.52
CA ALA G 132 -17.13 -30.22 -10.14
C ALA G 132 -16.11 -30.87 -9.22
N ILE G 133 -15.78 -30.15 -8.14
CA ILE G 133 -14.92 -30.63 -7.02
C ILE G 133 -15.65 -30.32 -5.71
N GLY G 134 -15.88 -31.36 -4.90
CA GLY G 134 -16.80 -31.33 -3.75
C GLY G 134 -16.39 -32.27 -2.66
N GLY G 135 -16.85 -32.00 -1.43
CA GLY G 135 -16.66 -32.90 -0.27
C GLY G 135 -17.80 -33.88 -0.08
N GLU G 136 -18.69 -33.98 -1.08
CA GLU G 136 -19.79 -34.97 -1.16
C GLU G 136 -20.23 -35.09 -2.63
N PRO G 137 -21.07 -36.08 -3.02
CA PRO G 137 -21.53 -36.18 -4.41
C PRO G 137 -22.23 -34.92 -4.95
N LEU G 138 -22.02 -34.63 -6.24
CA LEU G 138 -22.59 -33.44 -6.91
C LEU G 138 -24.12 -33.54 -6.81
N GLU G 139 -24.76 -32.50 -6.31
CA GLU G 139 -26.24 -32.47 -6.26
C GLU G 139 -26.77 -31.96 -7.61
N LEU G 140 -27.76 -32.67 -8.16
CA LEU G 140 -28.24 -32.48 -9.54
C LEU G 140 -29.67 -31.95 -9.55
N GLN G 141 -29.95 -31.17 -10.58
CA GLN G 141 -31.33 -30.83 -11.03
C GLN G 141 -31.63 -31.59 -12.31
N PHE G 142 -32.71 -32.35 -12.29
CA PHE G 142 -33.27 -33.00 -13.50
C PHE G 142 -33.92 -31.94 -14.37
N MET G 143 -33.43 -31.84 -15.60
CA MET G 143 -34.07 -30.94 -16.61
C MET G 143 -33.76 -31.51 -17.98
N VAL G 144 -34.75 -31.57 -18.86
CA VAL G 144 -34.64 -32.21 -20.21
C VAL G 144 -35.26 -31.32 -21.27
N PHE G 145 -34.79 -31.49 -22.50
CA PHE G 145 -35.34 -30.77 -23.66
C PHE G 145 -36.80 -31.21 -23.86
N ASN G 146 -37.05 -32.51 -23.79
CA ASN G 146 -38.37 -33.16 -24.08
C ASN G 146 -38.70 -34.13 -22.94
N HIS G 147 -39.72 -33.83 -22.14
CA HIS G 147 -40.11 -34.61 -20.94
C HIS G 147 -40.58 -36.01 -21.34
N ARG G 148 -41.05 -36.20 -22.57
CA ARG G 148 -41.64 -37.48 -23.05
C ARG G 148 -40.56 -38.41 -23.59
N ALA G 149 -39.28 -38.02 -23.53
CA ALA G 149 -38.17 -38.93 -23.94
C ALA G 149 -38.22 -40.20 -23.06
N THR G 150 -38.15 -41.37 -23.68
CA THR G 150 -37.94 -42.64 -22.96
C THR G 150 -36.45 -42.95 -22.93
N TYR G 151 -35.83 -42.85 -21.77
CA TYR G 151 -34.40 -43.19 -21.59
C TYR G 151 -34.27 -44.70 -21.46
N PRO G 152 -33.10 -45.28 -21.82
CA PRO G 152 -32.92 -46.73 -21.74
C PRO G 152 -32.74 -47.24 -20.30
N ALA G 153 -32.93 -48.55 -20.11
CA ALA G 153 -32.78 -49.26 -18.81
C ALA G 153 -31.44 -48.90 -18.15
N GLU G 154 -30.38 -48.73 -18.95
CA GLU G 154 -29.01 -48.45 -18.46
C GLU G 154 -28.89 -47.08 -17.81
N ALA G 155 -29.74 -46.09 -18.13
CA ALA G 155 -29.58 -44.68 -17.67
C ALA G 155 -30.20 -44.54 -16.30
N THR G 156 -29.67 -43.63 -15.48
CA THR G 156 -30.34 -43.19 -14.23
C THR G 156 -31.07 -41.89 -14.55
N VAL G 157 -32.39 -41.94 -14.55
CA VAL G 157 -33.25 -40.75 -14.85
C VAL G 157 -34.39 -40.75 -13.84
N ILE G 158 -35.08 -39.62 -13.68
CA ILE G 158 -36.44 -39.61 -13.08
C ILE G 158 -37.43 -40.02 -14.17
N LYS G 159 -38.12 -41.15 -13.98
CA LYS G 159 -39.12 -41.68 -14.96
C LYS G 159 -40.39 -40.81 -14.86
N ASN G 160 -41.13 -40.68 -15.97
CA ASN G 160 -42.37 -39.87 -16.04
C ASN G 160 -42.16 -38.56 -15.29
N PRO G 161 -41.14 -37.76 -15.67
CA PRO G 161 -40.81 -36.54 -14.93
C PRO G 161 -41.85 -35.41 -15.05
N GLY G 162 -42.70 -35.44 -16.06
CA GLY G 162 -43.75 -34.43 -16.28
C GLY G 162 -43.22 -33.24 -17.07
N ALA G 163 -44.13 -32.40 -17.54
CA ALA G 163 -43.88 -31.29 -18.47
C ALA G 163 -43.02 -30.21 -17.80
N SER G 164 -43.10 -30.07 -16.48
CA SER G 164 -42.36 -29.07 -15.69
C SER G 164 -40.85 -29.34 -15.67
N SER G 165 -40.43 -30.57 -16.01
CA SER G 165 -39.02 -31.01 -16.15
C SER G 165 -38.35 -30.43 -17.40
N GLN G 166 -39.10 -29.85 -18.32
CA GLN G 166 -38.56 -29.08 -19.46
C GLN G 166 -38.06 -27.72 -18.97
N VAL G 167 -38.41 -27.34 -17.74
CA VAL G 167 -37.91 -26.11 -17.06
C VAL G 167 -37.54 -26.48 -15.63
N PHE G 168 -37.56 -25.55 -14.68
CA PHE G 168 -37.22 -25.84 -13.26
C PHE G 168 -38.48 -26.32 -12.51
N ASP G 169 -38.36 -27.50 -11.92
CA ASP G 169 -39.33 -28.09 -10.96
C ASP G 169 -38.52 -28.42 -9.70
N PRO G 170 -38.82 -27.76 -8.56
CA PRO G 170 -38.07 -28.04 -7.34
C PRO G 170 -38.22 -29.46 -6.77
N ASN G 171 -39.15 -30.26 -7.28
CA ASN G 171 -39.26 -31.69 -6.88
C ASN G 171 -38.22 -32.59 -7.56
N LEU G 172 -37.64 -32.21 -8.70
CA LEU G 172 -36.89 -33.17 -9.55
C LEU G 172 -35.38 -33.11 -9.22
N LYS G 173 -35.00 -33.76 -8.12
CA LYS G 173 -33.62 -33.71 -7.56
C LYS G 173 -32.95 -35.07 -7.70
N GLY G 174 -31.62 -35.06 -7.71
CA GLY G 174 -30.80 -36.29 -7.73
C GLY G 174 -29.42 -35.99 -7.17
N THR G 175 -28.60 -37.02 -7.06
CA THR G 175 -27.19 -36.84 -6.66
C THR G 175 -26.36 -37.73 -7.59
N LEU G 176 -25.18 -37.26 -7.99
CA LEU G 176 -24.28 -37.95 -8.94
C LEU G 176 -23.52 -39.05 -8.20
N THR G 177 -24.09 -40.24 -8.18
CA THR G 177 -23.64 -41.35 -7.28
C THR G 177 -23.00 -42.46 -8.11
N ALA G 178 -23.06 -42.40 -9.44
CA ALA G 178 -22.49 -43.45 -10.30
C ALA G 178 -21.93 -42.84 -11.59
N ASP G 179 -20.82 -43.41 -12.01
CA ASP G 179 -20.09 -43.07 -13.25
C ASP G 179 -20.82 -43.65 -14.46
N GLY G 180 -21.01 -42.82 -15.49
CA GLY G 180 -21.32 -43.24 -16.87
C GLY G 180 -22.78 -43.67 -17.03
N VAL G 181 -23.72 -43.23 -16.16
CA VAL G 181 -25.16 -43.64 -16.26
C VAL G 181 -26.15 -42.46 -16.11
N PHE G 182 -25.71 -41.29 -15.66
CA PHE G 182 -26.56 -40.07 -15.54
C PHE G 182 -26.45 -39.30 -16.86
N PRO G 183 -27.47 -39.27 -17.75
CA PRO G 183 -27.29 -38.61 -19.06
C PRO G 183 -26.99 -37.12 -18.88
N VAL G 184 -26.03 -36.60 -19.64
CA VAL G 184 -25.71 -35.14 -19.62
C VAL G 184 -27.01 -34.39 -19.96
N GLU G 185 -27.78 -34.86 -20.94
CA GLU G 185 -28.95 -34.08 -21.43
C GLU G 185 -30.15 -34.15 -20.46
N ALA G 186 -30.03 -34.84 -19.34
CA ALA G 186 -31.13 -34.98 -18.35
C ALA G 186 -30.78 -34.37 -16.99
N TRP G 187 -29.50 -34.09 -16.74
CA TRP G 187 -29.07 -33.65 -15.38
C TRP G 187 -28.08 -32.50 -15.52
N GLY G 188 -28.20 -31.50 -14.63
CA GLY G 188 -27.22 -30.41 -14.43
C GLY G 188 -27.00 -30.15 -12.95
N PRO G 189 -25.93 -29.42 -12.55
CA PRO G 189 -25.71 -29.04 -11.16
C PRO G 189 -26.91 -28.21 -10.68
N ASP G 190 -27.29 -28.49 -9.44
CA ASP G 190 -28.39 -27.82 -8.70
C ASP G 190 -27.82 -26.60 -7.99
N PRO G 191 -28.16 -25.37 -8.44
CA PRO G 191 -27.69 -24.16 -7.77
C PRO G 191 -28.37 -23.89 -6.40
N PHE G 192 -29.45 -24.60 -6.09
CA PHE G 192 -30.15 -24.47 -4.78
C PHE G 192 -29.41 -25.32 -3.74
N LYS G 193 -28.49 -26.17 -4.18
CA LYS G 193 -27.70 -27.02 -3.26
C LYS G 193 -26.21 -26.78 -3.56
N ASN G 194 -25.38 -27.82 -3.42
CA ASN G 194 -23.94 -27.77 -3.73
C ASN G 194 -23.23 -26.68 -2.91
N GLU G 195 -23.65 -26.46 -1.66
CA GLU G 195 -22.90 -25.58 -0.73
C GLU G 195 -21.48 -26.13 -0.51
N ASN G 196 -21.27 -27.44 -0.65
CA ASN G 196 -19.98 -28.11 -0.31
C ASN G 196 -19.29 -28.61 -1.58
N THR G 197 -19.65 -28.05 -2.74
CA THR G 197 -19.07 -28.37 -4.06
C THR G 197 -18.90 -27.08 -4.89
N ARG G 198 -17.82 -26.97 -5.65
CA ARG G 198 -17.68 -25.91 -6.65
C ARG G 198 -17.83 -26.54 -8.04
N TYR G 199 -18.66 -25.98 -8.87
CA TYR G 199 -18.84 -26.50 -10.25
C TYR G 199 -18.66 -25.35 -11.22
N PHE G 200 -18.27 -25.71 -12.44
CA PHE G 200 -17.92 -24.80 -13.56
C PHE G 200 -18.30 -25.50 -14.86
N GLY G 201 -19.07 -24.82 -15.70
CA GLY G 201 -19.42 -25.36 -17.02
C GLY G 201 -19.47 -24.30 -18.10
N GLN G 202 -19.23 -24.75 -19.32
CA GLN G 202 -19.35 -23.91 -20.54
C GLN G 202 -20.00 -24.76 -21.62
N TYR G 203 -20.95 -24.18 -22.31
CA TYR G 203 -21.60 -24.83 -23.47
C TYR G 203 -21.46 -23.95 -24.68
N THR G 204 -21.06 -24.53 -25.81
CA THR G 204 -21.09 -23.90 -27.14
C THR G 204 -21.78 -24.89 -28.07
N GLY G 205 -22.89 -24.47 -28.66
CA GLY G 205 -23.76 -25.35 -29.46
C GLY G 205 -23.33 -25.41 -30.90
N GLY G 206 -24.26 -25.90 -31.72
CA GLY G 206 -24.10 -26.08 -33.17
C GLY G 206 -23.58 -27.47 -33.50
N THR G 207 -23.53 -27.76 -34.79
CA THR G 207 -23.12 -29.09 -35.32
C THR G 207 -21.90 -28.95 -36.23
N GLN G 208 -21.60 -27.74 -36.70
CA GLN G 208 -20.43 -27.40 -37.55
C GLN G 208 -19.56 -26.32 -36.87
N THR G 209 -19.81 -26.03 -35.60
CA THR G 209 -19.03 -25.03 -34.82
C THR G 209 -17.61 -25.54 -34.68
N PRO G 210 -16.60 -24.69 -34.87
CA PRO G 210 -15.23 -25.10 -34.59
C PRO G 210 -15.05 -25.30 -33.09
N PRO G 211 -14.54 -26.46 -32.67
CA PRO G 211 -14.15 -26.68 -31.28
C PRO G 211 -12.99 -25.75 -30.89
N VAL G 212 -13.09 -25.10 -29.73
CA VAL G 212 -12.02 -24.23 -29.17
C VAL G 212 -11.61 -24.82 -27.81
N LEU G 213 -10.36 -25.26 -27.67
CA LEU G 213 -9.87 -25.92 -26.45
C LEU G 213 -8.52 -25.35 -26.12
N THR G 214 -8.26 -25.07 -24.86
CA THR G 214 -6.96 -24.55 -24.36
C THR G 214 -6.44 -25.57 -23.35
N PHE G 215 -5.14 -25.66 -23.20
CA PHE G 215 -4.50 -26.52 -22.18
C PHE G 215 -3.20 -25.87 -21.72
N THR G 216 -2.97 -25.90 -20.41
CA THR G 216 -1.74 -25.36 -19.77
C THR G 216 -1.61 -26.04 -18.41
N ASN G 217 -0.39 -26.16 -17.91
CA ASN G 217 -0.17 -26.65 -16.54
C ASN G 217 0.07 -25.47 -15.59
N THR G 218 -0.32 -24.23 -15.95
CA THR G 218 0.04 -23.00 -15.18
C THR G 218 -1.18 -22.32 -14.54
N GLN G 219 -2.39 -22.85 -14.71
CA GLN G 219 -3.66 -22.20 -14.26
C GLN G 219 -4.13 -22.89 -12.98
N THR G 220 -4.32 -22.13 -11.91
CA THR G 220 -4.87 -22.60 -10.61
C THR G 220 -6.25 -21.95 -10.42
N THR G 221 -7.23 -22.71 -9.95
CA THR G 221 -8.57 -22.19 -9.54
C THR G 221 -8.71 -22.33 -8.03
N ILE G 222 -9.02 -21.24 -7.32
CA ILE G 222 -9.15 -21.26 -5.83
C ILE G 222 -10.55 -21.77 -5.50
N LEU G 223 -10.68 -22.69 -4.54
CA LEU G 223 -11.96 -23.37 -4.24
C LEU G 223 -12.58 -22.82 -2.95
N LEU G 224 -11.95 -21.82 -2.32
CA LEU G 224 -12.44 -21.15 -1.08
C LEU G 224 -13.66 -20.31 -1.45
N ASP G 225 -14.70 -20.30 -0.59
CA ASP G 225 -15.90 -19.44 -0.74
C ASP G 225 -15.64 -18.04 -0.14
N GLU G 226 -16.66 -17.19 -0.10
CA GLU G 226 -16.64 -15.81 0.47
C GLU G 226 -16.02 -15.80 1.87
N ASN G 227 -16.16 -16.91 2.62
CA ASN G 227 -15.78 -17.01 4.05
C ASN G 227 -14.42 -17.72 4.20
N GLY G 228 -13.72 -17.97 3.09
CA GLY G 228 -12.36 -18.57 3.09
C GLY G 228 -12.38 -20.06 3.35
N VAL G 229 -13.48 -20.73 3.01
CA VAL G 229 -13.68 -22.15 3.35
C VAL G 229 -13.82 -22.94 2.04
N GLY G 230 -12.97 -23.95 1.86
CA GLY G 230 -13.02 -24.82 0.68
C GLY G 230 -13.97 -25.97 0.95
N PRO G 231 -14.34 -26.77 -0.07
CA PRO G 231 -15.13 -27.97 0.15
C PRO G 231 -14.55 -28.89 1.24
N LEU G 232 -15.39 -29.29 2.20
CA LEU G 232 -14.98 -30.13 3.35
C LEU G 232 -15.37 -31.58 3.04
N CYS G 233 -14.39 -32.47 3.05
CA CYS G 233 -14.51 -33.83 2.47
C CYS G 233 -15.12 -34.80 3.48
N LYS G 234 -16.41 -35.09 3.38
CA LYS G 234 -17.14 -35.97 4.32
C LYS G 234 -16.74 -37.43 4.06
N GLY G 235 -16.46 -38.18 5.12
CA GLY G 235 -15.94 -39.56 5.07
C GLY G 235 -14.55 -39.60 4.46
N ASP G 236 -13.79 -38.50 4.52
CA ASP G 236 -12.42 -38.39 3.96
C ASP G 236 -12.46 -38.75 2.47
N GLY G 237 -13.54 -38.36 1.78
CA GLY G 237 -13.74 -38.59 0.34
C GLY G 237 -13.73 -37.29 -0.43
N LEU G 238 -13.01 -37.25 -1.56
CA LEU G 238 -13.02 -36.13 -2.52
C LEU G 238 -13.80 -36.58 -3.77
N PHE G 239 -14.79 -35.78 -4.15
CA PHE G 239 -15.77 -36.11 -5.21
C PHE G 239 -15.49 -35.23 -6.43
N LEU G 240 -15.09 -35.88 -7.50
CA LEU G 240 -14.75 -35.30 -8.81
C LEU G 240 -15.81 -35.74 -9.82
N SER G 241 -16.29 -34.79 -10.61
CA SER G 241 -17.34 -35.02 -11.62
C SER G 241 -16.97 -34.19 -12.87
N CYS G 242 -17.32 -34.67 -14.05
CA CYS G 242 -17.15 -33.85 -15.27
C CYS G 242 -17.90 -34.46 -16.43
N ALA G 243 -18.04 -33.66 -17.46
CA ALA G 243 -18.41 -34.13 -18.82
C ALA G 243 -17.63 -33.26 -19.81
N ASP G 244 -17.00 -33.87 -20.82
CA ASP G 244 -16.16 -33.11 -21.79
C ASP G 244 -16.53 -33.56 -23.21
N ILE G 245 -17.65 -33.04 -23.72
CA ILE G 245 -18.08 -33.31 -25.10
C ILE G 245 -17.27 -32.33 -25.95
N VAL G 246 -16.51 -32.82 -26.93
CA VAL G 246 -15.66 -31.91 -27.75
C VAL G 246 -16.34 -31.60 -29.08
N GLY G 247 -17.17 -32.52 -29.58
CA GLY G 247 -18.08 -32.29 -30.71
C GLY G 247 -18.44 -33.60 -31.35
N PHE G 248 -18.76 -33.57 -32.64
CA PHE G 248 -19.18 -34.77 -33.41
C PHE G 248 -18.12 -35.21 -34.41
N PHE G 249 -17.99 -36.53 -34.50
CA PHE G 249 -17.30 -37.26 -35.58
C PHE G 249 -18.33 -37.61 -36.67
N THR G 250 -18.08 -37.19 -37.93
CA THR G 250 -18.95 -37.46 -39.10
C THR G 250 -18.28 -38.46 -40.05
N GLN G 251 -18.98 -39.54 -40.32
CA GLN G 251 -18.53 -40.64 -41.24
C GLN G 251 -18.71 -40.21 -42.70
N HIS G 252 -18.07 -40.91 -43.64
CA HIS G 252 -18.28 -40.72 -45.11
C HIS G 252 -19.78 -40.84 -45.44
N ASN G 253 -20.53 -41.70 -44.75
CA ASN G 253 -22.00 -41.93 -44.97
C ASN G 253 -22.84 -41.01 -44.06
N LYS G 254 -22.22 -40.03 -43.41
CA LYS G 254 -22.86 -38.86 -42.74
C LYS G 254 -23.45 -39.26 -41.37
N LYS G 255 -23.19 -40.48 -40.89
CA LYS G 255 -23.48 -40.84 -39.48
C LYS G 255 -22.55 -40.02 -38.57
N MET G 256 -23.11 -39.50 -37.48
CA MET G 256 -22.45 -38.57 -36.55
C MET G 256 -22.54 -39.14 -35.15
N SER G 257 -21.41 -39.12 -34.45
CA SER G 257 -21.28 -39.62 -33.07
C SER G 257 -20.62 -38.54 -32.25
N PHE G 258 -20.95 -38.46 -30.97
CA PHE G 258 -20.24 -37.62 -29.99
C PHE G 258 -18.80 -38.16 -29.84
N ARG G 259 -17.87 -37.23 -29.66
CA ARG G 259 -16.46 -37.49 -29.20
C ARG G 259 -16.20 -36.72 -27.91
N GLY G 260 -15.59 -37.40 -26.95
CA GLY G 260 -15.26 -36.81 -25.65
C GLY G 260 -13.79 -36.97 -25.35
N LEU G 261 -13.30 -36.24 -24.33
CA LEU G 261 -11.88 -36.32 -23.90
C LEU G 261 -11.83 -36.51 -22.40
N PRO G 262 -10.76 -37.14 -21.89
CA PRO G 262 -10.60 -37.32 -20.45
C PRO G 262 -10.20 -35.99 -19.80
N ARG G 263 -10.47 -35.87 -18.52
CA ARG G 263 -10.08 -34.68 -17.74
C ARG G 263 -9.09 -35.07 -16.65
N TYR G 264 -8.11 -34.20 -16.48
CA TYR G 264 -7.11 -34.24 -15.38
C TYR G 264 -7.58 -33.34 -14.26
N PHE G 265 -7.36 -33.79 -13.02
CA PHE G 265 -7.60 -32.99 -11.79
C PHE G 265 -6.33 -33.04 -10.91
N ARG G 266 -5.93 -31.88 -10.42
CA ARG G 266 -4.99 -31.80 -9.29
C ARG G 266 -5.69 -31.01 -8.21
N VAL G 267 -5.82 -31.58 -7.02
CA VAL G 267 -6.52 -30.89 -5.89
C VAL G 267 -5.53 -30.83 -4.72
N THR G 268 -5.36 -29.62 -4.18
CA THR G 268 -4.60 -29.34 -2.95
C THR G 268 -5.60 -29.29 -1.80
N LEU G 269 -5.30 -29.99 -0.71
CA LEU G 269 -6.21 -30.06 0.47
C LEU G 269 -5.40 -29.79 1.75
N ARG G 270 -6.01 -29.12 2.72
CA ARG G 270 -5.42 -28.80 4.05
C ARG G 270 -6.34 -29.31 5.16
N LYS G 271 -5.75 -29.63 6.32
CA LYS G 271 -6.47 -30.03 7.55
C LYS G 271 -7.16 -28.80 8.12
N ARG G 272 -8.46 -28.93 8.36
CA ARG G 272 -9.35 -27.90 8.92
C ARG G 272 -10.03 -28.49 10.17
N VAL G 273 -10.01 -27.74 11.28
CA VAL G 273 -10.76 -28.14 12.51
C VAL G 273 -12.23 -27.75 12.30
N VAL G 274 -13.13 -28.67 12.62
CA VAL G 274 -14.61 -28.47 12.63
C VAL G 274 -15.17 -28.95 13.97
N LYS G 275 -16.40 -28.53 14.32
CA LYS G 275 -17.06 -28.76 15.63
C LYS G 275 -17.53 -30.21 15.74
N ILE H 7 14.81 -31.82 -6.92
CA ILE H 7 15.90 -30.84 -6.65
C ILE H 7 15.54 -30.01 -5.40
N GLU H 8 16.47 -29.88 -4.45
CA GLU H 8 16.36 -28.99 -3.27
C GLU H 8 16.77 -27.57 -3.69
N VAL H 9 15.79 -26.69 -3.88
CA VAL H 9 15.96 -25.31 -4.41
C VAL H 9 16.31 -24.39 -3.25
N LEU H 10 17.39 -23.61 -3.36
CA LEU H 10 17.85 -22.64 -2.34
C LEU H 10 17.69 -21.22 -2.90
N ALA H 11 18.66 -20.35 -2.68
CA ALA H 11 18.51 -18.90 -2.94
C ALA H 11 18.82 -18.58 -4.42
N VAL H 12 18.20 -17.52 -4.93
CA VAL H 12 18.53 -16.88 -6.24
C VAL H 12 19.82 -16.05 -6.07
N ARG H 13 20.74 -16.10 -7.05
CA ARG H 13 21.80 -15.08 -7.24
C ARG H 13 21.17 -13.76 -7.76
N THR H 14 21.75 -12.63 -7.38
CA THR H 14 21.27 -11.27 -7.78
C THR H 14 22.42 -10.48 -8.44
N GLY H 15 22.07 -9.34 -9.06
CA GLY H 15 22.96 -8.49 -9.88
C GLY H 15 22.72 -8.70 -11.37
N PRO H 16 23.19 -7.78 -12.25
CA PRO H 16 23.23 -8.02 -13.69
C PRO H 16 23.83 -9.36 -14.16
N ASP H 17 24.99 -9.77 -13.63
CA ASP H 17 25.74 -11.00 -14.05
C ASP H 17 24.95 -12.28 -13.75
N SER H 18 23.90 -12.18 -12.93
CA SER H 18 23.06 -13.31 -12.47
C SER H 18 21.99 -13.66 -13.52
N ILE H 19 21.82 -12.84 -14.58
CA ILE H 19 20.79 -13.01 -15.63
C ILE H 19 21.46 -13.35 -16.96
N THR H 20 20.89 -14.29 -17.71
CA THR H 20 21.26 -14.51 -19.12
C THR H 20 19.97 -14.64 -19.94
N GLU H 21 20.09 -14.44 -21.23
CA GLU H 21 18.95 -14.57 -22.17
C GLU H 21 19.40 -15.41 -23.35
N ILE H 22 18.51 -16.27 -23.84
CA ILE H 22 18.74 -17.00 -25.11
C ILE H 22 17.61 -16.65 -26.09
N GLU H 23 17.92 -16.72 -27.37
CA GLU H 23 16.92 -16.58 -28.43
C GLU H 23 17.05 -17.83 -29.30
N ALA H 24 15.93 -18.40 -29.72
CA ALA H 24 15.96 -19.61 -30.55
C ALA H 24 14.75 -19.59 -31.47
N TYR H 25 14.78 -20.42 -32.50
CA TYR H 25 13.61 -20.68 -33.36
C TYR H 25 13.44 -22.20 -33.45
N LEU H 26 12.21 -22.59 -33.67
CA LEU H 26 11.85 -23.94 -34.12
C LEU H 26 11.05 -23.79 -35.39
N ASN H 27 11.57 -24.36 -36.47
CA ASN H 27 10.86 -24.52 -37.76
C ASN H 27 9.78 -25.60 -37.60
N PRO H 28 8.63 -25.44 -38.26
CA PRO H 28 7.58 -26.45 -38.18
C PRO H 28 7.99 -27.76 -38.86
N ARG H 29 7.34 -28.85 -38.45
CA ARG H 29 7.56 -30.21 -38.99
C ARG H 29 6.22 -30.77 -39.47
N MET H 30 5.67 -30.19 -40.54
CA MET H 30 4.31 -30.49 -41.05
C MET H 30 4.31 -31.76 -41.91
N GLY H 31 5.46 -32.30 -42.30
CA GLY H 31 5.55 -33.62 -42.97
C GLY H 31 6.47 -33.59 -44.18
N GLN H 32 6.34 -32.60 -45.06
CA GLN H 32 7.19 -32.55 -46.28
C GLN H 32 8.64 -32.30 -45.89
N PRO H 33 9.60 -32.89 -46.64
CA PRO H 33 11.02 -32.73 -46.36
C PRO H 33 11.58 -31.30 -46.29
N GLN H 34 12.48 -31.09 -45.35
CA GLN H 34 13.31 -29.87 -45.18
C GLN H 34 14.05 -29.57 -46.48
N ASN H 35 14.19 -28.28 -46.80
CA ASN H 35 15.03 -27.77 -47.90
C ASN H 35 14.54 -28.28 -49.26
N GLU H 36 13.25 -28.65 -49.37
CA GLU H 36 12.61 -29.03 -50.66
C GLU H 36 11.37 -28.14 -50.84
N ASP H 37 10.73 -28.25 -51.98
CA ASP H 37 9.82 -27.19 -52.49
C ASP H 37 8.59 -27.00 -51.58
N PHE H 38 8.18 -28.01 -50.78
CA PHE H 38 6.95 -28.00 -49.95
C PHE H 38 7.31 -27.90 -48.46
N TYR H 39 8.53 -27.48 -48.15
CA TYR H 39 8.97 -27.27 -46.74
C TYR H 39 8.00 -26.27 -46.06
N GLY H 40 7.46 -26.66 -44.91
CA GLY H 40 6.43 -25.90 -44.18
C GLY H 40 5.02 -26.47 -44.39
N PHE H 41 4.84 -27.38 -45.33
CA PHE H 41 3.54 -28.06 -45.62
C PHE H 41 3.63 -29.55 -45.30
N SER H 42 2.49 -30.19 -45.05
CA SER H 42 2.39 -31.65 -45.21
C SER H 42 2.23 -31.92 -46.70
N ASP H 43 2.41 -33.17 -47.06
CA ASP H 43 1.89 -33.77 -48.30
C ASP H 43 0.35 -33.78 -48.24
N ASN H 44 -0.26 -33.85 -49.40
CA ASN H 44 -1.73 -33.88 -49.57
C ASN H 44 -2.31 -35.05 -48.74
N VAL H 45 -3.30 -34.74 -47.90
CA VAL H 45 -3.90 -35.64 -46.89
C VAL H 45 -4.87 -36.59 -47.58
N THR H 46 -4.59 -37.87 -47.40
CA THR H 46 -5.49 -38.99 -47.76
C THR H 46 -6.29 -39.38 -46.51
N VAL H 47 -7.49 -39.89 -46.76
CA VAL H 47 -8.53 -40.20 -45.75
C VAL H 47 -8.94 -41.67 -45.94
N SER H 48 -8.88 -42.45 -44.87
CA SER H 48 -9.29 -43.88 -44.83
C SER H 48 -10.83 -44.00 -44.87
N ASP H 49 -11.28 -45.18 -45.28
CA ASP H 49 -12.71 -45.53 -45.40
C ASP H 49 -13.25 -46.03 -44.07
N ASP H 50 -12.38 -46.51 -43.17
CA ASP H 50 -12.74 -47.28 -41.94
C ASP H 50 -11.56 -47.12 -40.99
N PHE H 51 -11.82 -47.10 -39.68
CA PHE H 51 -10.80 -47.07 -38.60
C PHE H 51 -9.89 -48.31 -38.71
N GLY H 52 -10.42 -49.43 -39.20
CA GLY H 52 -9.72 -50.72 -39.33
C GLY H 52 -8.72 -50.76 -40.49
N SER H 53 -8.91 -49.98 -41.55
CA SER H 53 -7.93 -49.84 -42.68
C SER H 53 -7.36 -48.42 -42.73
N ASP H 54 -6.81 -47.93 -41.62
CA ASP H 54 -6.40 -46.49 -41.49
C ASP H 54 -4.88 -46.47 -41.31
N ALA H 55 -4.18 -45.87 -42.26
CA ALA H 55 -2.70 -45.80 -42.33
C ALA H 55 -2.31 -44.44 -42.92
N PRO H 56 -2.09 -43.39 -42.09
CA PRO H 56 -1.64 -42.10 -42.61
C PRO H 56 -0.21 -42.18 -43.15
N PRO H 57 0.02 -42.05 -44.48
CA PRO H 57 1.37 -42.16 -45.06
C PRO H 57 2.29 -41.06 -44.54
N TRP H 58 3.55 -41.41 -44.25
CA TRP H 58 4.59 -40.43 -43.86
C TRP H 58 4.52 -39.20 -44.80
N LYS H 59 4.64 -38.02 -44.20
CA LYS H 59 4.67 -36.67 -44.82
C LYS H 59 3.26 -36.09 -44.78
N GLN H 60 2.22 -36.87 -44.45
CA GLN H 60 0.82 -36.39 -44.53
C GLN H 60 0.29 -35.86 -43.21
N PHE H 61 1.09 -35.82 -42.12
CA PHE H 61 0.65 -35.33 -40.79
C PHE H 61 1.78 -34.61 -40.07
N PRO H 62 1.44 -33.58 -39.29
CA PRO H 62 2.43 -32.84 -38.51
C PRO H 62 2.97 -33.59 -37.29
N CYS H 63 4.23 -33.29 -36.99
CA CYS H 63 4.96 -33.79 -35.80
C CYS H 63 5.43 -32.60 -34.96
N TYR H 64 5.71 -32.82 -33.68
CA TYR H 64 6.24 -31.79 -32.78
C TYR H 64 7.66 -31.40 -33.22
N SER H 65 7.94 -30.13 -33.07
CA SER H 65 9.28 -29.50 -33.09
C SER H 65 9.87 -29.49 -31.67
N THR H 66 11.16 -29.75 -31.54
CA THR H 66 11.84 -29.63 -30.23
C THR H 66 13.33 -29.38 -30.47
N ALA H 67 13.95 -28.65 -29.55
CA ALA H 67 15.42 -28.42 -29.50
C ALA H 67 15.88 -28.32 -28.04
N ARG H 68 17.06 -28.89 -27.74
CA ARG H 68 17.82 -28.52 -26.52
C ARG H 68 18.72 -27.31 -26.83
N ILE H 69 18.61 -26.24 -26.05
CA ILE H 69 19.56 -25.10 -26.19
C ILE H 69 20.61 -25.26 -25.10
N SER H 70 21.87 -25.30 -25.52
CA SER H 70 23.03 -25.30 -24.61
C SER H 70 23.13 -23.93 -23.95
N LEU H 71 23.10 -23.89 -22.61
CA LEU H 71 23.27 -22.68 -21.78
C LEU H 71 24.73 -22.56 -21.38
N PRO H 72 25.20 -21.36 -20.96
CA PRO H 72 26.55 -21.20 -20.43
C PRO H 72 26.77 -22.16 -19.26
N MET H 73 27.87 -22.90 -19.23
CA MET H 73 28.12 -23.80 -18.08
C MET H 73 28.62 -22.96 -16.90
N LEU H 74 27.96 -23.10 -15.76
CA LEU H 74 28.10 -22.17 -14.61
C LEU H 74 29.13 -22.70 -13.60
N ASN H 75 29.28 -24.02 -13.48
CA ASN H 75 29.98 -24.65 -12.34
C ASN H 75 31.39 -25.09 -12.77
N GLN H 76 32.42 -24.57 -12.10
CA GLN H 76 33.83 -25.04 -12.27
C GLN H 76 34.02 -26.37 -11.54
N ASP H 77 33.12 -26.71 -10.59
CA ASP H 77 33.20 -27.93 -9.76
C ASP H 77 31.77 -28.45 -9.51
N MET H 78 31.48 -29.66 -10.00
CA MET H 78 30.16 -30.34 -9.83
C MET H 78 30.19 -31.21 -8.56
N THR H 79 31.28 -31.15 -7.79
CA THR H 79 31.54 -31.95 -6.56
C THR H 79 31.00 -31.21 -5.32
N SER H 80 30.80 -29.89 -5.38
CA SER H 80 30.51 -29.02 -4.21
C SER H 80 29.14 -29.36 -3.61
N ASP H 81 28.92 -29.01 -2.34
CA ASP H 81 27.67 -29.28 -1.56
C ASP H 81 26.48 -28.58 -2.23
N THR H 82 26.73 -27.48 -2.97
CA THR H 82 25.71 -26.80 -3.82
C THR H 82 26.32 -26.54 -5.19
N ILE H 83 25.47 -26.50 -6.22
CA ILE H 83 25.81 -26.09 -7.61
C ILE H 83 24.82 -25.00 -8.02
N LEU H 84 25.12 -24.31 -9.11
CA LEU H 84 24.18 -23.33 -9.71
C LEU H 84 23.47 -24.00 -10.88
N MET H 85 22.20 -23.66 -11.04
CA MET H 85 21.38 -24.08 -12.20
C MET H 85 20.74 -22.84 -12.80
N TRP H 86 20.62 -22.82 -14.12
CA TRP H 86 19.87 -21.74 -14.80
C TRP H 86 18.38 -21.97 -14.54
N GLU H 87 17.67 -20.93 -14.15
CA GLU H 87 16.22 -20.98 -13.85
C GLU H 87 15.55 -20.07 -14.88
N ALA H 88 14.71 -20.63 -15.73
CA ALA H 88 13.86 -19.87 -16.68
C ALA H 88 12.75 -19.14 -15.90
N ILE H 89 12.76 -17.81 -15.91
CA ILE H 89 11.84 -16.97 -15.08
C ILE H 89 10.76 -16.33 -15.97
N SER H 90 11.06 -16.12 -17.24
CA SER H 90 10.16 -15.44 -18.20
C SER H 90 10.56 -15.81 -19.63
N CYS H 91 9.62 -15.71 -20.55
CA CYS H 91 9.90 -15.89 -22.00
C CYS H 91 9.10 -14.86 -22.79
N ARG H 92 9.59 -14.53 -23.97
CA ARG H 92 8.78 -14.01 -25.08
C ARG H 92 8.78 -15.10 -26.16
N THR H 93 7.60 -15.35 -26.70
CA THR H 93 7.41 -16.31 -27.82
C THR H 93 6.49 -15.67 -28.85
N GLU H 94 6.87 -15.82 -30.10
CA GLU H 94 6.13 -15.26 -31.24
C GLU H 94 6.05 -16.34 -32.32
N VAL H 95 4.89 -16.45 -32.94
CA VAL H 95 4.75 -17.11 -34.26
C VAL H 95 5.34 -16.14 -35.31
N MET H 96 6.25 -16.62 -36.12
CA MET H 96 6.91 -15.84 -37.17
C MET H 96 6.27 -16.15 -38.52
N GLY H 97 6.38 -15.19 -39.45
CA GLY H 97 5.95 -15.36 -40.84
C GLY H 97 4.43 -15.30 -41.00
N VAL H 98 3.71 -14.73 -40.04
CA VAL H 98 2.23 -14.51 -40.11
C VAL H 98 1.95 -13.68 -41.36
N ASN H 99 2.87 -12.79 -41.73
CA ASN H 99 2.78 -11.98 -42.97
C ASN H 99 2.45 -12.85 -44.21
N MET H 100 2.98 -14.06 -44.28
CA MET H 100 2.90 -14.91 -45.49
C MET H 100 1.44 -15.24 -45.76
N LEU H 101 0.56 -15.19 -44.76
CA LEU H 101 -0.86 -15.62 -44.93
C LEU H 101 -1.68 -14.53 -45.64
N THR H 102 -1.06 -13.40 -46.02
CA THR H 102 -1.71 -12.40 -46.91
C THR H 102 -1.59 -12.81 -48.39
N ASN H 103 -0.96 -13.95 -48.70
CA ASN H 103 -0.84 -14.51 -50.08
C ASN H 103 -2.11 -15.28 -50.44
N VAL H 104 -2.88 -14.76 -51.40
CA VAL H 104 -4.09 -15.42 -51.94
C VAL H 104 -3.94 -15.58 -53.45
N HIS H 105 -2.72 -15.76 -53.95
CA HIS H 105 -2.45 -15.92 -55.41
C HIS H 105 -1.74 -17.24 -55.70
N SER H 106 -1.21 -17.94 -54.69
CA SER H 106 -0.25 -19.07 -54.93
C SER H 106 -0.98 -20.42 -55.02
N ALA H 107 -1.39 -20.80 -56.23
CA ALA H 107 -1.92 -22.13 -56.59
C ALA H 107 -3.09 -22.54 -55.68
N GLN H 108 -3.97 -21.60 -55.31
CA GLN H 108 -5.08 -21.82 -54.34
C GLN H 108 -6.43 -21.92 -55.04
N LYS H 109 -7.22 -22.94 -54.67
CA LYS H 109 -8.67 -22.99 -54.97
C LYS H 109 -9.23 -21.57 -54.79
N ARG H 110 -10.01 -21.10 -55.76
CA ARG H 110 -10.50 -19.69 -55.77
C ARG H 110 -11.86 -19.61 -55.09
N VAL H 111 -12.19 -18.42 -54.58
CA VAL H 111 -13.47 -18.17 -53.84
C VAL H 111 -14.65 -18.50 -54.77
N TYR H 112 -14.59 -18.09 -56.03
CA TYR H 112 -15.65 -18.40 -57.05
C TYR H 112 -15.08 -19.38 -58.07
N GLU H 113 -14.76 -20.62 -57.67
CA GLU H 113 -14.02 -21.56 -58.56
C GLU H 113 -14.81 -21.81 -59.85
N ASN H 114 -16.16 -21.88 -59.81
CA ASN H 114 -17.02 -22.11 -61.00
C ASN H 114 -16.92 -20.94 -62.00
N ASP H 115 -16.58 -19.73 -61.56
CA ASP H 115 -16.41 -18.57 -62.46
C ASP H 115 -14.91 -18.40 -62.75
N ARG H 116 -14.04 -19.26 -62.21
CA ARG H 116 -12.57 -19.08 -62.30
C ARG H 116 -12.21 -17.66 -61.89
N GLU H 117 -12.73 -17.19 -60.75
CA GLU H 117 -12.66 -15.75 -60.40
C GLU H 117 -12.47 -15.63 -58.90
N GLY H 118 -11.94 -14.48 -58.50
CA GLY H 118 -11.77 -14.12 -57.09
C GLY H 118 -10.38 -14.49 -56.63
N THR H 119 -10.07 -14.19 -55.38
CA THR H 119 -8.79 -14.55 -54.71
C THR H 119 -8.78 -16.06 -54.50
N GLY H 120 -7.59 -16.60 -54.26
CA GLY H 120 -7.47 -17.83 -53.46
C GLY H 120 -8.18 -17.71 -52.12
N ILE H 121 -8.62 -18.84 -51.58
CA ILE H 121 -9.27 -18.95 -50.24
C ILE H 121 -8.25 -18.81 -49.12
N GLY H 122 -6.94 -18.77 -49.45
CA GLY H 122 -5.83 -18.69 -48.49
C GLY H 122 -5.78 -19.89 -47.57
N VAL H 123 -5.06 -19.78 -46.46
CA VAL H 123 -4.99 -20.84 -45.43
C VAL H 123 -6.23 -20.70 -44.55
N GLU H 124 -7.00 -21.77 -44.38
CA GLU H 124 -8.12 -21.80 -43.40
C GLU H 124 -8.20 -23.18 -42.80
N GLY H 125 -8.97 -23.30 -41.73
CA GLY H 125 -9.25 -24.55 -41.02
C GLY H 125 -8.53 -24.53 -39.70
N MET H 126 -8.05 -25.69 -39.26
CA MET H 126 -7.72 -25.85 -37.82
C MET H 126 -6.39 -25.14 -37.53
N GLY H 127 -6.35 -24.50 -36.38
CA GLY H 127 -5.16 -23.94 -35.73
C GLY H 127 -4.86 -24.82 -34.54
N TYR H 128 -3.63 -25.31 -34.41
CA TYR H 128 -3.11 -25.95 -33.18
C TYR H 128 -1.78 -25.28 -32.86
N HIS H 129 -1.73 -24.54 -31.77
CA HIS H 129 -0.59 -23.70 -31.37
C HIS H 129 -0.27 -24.04 -29.93
N MET H 130 0.86 -24.68 -29.75
CA MET H 130 1.33 -25.10 -28.42
C MET H 130 2.83 -24.85 -28.33
N PHE H 131 3.29 -24.51 -27.14
CA PHE H 131 4.74 -24.38 -26.86
C PHE H 131 4.98 -24.80 -25.41
N ALA H 132 6.21 -25.22 -25.17
CA ALA H 132 6.64 -25.69 -23.84
C ALA H 132 8.10 -25.29 -23.68
N ILE H 133 8.41 -24.79 -22.49
CA ILE H 133 9.78 -24.41 -22.06
C ILE H 133 10.04 -25.17 -20.76
N GLY H 134 11.12 -25.94 -20.70
CA GLY H 134 11.46 -26.61 -19.43
C GLY H 134 12.93 -26.90 -19.26
N GLY H 135 13.24 -27.53 -18.14
CA GLY H 135 14.63 -27.85 -17.74
C GLY H 135 14.98 -29.27 -18.10
N GLU H 136 14.05 -29.96 -18.77
CA GLU H 136 14.21 -31.35 -19.26
C GLU H 136 13.17 -31.53 -20.37
N PRO H 137 13.28 -32.63 -21.16
CA PRO H 137 12.35 -32.86 -22.26
C PRO H 137 10.89 -32.86 -21.80
N LEU H 138 10.00 -32.44 -22.70
CA LEU H 138 8.55 -32.40 -22.41
C LEU H 138 8.05 -33.84 -22.19
N GLU H 139 7.26 -34.07 -21.14
CA GLU H 139 6.71 -35.41 -20.83
C GLU H 139 5.36 -35.53 -21.55
N LEU H 140 5.16 -36.65 -22.24
CA LEU H 140 4.00 -36.79 -23.14
C LEU H 140 3.06 -37.88 -22.64
N GLN H 141 1.77 -37.69 -22.90
CA GLN H 141 0.73 -38.75 -22.85
C GLN H 141 0.39 -39.16 -24.29
N PHE H 142 0.41 -40.46 -24.58
CA PHE H 142 -0.04 -41.02 -25.86
C PHE H 142 -1.58 -41.00 -25.85
N MET H 143 -2.18 -40.34 -26.84
CA MET H 143 -3.63 -40.39 -27.09
C MET H 143 -3.90 -40.13 -28.58
N VAL H 144 -4.77 -40.95 -29.17
CA VAL H 144 -5.09 -40.95 -30.62
C VAL H 144 -6.60 -40.94 -30.79
N PHE H 145 -7.05 -40.34 -31.87
CA PHE H 145 -8.47 -40.39 -32.33
C PHE H 145 -8.95 -41.85 -32.55
N ASN H 146 -8.15 -42.64 -33.23
CA ASN H 146 -8.42 -44.02 -33.66
C ASN H 146 -7.20 -44.89 -33.32
N HIS H 147 -7.33 -45.78 -32.34
CA HIS H 147 -6.22 -46.64 -31.86
C HIS H 147 -5.75 -47.62 -32.95
N ARG H 148 -6.59 -47.97 -33.94
CA ARG H 148 -6.26 -48.94 -35.01
C ARG H 148 -5.49 -48.29 -36.17
N ALA H 149 -5.23 -46.98 -36.15
CA ALA H 149 -4.38 -46.34 -37.17
C ALA H 149 -2.98 -46.98 -37.10
N THR H 150 -2.44 -47.32 -38.26
CA THR H 150 -1.05 -47.83 -38.44
C THR H 150 -0.18 -46.65 -38.86
N TYR H 151 0.66 -46.17 -37.95
CA TYR H 151 1.60 -45.03 -38.22
C TYR H 151 2.79 -45.56 -39.00
N PRO H 152 3.37 -44.73 -39.89
CA PRO H 152 4.54 -45.13 -40.67
C PRO H 152 5.76 -45.32 -39.77
N ALA H 153 6.72 -46.16 -40.19
CA ALA H 153 7.94 -46.49 -39.42
C ALA H 153 8.76 -45.22 -39.09
N GLU H 154 8.67 -44.16 -39.92
CA GLU H 154 9.35 -42.85 -39.66
C GLU H 154 8.86 -42.16 -38.38
N ALA H 155 7.61 -42.39 -37.99
CA ALA H 155 6.98 -41.74 -36.81
C ALA H 155 7.33 -42.53 -35.55
N THR H 156 7.48 -41.83 -34.43
CA THR H 156 7.61 -42.43 -33.09
C THR H 156 6.22 -42.49 -32.43
N VAL H 157 5.68 -43.70 -32.26
CA VAL H 157 4.34 -43.91 -31.63
C VAL H 157 4.45 -45.16 -30.75
N ILE H 158 3.46 -45.33 -29.89
CA ILE H 158 3.22 -46.65 -29.24
C ILE H 158 2.49 -47.55 -30.24
N LYS H 159 3.12 -48.65 -30.66
CA LYS H 159 2.56 -49.62 -31.63
C LYS H 159 1.44 -50.41 -30.93
N ASN H 160 0.41 -50.83 -31.68
CA ASN H 160 -0.76 -51.59 -31.14
C ASN H 160 -1.12 -51.08 -29.75
N PRO H 161 -1.45 -49.77 -29.62
CA PRO H 161 -1.66 -49.15 -28.31
C PRO H 161 -2.95 -49.57 -27.57
N GLY H 162 -3.88 -50.22 -28.26
CA GLY H 162 -5.15 -50.70 -27.70
C GLY H 162 -6.20 -49.61 -27.66
N ALA H 163 -7.46 -50.00 -27.49
CA ALA H 163 -8.67 -49.15 -27.40
C ALA H 163 -8.55 -48.06 -26.33
N SER H 164 -7.87 -48.34 -25.22
CA SER H 164 -7.75 -47.39 -24.08
C SER H 164 -6.93 -46.16 -24.48
N SER H 165 -6.16 -46.23 -25.57
CA SER H 165 -5.33 -45.12 -26.10
C SER H 165 -6.23 -44.07 -26.76
N GLN H 166 -7.54 -44.35 -26.89
CA GLN H 166 -8.53 -43.37 -27.45
C GLN H 166 -8.96 -42.40 -26.35
N VAL H 167 -8.70 -42.74 -25.09
CA VAL H 167 -8.92 -41.87 -23.91
C VAL H 167 -7.64 -42.00 -23.10
N PHE H 168 -7.68 -41.78 -21.78
CA PHE H 168 -6.48 -41.77 -20.93
C PHE H 168 -6.20 -43.20 -20.46
N ASP H 169 -4.98 -43.66 -20.70
CA ASP H 169 -4.41 -44.92 -20.15
C ASP H 169 -3.09 -44.53 -19.47
N PRO H 170 -2.98 -44.69 -18.14
CA PRO H 170 -1.78 -44.28 -17.42
C PRO H 170 -0.50 -45.03 -17.78
N ASN H 171 -0.58 -46.07 -18.61
CA ASN H 171 0.59 -46.84 -19.09
C ASN H 171 1.21 -46.18 -20.34
N LEU H 172 0.52 -45.25 -21.01
CA LEU H 172 0.92 -44.87 -22.40
C LEU H 172 1.66 -43.51 -22.32
N LYS H 173 2.90 -43.55 -21.83
CA LYS H 173 3.72 -42.35 -21.53
C LYS H 173 4.84 -42.28 -22.57
N GLY H 174 5.36 -41.07 -22.81
CA GLY H 174 6.67 -40.91 -23.45
C GLY H 174 7.26 -39.56 -23.13
N THR H 175 8.39 -39.22 -23.77
CA THR H 175 9.05 -37.91 -23.61
C THR H 175 9.42 -37.41 -25.00
N LEU H 176 9.32 -36.10 -25.22
CA LEU H 176 9.57 -35.55 -26.56
C LEU H 176 11.10 -35.50 -26.75
N THR H 177 11.70 -36.57 -27.28
CA THR H 177 13.16 -36.78 -27.29
C THR H 177 13.75 -36.52 -28.68
N ALA H 178 12.95 -36.29 -29.72
CA ALA H 178 13.44 -36.11 -31.12
C ALA H 178 12.53 -35.14 -31.86
N ASP H 179 13.16 -34.38 -32.76
CA ASP H 179 12.46 -33.33 -33.53
C ASP H 179 11.80 -33.97 -34.75
N GLY H 180 10.57 -33.58 -35.05
CA GLY H 180 9.94 -33.91 -36.35
C GLY H 180 9.51 -35.36 -36.52
N VAL H 181 9.28 -36.12 -35.45
CA VAL H 181 8.90 -37.57 -35.56
C VAL H 181 7.71 -37.95 -34.65
N PHE H 182 7.39 -37.20 -33.60
CA PHE H 182 6.26 -37.50 -32.68
C PHE H 182 5.01 -36.86 -33.29
N PRO H 183 4.07 -37.64 -33.86
CA PRO H 183 2.88 -37.04 -34.45
C PRO H 183 2.13 -36.21 -33.41
N VAL H 184 1.72 -35.02 -33.83
CA VAL H 184 0.82 -34.16 -33.03
C VAL H 184 -0.46 -34.94 -32.70
N GLU H 185 -1.04 -35.71 -33.64
CA GLU H 185 -2.34 -36.37 -33.41
C GLU H 185 -2.23 -37.59 -32.48
N ALA H 186 -1.02 -37.96 -32.05
CA ALA H 186 -0.72 -39.18 -31.27
C ALA H 186 -0.14 -38.85 -29.89
N TRP H 187 0.34 -37.63 -29.65
CA TRP H 187 0.95 -37.23 -28.34
C TRP H 187 0.49 -35.84 -27.92
N GLY H 188 0.40 -35.63 -26.61
CA GLY H 188 0.07 -34.36 -25.95
C GLY H 188 0.83 -34.25 -24.66
N PRO H 189 0.96 -33.04 -24.08
CA PRO H 189 1.65 -32.90 -22.80
C PRO H 189 0.93 -33.65 -21.66
N ASP H 190 1.73 -34.30 -20.82
CA ASP H 190 1.26 -35.13 -19.70
C ASP H 190 1.09 -34.22 -18.49
N PRO H 191 -0.16 -33.91 -18.04
CA PRO H 191 -0.38 -33.09 -16.86
C PRO H 191 -0.02 -33.78 -15.52
N PHE H 192 0.19 -35.10 -15.53
CA PHE H 192 0.58 -35.91 -14.35
C PHE H 192 2.08 -35.73 -14.15
N LYS H 193 2.81 -35.26 -15.15
CA LYS H 193 4.25 -34.96 -14.98
C LYS H 193 4.52 -33.49 -15.35
N ASN H 194 5.67 -33.19 -15.98
CA ASN H 194 6.07 -31.81 -16.35
C ASN H 194 6.11 -30.87 -15.15
N GLU H 195 6.59 -31.34 -14.00
CA GLU H 195 6.80 -30.44 -12.82
C GLU H 195 7.85 -29.37 -13.17
N ASN H 196 8.71 -29.63 -14.15
CA ASN H 196 9.90 -28.80 -14.47
C ASN H 196 9.79 -28.22 -15.88
N THR H 197 8.55 -28.13 -16.39
CA THR H 197 8.23 -27.54 -17.70
C THR H 197 6.94 -26.74 -17.58
N ARG H 198 6.83 -25.62 -18.28
CA ARG H 198 5.55 -24.88 -18.43
C ARG H 198 5.10 -25.05 -19.87
N TYR H 199 3.86 -25.48 -20.10
CA TYR H 199 3.35 -25.66 -21.49
C TYR H 199 2.02 -24.91 -21.60
N PHE H 200 1.73 -24.46 -22.81
CA PHE H 200 0.52 -23.68 -23.18
C PHE H 200 0.07 -24.12 -24.56
N GLY H 201 -1.22 -24.41 -24.74
CA GLY H 201 -1.76 -24.91 -26.00
C GLY H 201 -3.11 -24.30 -26.30
N GLN H 202 -3.36 -24.05 -27.59
CA GLN H 202 -4.73 -23.70 -28.04
C GLN H 202 -5.05 -24.48 -29.31
N TYR H 203 -6.22 -25.12 -29.34
CA TYR H 203 -6.84 -25.76 -30.50
C TYR H 203 -8.08 -24.96 -30.92
N THR H 204 -8.13 -24.56 -32.20
CA THR H 204 -9.38 -24.13 -32.88
C THR H 204 -9.61 -25.03 -34.10
N GLY H 205 -10.74 -25.75 -34.17
CA GLY H 205 -10.97 -26.74 -35.24
C GLY H 205 -11.71 -26.18 -36.44
N GLY H 206 -12.39 -27.02 -37.21
CA GLY H 206 -13.02 -26.66 -38.51
C GLY H 206 -12.04 -26.75 -39.67
N THR H 207 -12.55 -26.86 -40.90
CA THR H 207 -11.72 -26.88 -42.14
C THR H 207 -11.83 -25.54 -42.88
N GLN H 208 -12.86 -24.72 -42.60
CA GLN H 208 -13.05 -23.35 -43.20
C GLN H 208 -12.84 -22.25 -42.14
N THR H 209 -12.35 -22.59 -40.95
CA THR H 209 -12.13 -21.59 -39.87
C THR H 209 -11.03 -20.60 -40.28
N PRO H 210 -11.20 -19.28 -40.11
CA PRO H 210 -10.13 -18.32 -40.38
C PRO H 210 -9.07 -18.38 -39.28
N PRO H 211 -7.78 -18.46 -39.65
CA PRO H 211 -6.73 -18.36 -38.65
C PRO H 211 -6.75 -17.00 -37.95
N VAL H 212 -6.41 -16.99 -36.67
CA VAL H 212 -6.28 -15.75 -35.87
C VAL H 212 -4.93 -15.83 -35.17
N LEU H 213 -4.02 -14.89 -35.51
CA LEU H 213 -2.62 -14.92 -35.02
C LEU H 213 -2.21 -13.49 -34.66
N THR H 214 -1.51 -13.33 -33.54
CA THR H 214 -0.99 -12.02 -33.09
C THR H 214 0.52 -12.16 -32.99
N PHE H 215 1.21 -11.03 -33.13
CA PHE H 215 2.69 -10.99 -33.04
C PHE H 215 3.05 -9.63 -32.45
N THR H 216 3.99 -9.63 -31.54
CA THR H 216 4.59 -8.43 -30.91
C THR H 216 5.88 -8.85 -30.22
N ASN H 217 6.83 -7.91 -30.13
CA ASN H 217 8.08 -8.09 -29.34
C ASN H 217 7.87 -7.51 -27.92
N THR H 218 6.63 -7.22 -27.49
CA THR H 218 6.38 -6.49 -26.23
C THR H 218 5.80 -7.39 -25.13
N GLN H 219 5.43 -8.64 -25.42
CA GLN H 219 4.57 -9.50 -24.54
C GLN H 219 5.44 -10.57 -23.86
N THR H 220 5.41 -10.63 -22.54
CA THR H 220 6.25 -11.51 -21.68
C THR H 220 5.33 -12.49 -20.93
N THR H 221 5.72 -13.76 -20.87
CA THR H 221 5.03 -14.81 -20.10
C THR H 221 5.92 -15.18 -18.91
N ILE H 222 5.41 -15.07 -17.69
CA ILE H 222 6.16 -15.44 -16.46
C ILE H 222 6.16 -16.96 -16.39
N LEU H 223 7.30 -17.56 -16.08
CA LEU H 223 7.48 -19.04 -16.04
C LEU H 223 7.58 -19.55 -14.61
N LEU H 224 7.54 -18.66 -13.62
CA LEU H 224 7.60 -19.06 -12.18
C LEU H 224 6.32 -19.78 -11.80
N ASP H 225 6.44 -20.81 -10.96
CA ASP H 225 5.30 -21.60 -10.43
C ASP H 225 4.79 -20.94 -9.14
N GLU H 226 3.81 -21.56 -8.47
CA GLU H 226 3.16 -20.99 -7.25
C GLU H 226 4.21 -20.68 -6.17
N ASN H 227 5.32 -21.43 -6.14
CA ASN H 227 6.39 -21.32 -5.12
C ASN H 227 7.42 -20.28 -5.57
N GLY H 228 7.30 -19.71 -6.77
CA GLY H 228 8.27 -18.71 -7.26
C GLY H 228 9.49 -19.37 -7.88
N VAL H 229 9.37 -20.63 -8.31
CA VAL H 229 10.45 -21.37 -9.02
C VAL H 229 10.11 -21.59 -10.50
N GLY H 230 10.98 -21.11 -11.39
CA GLY H 230 10.95 -21.42 -12.83
C GLY H 230 11.51 -22.81 -13.14
N PRO H 231 11.38 -23.29 -14.39
CA PRO H 231 12.08 -24.49 -14.82
C PRO H 231 13.58 -24.39 -14.50
N LEU H 232 14.13 -25.50 -14.03
CA LEU H 232 15.54 -25.63 -13.60
C LEU H 232 16.25 -26.54 -14.62
N CYS H 233 17.25 -25.98 -15.30
CA CYS H 233 17.81 -26.55 -16.54
C CYS H 233 18.87 -27.60 -16.16
N LYS H 234 18.43 -28.87 -16.13
CA LYS H 234 19.27 -30.05 -15.80
C LYS H 234 20.39 -30.10 -16.84
N GLY H 235 21.65 -30.28 -16.39
CA GLY H 235 22.76 -30.41 -17.34
C GLY H 235 22.97 -29.14 -18.16
N ASP H 236 22.49 -28.00 -17.67
CA ASP H 236 22.59 -26.69 -18.36
C ASP H 236 22.01 -26.80 -19.78
N GLY H 237 20.87 -27.49 -19.89
CA GLY H 237 20.07 -27.58 -21.11
C GLY H 237 18.69 -26.98 -20.89
N LEU H 238 18.25 -26.14 -21.82
CA LEU H 238 16.88 -25.59 -21.86
C LEU H 238 16.14 -26.25 -23.04
N PHE H 239 14.99 -26.87 -22.76
CA PHE H 239 14.22 -27.67 -23.73
C PHE H 239 13.05 -26.84 -24.21
N LEU H 240 13.01 -26.60 -25.51
CA LEU H 240 11.90 -25.86 -26.17
C LEU H 240 11.18 -26.84 -27.08
N SER H 241 9.86 -26.74 -27.13
CA SER H 241 8.99 -27.63 -27.93
C SER H 241 7.83 -26.78 -28.42
N CYS H 242 7.31 -27.09 -29.60
CA CYS H 242 6.12 -26.40 -30.14
C CYS H 242 5.46 -27.23 -31.23
N ALA H 243 4.25 -26.86 -31.55
CA ALA H 243 3.57 -27.22 -32.81
C ALA H 243 2.76 -25.99 -33.18
N ASP H 244 2.83 -25.56 -34.43
CA ASP H 244 2.13 -24.35 -34.92
C ASP H 244 1.48 -24.67 -36.27
N ILE H 245 0.40 -25.44 -36.23
CA ILE H 245 -0.48 -25.70 -37.40
C ILE H 245 -1.35 -24.46 -37.58
N VAL H 246 -1.20 -23.79 -38.71
CA VAL H 246 -1.97 -22.55 -39.04
C VAL H 246 -3.31 -22.93 -39.64
N GLY H 247 -3.36 -24.02 -40.40
CA GLY H 247 -4.54 -24.42 -41.15
C GLY H 247 -4.16 -25.22 -42.36
N PHE H 248 -5.03 -25.22 -43.36
CA PHE H 248 -4.85 -26.08 -44.55
C PHE H 248 -4.71 -25.20 -45.77
N PHE H 249 -3.84 -25.63 -46.65
CA PHE H 249 -3.67 -25.11 -48.02
C PHE H 249 -4.52 -25.99 -48.95
N THR H 250 -5.45 -25.42 -49.71
CA THR H 250 -6.31 -26.13 -50.67
C THR H 250 -5.91 -25.78 -52.12
N GLN H 251 -5.55 -26.81 -52.89
CA GLN H 251 -5.22 -26.70 -54.35
C GLN H 251 -6.49 -26.51 -55.20
N HIS H 252 -6.34 -26.13 -56.47
CA HIS H 252 -7.50 -26.04 -57.40
C HIS H 252 -8.20 -27.40 -57.54
N ASN H 253 -7.47 -28.51 -57.45
CA ASN H 253 -8.01 -29.87 -57.61
C ASN H 253 -8.53 -30.40 -56.27
N LYS H 254 -8.61 -29.56 -55.22
CA LYS H 254 -9.24 -29.79 -53.91
C LYS H 254 -8.32 -30.61 -53.00
N LYS H 255 -7.07 -30.84 -53.38
CA LYS H 255 -6.14 -31.52 -52.46
C LYS H 255 -5.75 -30.53 -51.37
N MET H 256 -5.67 -31.02 -50.16
CA MET H 256 -5.46 -30.17 -48.97
C MET H 256 -4.24 -30.67 -48.21
N SER H 257 -3.47 -29.71 -47.68
CA SER H 257 -2.24 -29.93 -46.90
C SER H 257 -2.21 -29.01 -45.67
N PHE H 258 -1.65 -29.50 -44.58
CA PHE H 258 -1.28 -28.68 -43.41
C PHE H 258 -0.22 -27.65 -43.82
N ARG H 259 -0.36 -26.44 -43.29
CA ARG H 259 0.66 -25.37 -43.31
C ARG H 259 0.98 -24.96 -41.88
N GLY H 260 2.27 -24.94 -41.53
CA GLY H 260 2.82 -24.49 -40.25
C GLY H 260 3.69 -23.27 -40.43
N LEU H 261 4.01 -22.65 -39.32
CA LEU H 261 4.95 -21.50 -39.22
C LEU H 261 5.98 -21.81 -38.15
N PRO H 262 7.16 -21.17 -38.24
CA PRO H 262 8.18 -21.29 -37.21
C PRO H 262 7.83 -20.44 -36.00
N ARG H 263 8.42 -20.80 -34.87
CA ARG H 263 8.21 -20.10 -33.58
C ARG H 263 9.52 -19.49 -33.03
N TYR H 264 9.41 -18.27 -32.59
CA TYR H 264 10.51 -17.56 -31.92
C TYR H 264 10.35 -17.78 -30.42
N PHE H 265 11.48 -18.03 -29.76
CA PHE H 265 11.64 -18.03 -28.28
C PHE H 265 12.75 -17.06 -27.86
N ARG H 266 12.44 -16.18 -26.92
CA ARG H 266 13.42 -15.50 -26.04
C ARG H 266 13.15 -15.96 -24.62
N VAL H 267 14.14 -16.51 -23.95
CA VAL H 267 13.95 -17.00 -22.56
C VAL H 267 14.98 -16.27 -21.68
N THR H 268 14.49 -15.69 -20.59
CA THR H 268 15.31 -15.01 -19.55
C THR H 268 15.54 -16.01 -18.42
N LEU H 269 16.82 -16.26 -18.11
CA LEU H 269 17.18 -17.20 -17.03
C LEU H 269 18.02 -16.46 -15.98
N ARG H 270 17.93 -16.94 -14.74
CA ARG H 270 18.75 -16.45 -13.61
C ARG H 270 19.41 -17.64 -12.94
N LYS H 271 20.47 -17.37 -12.19
CA LYS H 271 21.27 -18.42 -11.52
C LYS H 271 20.59 -18.71 -10.19
N ARG H 272 20.29 -19.98 -9.94
CA ARG H 272 19.64 -20.48 -8.71
C ARG H 272 20.56 -21.48 -8.04
N VAL H 273 20.81 -21.31 -6.74
CA VAL H 273 21.57 -22.30 -5.94
C VAL H 273 20.63 -23.47 -5.66
N VAL H 274 21.14 -24.69 -5.81
CA VAL H 274 20.41 -25.94 -5.43
C VAL H 274 21.39 -26.80 -4.63
N LYS H 275 20.85 -27.66 -3.76
CA LYS H 275 21.61 -28.70 -3.02
C LYS H 275 22.12 -29.72 -4.03
N ASN H 276 23.37 -30.17 -3.88
CA ASN H 276 24.04 -31.09 -4.84
C ASN H 276 24.37 -32.40 -4.13
N ILE I 7 24.39 1.42 -27.57
CA ILE I 7 24.19 2.71 -26.85
C ILE I 7 24.13 2.42 -25.34
N GLU I 8 24.99 3.08 -24.55
CA GLU I 8 24.96 3.10 -23.06
C GLU I 8 23.99 4.20 -22.60
N VAL I 9 22.89 3.83 -21.93
CA VAL I 9 21.77 4.77 -21.64
C VAL I 9 21.90 5.30 -20.21
N LEU I 10 22.02 6.63 -20.08
CA LEU I 10 22.15 7.33 -18.77
C LEU I 10 20.79 7.94 -18.38
N ALA I 11 20.76 9.15 -17.83
CA ALA I 11 19.55 9.71 -17.18
C ALA I 11 18.63 10.30 -18.24
N VAL I 12 17.33 10.27 -17.96
CA VAL I 12 16.35 11.13 -18.66
C VAL I 12 16.78 12.55 -18.30
N ARG I 13 16.86 13.45 -19.28
CA ARG I 13 17.19 14.89 -19.08
C ARG I 13 15.88 15.67 -18.94
N THR I 14 15.56 16.14 -17.73
CA THR I 14 14.33 16.93 -17.43
C THR I 14 14.51 18.38 -17.89
N GLY I 15 13.42 19.13 -18.06
CA GLY I 15 13.42 20.53 -18.54
C GLY I 15 12.09 20.93 -19.15
N SER I 18 12.10 19.32 -22.81
CA SER I 18 12.40 17.91 -22.46
C SER I 18 11.50 16.94 -23.25
N ILE I 19 10.22 17.27 -23.39
CA ILE I 19 9.14 16.40 -23.96
C ILE I 19 8.71 16.99 -25.31
N THR I 20 8.62 16.16 -26.33
CA THR I 20 8.05 16.57 -27.63
C THR I 20 7.05 15.50 -28.07
N GLU I 21 6.12 15.92 -28.91
CA GLU I 21 5.04 15.07 -29.44
C GLU I 21 4.96 15.26 -30.94
N ILE I 22 4.79 14.17 -31.69
CA ILE I 22 4.63 14.18 -33.17
C ILE I 22 3.33 13.43 -33.54
N GLU I 23 2.62 13.94 -34.54
CA GLU I 23 1.52 13.21 -35.18
C GLU I 23 1.86 12.97 -36.64
N ALA I 24 1.43 11.83 -37.18
CA ALA I 24 1.74 11.44 -38.58
C ALA I 24 0.69 10.46 -39.07
N TYR I 25 0.54 10.38 -40.39
CA TYR I 25 -0.28 9.35 -41.05
C TYR I 25 0.62 8.59 -42.01
N LEU I 26 0.24 7.34 -42.17
CA LEU I 26 0.74 6.48 -43.26
C LEU I 26 -0.46 6.02 -44.07
N ASN I 27 -0.47 6.39 -45.35
CA ASN I 27 -1.46 5.87 -46.32
C ASN I 27 -1.07 4.45 -46.66
N PRO I 28 -2.09 3.60 -46.90
CA PRO I 28 -1.87 2.22 -47.29
C PRO I 28 -1.26 2.14 -48.70
N ARG I 29 -0.62 1.03 -49.00
CA ARG I 29 0.00 0.76 -50.33
C ARG I 29 -0.52 -0.60 -50.79
N MET I 30 -1.83 -0.70 -51.03
CA MET I 30 -2.53 -1.95 -51.39
C MET I 30 -2.19 -2.37 -52.83
N GLY I 31 -1.68 -1.46 -53.67
CA GLY I 31 -1.11 -1.80 -54.99
C GLY I 31 -1.54 -0.85 -56.09
N GLN I 32 -2.77 -0.36 -56.08
CA GLN I 32 -3.17 0.63 -57.12
C GLN I 32 -2.47 1.97 -56.87
N PRO I 33 -2.15 2.69 -57.95
CA PRO I 33 -1.38 3.94 -57.86
C PRO I 33 -2.11 5.09 -57.13
N GLN I 34 -1.34 5.88 -56.38
CA GLN I 34 -1.87 7.03 -55.59
C GLN I 34 -2.53 8.00 -56.56
N ASN I 35 -3.59 8.68 -56.13
CA ASN I 35 -4.16 9.85 -56.84
C ASN I 35 -4.78 9.41 -58.15
N GLU I 36 -5.16 8.12 -58.23
CA GLU I 36 -5.95 7.55 -59.35
C GLU I 36 -7.18 6.86 -58.74
N ASP I 37 -8.11 6.40 -59.58
CA ASP I 37 -9.50 6.14 -59.15
C ASP I 37 -9.58 4.92 -58.19
N PHE I 38 -8.53 4.10 -58.08
CA PHE I 38 -8.56 2.87 -57.24
C PHE I 38 -7.55 2.98 -56.09
N TYR I 39 -7.13 4.20 -55.74
CA TYR I 39 -6.26 4.50 -54.57
C TYR I 39 -6.89 3.89 -53.30
N GLY I 40 -6.15 3.04 -52.59
CA GLY I 40 -6.64 2.33 -51.38
C GLY I 40 -6.88 0.85 -51.64
N PHE I 41 -7.02 0.47 -52.91
CA PHE I 41 -7.29 -0.92 -53.35
C PHE I 41 -6.02 -1.52 -53.98
N SER I 42 -6.01 -2.84 -54.08
CA SER I 42 -5.18 -3.56 -55.08
C SER I 42 -5.95 -3.60 -56.40
N ASP I 43 -5.23 -3.94 -57.46
CA ASP I 43 -5.87 -4.37 -58.72
C ASP I 43 -6.50 -5.73 -58.45
N ASN I 44 -7.38 -6.16 -59.33
CA ASN I 44 -8.10 -7.47 -59.20
C ASN I 44 -7.09 -8.63 -59.15
N VAL I 45 -7.30 -9.55 -58.21
CA VAL I 45 -6.29 -10.61 -57.88
C VAL I 45 -6.50 -11.77 -58.87
N THR I 46 -5.39 -12.19 -59.48
CA THR I 46 -5.26 -13.39 -60.34
C THR I 46 -4.52 -14.42 -59.52
N VAL I 47 -4.82 -15.69 -59.79
CA VAL I 47 -4.33 -16.84 -58.99
C VAL I 47 -3.63 -17.75 -59.99
N SER I 48 -2.42 -18.20 -59.66
CA SER I 48 -1.61 -19.13 -60.48
C SER I 48 -2.18 -20.54 -60.36
N ASP I 49 -1.79 -21.44 -61.28
CA ASP I 49 -2.24 -22.86 -61.30
C ASP I 49 -1.33 -23.72 -60.42
N ASP I 50 -0.10 -23.30 -60.17
CA ASP I 50 0.92 -24.10 -59.44
C ASP I 50 2.07 -23.19 -58.99
N PHE I 51 2.77 -23.60 -57.94
CA PHE I 51 3.86 -22.85 -57.24
C PHE I 51 5.01 -22.59 -58.24
N GLY I 52 5.11 -23.40 -59.30
CA GLY I 52 6.18 -23.35 -60.32
C GLY I 52 5.95 -22.24 -61.34
N SER I 53 4.70 -21.80 -61.48
CA SER I 53 4.33 -20.80 -62.49
C SER I 53 3.53 -19.70 -61.80
N ASP I 54 4.15 -19.11 -60.78
CA ASP I 54 3.48 -18.24 -59.79
C ASP I 54 4.15 -16.86 -59.84
N ALA I 55 3.48 -15.90 -60.47
CA ALA I 55 4.01 -14.56 -60.73
C ALA I 55 2.96 -13.51 -60.37
N PRO I 56 2.83 -13.09 -59.08
CA PRO I 56 1.78 -12.13 -58.75
C PRO I 56 2.08 -10.81 -59.42
N PRO I 57 1.20 -10.28 -60.30
CA PRO I 57 1.49 -9.01 -60.96
C PRO I 57 1.59 -7.82 -59.98
N TRP I 58 2.42 -6.85 -60.35
CA TRP I 58 2.54 -5.56 -59.64
C TRP I 58 1.12 -4.97 -59.58
N LYS I 59 0.77 -4.46 -58.42
CA LYS I 59 -0.51 -3.77 -58.10
C LYS I 59 -1.52 -4.76 -57.52
N GLN I 60 -1.33 -6.08 -57.64
CA GLN I 60 -2.33 -7.10 -57.20
C GLN I 60 -2.03 -7.56 -55.76
N PHE I 61 -1.08 -6.94 -55.05
CA PHE I 61 -0.70 -7.36 -53.67
C PHE I 61 -0.26 -6.16 -52.87
N PRO I 62 -0.52 -6.15 -51.55
CA PRO I 62 -0.11 -5.04 -50.69
C PRO I 62 1.38 -5.05 -50.32
N CYS I 63 1.91 -3.85 -50.06
CA CYS I 63 3.25 -3.59 -49.51
C CYS I 63 3.18 -2.77 -48.20
N TYR I 64 4.22 -2.86 -47.38
CA TYR I 64 4.33 -2.14 -46.10
C TYR I 64 4.42 -0.66 -46.41
N SER I 65 3.79 0.12 -45.55
CA SER I 65 3.88 1.60 -45.52
C SER I 65 5.01 1.98 -44.57
N THR I 66 5.81 3.01 -44.87
CA THR I 66 6.88 3.42 -43.95
C THR I 66 7.27 4.89 -44.15
N ALA I 67 7.70 5.51 -43.09
CA ALA I 67 8.15 6.92 -43.09
C ALA I 67 9.16 7.13 -41.99
N ARG I 68 10.10 8.04 -42.26
CA ARG I 68 10.98 8.62 -41.21
C ARG I 68 10.47 10.03 -40.90
N ILE I 69 10.19 10.32 -39.62
CA ILE I 69 9.82 11.69 -39.15
C ILE I 69 11.11 12.37 -38.64
N SER I 70 11.43 13.54 -39.16
CA SER I 70 12.54 14.39 -38.64
C SER I 70 12.10 14.96 -37.28
N LEU I 71 12.84 14.69 -36.21
CA LEU I 71 12.53 15.26 -34.87
C LEU I 71 13.30 16.57 -34.68
N PRO I 72 12.95 17.41 -33.70
CA PRO I 72 13.75 18.61 -33.41
C PRO I 72 15.24 18.27 -33.27
N MET I 73 16.13 18.93 -34.02
CA MET I 73 17.60 18.81 -33.86
C MET I 73 17.92 19.07 -32.38
N LEU I 74 18.84 18.29 -31.79
CA LEU I 74 19.12 18.29 -30.34
C LEU I 74 20.48 18.95 -30.09
N ASN I 75 21.59 18.20 -30.26
CA ASN I 75 22.97 18.66 -29.95
C ASN I 75 23.86 18.46 -31.17
N THR I 82 29.05 12.49 -23.62
CA THR I 82 27.60 12.16 -23.65
C THR I 82 26.88 12.99 -24.73
N ILE I 83 25.82 12.44 -25.31
CA ILE I 83 24.90 13.21 -26.21
C ILE I 83 23.46 12.97 -25.75
N LEU I 84 22.55 13.81 -26.24
CA LEU I 84 21.09 13.66 -26.04
C LEU I 84 20.50 12.90 -27.23
N MET I 85 19.48 12.09 -26.98
CA MET I 85 18.65 11.42 -28.02
C MET I 85 17.19 11.57 -27.61
N TRP I 86 16.31 11.71 -28.59
CA TRP I 86 14.85 11.60 -28.40
C TRP I 86 14.53 10.14 -28.11
N GLU I 87 13.79 9.91 -27.04
CA GLU I 87 13.38 8.58 -26.58
C GLU I 87 11.87 8.52 -26.76
N ALA I 88 11.37 7.60 -27.57
CA ALA I 88 9.91 7.41 -27.80
C ALA I 88 9.36 6.69 -26.57
N ILE I 89 8.40 7.27 -25.83
CA ILE I 89 8.00 6.69 -24.51
C ILE I 89 6.61 6.08 -24.59
N SER I 90 5.73 6.65 -25.39
CA SER I 90 4.34 6.17 -25.53
C SER I 90 3.83 6.56 -26.90
N CYS I 91 2.79 5.87 -27.37
CA CYS I 91 2.11 6.24 -28.63
C CYS I 91 0.61 6.06 -28.48
N ARG I 92 -0.13 6.73 -29.36
CA ARG I 92 -1.49 6.35 -29.75
C ARG I 92 -1.45 6.01 -31.25
N THR I 93 -2.13 4.97 -31.64
CA THR I 93 -2.28 4.65 -33.07
C THR I 93 -3.76 4.36 -33.34
N GLU I 94 -4.26 4.79 -34.50
CA GLU I 94 -5.67 4.49 -34.89
C GLU I 94 -5.69 4.13 -36.37
N VAL I 95 -6.50 3.15 -36.74
CA VAL I 95 -6.88 2.92 -38.15
C VAL I 95 -7.95 3.96 -38.45
N MET I 96 -7.72 4.79 -39.45
CA MET I 96 -8.68 5.87 -39.82
C MET I 96 -9.56 5.37 -40.95
N GLY I 97 -10.74 5.97 -41.08
CA GLY I 97 -11.60 5.67 -42.23
C GLY I 97 -12.42 4.37 -42.09
N VAL I 98 -12.48 3.77 -40.91
CA VAL I 98 -13.32 2.57 -40.60
C VAL I 98 -14.75 2.86 -41.04
N ASN I 99 -15.18 4.11 -40.90
CA ASN I 99 -16.53 4.59 -41.27
C ASN I 99 -16.94 4.19 -42.72
N MET I 100 -16.00 4.19 -43.65
CA MET I 100 -16.23 3.99 -45.10
C MET I 100 -16.77 2.59 -45.34
N LEU I 101 -16.50 1.64 -44.43
CA LEU I 101 -16.93 0.23 -44.57
C LEU I 101 -18.43 0.08 -44.32
N THR I 102 -19.15 1.17 -43.97
CA THR I 102 -20.63 1.15 -43.95
C THR I 102 -21.22 1.35 -45.36
N ASN I 103 -20.37 1.44 -46.38
CA ASN I 103 -20.79 1.56 -47.82
C ASN I 103 -21.12 0.16 -48.32
N VAL I 104 -22.40 -0.09 -48.65
CA VAL I 104 -22.82 -1.34 -49.34
C VAL I 104 -23.54 -1.01 -50.64
N HIS I 105 -23.15 0.07 -51.30
CA HIS I 105 -23.80 0.50 -52.57
C HIS I 105 -22.82 0.67 -53.74
N SER I 106 -21.49 0.73 -53.54
CA SER I 106 -20.51 1.08 -54.62
C SER I 106 -20.02 -0.17 -55.36
N ALA I 107 -20.78 -0.58 -56.37
CA ALA I 107 -20.36 -1.54 -57.42
C ALA I 107 -19.97 -2.88 -56.79
N GLN I 108 -20.70 -3.34 -55.78
CA GLN I 108 -20.36 -4.55 -55.02
C GLN I 108 -21.24 -5.71 -55.49
N LYS I 109 -20.69 -6.92 -55.53
CA LYS I 109 -21.54 -8.15 -55.60
C LYS I 109 -22.63 -8.04 -54.53
N ARG I 110 -23.87 -8.32 -54.91
CA ARG I 110 -25.05 -8.18 -54.03
C ARG I 110 -25.26 -9.48 -53.27
N VAL I 111 -25.98 -9.40 -52.16
CA VAL I 111 -26.26 -10.54 -51.24
C VAL I 111 -27.10 -11.55 -52.03
N TYR I 112 -28.07 -11.08 -52.80
CA TYR I 112 -28.98 -11.90 -53.63
C TYR I 112 -28.73 -11.58 -55.09
N GLU I 113 -27.54 -11.94 -55.59
CA GLU I 113 -27.05 -11.49 -56.91
C GLU I 113 -27.95 -12.06 -58.02
N ASN I 114 -28.46 -13.28 -57.87
CA ASN I 114 -29.33 -13.92 -58.90
C ASN I 114 -30.66 -13.17 -59.00
N ASP I 115 -31.09 -12.52 -57.92
CA ASP I 115 -32.35 -11.75 -57.89
C ASP I 115 -32.06 -10.28 -58.13
N ARG I 116 -30.80 -9.90 -58.35
CA ARG I 116 -30.36 -8.49 -58.55
C ARG I 116 -30.86 -7.64 -57.38
N GLU I 117 -30.72 -8.13 -56.16
CA GLU I 117 -31.36 -7.52 -54.97
C GLU I 117 -30.42 -7.64 -53.78
N GLY I 118 -30.73 -6.86 -52.75
CA GLY I 118 -29.97 -6.84 -51.49
C GLY I 118 -28.92 -5.80 -51.54
N THR I 119 -28.26 -5.57 -50.40
CA THR I 119 -27.08 -4.69 -50.29
C THR I 119 -25.93 -5.35 -51.05
N GLY I 120 -24.92 -4.57 -51.35
CA GLY I 120 -23.60 -5.10 -51.62
C GLY I 120 -23.18 -5.94 -50.43
N ILE I 121 -22.27 -6.89 -50.66
CA ILE I 121 -21.74 -7.76 -49.57
C ILE I 121 -20.69 -7.00 -48.76
N GLY I 122 -20.23 -5.85 -49.25
CA GLY I 122 -19.30 -4.97 -48.54
C GLY I 122 -17.90 -5.55 -48.55
N VAL I 123 -17.03 -5.05 -47.71
CA VAL I 123 -15.64 -5.57 -47.58
C VAL I 123 -15.70 -6.75 -46.62
N GLU I 124 -15.13 -7.89 -47.03
CA GLU I 124 -15.13 -9.11 -46.20
C GLU I 124 -13.78 -9.77 -46.41
N GLY I 125 -13.37 -10.61 -45.46
CA GLY I 125 -12.19 -11.48 -45.61
C GLY I 125 -11.09 -11.09 -44.67
N MET I 126 -9.85 -11.26 -45.10
CA MET I 126 -8.70 -11.20 -44.18
C MET I 126 -8.42 -9.78 -43.71
N GLY I 127 -8.08 -9.68 -42.43
CA GLY I 127 -7.61 -8.46 -41.78
C GLY I 127 -6.16 -8.66 -41.38
N TYR I 128 -5.25 -7.86 -41.88
CA TYR I 128 -3.86 -7.85 -41.40
C TYR I 128 -3.53 -6.43 -40.94
N HIS I 129 -3.29 -6.29 -39.64
CA HIS I 129 -3.05 -4.95 -39.05
C HIS I 129 -1.76 -5.01 -38.25
N MET I 130 -0.79 -4.21 -38.64
CA MET I 130 0.52 -4.20 -37.96
C MET I 130 1.07 -2.79 -37.98
N PHE I 131 1.71 -2.39 -36.88
CA PHE I 131 2.37 -1.08 -36.81
C PHE I 131 3.67 -1.28 -36.03
N ALA I 132 4.63 -0.41 -36.30
CA ALA I 132 5.94 -0.42 -35.61
C ALA I 132 6.38 1.03 -35.44
N ILE I 133 7.02 1.29 -34.30
CA ILE I 133 7.60 2.60 -33.90
C ILE I 133 9.02 2.31 -33.38
N GLY I 134 10.02 2.90 -34.04
CA GLY I 134 11.44 2.64 -33.72
C GLY I 134 12.34 3.85 -33.89
N GLY I 135 13.58 3.76 -33.41
CA GLY I 135 14.61 4.79 -33.60
C GLY I 135 15.56 4.45 -34.73
N GLU I 136 15.20 3.43 -35.53
CA GLU I 136 15.84 3.07 -36.80
C GLU I 136 14.84 2.25 -37.63
N PRO I 137 15.12 2.02 -38.92
CA PRO I 137 14.22 1.21 -39.77
C PRO I 137 13.84 -0.14 -39.16
N LEU I 138 12.57 -0.51 -39.26
CA LEU I 138 12.07 -1.87 -38.92
C LEU I 138 12.99 -2.92 -39.56
N GLU I 139 13.51 -3.81 -38.73
CA GLU I 139 14.26 -5.00 -39.17
C GLU I 139 13.30 -6.14 -39.56
N LEU I 140 13.53 -6.70 -40.73
CA LEU I 140 12.62 -7.69 -41.36
C LEU I 140 13.27 -9.06 -41.52
N GLN I 141 12.41 -10.08 -41.38
CA GLN I 141 12.67 -11.48 -41.78
C GLN I 141 11.91 -11.74 -43.06
N PHE I 142 12.62 -12.25 -44.06
CA PHE I 142 12.02 -12.69 -45.34
C PHE I 142 11.36 -14.05 -45.12
N MET I 143 10.11 -14.18 -45.53
CA MET I 143 9.35 -15.44 -45.37
C MET I 143 8.11 -15.37 -46.25
N VAL I 144 7.89 -16.41 -47.04
CA VAL I 144 6.89 -16.45 -48.13
C VAL I 144 6.19 -17.79 -48.06
N PHE I 145 4.98 -17.80 -48.57
CA PHE I 145 4.10 -19.00 -48.68
C PHE I 145 4.69 -20.00 -49.66
N ASN I 146 5.21 -19.47 -50.78
CA ASN I 146 5.81 -20.21 -51.92
C ASN I 146 7.13 -19.51 -52.31
N HIS I 147 8.25 -20.20 -52.11
CA HIS I 147 9.59 -19.70 -52.43
C HIS I 147 9.76 -19.53 -53.93
N ARG I 148 9.00 -20.23 -54.76
CA ARG I 148 9.17 -20.19 -56.23
C ARG I 148 8.40 -19.00 -56.82
N ALA I 149 7.60 -18.27 -56.01
CA ALA I 149 6.91 -17.06 -56.52
C ALA I 149 7.96 -16.17 -57.22
N THR I 150 7.62 -15.62 -58.39
CA THR I 150 8.41 -14.55 -59.04
C THR I 150 7.74 -13.19 -58.79
N TYR I 151 8.35 -12.34 -57.96
CA TYR I 151 7.83 -10.99 -57.62
C TYR I 151 8.24 -10.06 -58.76
N PRO I 152 7.41 -9.03 -59.05
CA PRO I 152 7.73 -8.09 -60.12
C PRO I 152 8.92 -7.16 -59.83
N ALA I 153 9.47 -6.56 -60.90
CA ALA I 153 10.62 -5.65 -60.81
C ALA I 153 10.41 -4.55 -59.75
N GLU I 154 9.17 -4.03 -59.60
CA GLU I 154 8.81 -2.92 -58.70
C GLU I 154 8.99 -3.28 -57.22
N ALA I 155 9.02 -4.57 -56.87
CA ALA I 155 8.95 -5.05 -55.47
C ALA I 155 10.37 -5.28 -54.99
N THR I 156 10.63 -5.03 -53.71
CA THR I 156 11.89 -5.34 -53.04
C THR I 156 11.71 -6.69 -52.36
N VAL I 157 12.41 -7.71 -52.85
CA VAL I 157 12.39 -9.08 -52.27
C VAL I 157 13.84 -9.59 -52.27
N ILE I 158 14.08 -10.70 -51.57
CA ILE I 158 15.25 -11.56 -51.82
C ILE I 158 14.94 -12.46 -53.01
N LYS I 159 15.70 -12.32 -54.10
CA LYS I 159 15.52 -13.15 -55.32
C LYS I 159 16.10 -14.54 -55.05
N ASN I 160 15.53 -15.57 -55.68
CA ASN I 160 15.92 -17.00 -55.51
C ASN I 160 16.16 -17.28 -54.04
N PRO I 161 15.16 -17.05 -53.16
CA PRO I 161 15.36 -17.19 -51.72
C PRO I 161 15.58 -18.63 -51.25
N GLY I 162 15.12 -19.62 -52.04
CA GLY I 162 15.29 -21.05 -51.72
C GLY I 162 14.15 -21.58 -50.84
N ALA I 163 14.04 -22.91 -50.78
CA ALA I 163 12.96 -23.65 -50.08
C ALA I 163 12.90 -23.23 -48.61
N SER I 164 14.04 -22.92 -48.02
CA SER I 164 14.17 -22.58 -46.57
C SER I 164 13.33 -21.35 -46.24
N SER I 165 13.12 -20.45 -47.22
CA SER I 165 12.41 -19.16 -47.06
C SER I 165 10.93 -19.41 -46.76
N GLN I 166 10.42 -20.64 -46.92
CA GLN I 166 8.99 -20.95 -46.65
C GLN I 166 8.81 -21.09 -45.13
N VAL I 167 9.91 -21.24 -44.40
CA VAL I 167 9.95 -21.21 -42.92
C VAL I 167 11.06 -20.24 -42.52
N PHE I 168 11.62 -20.36 -41.32
CA PHE I 168 12.69 -19.45 -40.82
C PHE I 168 14.06 -19.88 -41.38
N ASP I 169 14.73 -18.95 -42.02
CA ASP I 169 16.15 -19.08 -42.47
C ASP I 169 16.86 -17.86 -41.95
N PRO I 170 17.86 -18.00 -41.05
CA PRO I 170 18.53 -16.85 -40.46
C PRO I 170 19.35 -16.02 -41.45
N ASN I 171 19.54 -16.51 -42.67
CA ASN I 171 20.29 -15.80 -43.72
C ASN I 171 19.41 -14.72 -44.33
N LEU I 172 18.08 -14.84 -44.25
CA LEU I 172 17.16 -14.03 -45.10
C LEU I 172 16.68 -12.79 -44.34
N LYS I 173 17.53 -11.77 -44.26
CA LYS I 173 17.25 -10.53 -43.49
C LYS I 173 17.00 -9.38 -44.45
N GLY I 174 16.32 -8.36 -43.95
CA GLY I 174 16.17 -7.07 -44.65
C GLY I 174 15.82 -5.98 -43.67
N THR I 175 15.74 -4.74 -44.14
CA THR I 175 15.28 -3.55 -43.36
C THR I 175 14.28 -2.80 -44.24
N LEU I 176 13.21 -2.29 -43.63
CA LEU I 176 12.12 -1.55 -44.28
C LEU I 176 12.62 -0.14 -44.59
N THR I 177 13.26 0.03 -45.75
CA THR I 177 13.99 1.27 -46.09
C THR I 177 13.19 2.06 -47.10
N ALA I 178 12.09 1.51 -47.65
CA ALA I 178 11.28 2.19 -48.69
C ALA I 178 9.79 1.89 -48.49
N ASP I 179 8.96 2.87 -48.81
CA ASP I 179 7.49 2.79 -48.68
C ASP I 179 6.91 2.14 -49.94
N GLY I 180 5.94 1.24 -49.77
CA GLY I 180 5.09 0.75 -50.88
C GLY I 180 5.77 -0.19 -51.84
N VAL I 181 6.87 -0.86 -51.46
CA VAL I 181 7.64 -1.78 -52.37
C VAL I 181 7.99 -3.10 -51.68
N PHE I 182 7.96 -3.21 -50.35
CA PHE I 182 8.24 -4.47 -49.63
C PHE I 182 6.92 -5.23 -49.51
N PRO I 183 6.70 -6.35 -50.23
CA PRO I 183 5.39 -7.02 -50.17
C PRO I 183 5.12 -7.53 -48.75
N VAL I 184 3.90 -7.28 -48.26
CA VAL I 184 3.45 -7.86 -46.97
C VAL I 184 3.59 -9.38 -47.00
N GLU I 185 3.27 -10.07 -48.09
CA GLU I 185 3.29 -11.56 -48.09
C GLU I 185 4.72 -12.12 -48.11
N ALA I 186 5.74 -11.27 -48.19
CA ALA I 186 7.14 -11.69 -48.31
C ALA I 186 7.97 -11.25 -47.10
N TRP I 187 7.51 -10.30 -46.32
CA TRP I 187 8.34 -9.79 -45.19
C TRP I 187 7.54 -9.66 -43.90
N GLY I 188 8.21 -9.91 -42.78
CA GLY I 188 7.64 -9.79 -41.42
C GLY I 188 8.66 -9.15 -40.50
N PRO I 189 8.26 -8.57 -39.35
CA PRO I 189 9.24 -8.04 -38.40
C PRO I 189 10.11 -9.20 -37.91
N ASP I 190 11.41 -8.99 -37.86
CA ASP I 190 12.37 -9.98 -37.31
C ASP I 190 12.38 -9.91 -35.78
N PRO I 191 11.97 -10.98 -35.06
CA PRO I 191 12.05 -10.97 -33.60
C PRO I 191 13.47 -11.14 -33.03
N PHE I 192 14.43 -11.56 -33.85
CA PHE I 192 15.84 -11.73 -33.43
C PHE I 192 16.54 -10.38 -33.39
N LYS I 193 15.89 -9.36 -33.94
CA LYS I 193 16.43 -7.98 -33.99
C LYS I 193 15.39 -7.04 -33.37
N ASN I 194 15.29 -5.80 -33.89
CA ASN I 194 14.31 -4.79 -33.38
C ASN I 194 14.44 -4.55 -31.87
N GLU I 195 15.66 -4.54 -31.33
CA GLU I 195 15.93 -4.10 -29.94
C GLU I 195 15.47 -2.64 -29.78
N ASN I 196 15.46 -1.86 -30.85
CA ASN I 196 15.22 -0.39 -30.82
C ASN I 196 13.90 -0.04 -31.54
N THR I 197 12.99 -1.00 -31.67
CA THR I 197 11.65 -0.83 -32.28
C THR I 197 10.62 -1.62 -31.47
N ARG I 198 9.40 -1.12 -31.27
CA ARG I 198 8.28 -1.94 -30.77
C ARG I 198 7.33 -2.21 -31.95
N TYR I 199 6.92 -3.47 -32.15
CA TYR I 199 5.96 -3.83 -33.23
C TYR I 199 4.84 -4.66 -32.62
N PHE I 200 3.69 -4.58 -33.29
CA PHE I 200 2.40 -5.20 -32.89
C PHE I 200 1.67 -5.59 -34.17
N GLY I 201 1.21 -6.83 -34.23
CA GLY I 201 0.47 -7.32 -35.39
C GLY I 201 -0.67 -8.24 -34.99
N GLN I 202 -1.77 -8.19 -35.75
CA GLN I 202 -2.91 -9.15 -35.71
C GLN I 202 -3.26 -9.56 -37.14
N TYR I 203 -3.46 -10.86 -37.38
CA TYR I 203 -3.98 -11.43 -38.64
C TYR I 203 -5.27 -12.22 -38.32
N THR I 204 -6.34 -11.95 -39.06
CA THR I 204 -7.56 -12.79 -39.16
C THR I 204 -7.73 -13.16 -40.63
N GLY I 205 -7.70 -14.44 -40.95
CA GLY I 205 -7.67 -14.91 -42.35
C GLY I 205 -9.06 -15.06 -42.93
N GLY I 206 -9.15 -15.81 -44.02
CA GLY I 206 -10.40 -16.07 -44.72
C GLY I 206 -10.71 -14.99 -45.74
N THR I 207 -11.73 -15.26 -46.54
CA THR I 207 -12.17 -14.48 -47.70
C THR I 207 -13.61 -13.95 -47.49
N GLN I 208 -14.42 -14.57 -46.61
CA GLN I 208 -15.81 -14.14 -46.27
C GLN I 208 -15.93 -13.74 -44.80
N THR I 209 -14.80 -13.63 -44.11
CA THR I 209 -14.71 -13.28 -42.68
C THR I 209 -15.21 -11.85 -42.46
N PRO I 210 -16.07 -11.64 -41.46
CA PRO I 210 -16.52 -10.29 -41.14
C PRO I 210 -15.30 -9.53 -40.64
N PRO I 211 -14.94 -8.37 -41.23
CA PRO I 211 -13.90 -7.52 -40.64
C PRO I 211 -14.35 -6.96 -39.28
N VAL I 212 -13.43 -6.92 -38.31
CA VAL I 212 -13.68 -6.35 -36.94
C VAL I 212 -12.61 -5.27 -36.69
N LEU I 213 -13.01 -4.00 -36.66
CA LEU I 213 -12.10 -2.86 -36.38
C LEU I 213 -12.68 -2.04 -35.24
N THR I 214 -11.80 -1.51 -34.39
CA THR I 214 -12.19 -0.60 -33.29
C THR I 214 -11.34 0.66 -33.46
N PHE I 215 -11.86 1.81 -33.01
CA PHE I 215 -11.13 3.08 -33.03
C PHE I 215 -11.55 3.88 -31.79
N THR I 216 -10.60 4.57 -31.22
CA THR I 216 -10.79 5.47 -30.06
C THR I 216 -9.58 6.40 -30.02
N ASN I 217 -9.74 7.56 -29.38
CA ASN I 217 -8.61 8.47 -29.14
C ASN I 217 -8.15 8.39 -27.67
N THR I 218 -8.55 7.35 -26.94
CA THR I 218 -8.36 7.20 -25.48
C THR I 218 -7.29 6.14 -25.14
N GLN I 219 -6.68 5.49 -26.12
CA GLN I 219 -5.84 4.29 -25.89
C GLN I 219 -4.38 4.69 -26.09
N THR I 220 -3.58 4.53 -25.05
CA THR I 220 -2.13 4.80 -25.11
C THR I 220 -1.43 3.46 -24.92
N THR I 221 -0.38 3.25 -25.70
CA THR I 221 0.57 2.12 -25.57
C THR I 221 1.93 2.68 -25.13
N ILE I 222 2.47 2.16 -24.02
CA ILE I 222 3.80 2.52 -23.44
C ILE I 222 4.85 1.82 -24.32
N LEU I 223 5.90 2.52 -24.76
CA LEU I 223 6.96 1.92 -25.61
C LEU I 223 8.21 1.59 -24.80
N LEU I 224 8.16 1.79 -23.48
CA LEU I 224 9.28 1.46 -22.56
C LEU I 224 9.43 -0.06 -22.49
N ASP I 225 10.66 -0.55 -22.57
CA ASP I 225 11.02 -1.98 -22.36
C ASP I 225 11.11 -2.21 -20.85
N GLU I 226 11.55 -3.40 -20.44
CA GLU I 226 11.63 -3.84 -19.02
C GLU I 226 12.67 -3.00 -18.26
N ASN I 227 13.57 -2.29 -18.94
CA ASN I 227 14.59 -1.44 -18.27
C ASN I 227 14.09 0.01 -18.18
N GLY I 228 12.90 0.31 -18.70
CA GLY I 228 12.33 1.67 -18.70
C GLY I 228 12.90 2.52 -19.81
N VAL I 229 13.31 1.89 -20.91
CA VAL I 229 13.92 2.59 -22.06
C VAL I 229 13.03 2.40 -23.29
N GLY I 230 12.55 3.51 -23.84
CA GLY I 230 11.84 3.56 -25.13
C GLY I 230 12.82 3.46 -26.29
N PRO I 231 12.33 3.32 -27.54
CA PRO I 231 13.19 3.43 -28.72
C PRO I 231 13.96 4.77 -28.80
N LEU I 232 15.26 4.70 -29.05
CA LEU I 232 16.18 5.88 -29.07
C LEU I 232 16.41 6.30 -30.51
N CYS I 233 16.00 7.50 -30.89
CA CYS I 233 15.91 7.92 -32.32
C CYS I 233 17.28 8.29 -32.90
N LYS I 234 17.88 7.32 -33.62
CA LYS I 234 19.20 7.48 -34.30
C LYS I 234 19.08 8.53 -35.42
N GLY I 235 20.03 9.47 -35.46
CA GLY I 235 20.07 10.55 -36.45
C GLY I 235 18.89 11.49 -36.32
N ASP I 236 18.32 11.60 -35.11
CA ASP I 236 17.11 12.38 -34.75
C ASP I 236 15.94 12.01 -35.68
N GLY I 237 15.82 10.73 -36.07
CA GLY I 237 14.72 10.23 -36.92
C GLY I 237 13.84 9.25 -36.14
N LEU I 238 12.52 9.40 -36.26
CA LEU I 238 11.53 8.45 -35.72
C LEU I 238 10.96 7.65 -36.90
N PHE I 239 10.96 6.32 -36.77
CA PHE I 239 10.64 5.39 -37.87
C PHE I 239 9.28 4.73 -37.58
N LEU I 240 8.30 4.98 -38.45
CA LEU I 240 6.91 4.48 -38.38
C LEU I 240 6.69 3.53 -39.57
N SER I 241 6.01 2.43 -39.32
CA SER I 241 5.74 1.36 -40.32
C SER I 241 4.37 0.79 -40.03
N CYS I 242 3.66 0.37 -41.06
CA CYS I 242 2.40 -0.35 -40.86
C CYS I 242 1.95 -1.01 -42.16
N ALA I 243 0.98 -1.89 -41.97
CA ALA I 243 0.14 -2.46 -43.03
C ALA I 243 -1.23 -2.66 -42.40
N ASP I 244 -2.26 -2.21 -43.09
CA ASP I 244 -3.66 -2.31 -42.61
C ASP I 244 -4.57 -2.86 -43.71
N ILE I 245 -4.57 -4.16 -43.96
CA ILE I 245 -5.49 -4.81 -44.94
C ILE I 245 -6.79 -5.04 -44.19
N VAL I 246 -7.89 -4.45 -44.66
CA VAL I 246 -9.17 -4.59 -43.96
C VAL I 246 -9.96 -5.75 -44.58
N GLY I 247 -9.66 -6.16 -45.81
CA GLY I 247 -10.42 -7.27 -46.43
C GLY I 247 -10.44 -7.14 -47.94
N PHE I 248 -11.39 -7.87 -48.57
CA PHE I 248 -11.58 -7.85 -50.04
C PHE I 248 -12.84 -7.08 -50.44
N PHE I 249 -12.72 -6.35 -51.55
CA PHE I 249 -13.84 -5.77 -52.31
C PHE I 249 -14.16 -6.75 -53.44
N THR I 250 -15.41 -7.20 -53.53
CA THR I 250 -15.86 -8.09 -54.63
C THR I 250 -16.78 -7.33 -55.59
N GLN I 251 -16.39 -7.23 -56.88
CA GLN I 251 -17.26 -6.72 -57.95
C GLN I 251 -18.41 -7.68 -58.29
N HIS I 252 -19.42 -7.17 -59.02
CA HIS I 252 -20.55 -7.96 -59.59
C HIS I 252 -20.01 -9.15 -60.38
N ASN I 253 -18.89 -9.00 -61.08
CA ASN I 253 -18.36 -10.09 -61.93
C ASN I 253 -17.39 -10.99 -61.13
N LYS I 254 -17.33 -10.86 -59.80
CA LYS I 254 -16.62 -11.72 -58.78
C LYS I 254 -15.12 -11.45 -58.71
N LYS I 255 -14.60 -10.47 -59.43
CA LYS I 255 -13.21 -10.01 -59.24
C LYS I 255 -13.08 -9.40 -57.85
N MET I 256 -11.98 -9.76 -57.20
CA MET I 256 -11.72 -9.38 -55.80
C MET I 256 -10.39 -8.61 -55.74
N SER I 257 -10.38 -7.57 -54.92
CA SER I 257 -9.23 -6.66 -54.70
C SER I 257 -9.07 -6.44 -53.20
N PHE I 258 -7.82 -6.32 -52.74
CA PHE I 258 -7.50 -5.89 -51.37
C PHE I 258 -8.03 -4.45 -51.16
N ARG I 259 -8.59 -4.18 -49.99
CA ARG I 259 -8.87 -2.80 -49.53
C ARG I 259 -8.06 -2.51 -48.26
N GLY I 260 -7.44 -1.33 -48.24
CA GLY I 260 -6.58 -0.86 -47.13
C GLY I 260 -7.10 0.44 -46.55
N LEU I 261 -6.63 0.77 -45.37
CA LEU I 261 -7.03 2.02 -44.67
C LEU I 261 -5.76 2.66 -44.14
N PRO I 262 -5.77 4.00 -44.02
CA PRO I 262 -4.63 4.70 -43.46
C PRO I 262 -4.55 4.59 -41.93
N ARG I 263 -3.33 4.77 -41.41
CA ARG I 263 -3.04 4.68 -39.98
C ARG I 263 -2.55 6.04 -39.45
N TYR I 264 -3.07 6.41 -38.30
CA TYR I 264 -2.68 7.59 -37.50
C TYR I 264 -1.69 7.17 -36.44
N PHE I 265 -0.66 7.98 -36.22
CA PHE I 265 0.33 7.80 -35.13
C PHE I 265 0.43 9.10 -34.31
N ARG I 266 0.42 8.98 -32.99
CA ARG I 266 0.85 10.02 -32.03
C ARG I 266 1.98 9.43 -31.18
N VAL I 267 3.16 10.03 -31.25
CA VAL I 267 4.31 9.58 -30.42
C VAL I 267 4.76 10.77 -29.54
N THR I 268 4.89 10.47 -28.26
CA THR I 268 5.52 11.31 -27.22
C THR I 268 6.96 10.86 -26.99
N LEU I 269 7.87 11.82 -27.00
CA LEU I 269 9.33 11.59 -26.88
C LEU I 269 9.90 12.50 -25.79
N ARG I 270 10.94 12.02 -25.12
CA ARG I 270 11.65 12.75 -24.03
C ARG I 270 13.15 12.68 -24.31
N LYS I 271 13.90 13.66 -23.81
CA LYS I 271 15.36 13.72 -24.01
C LYS I 271 15.98 12.67 -23.09
N ARG I 272 16.92 11.91 -23.63
CA ARG I 272 17.67 10.90 -22.84
C ARG I 272 19.16 11.17 -23.08
N VAL I 273 19.95 11.22 -21.99
CA VAL I 273 21.43 11.30 -22.08
C VAL I 273 21.92 9.90 -22.45
N VAL I 274 22.83 9.79 -23.42
CA VAL I 274 23.51 8.50 -23.73
C VAL I 274 25.02 8.73 -23.82
N LYS I 275 25.82 7.74 -23.41
CA LYS I 275 27.30 7.81 -23.30
C LYS I 275 27.91 7.95 -24.71
N ILE J 7 -6.74 26.18 -23.61
CA ILE J 7 -7.27 26.53 -22.25
C ILE J 7 -6.23 26.15 -21.19
N GLU J 8 -5.89 27.10 -20.30
CA GLU J 8 -5.07 26.82 -19.09
C GLU J 8 -5.99 26.24 -18.00
N VAL J 9 -5.76 24.98 -17.63
CA VAL J 9 -6.62 24.23 -16.68
C VAL J 9 -6.02 24.37 -15.28
N LEU J 10 -6.85 24.75 -14.29
CA LEU J 10 -6.43 24.91 -12.88
C LEU J 10 -7.21 23.90 -12.03
N ALA J 11 -7.44 24.20 -10.76
CA ALA J 11 -8.03 23.30 -9.75
C ALA J 11 -9.47 22.92 -10.15
N VAL J 12 -9.89 21.74 -9.69
CA VAL J 12 -11.30 21.26 -9.67
C VAL J 12 -11.99 21.80 -8.41
N ARG J 13 -13.31 22.01 -8.48
CA ARG J 13 -14.17 22.35 -7.32
C ARG J 13 -14.56 21.06 -6.58
N THR J 14 -14.65 21.15 -5.25
CA THR J 14 -14.77 19.99 -4.33
C THR J 14 -16.20 19.91 -3.81
N GLY J 15 -16.68 18.70 -3.49
CA GLY J 15 -17.96 18.45 -2.79
C GLY J 15 -19.11 18.10 -3.73
N PRO J 16 -20.29 17.74 -3.19
CA PRO J 16 -21.43 17.30 -4.03
C PRO J 16 -22.03 18.39 -4.94
N ASP J 17 -21.93 19.68 -4.57
CA ASP J 17 -22.45 20.82 -5.37
C ASP J 17 -21.54 21.11 -6.58
N SER J 18 -20.34 20.54 -6.60
CA SER J 18 -19.33 20.74 -7.67
C SER J 18 -19.65 19.82 -8.84
N ILE J 19 -20.53 18.84 -8.64
CA ILE J 19 -20.87 17.74 -9.59
C ILE J 19 -22.31 17.95 -10.10
N THR J 20 -22.55 17.77 -11.41
CA THR J 20 -23.90 17.65 -12.01
C THR J 20 -23.92 16.45 -12.98
N GLU J 21 -25.12 15.99 -13.32
CA GLU J 21 -25.34 14.81 -14.19
C GLU J 21 -26.41 15.14 -15.22
N ILE J 22 -26.15 14.85 -16.49
CA ILE J 22 -27.19 14.98 -17.54
C ILE J 22 -27.46 13.59 -18.13
N GLU J 23 -28.70 13.38 -18.55
CA GLU J 23 -29.10 12.17 -19.29
C GLU J 23 -29.72 12.66 -20.59
N ALA J 24 -29.45 11.97 -21.68
CA ALA J 24 -29.92 12.35 -23.03
C ALA J 24 -30.02 11.10 -23.89
N TYR J 25 -30.73 11.22 -24.99
CA TYR J 25 -30.83 10.17 -26.02
C TYR J 25 -30.50 10.81 -27.35
N LEU J 26 -29.97 10.02 -28.27
CA LEU J 26 -29.92 10.33 -29.71
C LEU J 26 -30.66 9.22 -30.43
N ASN J 27 -31.71 9.61 -31.15
CA ASN J 27 -32.38 8.68 -32.08
C ASN J 27 -31.49 8.49 -33.30
N PRO J 28 -31.58 7.30 -33.91
CA PRO J 28 -30.81 6.97 -35.10
C PRO J 28 -31.33 7.77 -36.30
N ARG J 29 -30.43 7.96 -37.27
CA ARG J 29 -30.73 8.60 -38.58
C ARG J 29 -30.29 7.64 -39.70
N MET J 30 -31.01 6.53 -39.88
CA MET J 30 -30.68 5.46 -40.84
C MET J 30 -31.11 5.84 -42.26
N GLY J 31 -32.07 6.77 -42.40
CA GLY J 31 -32.42 7.36 -43.70
C GLY J 31 -33.89 7.70 -43.88
N GLN J 32 -34.80 6.84 -43.44
CA GLN J 32 -36.27 7.04 -43.62
C GLN J 32 -36.73 8.17 -42.70
N PRO J 33 -37.71 9.01 -43.13
CA PRO J 33 -38.09 10.20 -42.36
C PRO J 33 -38.78 9.89 -41.02
N GLN J 34 -38.54 10.77 -40.06
CA GLN J 34 -39.07 10.73 -38.69
C GLN J 34 -40.59 10.62 -38.71
N ASN J 35 -41.13 9.96 -37.68
CA ASN J 35 -42.57 9.85 -37.34
C ASN J 35 -43.35 9.33 -38.56
N GLU J 36 -42.70 8.55 -39.43
CA GLU J 36 -43.37 7.86 -40.55
C GLU J 36 -43.03 6.37 -40.46
N ASP J 37 -43.62 5.53 -41.30
CA ASP J 37 -43.81 4.09 -41.00
C ASP J 37 -42.46 3.36 -40.93
N PHE J 38 -41.37 3.93 -41.45
CA PHE J 38 -40.08 3.20 -41.51
C PHE J 38 -39.03 3.91 -40.68
N TYR J 39 -39.50 4.75 -39.76
CA TYR J 39 -38.60 5.49 -38.84
C TYR J 39 -37.73 4.43 -38.13
N GLY J 40 -36.42 4.57 -38.25
CA GLY J 40 -35.43 3.66 -37.62
C GLY J 40 -34.68 2.84 -38.66
N PHE J 41 -35.19 2.83 -39.90
CA PHE J 41 -34.64 2.10 -41.06
C PHE J 41 -34.12 3.09 -42.09
N SER J 42 -33.27 2.59 -42.98
CA SER J 42 -32.99 3.22 -44.28
C SER J 42 -34.07 2.74 -45.24
N ASP J 43 -34.18 3.43 -46.36
CA ASP J 43 -34.94 2.92 -47.51
C ASP J 43 -34.18 1.70 -48.06
N ASN J 44 -34.83 0.90 -48.90
CA ASN J 44 -34.22 -0.31 -49.53
C ASN J 44 -32.98 0.11 -50.31
N VAL J 45 -31.83 -0.55 -50.07
CA VAL J 45 -30.51 -0.15 -50.63
C VAL J 45 -30.40 -0.60 -52.10
N THR J 46 -30.08 0.35 -52.98
CA THR J 46 -29.76 0.15 -54.40
C THR J 46 -28.25 0.08 -54.53
N VAL J 47 -27.74 -0.68 -55.50
CA VAL J 47 -26.28 -0.91 -55.69
C VAL J 47 -25.93 -0.53 -57.13
N SER J 48 -24.90 0.28 -57.29
CA SER J 48 -24.37 0.73 -58.59
C SER J 48 -23.62 -0.41 -59.29
N ASP J 49 -23.47 -0.29 -60.62
CA ASP J 49 -22.76 -1.30 -61.46
C ASP J 49 -21.27 -0.96 -61.54
N ASP J 50 -20.87 0.28 -61.22
CA ASP J 50 -19.52 0.85 -61.47
C ASP J 50 -19.33 2.05 -60.53
N PHE J 51 -18.11 2.27 -60.01
CA PHE J 51 -17.68 3.49 -59.24
C PHE J 51 -18.02 4.78 -60.01
N GLY J 52 -17.91 4.76 -61.35
CA GLY J 52 -18.20 5.87 -62.28
C GLY J 52 -19.67 6.25 -62.37
N SER J 53 -20.60 5.36 -62.03
CA SER J 53 -22.07 5.60 -62.14
C SER J 53 -22.75 5.36 -60.80
N ASP J 54 -22.20 5.92 -59.72
CA ASP J 54 -22.54 5.48 -58.35
C ASP J 54 -23.17 6.68 -57.63
N ALA J 55 -24.46 6.58 -57.31
CA ALA J 55 -25.24 7.68 -56.71
C ALA J 55 -26.22 7.11 -55.69
N PRO J 56 -25.82 7.03 -54.39
CA PRO J 56 -26.72 6.53 -53.34
C PRO J 56 -27.86 7.52 -53.12
N PRO J 57 -29.11 7.16 -53.51
CA PRO J 57 -30.24 8.04 -53.31
C PRO J 57 -30.40 8.37 -51.83
N TRP J 58 -30.85 9.60 -51.55
CA TRP J 58 -31.25 10.02 -50.19
C TRP J 58 -32.27 9.01 -49.61
N LYS J 59 -32.12 8.71 -48.32
CA LYS J 59 -32.84 7.74 -47.46
C LYS J 59 -32.19 6.35 -47.49
N GLN J 60 -31.21 6.08 -48.37
CA GLN J 60 -30.68 4.69 -48.56
C GLN J 60 -29.39 4.47 -47.79
N PHE J 61 -28.94 5.44 -46.99
CA PHE J 61 -27.69 5.30 -46.20
C PHE J 61 -27.85 6.06 -44.89
N PRO J 62 -27.25 5.54 -43.80
CA PRO J 62 -27.29 6.20 -42.50
C PRO J 62 -26.39 7.42 -42.42
N CYS J 63 -26.79 8.36 -41.55
CA CYS J 63 -25.99 9.55 -41.14
C CYS J 63 -25.78 9.57 -39.61
N TYR J 64 -24.83 10.36 -39.17
CA TYR J 64 -24.52 10.56 -37.73
C TYR J 64 -25.65 11.33 -37.04
N SER J 65 -25.88 10.94 -35.80
CA SER J 65 -26.74 11.61 -34.81
C SER J 65 -25.85 12.55 -34.01
N THR J 66 -26.34 13.72 -33.66
CA THR J 66 -25.56 14.67 -32.84
C THR J 66 -26.55 15.61 -32.16
N ALA J 67 -26.19 16.07 -30.97
CA ALA J 67 -26.94 17.08 -30.19
C ALA J 67 -25.98 17.86 -29.29
N ARG J 68 -26.32 19.12 -29.03
CA ARG J 68 -25.65 19.95 -28.00
C ARG J 68 -26.57 20.01 -26.78
N ILE J 69 -26.04 19.61 -25.64
CA ILE J 69 -26.81 19.61 -24.38
C ILE J 69 -26.42 20.91 -23.65
N SER J 70 -27.41 21.75 -23.36
CA SER J 70 -27.25 23.01 -22.62
C SER J 70 -27.00 22.70 -21.15
N LEU J 71 -25.85 23.07 -20.61
CA LEU J 71 -25.54 22.81 -19.19
C LEU J 71 -25.88 24.05 -18.38
N PRO J 72 -25.95 23.95 -17.03
CA PRO J 72 -26.17 25.11 -16.17
C PRO J 72 -25.07 26.14 -16.37
N MET J 73 -25.46 27.41 -16.56
CA MET J 73 -24.47 28.49 -16.80
C MET J 73 -23.82 28.92 -15.47
N LEU J 74 -22.51 28.81 -15.38
CA LEU J 74 -21.76 28.78 -14.10
C LEU J 74 -21.33 30.20 -13.67
N ASN J 75 -21.03 31.08 -14.63
CA ASN J 75 -20.27 32.34 -14.39
C ASN J 75 -21.21 33.53 -14.39
N GLN J 76 -21.26 34.28 -13.29
CA GLN J 76 -21.98 35.58 -13.23
C GLN J 76 -21.19 36.66 -13.98
N ASP J 77 -19.87 36.49 -14.16
CA ASP J 77 -19.00 37.51 -14.79
C ASP J 77 -17.92 36.82 -15.63
N MET J 78 -18.05 36.93 -16.96
CA MET J 78 -17.17 36.26 -17.95
C MET J 78 -15.95 37.13 -18.27
N THR J 79 -15.65 38.16 -17.46
CA THR J 79 -14.46 39.03 -17.62
C THR J 79 -13.46 38.84 -16.47
N SER J 80 -13.72 37.98 -15.49
CA SER J 80 -12.81 37.70 -14.35
C SER J 80 -11.54 37.00 -14.84
N ASP J 81 -10.48 37.02 -14.03
CA ASP J 81 -9.16 36.43 -14.33
C ASP J 81 -9.33 34.93 -14.61
N THR J 82 -10.25 34.27 -13.89
CA THR J 82 -10.58 32.82 -14.05
C THR J 82 -12.09 32.61 -14.12
N ILE J 83 -12.53 31.56 -14.82
CA ILE J 83 -13.96 31.15 -14.92
C ILE J 83 -14.10 29.67 -14.59
N LEU J 84 -15.35 29.24 -14.41
CA LEU J 84 -15.70 27.81 -14.22
C LEU J 84 -16.20 27.29 -15.57
N MET J 85 -15.68 26.13 -15.97
CA MET J 85 -16.24 25.27 -17.05
C MET J 85 -16.66 23.94 -16.44
N TRP J 86 -17.67 23.33 -17.06
CA TRP J 86 -18.07 21.93 -16.79
C TRP J 86 -17.05 21.03 -17.49
N GLU J 87 -16.48 20.12 -16.72
CA GLU J 87 -15.53 19.10 -17.17
C GLU J 87 -16.23 17.74 -17.15
N ALA J 88 -16.39 17.09 -18.31
CA ALA J 88 -17.01 15.74 -18.32
C ALA J 88 -15.99 14.73 -17.77
N ILE J 89 -16.31 14.04 -16.67
CA ILE J 89 -15.36 13.14 -15.93
C ILE J 89 -15.67 11.67 -16.21
N SER J 90 -16.92 11.33 -16.48
CA SER J 90 -17.35 9.94 -16.76
C SER J 90 -18.69 9.92 -17.48
N CYS J 91 -19.01 8.78 -18.08
CA CYS J 91 -20.30 8.58 -18.75
C CYS J 91 -20.72 7.13 -18.58
N ARG J 92 -22.02 6.95 -18.62
CA ARG J 92 -22.66 5.66 -18.94
C ARG J 92 -23.36 5.86 -20.28
N THR J 93 -23.18 4.94 -21.21
CA THR J 93 -23.90 4.91 -22.51
C THR J 93 -24.45 3.49 -22.70
N GLU J 94 -25.69 3.40 -23.17
CA GLU J 94 -26.37 2.13 -23.48
C GLU J 94 -26.99 2.27 -24.87
N VAL J 95 -26.90 1.25 -25.72
CA VAL J 95 -27.80 1.12 -26.89
C VAL J 95 -29.16 0.70 -26.34
N MET J 96 -30.22 1.45 -26.66
CA MET J 96 -31.59 1.17 -26.18
C MET J 96 -32.34 0.36 -27.24
N GLY J 97 -33.30 -0.43 -26.79
CA GLY J 97 -34.21 -1.21 -27.62
C GLY J 97 -33.58 -2.43 -28.25
N VAL J 98 -32.51 -2.96 -27.68
CA VAL J 98 -31.89 -4.25 -28.11
C VAL J 98 -32.99 -5.33 -28.08
N ASN J 99 -33.93 -5.18 -27.15
CA ASN J 99 -35.11 -6.06 -26.98
C ASN J 99 -35.84 -6.29 -28.31
N MET J 100 -36.01 -5.25 -29.14
CA MET J 100 -36.85 -5.36 -30.38
C MET J 100 -36.24 -6.41 -31.30
N LEU J 101 -34.94 -6.71 -31.15
CA LEU J 101 -34.23 -7.61 -32.11
C LEU J 101 -34.67 -9.07 -31.93
N THR J 102 -35.52 -9.37 -30.94
CA THR J 102 -36.10 -10.72 -30.74
C THR J 102 -37.34 -10.90 -31.63
N ASN J 103 -37.70 -9.90 -32.42
CA ASN J 103 -38.83 -9.95 -33.38
C ASN J 103 -38.36 -10.65 -34.66
N VAL J 104 -38.90 -11.83 -34.93
CA VAL J 104 -38.62 -12.63 -36.15
C VAL J 104 -39.94 -12.93 -36.86
N HIS J 105 -40.94 -12.04 -36.77
CA HIS J 105 -42.27 -12.26 -37.39
C HIS J 105 -42.65 -11.14 -38.36
N SER J 106 -42.00 -9.97 -38.30
CA SER J 106 -42.43 -8.74 -39.00
C SER J 106 -41.89 -8.70 -40.44
N ALA J 107 -42.59 -9.29 -41.40
CA ALA J 107 -42.36 -9.11 -42.85
C ALA J 107 -40.88 -9.35 -43.20
N GLN J 108 -40.30 -10.40 -42.63
CA GLN J 108 -38.88 -10.81 -42.81
C GLN J 108 -38.78 -12.05 -43.71
N LYS J 109 -37.81 -12.02 -44.64
CA LYS J 109 -37.32 -13.22 -45.35
C LYS J 109 -37.16 -14.36 -44.34
N ARG J 110 -37.66 -15.55 -44.64
CA ARG J 110 -37.72 -16.64 -43.64
C ARG J 110 -36.46 -17.53 -43.79
N VAL J 111 -36.15 -18.30 -42.76
CA VAL J 111 -34.95 -19.18 -42.69
C VAL J 111 -35.10 -20.22 -43.83
N TYR J 112 -36.29 -20.75 -44.00
CA TYR J 112 -36.61 -21.76 -45.05
C TYR J 112 -37.61 -21.15 -46.04
N GLU J 113 -37.17 -20.10 -46.74
CA GLU J 113 -38.01 -19.32 -47.68
C GLU J 113 -38.65 -20.27 -48.70
N ASN J 114 -37.90 -21.22 -49.26
CA ASN J 114 -38.41 -22.14 -50.30
C ASN J 114 -39.58 -22.96 -49.74
N ASP J 115 -39.59 -23.25 -48.44
CA ASP J 115 -40.66 -24.09 -47.84
C ASP J 115 -41.73 -23.20 -47.22
N ARG J 116 -41.62 -21.88 -47.36
CA ARG J 116 -42.48 -20.86 -46.68
C ARG J 116 -42.57 -21.21 -45.20
N GLU J 117 -41.43 -21.46 -44.55
CA GLU J 117 -41.40 -21.98 -43.18
C GLU J 117 -40.19 -21.39 -42.44
N GLY J 118 -40.22 -21.45 -41.11
CA GLY J 118 -39.13 -20.97 -40.24
C GLY J 118 -39.46 -19.60 -39.69
N THR J 119 -38.66 -19.12 -38.73
CA THR J 119 -38.67 -17.72 -38.28
C THR J 119 -38.23 -16.84 -39.45
N GLY J 120 -38.51 -15.54 -39.37
CA GLY J 120 -37.73 -14.53 -40.10
C GLY J 120 -36.25 -14.68 -39.80
N ILE J 121 -35.38 -14.22 -40.70
CA ILE J 121 -33.92 -14.27 -40.44
C ILE J 121 -33.54 -13.16 -39.43
N GLY J 122 -34.44 -12.23 -39.14
CA GLY J 122 -34.20 -11.13 -38.17
C GLY J 122 -33.25 -10.08 -38.72
N VAL J 123 -32.62 -9.34 -37.84
CA VAL J 123 -31.60 -8.34 -38.26
C VAL J 123 -30.24 -9.03 -38.23
N GLU J 124 -29.47 -8.82 -39.28
CA GLU J 124 -28.19 -9.50 -39.54
C GLU J 124 -27.30 -8.56 -40.32
N GLY J 125 -25.98 -8.76 -40.19
CA GLY J 125 -24.98 -8.08 -41.01
C GLY J 125 -24.24 -7.05 -40.18
N MET J 126 -23.81 -5.98 -40.82
CA MET J 126 -22.77 -5.10 -40.24
C MET J 126 -23.31 -4.37 -39.01
N GLY J 127 -22.50 -4.31 -37.97
CA GLY J 127 -22.72 -3.44 -36.82
C GLY J 127 -21.69 -2.35 -36.85
N TYR J 128 -22.13 -1.09 -36.77
CA TYR J 128 -21.28 0.10 -36.60
C TYR J 128 -21.85 0.86 -35.40
N HIS J 129 -21.11 0.82 -34.31
CA HIS J 129 -21.49 1.41 -33.00
C HIS J 129 -20.38 2.38 -32.65
N MET J 130 -20.66 3.66 -32.73
CA MET J 130 -19.68 4.63 -32.24
C MET J 130 -20.41 5.70 -31.42
N PHE J 131 -19.71 6.28 -30.45
CA PHE J 131 -20.17 7.46 -29.67
C PHE J 131 -19.00 8.39 -29.40
N ALA J 132 -19.31 9.67 -29.25
CA ALA J 132 -18.36 10.73 -28.89
C ALA J 132 -19.02 11.65 -27.86
N ILE J 133 -18.22 12.11 -26.93
CA ILE J 133 -18.60 13.05 -25.85
C ILE J 133 -17.49 14.10 -25.77
N GLY J 134 -17.83 15.36 -25.96
CA GLY J 134 -16.81 16.43 -25.93
C GLY J 134 -17.40 17.79 -25.64
N GLY J 135 -16.52 18.76 -25.45
CA GLY J 135 -16.88 20.14 -25.05
C GLY J 135 -16.98 21.06 -26.25
N GLU J 136 -16.99 20.47 -27.45
CA GLU J 136 -17.19 21.17 -28.74
C GLU J 136 -17.62 20.14 -29.78
N PRO J 137 -18.13 20.55 -30.95
CA PRO J 137 -18.51 19.59 -31.99
C PRO J 137 -17.40 18.60 -32.35
N LEU J 138 -17.79 17.39 -32.71
CA LEU J 138 -16.88 16.29 -33.12
C LEU J 138 -16.20 16.71 -34.43
N GLU J 139 -14.88 16.64 -34.47
CA GLU J 139 -14.07 17.04 -35.65
C GLU J 139 -13.90 15.79 -36.52
N LEU J 140 -14.18 15.94 -37.81
CA LEU J 140 -14.32 14.81 -38.76
C LEU J 140 -13.15 14.80 -39.74
N GLN J 141 -12.77 13.59 -40.16
CA GLN J 141 -11.98 13.36 -41.37
C GLN J 141 -12.93 12.80 -42.43
N PHE J 142 -12.97 13.45 -43.58
CA PHE J 142 -13.69 12.97 -44.77
C PHE J 142 -12.89 11.81 -45.36
N MET J 143 -13.59 10.70 -45.61
CA MET J 143 -12.99 9.47 -46.24
C MET J 143 -14.09 8.52 -46.70
N VAL J 144 -13.97 8.03 -47.94
CA VAL J 144 -15.06 7.34 -48.69
C VAL J 144 -14.44 6.11 -49.33
N PHE J 145 -15.26 5.13 -49.57
CA PHE J 145 -14.83 3.88 -50.26
C PHE J 145 -14.55 4.17 -51.74
N ASN J 146 -15.36 5.04 -52.35
CA ASN J 146 -15.34 5.41 -53.77
C ASN J 146 -15.52 6.93 -53.90
N HIS J 147 -14.48 7.65 -54.30
CA HIS J 147 -14.53 9.14 -54.36
C HIS J 147 -15.51 9.61 -55.45
N ARG J 148 -15.88 8.76 -56.42
CA ARG J 148 -16.76 9.15 -57.56
C ARG J 148 -18.25 8.98 -57.23
N ALA J 149 -18.61 8.51 -56.03
CA ALA J 149 -20.02 8.49 -55.57
C ALA J 149 -20.55 9.93 -55.59
N THR J 150 -21.74 10.13 -56.15
CA THR J 150 -22.46 11.43 -56.07
C THR J 150 -23.51 11.31 -54.95
N TYR J 151 -23.26 12.01 -53.85
CA TYR J 151 -24.15 12.07 -52.68
C TYR J 151 -25.29 13.03 -53.02
N PRO J 152 -26.47 12.79 -52.43
CA PRO J 152 -27.65 13.62 -52.69
C PRO J 152 -27.48 14.99 -52.01
N ALA J 153 -28.17 15.99 -52.56
CA ALA J 153 -28.26 17.38 -52.05
C ALA J 153 -28.44 17.40 -50.54
N GLU J 154 -29.23 16.49 -49.97
CA GLU J 154 -29.66 16.53 -48.55
C GLU J 154 -28.48 16.20 -47.63
N ALA J 155 -27.47 15.51 -48.15
CA ALA J 155 -26.31 15.04 -47.37
C ALA J 155 -25.26 16.15 -47.36
N THR J 156 -24.53 16.30 -46.26
CA THR J 156 -23.32 17.14 -46.15
C THR J 156 -22.10 16.26 -46.42
N VAL J 157 -21.41 16.55 -47.51
CA VAL J 157 -20.18 15.86 -48.00
C VAL J 157 -19.24 16.90 -48.62
N ILE J 158 -17.97 16.54 -48.81
CA ILE J 158 -17.04 17.31 -49.69
C ILE J 158 -17.30 16.86 -51.12
N LYS J 159 -17.81 17.78 -51.95
CA LYS J 159 -18.11 17.51 -53.39
C LYS J 159 -16.80 17.39 -54.19
N ASN J 160 -16.80 16.51 -55.19
CA ASN J 160 -15.64 16.16 -56.06
C ASN J 160 -14.37 16.10 -55.22
N PRO J 161 -14.33 15.22 -54.20
CA PRO J 161 -13.19 15.19 -53.25
C PRO J 161 -11.87 14.63 -53.81
N GLY J 162 -11.91 13.98 -54.98
CA GLY J 162 -10.74 13.40 -55.66
C GLY J 162 -10.29 12.08 -55.04
N ALA J 163 -9.48 11.33 -55.79
CA ALA J 163 -8.99 9.97 -55.45
C ALA J 163 -8.43 9.91 -54.02
N SER J 164 -7.71 10.94 -53.58
CA SER J 164 -6.97 10.97 -52.29
C SER J 164 -7.94 10.84 -51.09
N SER J 165 -9.22 11.14 -51.29
CA SER J 165 -10.30 10.97 -50.27
C SER J 165 -10.61 9.49 -50.07
N GLN J 166 -10.03 8.58 -50.87
CA GLN J 166 -10.28 7.13 -50.68
C GLN J 166 -9.33 6.66 -49.58
N VAL J 167 -8.35 7.48 -49.21
CA VAL J 167 -7.42 7.24 -48.07
C VAL J 167 -7.37 8.55 -47.30
N PHE J 168 -6.28 8.84 -46.60
CA PHE J 168 -6.15 10.04 -45.76
C PHE J 168 -5.60 11.20 -46.60
N ASP J 169 -6.35 12.29 -46.65
CA ASP J 169 -5.92 13.58 -47.27
C ASP J 169 -6.05 14.66 -46.19
N PRO J 170 -4.95 15.31 -45.75
CA PRO J 170 -5.02 16.29 -44.66
C PRO J 170 -5.91 17.52 -44.94
N ASN J 171 -6.29 17.73 -46.20
CA ASN J 171 -7.15 18.87 -46.61
C ASN J 171 -8.61 18.59 -46.29
N LEU J 172 -9.03 17.33 -46.19
CA LEU J 172 -10.48 16.99 -46.26
C LEU J 172 -11.03 16.82 -44.84
N LYS J 173 -11.15 17.95 -44.13
CA LYS J 173 -11.59 18.01 -42.71
C LYS J 173 -13.02 18.55 -42.67
N GLY J 174 -13.74 18.25 -41.59
CA GLY J 174 -15.07 18.80 -41.31
C GLY J 174 -15.36 18.78 -39.83
N THR J 175 -16.57 19.23 -39.48
CA THR J 175 -17.05 19.27 -38.10
C THR J 175 -18.47 18.75 -38.09
N LEU J 176 -18.80 17.97 -37.07
CA LEU J 176 -20.15 17.37 -37.01
C LEU J 176 -21.08 18.45 -36.48
N THR J 177 -21.68 19.24 -37.36
CA THR J 177 -22.39 20.50 -37.01
C THR J 177 -23.90 20.32 -37.15
N ALA J 178 -24.38 19.18 -37.65
CA ALA J 178 -25.81 18.97 -37.90
C ALA J 178 -26.18 17.49 -37.78
N ASP J 179 -27.38 17.26 -37.26
CA ASP J 179 -27.95 15.92 -37.01
C ASP J 179 -28.50 15.33 -38.33
N GLY J 180 -28.26 14.05 -38.58
CA GLY J 180 -28.97 13.31 -39.63
C GLY J 180 -28.59 13.72 -41.05
N VAL J 181 -27.43 14.36 -41.30
CA VAL J 181 -27.05 14.77 -42.68
C VAL J 181 -25.59 14.39 -43.03
N PHE J 182 -24.71 14.09 -42.07
CA PHE J 182 -23.32 13.69 -42.37
C PHE J 182 -23.31 12.19 -42.58
N PRO J 183 -23.14 11.67 -43.81
CA PRO J 183 -23.21 10.23 -44.03
C PRO J 183 -22.12 9.48 -43.23
N VAL J 184 -22.49 8.37 -42.59
CA VAL J 184 -21.51 7.52 -41.85
C VAL J 184 -20.40 7.12 -42.84
N GLU J 185 -20.75 6.74 -44.07
CA GLU J 185 -19.78 6.19 -45.04
C GLU J 185 -18.85 7.26 -45.65
N ALA J 186 -19.00 8.56 -45.34
CA ALA J 186 -18.16 9.66 -45.84
C ALA J 186 -17.36 10.35 -44.73
N TRP J 187 -17.68 10.17 -43.45
CA TRP J 187 -17.01 10.90 -42.35
C TRP J 187 -16.69 9.97 -41.19
N GLY J 188 -15.52 10.16 -40.62
CA GLY J 188 -15.06 9.47 -39.41
C GLY J 188 -14.43 10.48 -38.47
N PRO J 189 -14.22 10.12 -37.19
CA PRO J 189 -13.56 11.03 -36.26
C PRO J 189 -12.10 11.30 -36.64
N ASP J 190 -11.65 12.54 -36.48
CA ASP J 190 -10.31 13.02 -36.91
C ASP J 190 -9.36 12.86 -35.74
N PRO J 191 -8.44 11.86 -35.77
CA PRO J 191 -7.53 11.68 -34.67
C PRO J 191 -6.43 12.76 -34.52
N PHE J 192 -6.25 13.61 -35.53
CA PHE J 192 -5.31 14.74 -35.49
C PHE J 192 -5.91 15.89 -34.68
N LYS J 193 -7.21 15.81 -34.40
CA LYS J 193 -7.94 16.84 -33.60
C LYS J 193 -8.67 16.14 -32.45
N ASN J 194 -9.84 16.63 -32.07
CA ASN J 194 -10.65 16.07 -30.96
C ASN J 194 -9.83 16.01 -29.67
N GLU J 195 -8.99 17.01 -29.36
CA GLU J 195 -8.27 17.03 -28.04
C GLU J 195 -9.29 17.24 -26.91
N ASN J 196 -10.47 17.79 -27.23
CA ASN J 196 -11.49 18.16 -26.22
C ASN J 196 -12.73 17.29 -26.44
N THR J 197 -12.55 16.10 -27.03
CA THR J 197 -13.61 15.08 -27.24
C THR J 197 -13.02 13.69 -26.96
N ARG J 198 -13.82 12.79 -26.40
CA ARG J 198 -13.50 11.34 -26.31
C ARG J 198 -14.44 10.57 -27.26
N TYR J 199 -13.89 9.71 -28.11
CA TYR J 199 -14.74 8.96 -29.06
C TYR J 199 -14.32 7.50 -29.02
N PHE J 200 -15.28 6.63 -29.26
CA PHE J 200 -15.20 5.15 -29.20
C PHE J 200 -16.06 4.61 -30.32
N GLY J 201 -15.49 3.71 -31.13
CA GLY J 201 -16.17 3.09 -32.28
C GLY J 201 -15.83 1.62 -32.42
N GLN J 202 -16.80 0.81 -32.83
CA GLN J 202 -16.53 -0.59 -33.25
C GLN J 202 -17.29 -0.89 -34.55
N TYR J 203 -16.60 -1.48 -35.51
CA TYR J 203 -17.18 -1.98 -36.77
C TYR J 203 -17.08 -3.50 -36.78
N THR J 204 -18.19 -4.17 -37.06
CA THR J 204 -18.20 -5.61 -37.36
C THR J 204 -18.91 -5.77 -38.70
N GLY J 205 -18.19 -6.22 -39.72
CA GLY J 205 -18.75 -6.22 -41.09
C GLY J 205 -19.57 -7.45 -41.40
N GLY J 206 -19.87 -7.64 -42.69
CA GLY J 206 -20.64 -8.79 -43.20
C GLY J 206 -22.08 -8.36 -43.48
N THR J 207 -22.86 -9.28 -44.06
CA THR J 207 -24.29 -9.07 -44.33
C THR J 207 -25.12 -10.16 -43.65
N GLN J 208 -24.48 -11.21 -43.13
CA GLN J 208 -25.13 -12.32 -42.37
C GLN J 208 -24.53 -12.46 -40.95
N THR J 209 -23.68 -11.53 -40.55
CA THR J 209 -23.06 -11.55 -39.20
C THR J 209 -24.13 -11.36 -38.14
N PRO J 210 -24.12 -12.17 -37.07
CA PRO J 210 -25.06 -11.96 -35.97
C PRO J 210 -24.69 -10.71 -35.19
N PRO J 211 -25.61 -9.75 -34.97
CA PRO J 211 -25.33 -8.62 -34.10
C PRO J 211 -25.05 -9.16 -32.69
N VAL J 212 -24.15 -8.51 -31.97
CA VAL J 212 -23.86 -8.77 -30.53
C VAL J 212 -23.93 -7.41 -29.84
N LEU J 213 -24.87 -7.27 -28.92
CA LEU J 213 -25.15 -5.99 -28.20
C LEU J 213 -25.28 -6.30 -26.71
N THR J 214 -24.62 -5.52 -25.84
CA THR J 214 -24.84 -5.60 -24.38
C THR J 214 -25.54 -4.32 -23.89
N PHE J 215 -26.16 -4.42 -22.72
CA PHE J 215 -26.87 -3.31 -22.07
C PHE J 215 -26.88 -3.61 -20.58
N THR J 216 -26.46 -2.63 -19.80
CA THR J 216 -26.51 -2.65 -18.33
C THR J 216 -26.49 -1.20 -17.86
N ASN J 217 -26.96 -0.96 -16.63
CA ASN J 217 -26.94 0.40 -16.02
C ASN J 217 -25.80 0.47 -15.01
N THR J 218 -24.87 -0.48 -15.03
CA THR J 218 -23.83 -0.64 -13.99
C THR J 218 -22.43 -0.28 -14.52
N GLN J 219 -22.26 0.06 -15.80
CA GLN J 219 -20.94 0.23 -16.48
C GLN J 219 -20.64 1.72 -16.64
N THR J 220 -19.45 2.15 -16.21
CA THR J 220 -19.00 3.57 -16.31
C THR J 220 -17.72 3.64 -17.14
N THR J 221 -17.63 4.64 -18.00
CA THR J 221 -16.42 4.94 -18.81
C THR J 221 -15.84 6.27 -18.33
N ILE J 222 -14.56 6.27 -17.95
CA ILE J 222 -13.82 7.49 -17.47
C ILE J 222 -13.40 8.30 -18.70
N LEU J 223 -13.71 9.60 -18.69
CA LEU J 223 -13.45 10.55 -19.80
C LEU J 223 -12.19 11.38 -19.52
N LEU J 224 -11.54 11.19 -18.36
CA LEU J 224 -10.28 11.92 -18.03
C LEU J 224 -9.21 11.47 -19.02
N ASP J 225 -8.31 12.37 -19.44
CA ASP J 225 -7.13 12.04 -20.29
C ASP J 225 -5.97 11.62 -19.38
N GLU J 226 -4.78 11.43 -19.97
CA GLU J 226 -3.53 11.04 -19.25
C GLU J 226 -3.23 12.08 -18.15
N ASN J 227 -3.64 13.35 -18.34
CA ASN J 227 -3.34 14.47 -17.41
C ASN J 227 -4.44 14.62 -16.37
N GLY J 228 -5.47 13.76 -16.36
CA GLY J 228 -6.59 13.83 -15.42
C GLY J 228 -7.60 14.93 -15.74
N VAL J 229 -7.72 15.29 -17.02
CA VAL J 229 -8.68 16.33 -17.49
C VAL J 229 -9.68 15.73 -18.50
N GLY J 230 -10.98 15.86 -18.21
CA GLY J 230 -12.06 15.50 -19.13
C GLY J 230 -12.36 16.60 -20.14
N PRO J 231 -13.29 16.35 -21.11
CA PRO J 231 -13.74 17.40 -22.03
C PRO J 231 -14.28 18.63 -21.26
N LEU J 232 -13.78 19.81 -21.63
CA LEU J 232 -14.18 21.11 -21.05
C LEU J 232 -15.23 21.76 -21.98
N CYS J 233 -16.39 22.06 -21.40
CA CYS J 233 -17.64 22.33 -22.14
C CYS J 233 -17.68 23.80 -22.55
N LYS J 234 -17.24 24.09 -23.77
CA LYS J 234 -17.09 25.48 -24.27
C LYS J 234 -18.50 26.05 -24.45
N GLY J 235 -18.75 27.26 -23.95
CA GLY J 235 -20.07 27.91 -23.91
C GLY J 235 -21.09 27.13 -23.10
N ASP J 236 -20.67 26.25 -22.19
CA ASP J 236 -21.60 25.50 -21.31
C ASP J 236 -22.48 24.57 -22.14
N GLY J 237 -21.89 23.98 -23.19
CA GLY J 237 -22.48 23.04 -24.15
C GLY J 237 -21.74 21.71 -24.11
N LEU J 238 -22.48 20.62 -23.99
CA LEU J 238 -21.95 19.23 -24.03
C LEU J 238 -22.41 18.63 -25.36
N PHE J 239 -21.46 18.16 -26.13
CA PHE J 239 -21.67 17.65 -27.50
C PHE J 239 -21.67 16.12 -27.47
N LEU J 240 -22.81 15.55 -27.81
CA LEU J 240 -23.01 14.09 -27.97
C LEU J 240 -23.14 13.75 -29.45
N SER J 241 -22.48 12.67 -29.84
CA SER J 241 -22.52 12.15 -31.23
C SER J 241 -22.53 10.63 -31.20
N CYS J 242 -23.18 10.02 -32.18
CA CYS J 242 -23.18 8.55 -32.33
C CYS J 242 -23.66 8.12 -33.71
N ALA J 243 -23.35 6.89 -34.06
CA ALA J 243 -24.06 6.11 -35.10
C ALA J 243 -24.20 4.69 -34.53
N ASP J 244 -25.38 4.09 -34.66
CA ASP J 244 -25.69 2.74 -34.11
C ASP J 244 -26.42 1.92 -35.17
N ILE J 245 -25.64 1.48 -36.15
CA ILE J 245 -26.15 0.56 -37.19
C ILE J 245 -26.12 -0.82 -36.57
N VAL J 246 -27.27 -1.48 -36.48
CA VAL J 246 -27.39 -2.80 -35.82
C VAL J 246 -27.16 -3.87 -36.88
N GLY J 247 -27.60 -3.64 -38.11
CA GLY J 247 -27.65 -4.67 -39.16
C GLY J 247 -28.61 -4.28 -40.25
N PHE J 248 -28.96 -5.23 -41.10
CA PHE J 248 -29.92 -5.08 -42.21
C PHE J 248 -31.19 -5.90 -41.89
N PHE J 249 -32.31 -5.34 -42.31
CA PHE J 249 -33.61 -6.02 -42.41
C PHE J 249 -33.79 -6.47 -43.87
N THR J 250 -34.12 -7.75 -44.07
CA THR J 250 -34.33 -8.39 -45.39
C THR J 250 -35.81 -8.76 -45.52
N GLN J 251 -36.48 -8.16 -46.49
CA GLN J 251 -37.87 -8.49 -46.91
C GLN J 251 -37.95 -9.87 -47.57
N HIS J 252 -39.16 -10.41 -47.70
CA HIS J 252 -39.46 -11.60 -48.53
C HIS J 252 -38.86 -11.45 -49.95
N ASN J 253 -39.01 -10.29 -50.59
CA ASN J 253 -38.53 -10.06 -51.98
C ASN J 253 -37.04 -9.66 -52.01
N LYS J 254 -36.32 -9.84 -50.90
CA LYS J 254 -34.83 -9.73 -50.73
C LYS J 254 -34.35 -8.28 -50.71
N LYS J 255 -35.24 -7.28 -50.67
CA LYS J 255 -34.85 -5.87 -50.46
C LYS J 255 -34.30 -5.75 -49.04
N MET J 256 -33.18 -5.05 -48.88
CA MET J 256 -32.43 -4.92 -47.62
C MET J 256 -32.33 -3.45 -47.26
N SER J 257 -32.46 -3.18 -45.97
CA SER J 257 -32.39 -1.82 -45.42
C SER J 257 -31.61 -1.84 -44.10
N PHE J 258 -30.84 -0.79 -43.86
CA PHE J 258 -30.23 -0.51 -42.56
C PHE J 258 -31.31 -0.44 -41.48
N ARG J 259 -31.02 -1.01 -40.32
CA ARG J 259 -31.82 -0.85 -39.08
C ARG J 259 -30.88 -0.27 -38.01
N GLY J 260 -31.35 0.76 -37.32
CA GLY J 260 -30.59 1.49 -36.28
C GLY J 260 -31.32 1.47 -34.93
N LEU J 261 -30.58 1.79 -33.88
CA LEU J 261 -31.10 1.86 -32.50
C LEU J 261 -30.67 3.16 -31.85
N PRO J 262 -31.53 3.66 -30.95
CA PRO J 262 -31.21 4.87 -30.22
C PRO J 262 -30.17 4.60 -29.14
N ARG J 263 -29.47 5.67 -28.72
CA ARG J 263 -28.43 5.61 -27.67
C ARG J 263 -28.75 6.56 -26.52
N TYR J 264 -28.51 6.07 -25.32
CA TYR J 264 -28.69 6.76 -24.04
C TYR J 264 -27.33 7.21 -23.58
N PHE J 265 -27.25 8.43 -23.07
CA PHE J 265 -26.04 8.98 -22.45
C PHE J 265 -26.40 9.42 -21.03
N ARG J 266 -25.57 9.03 -20.07
CA ARG J 266 -25.48 9.74 -18.77
C ARG J 266 -24.08 10.27 -18.68
N VAL J 267 -23.93 11.56 -18.46
CA VAL J 267 -22.59 12.20 -18.34
C VAL J 267 -22.51 12.91 -17.00
N THR J 268 -21.44 12.65 -16.25
CA THR J 268 -21.15 13.27 -14.95
C THR J 268 -20.14 14.39 -15.20
N LEU J 269 -20.43 15.60 -14.73
CA LEU J 269 -19.52 16.76 -14.92
C LEU J 269 -19.19 17.41 -13.58
N ARG J 270 -18.00 17.99 -13.51
CA ARG J 270 -17.49 18.70 -12.33
C ARG J 270 -17.06 20.10 -12.77
N LYS J 271 -17.09 21.03 -11.81
CA LYS J 271 -16.72 22.42 -12.06
C LYS J 271 -15.19 22.48 -12.05
N ARG J 272 -14.61 22.95 -13.14
CA ARG J 272 -13.15 23.12 -13.31
C ARG J 272 -12.89 24.61 -13.44
N VAL J 273 -11.92 25.13 -12.69
CA VAL J 273 -11.43 26.52 -12.84
C VAL J 273 -10.49 26.52 -14.04
N VAL J 274 -10.70 27.42 -14.98
CA VAL J 274 -9.74 27.62 -16.09
C VAL J 274 -9.37 29.10 -16.14
N LYS J 275 -8.19 29.39 -16.73
CA LYS J 275 -7.67 30.77 -16.95
C LYS J 275 -8.50 31.45 -18.04
N ASN J 276 -8.91 32.69 -17.82
CA ASN J 276 -9.80 33.46 -18.75
C ASN J 276 -8.96 34.40 -19.60
C1 NAG K . 54.28 22.58 38.62
C2 NAG K . 54.39 21.07 38.46
C3 NAG K . 54.08 20.42 39.81
C4 NAG K . 54.98 21.04 40.91
C5 NAG K . 55.15 22.56 40.78
C6 NAG K . 56.32 23.07 41.61
C7 NAG K . 54.02 20.00 36.30
C8 NAG K . 53.02 19.43 35.35
N2 NAG K . 53.53 20.56 37.41
O1 NAG K . 54.36 23.25 37.35
O3 NAG K . 54.26 19.00 39.70
O4 NAG K . 54.42 20.80 42.21
O5 NAG K . 55.38 22.97 39.43
O6 NAG K . 56.25 24.49 41.61
O7 NAG K . 55.21 19.94 36.07
C1 GAL K . 54.77 19.51 42.72
C2 GAL K . 54.95 19.61 44.24
C3 GAL K . 55.34 18.25 44.84
C4 GAL K . 54.44 17.12 44.34
C5 GAL K . 54.21 17.22 42.84
C6 GAL K . 53.15 16.22 42.39
O2 GAL K . 55.96 20.60 44.47
O3 GAL K . 55.27 18.31 46.28
O4 GAL K . 53.19 17.15 45.03
O5 GAL K . 53.80 18.52 42.40
O6 GAL K . 53.10 16.34 40.97
C1 SIA K . 51.63 14.66 40.64
C2 SIA K . 52.11 15.98 40.04
C3 SIA K . 52.49 15.88 38.57
C4 SIA K . 51.25 15.82 37.70
C5 SIA K . 50.26 16.92 38.09
C6 SIA K . 49.95 16.88 39.59
C7 SIA K . 48.95 17.96 40.08
C8 SIA K . 48.79 18.04 41.62
C9 SIA K . 47.44 18.63 42.09
C10 SIA K . 48.65 17.43 36.27
C11 SIA K . 47.29 16.97 35.78
N5 SIA K . 49.05 16.74 37.32
O1A SIA K . 52.16 13.61 40.28
O1B SIA K . 50.74 14.67 41.53
O4 SIA K . 51.63 16.08 36.36
O6 SIA K . 51.21 17.05 40.32
O7 SIA K . 49.46 19.22 39.69
O8 SIA K . 48.90 16.74 42.20
O9 SIA K . 46.35 17.65 41.97
O10 SIA K . 49.26 18.35 35.71
C1 GAL L . 52.44 8.22 48.35
C2 GAL L . 52.25 7.47 47.05
C3 GAL L . 52.30 8.47 45.89
C4 GAL L . 51.18 9.47 46.06
C5 GAL L . 51.46 10.21 47.39
C6 GAL L . 50.41 11.24 47.77
O1 GAL L . 52.28 7.30 49.43
O2 GAL L . 53.27 6.49 46.96
O3 GAL L . 52.18 7.81 44.64
O4 GAL L . 49.94 8.74 46.09
O5 GAL L . 51.49 9.28 48.47
O6 GAL L . 50.63 12.43 47.04
C1 GLA L . 48.97 9.28 45.16
C2 GLA L . 47.60 8.81 45.66
C3 GLA L . 47.43 7.31 45.46
C4 GLA L . 47.76 6.93 44.03
C5 GLA L . 49.16 7.43 43.68
C6 GLA L . 49.50 7.21 42.18
O2 GLA L . 47.48 9.02 47.05
O3 GLA L . 46.09 7.00 45.88
O4 GLA L . 46.84 7.55 43.13
O5 GLA L . 49.21 8.85 43.81
O6 GLA L . 49.40 5.85 41.79
C1 NGA L . 45.87 5.63 46.10
C2 NGA L . 44.81 5.45 47.15
C3 NGA L . 44.35 4.02 47.26
C4 NGA L . 43.91 3.59 45.86
C5 NGA L . 45.08 3.72 44.92
C6 NGA L . 44.75 3.32 43.50
C7 NGA L . 44.68 6.88 49.09
C8 NGA L . 45.43 7.34 50.34
N2 NGA L . 45.31 5.95 48.41
O3 NGA L . 43.26 4.01 48.15
O4 NGA L . 42.79 4.43 45.44
O5 NGA L . 45.54 5.06 44.85
O6 NGA L . 45.88 3.44 42.65
O7 NGA L . 43.60 7.34 48.72
O5 A2G L . 43.96 3.12 50.18
C1 A2G L . 43.15 2.90 49.02
C2 A2G L . 41.67 2.77 49.30
N2 A2G L . 40.87 2.75 48.05
C3 A2G L . 41.18 3.92 50.23
O3 A2G L . 39.84 3.76 50.63
C4 A2G L . 42.04 4.02 51.47
O4 A2G L . 41.84 2.84 52.25
C5 A2G L . 43.50 4.15 51.09
C6 A2G L . 44.42 4.16 52.29
O6 A2G L . 45.72 4.16 51.70
C7 A2G L . 40.09 1.70 47.71
O7 A2G L . 40.04 0.65 48.33
C8 A2G L . 39.20 1.89 46.52
C1 GAL M . 23.20 -2.03 67.89
C2 GAL M . 22.45 -3.08 67.10
C3 GAL M . 23.39 -3.65 66.04
C4 GAL M . 23.84 -2.52 65.13
C5 GAL M . 24.48 -1.44 66.02
C6 GAL M . 24.97 -0.19 65.33
O1 GAL M . 22.43 -1.50 68.98
O2 GAL M . 21.98 -4.08 67.96
O3 GAL M . 22.68 -4.67 65.33
O4 GAL M . 22.68 -2.02 64.46
O5 GAL M . 23.51 -1.01 66.97
O6 GAL M . 26.13 -0.52 64.57
C1 GLA M . 22.89 -1.65 63.11
C2 GLA M . 21.75 -0.70 62.70
C3 GLA M . 20.40 -1.38 62.78
C4 GLA M . 20.44 -2.61 61.86
C5 GLA M . 21.60 -3.50 62.33
C6 GLA M . 21.78 -4.71 61.43
O2 GLA M . 21.80 0.46 63.52
O3 GLA M . 19.45 -0.45 62.32
O4 GLA M . 20.60 -2.28 60.46
O5 GLA M . 22.86 -2.82 62.29
O6 GLA M . 20.56 -5.41 61.20
C1 NGA M . 18.11 -0.81 62.55
C2 NGA M . 17.50 0.57 62.75
C3 NGA M . 15.99 0.45 62.78
C4 NGA M . 15.52 -0.31 61.55
C5 NGA M . 16.19 -1.67 61.43
C6 NGA M . 15.84 -2.39 60.12
C7 NGA M . 18.41 2.49 63.97
C8 NGA M . 18.91 2.95 65.30
N2 NGA M . 18.01 1.22 63.93
O3 NGA M . 15.43 1.78 62.82
O4 NGA M . 15.73 0.45 60.31
O5 NGA M . 17.59 -1.48 61.41
O6 NGA M . 16.64 -3.61 60.05
O7 NGA M . 18.38 3.27 63.01
O5 A2G M . 14.36 1.90 64.93
C1 A2G M . 14.17 1.77 63.52
C2 A2G M . 13.33 2.96 63.01
N2 A2G M . 13.04 2.84 61.62
C3 A2G M . 13.98 4.33 63.33
O3 A2G M . 13.11 5.44 62.94
C4 A2G M . 14.21 4.38 64.83
O4 A2G M . 12.95 4.44 65.50
C5 A2G M . 15.03 3.13 65.24
C6 A2G M . 15.34 3.22 66.73
O6 A2G M . 16.20 2.16 67.10
C7 A2G M . 11.84 2.65 61.11
O7 A2G M . 10.80 2.49 61.76
C8 A2G M . 11.80 2.64 59.59
C1 GAL N . -2.45 24.64 66.98
C2 GAL N . -3.23 23.71 66.08
C3 GAL N . -2.56 22.35 66.11
C4 GAL N . -1.14 22.53 65.62
C5 GAL N . -0.44 23.45 66.61
C6 GAL N . 1.00 23.78 66.34
O1 GAL N . -2.99 25.96 66.88
O2 GAL N . -4.61 23.59 66.43
O3 GAL N . -3.34 21.47 65.33
O4 GAL N . -1.15 23.13 64.30
O5 GAL N . -1.09 24.71 66.56
O6 GAL N . 1.79 22.60 66.18
C1 GLA N . -0.55 22.30 63.30
C2 GLA N . -0.13 23.20 62.15
C3 GLA N . -1.34 23.91 61.55
C4 GLA N . -2.36 22.89 61.09
C5 GLA N . -2.72 21.97 62.30
C6 GLA N . -3.59 20.81 61.92
O2 GLA N . 0.66 24.18 62.68
O3 GLA N . -0.80 24.75 60.51
O4 GLA N . -1.80 22.04 60.04
O5 GLA N . -1.51 21.37 62.83
O6 GLA N . -4.73 21.17 61.16
C1 NGA N . -1.74 25.64 59.99
C2 NGA N . -0.91 26.81 59.51
C3 NGA N . -1.73 27.72 58.62
C4 NGA N . -2.39 26.89 57.54
C5 NGA N . -3.24 25.78 58.16
C6 NGA N . -3.95 24.99 57.11
C7 NGA N . 1.03 27.65 60.68
C8 NGA N . 1.62 28.24 61.93
N2 NGA N . -0.28 27.51 60.62
O3 NGA N . -0.80 28.66 58.08
O4 NGA N . -1.41 26.34 56.65
O5 NGA N . -2.39 24.96 58.97
O6 NGA N . -4.80 23.98 57.68
O7 NGA N . 1.76 27.29 59.74
O5 A2G N . -1.25 30.74 59.11
C1 A2G N . -1.35 29.97 57.90
C2 A2G N . -0.54 30.63 56.79
N2 A2G N . -0.60 29.83 55.57
C3 A2G N . 0.90 30.93 57.22
O3 A2G N . 1.54 31.71 56.21
C4 A2G N . 0.91 31.70 58.54
O4 A2G N . 0.36 33.00 58.29
C5 A2G N . 0.08 30.97 59.58
C6 A2G N . 0.06 31.75 60.89
O6 A2G N . -0.86 31.05 61.70
C7 A2G N . -1.22 30.27 54.47
O7 A2G N . -1.88 31.28 54.40
C8 A2G N . -1.11 29.41 53.25
C1 NAG O . -0.19 43.07 55.43
C2 NAG O . -0.08 43.99 54.20
C3 NAG O . 1.32 44.59 54.17
C4 NAG O . 1.66 45.28 55.50
C5 NAG O . 1.27 44.46 56.74
C6 NAG O . 1.24 45.39 57.96
C7 NAG O . -1.53 43.31 52.34
C8 NAG O . -1.54 42.70 50.97
N2 NAG O . -0.34 43.34 52.94
O1 NAG O . -1.48 42.48 55.51
O3 NAG O . 1.39 45.50 53.05
O4 NAG O . 3.07 45.45 55.64
O5 NAG O . -0.01 43.83 56.62
O6 NAG O . 1.38 44.61 59.16
O7 NAG O . -2.54 43.75 52.85
C1 GAL O . 3.56 46.59 54.93
C2 GAL O . 4.71 47.09 55.76
C3 GAL O . 5.38 48.28 55.10
C4 GAL O . 5.76 47.95 53.66
C5 GAL O . 4.55 47.38 52.92
C6 GAL O . 4.89 46.83 51.52
O2 GAL O . 4.17 47.41 57.03
O3 GAL O . 6.56 48.58 55.84
O4 GAL O . 6.80 46.98 53.70
O5 GAL O . 4.00 46.27 53.62
O6 GAL O . 3.70 46.27 50.94
C1 SIA O . 4.83 45.91 48.81
C2 SIA O . 3.87 45.40 49.83
C3 SIA O . 2.44 45.33 49.27
C4 SIA O . 2.20 44.07 48.44
C5 SIA O . 2.77 42.80 49.12
C6 SIA O . 4.20 43.04 49.56
C7 SIA O . 4.87 41.88 50.30
C8 SIA O . 6.20 42.32 50.89
C9 SIA O . 7.28 41.24 51.02
C10 SIA O . 1.89 40.68 48.19
C11 SIA O . 2.17 39.69 47.07
N5 SIA O . 2.76 41.66 48.23
O1A SIA O . 6.03 45.52 48.85
O1B SIA O . 4.38 46.73 47.96
O4 SIA O . 0.78 44.02 48.28
O6 SIA O . 4.22 44.15 50.44
O7 SIA O . 4.00 41.40 51.36
O8 SIA O . 6.86 43.27 50.08
O9 SIA O . 7.78 40.89 49.70
O10 SIA O . 0.95 40.54 48.95
C1 GAL P . 11.90 52.67 47.35
C2 GAL P . 11.12 52.60 46.06
C3 GAL P . 9.87 51.77 46.30
C4 GAL P . 10.26 50.36 46.76
C5 GAL P . 11.06 50.57 48.05
C6 GAL P . 11.57 49.37 48.82
O1 GAL P . 13.10 53.42 47.20
O2 GAL P . 10.82 53.92 45.62
O3 GAL P . 9.08 51.62 45.13
O4 GAL P . 11.04 49.78 45.68
O5 GAL P . 12.21 51.32 47.67
O6 GAL P . 10.73 48.24 48.63
C1 GLA P . 10.70 48.43 45.42
C2 GLA P . 11.84 47.71 44.70
C3 GLA P . 12.12 48.29 43.32
C4 GLA P . 10.82 48.10 42.50
C5 GLA P . 9.73 48.84 43.27
C6 GLA P . 8.34 48.77 42.65
O2 GLA P . 13.04 47.74 45.45
O3 GLA P . 13.29 47.61 42.76
O4 GLA P . 10.42 46.72 42.26
O5 GLA P . 9.54 48.33 44.58
O6 GLA P . 8.26 49.22 41.29
C1 NGA P . 13.77 48.22 41.60
C2 NGA P . 15.22 47.83 41.57
C3 NGA P . 15.87 48.20 40.25
C4 NGA P . 15.02 47.62 39.12
C5 NGA P . 13.59 48.15 39.23
C6 NGA P . 12.73 47.61 38.15
C7 NGA P . 16.62 47.64 43.61
C8 NGA P . 17.05 48.39 44.87
N2 NGA P . 15.87 48.36 42.74
O3 NGA P . 17.17 47.62 40.24
O4 NGA P . 15.02 46.18 39.32
O5 NGA P . 13.02 47.78 40.49
O6 NGA P . 11.39 48.10 38.30
O7 NGA P . 16.93 46.47 43.46
O5 A2G P . 18.60 49.44 40.61
C1 A2G P . 18.13 48.47 39.61
C2 A2G P . 19.25 47.53 39.12
N2 A2G P . 18.81 46.45 38.30
C3 A2G P . 20.04 46.92 40.26
O3 A2G P . 21.10 46.08 39.75
C4 A2G P . 20.57 48.04 41.14
O4 A2G P . 21.46 48.88 40.41
C5 A2G P . 19.41 48.86 41.67
C6 A2G P . 19.94 49.92 42.70
O6 A2G P . 18.88 50.86 42.94
C7 A2G P . 19.04 46.38 36.98
O7 A2G P . 19.68 47.23 36.40
C8 A2G P . 18.44 45.19 36.28
C1 GAL Q . 45.76 42.34 34.89
C2 GAL Q . 44.97 42.22 33.61
C3 GAL Q . 43.60 42.88 33.74
C4 GAL Q . 42.87 42.19 34.87
C5 GAL Q . 43.72 42.30 36.15
C6 GAL Q . 43.18 41.56 37.34
O1 GAL Q . 47.01 41.65 34.76
O2 GAL Q . 45.65 42.87 32.56
O3 GAL Q . 42.92 42.83 32.47
O4 GAL Q . 42.80 40.80 34.51
O5 GAL Q . 45.02 41.75 35.96
O6 GAL Q . 41.89 42.09 37.66
C1 GLA Q . 41.50 40.24 34.44
C2 GLA Q . 41.54 38.73 34.67
C3 GLA Q . 42.38 38.04 33.61
C4 GLA Q . 41.86 38.39 32.23
C5 GLA Q . 41.82 39.92 32.10
C6 GLA Q . 41.17 40.41 30.82
O2 GLA Q . 42.07 38.37 35.93
O3 GLA Q . 42.29 36.63 33.87
O4 GLA Q . 40.54 37.87 32.04
O5 GLA Q . 41.01 40.46 33.15
O6 GLA Q . 41.74 39.85 29.61
C1 NGA Q . 43.22 35.87 33.12
C2 NGA Q . 43.56 34.70 34.03
C3 NGA Q . 44.35 33.62 33.30
C4 NGA Q . 43.63 33.30 32.01
C5 NGA Q . 43.45 34.58 31.17
C6 NGA Q . 42.80 34.35 29.83
C7 NGA Q . 43.66 34.77 36.44
C8 NGA Q . 44.21 35.49 37.64
N2 NGA Q . 44.19 35.14 35.27
O3 NGA Q . 44.44 32.52 34.19
O4 NGA Q . 42.33 32.67 32.24
O5 NGA Q . 42.63 35.48 31.90
O6 NGA Q . 42.70 35.62 29.11
O7 NGA Q . 42.70 33.96 36.56
O5 A2G Q . 46.71 32.24 34.96
C1 A2G Q . 45.68 31.79 34.09
C2 A2G Q . 45.38 30.37 34.49
N2 A2G Q . 44.32 29.87 33.62
C3 A2G Q . 44.98 30.26 35.93
O3 A2G Q . 44.93 28.90 36.33
C4 A2G Q . 45.99 30.96 36.85
O4 A2G Q . 47.17 30.16 36.90
C5 A2G Q . 46.34 32.30 36.34
C6 A2G Q . 47.58 32.73 37.13
O6 A2G Q . 47.58 34.10 36.99
C7 A2G Q . 44.53 28.83 32.82
O7 A2G Q . 45.64 28.33 32.64
C8 A2G Q . 43.27 28.28 32.21
C1 NAG R . -53.19 -11.05 -44.40
C2 NAG R . -53.60 -11.64 -43.07
C3 NAG R . -53.54 -13.15 -43.25
C4 NAG R . -54.48 -13.55 -44.41
C5 NAG R . -54.49 -12.60 -45.63
C6 NAG R . -55.79 -12.79 -46.41
C7 NAG R . -53.29 -10.84 -40.75
C8 NAG R . -52.31 -10.24 -39.78
N2 NAG R . -52.79 -11.15 -41.96
O1 NAG R . -52.87 -9.67 -44.31
O3 NAG R . -53.92 -13.78 -42.01
O4 NAG R . -54.14 -14.82 -44.95
O5 NAG R . -54.29 -11.22 -45.28
O6 NAG R . -56.11 -11.62 -47.18
O7 NAG R . -54.46 -10.97 -40.45
C1 GAL R . -54.74 -15.88 -44.21
C2 GAL R . -55.14 -16.98 -45.20
C3 GAL R . -55.60 -18.25 -44.48
C4 GAL R . -54.56 -18.63 -43.43
C5 GAL R . -54.41 -17.43 -42.49
C6 GAL R . -53.53 -17.70 -41.29
O2 GAL R . -56.17 -16.41 -46.02
O3 GAL R . -55.76 -19.35 -45.36
O4 GAL R . -53.32 -18.94 -44.10
O5 GAL R . -53.84 -16.37 -43.23
O6 GAL R . -53.34 -16.45 -40.60
C1 SIA R . -51.86 -17.54 -39.06
C2 SIA R . -52.16 -16.27 -39.82
C3 SIA R . -52.49 -15.12 -38.86
C4 SIA R . -51.22 -14.58 -38.21
C5 SIA R . -50.09 -14.30 -39.22
C6 SIA R . -49.86 -15.56 -40.07
C7 SIA R . -48.82 -15.49 -41.18
C8 SIA R . -48.77 -16.78 -42.02
C9 SIA R . -47.42 -16.98 -42.71
C10 SIA R . -48.37 -12.71 -38.48
C11 SIA R . -47.06 -12.58 -37.75
N5 SIA R . -48.88 -13.95 -38.54
O1A SIA R . -51.05 -18.35 -39.55
O1B SIA R . -52.38 -17.74 -37.96
O4 SIA R . -51.62 -13.38 -37.56
O6 SIA R . -51.08 -15.91 -40.71
O7 SIA R . -49.07 -14.37 -42.02
O8 SIA R . -48.98 -17.99 -41.26
O9 SIA R . -46.40 -17.48 -41.80
O10 SIA R . -48.89 -11.75 -39.00
C1 GAL S . -54.04 -27.00 -38.52
C2 GAL S . -53.96 -26.49 -37.09
C3 GAL S . -53.75 -24.99 -37.05
C4 GAL S . -52.57 -24.68 -37.92
C5 GAL S . -52.78 -25.16 -39.35
C6 GAL S . -51.60 -24.73 -40.22
O1 GAL S . -54.08 -28.41 -38.54
O2 GAL S . -55.12 -26.77 -36.34
O3 GAL S . -53.48 -24.61 -35.69
O4 GAL S . -51.44 -25.38 -37.35
O5 GAL S . -52.91 -26.58 -39.29
O6 GAL S . -51.76 -25.15 -41.58
C1 GLA S . -50.38 -24.44 -37.15
C2 GLA S . -49.08 -25.25 -36.99
C3 GLA S . -49.08 -26.03 -35.70
C4 GLA S . -49.30 -25.06 -34.54
C5 GLA S . -50.65 -24.32 -34.76
C6 GLA S . -50.95 -23.25 -33.72
O2 GLA S . -48.99 -26.24 -38.01
O3 GLA S . -47.89 -26.84 -35.66
O4 GLA S . -48.23 -24.10 -34.48
O5 GLA S . -50.65 -23.64 -36.02
O6 GLA S . -50.96 -23.89 -32.43
C1 NGA S . -47.88 -27.72 -34.53
C2 NGA S . -46.98 -28.88 -34.92
C3 NGA S . -46.69 -29.82 -33.76
C4 NGA S . -46.24 -28.99 -32.56
C5 NGA S . -47.26 -27.89 -32.23
C6 NGA S . -46.92 -27.06 -30.99
C7 NGA S . -46.81 -29.69 -37.25
C8 NGA S . -47.52 -30.33 -38.41
N2 NGA S . -47.51 -29.53 -36.12
O3 NGA S . -45.62 -30.67 -34.24
O4 NGA S . -44.95 -28.40 -32.86
O5 NGA S . -47.42 -27.05 -33.36
O6 NGA S . -47.98 -26.08 -30.73
O7 NGA S . -45.62 -29.31 -37.34
O5 A2G S . -46.61 -32.83 -34.53
C1 A2G S . -45.69 -32.02 -33.76
C2 A2G S . -44.31 -32.70 -33.81
N2 A2G S . -43.35 -31.91 -33.07
C3 A2G S . -43.81 -32.87 -35.25
O3 A2G S . -42.60 -33.63 -35.33
C4 A2G S . -44.86 -33.63 -36.05
O4 A2G S . -44.81 -34.95 -35.49
C5 A2G S . -46.22 -32.94 -35.92
C6 A2G S . -47.31 -33.72 -36.66
O6 A2G S . -48.54 -33.03 -36.41
C7 A2G S . -42.76 -32.34 -31.97
O7 A2G S . -43.04 -33.42 -31.48
C8 A2G S . -41.69 -31.39 -31.47
C1 GAL T . -27.09 -53.75 -38.55
C2 GAL T . -27.07 -53.25 -37.16
C3 GAL T . -28.20 -52.29 -36.80
C4 GAL T . -28.21 -51.12 -37.79
C5 GAL T . -28.33 -51.83 -39.15
C6 GAL T . -28.42 -50.96 -40.37
O1 GAL T . -25.88 -54.51 -38.77
O2 GAL T . -27.11 -54.37 -36.28
O3 GAL T . -28.05 -52.00 -35.41
O4 GAL T . -26.97 -50.35 -37.73
O5 GAL T . -27.19 -52.63 -39.45
O6 GAL T . -29.38 -49.95 -40.12
C1 GLA T . -27.10 -49.01 -37.23
C2 GLA T . -25.82 -48.30 -37.73
C3 GLA T . -24.57 -48.85 -37.09
C4 GLA T . -24.71 -48.77 -35.58
C5 GLA T . -26.01 -49.49 -35.15
C6 GLA T . -26.29 -49.37 -33.69
O2 GLA T . -25.68 -48.42 -39.12
O3 GLA T . -23.49 -48.06 -37.66
O4 GLA T . -24.77 -47.39 -35.16
O5 GLA T . -27.14 -48.90 -35.81
O6 GLA T . -25.29 -49.98 -32.87
C1 NGA T . -22.25 -48.69 -37.40
C2 NGA T . -21.39 -48.19 -38.57
C3 NGA T . -19.90 -48.48 -38.30
C4 NGA T . -19.53 -48.02 -36.88
C5 NGA T . -20.49 -48.63 -35.84
C6 NGA T . -20.15 -48.21 -34.45
C7 NGA T . -22.20 -47.92 -40.85
C8 NGA T . -22.69 -48.64 -42.10
N2 NGA T . -21.90 -48.72 -39.80
O3 NGA T . -19.09 -47.79 -39.25
O4 NGA T . -19.56 -46.55 -36.77
O5 NGA T . -21.80 -48.18 -36.16
O6 NGA T . -21.13 -48.63 -33.50
O7 NGA T . -22.08 -46.70 -40.78
O5 A2G T . -18.24 -49.58 -40.71
C1 A2G T . -17.94 -48.56 -39.70
C2 A2G T . -16.96 -47.54 -40.24
N2 A2G T . -16.68 -46.53 -39.24
C3 A2G T . -17.51 -46.89 -41.50
O3 A2G T . -16.58 -45.97 -42.07
C4 A2G T . -17.86 -47.96 -42.53
O4 A2G T . -16.70 -48.64 -43.03
C5 A2G T . -18.82 -48.97 -41.90
C6 A2G T . -19.21 -50.02 -42.92
O6 A2G T . -19.91 -51.01 -42.15
C7 A2G T . -15.48 -46.31 -38.71
O7 A2G T . -14.50 -47.01 -38.96
C8 A2G T . -15.40 -45.09 -37.78
C1 NAG U . -7.66 -50.61 -48.02
C2 NAG U . -6.26 -50.06 -48.26
C3 NAG U . -6.25 -49.27 -49.55
C4 NAG U . -6.84 -50.08 -50.71
C5 NAG U . -8.08 -50.91 -50.36
C6 NAG U . -8.27 -52.05 -51.36
C7 NAG U . -4.82 -49.48 -46.33
C8 NAG U . -4.60 -48.44 -45.27
N2 NAG U . -5.84 -49.21 -47.16
O1 NAG U . -7.67 -51.34 -46.79
O3 NAG U . -4.89 -48.87 -49.80
O4 NAG U . -7.27 -49.23 -51.79
O5 NAG U . -8.00 -51.51 -49.06
O6 NAG U . -9.62 -52.52 -51.28
O7 NAG U . -4.10 -50.48 -46.38
C1 GAL U . -6.18 -48.91 -52.66
C2 GAL U . -6.70 -48.70 -54.07
C3 GAL U . -5.53 -48.37 -55.00
C4 GAL U . -4.76 -47.16 -54.48
C5 GAL U . -4.41 -47.32 -53.00
C6 GAL U . -4.00 -45.99 -52.39
O2 GAL U . -7.38 -49.89 -54.50
O3 GAL U . -6.03 -48.02 -56.29
O4 GAL U . -5.58 -45.99 -54.62
O5 GAL U . -5.51 -47.74 -52.22
O6 GAL U . -3.66 -46.25 -51.02
C1 SIA U . -2.88 -44.14 -50.66
C2 SIA U . -3.63 -45.27 -50.01
C3 SIA U . -3.02 -45.92 -48.75
C4 SIA U . -3.11 -44.96 -47.59
C5 SIA U . -4.56 -44.53 -47.42
C6 SIA U . -5.12 -43.97 -48.74
C7 SIA U . -6.60 -43.60 -48.73
C8 SIA U . -7.16 -43.24 -50.11
C9 SIA U . -8.34 -42.28 -50.06
C10 SIA U . -5.14 -43.67 -45.17
C11 SIA U . -5.12 -42.43 -44.31
N5 SIA U . -4.72 -43.49 -46.43
O1A SIA U . -1.63 -44.21 -50.66
O1B SIA U . -3.53 -43.17 -51.20
O4 SIA U . -2.58 -45.64 -46.44
O6 SIA U . -5.00 -44.96 -49.77
O7 SIA U . -7.31 -44.68 -48.20
O8 SIA U . -6.18 -42.51 -50.85
O9 SIA U . -7.80 -40.97 -49.76
O10 SIA U . -5.45 -44.80 -44.74
C1 GAL V . 0.74 -40.69 -58.85
C2 GAL V . 1.78 -40.44 -57.80
C3 GAL V . 1.32 -40.99 -56.48
C4 GAL V . -0.07 -40.46 -56.17
C5 GAL V . -1.01 -40.80 -57.32
C6 GAL V . -2.39 -40.25 -57.09
O1 GAL V . 1.11 -40.00 -60.00
O2 GAL V . 2.96 -41.12 -58.19
O3 GAL V . 2.33 -40.63 -55.52
O4 GAL V . -0.04 -39.02 -56.06
O5 GAL V . -0.53 -40.20 -58.50
O6 GAL V . -3.31 -41.10 -57.70
C1 GLA V . -0.62 -38.66 -54.79
C2 GLA V . -0.95 -37.19 -54.96
C3 GLA V . 0.34 -36.38 -55.05
C4 GLA V . 1.23 -36.68 -53.85
C5 GLA V . 1.52 -38.19 -53.78
C6 GLA V . 2.29 -38.62 -52.55
O2 GLA V . -1.60 -37.00 -56.19
O3 GLA V . -0.11 -35.01 -55.15
O4 GLA V . 0.49 -36.26 -52.71
O5 GLA V . 0.26 -38.90 -53.71
O6 GLA V . 3.51 -37.86 -52.43
C1 NGA V . 0.91 -34.11 -55.52
C2 NGA V . 0.29 -32.96 -56.30
C3 NGA V . 1.26 -31.80 -56.50
C4 NGA V . 1.92 -31.46 -55.19
C5 NGA V . 2.49 -32.68 -54.51
C6 NGA V . 3.21 -32.37 -53.23
C7 NGA V . -1.59 -33.16 -57.85
C8 NGA V . -2.10 -33.84 -59.08
N2 NGA V . -0.29 -33.39 -57.53
O3 NGA V . 0.50 -30.68 -57.00
O4 NGA V . 0.94 -30.80 -54.35
O5 NGA V . 1.47 -33.65 -54.31
O6 NGA V . 3.79 -33.59 -52.66
O7 NGA V . -2.33 -32.44 -57.15
O5 A2G V . 1.16 -30.48 -59.30
C1 A2G V . 1.22 -29.89 -57.97
C2 A2G V . 0.62 -28.49 -57.96
N2 A2G V . 0.64 -27.88 -56.63
C3 A2G V . -0.81 -28.53 -58.48
O3 A2G V . -1.41 -27.24 -58.64
C4 A2G V . -0.82 -29.17 -59.87
O4 A2G V . -0.17 -28.28 -60.76
C5 A2G V . -0.19 -30.53 -59.78
C6 A2G V . -0.34 -31.28 -61.12
O6 A2G V . 0.49 -32.46 -61.02
C7 A2G V . 1.33 -26.80 -56.31
O7 A2G V . 2.11 -26.29 -57.11
C8 A2G V . 1.12 -26.29 -54.87
C1 GAL W . -8.15 -6.12 -70.85
C2 GAL W . -7.09 -5.68 -69.86
C3 GAL W . -6.30 -6.88 -69.35
C4 GAL W . -7.27 -7.87 -68.71
C5 GAL W . -8.26 -8.26 -69.80
C6 GAL W . -9.36 -9.24 -69.46
O1 GAL W . -8.98 -5.05 -71.35
O2 GAL W . -6.20 -4.76 -70.41
O3 GAL W . -5.25 -6.48 -68.46
O4 GAL W . -7.95 -7.22 -67.65
O5 GAL W . -8.95 -7.08 -70.19
O6 GAL W . -8.86 -10.41 -68.82
C1 GLA W . -7.85 -7.80 -66.33
C2 GLA W . -9.05 -7.36 -65.52
C3 GLA W . -9.05 -5.87 -65.28
C4 GLA W . -7.74 -5.46 -64.66
C5 GLA W . -6.59 -5.94 -65.55
C6 GLA W . -5.20 -5.57 -65.08
O2 GLA W . -10.27 -7.71 -66.13
O3 GLA W . -10.19 -5.67 -64.43
O4 GLA W . -7.57 -6.11 -63.38
O5 GLA W . -6.70 -7.38 -65.64
O6 GLA W . -5.06 -4.22 -64.58
C1 NGA W . -10.49 -4.27 -64.33
C2 NGA W . -12.00 -4.17 -64.15
C3 NGA W . -12.44 -2.78 -63.68
C4 NGA W . -11.60 -2.31 -62.49
C5 NGA W . -10.13 -2.40 -62.89
C6 NGA W . -9.23 -2.07 -61.74
C7 NGA W . -13.55 -5.68 -65.31
C8 NGA W . -14.13 -6.27 -66.60
N2 NGA W . -12.66 -4.69 -65.38
O3 NGA W . -13.82 -2.93 -63.29
O4 NGA W . -11.85 -3.14 -61.32
O5 NGA W . -9.78 -3.73 -63.24
O6 NGA W . -7.90 -1.84 -62.23
O7 NGA W . -13.92 -6.17 -64.26
O5 A2G W . -15.11 -1.81 -64.94
C1 A2G W . -14.63 -1.78 -63.59
C2 A2G W . -15.80 -1.76 -62.63
N2 A2G W . -15.39 -1.74 -61.22
C3 A2G W . -16.74 -2.93 -62.87
O3 A2G W . -17.87 -2.76 -62.02
C4 A2G W . -17.15 -2.95 -64.34
O4 A2G W . -18.04 -1.87 -64.64
C5 A2G W . -15.91 -2.95 -65.23
C6 A2G W . -16.27 -3.01 -66.72
O6 A2G W . -15.12 -2.72 -67.52
C7 A2G W . -15.53 -0.65 -60.45
O7 A2G W . -16.02 0.41 -60.87
C8 A2G W . -15.07 -0.83 -59.04
C1 NAG X . -26.50 4.42 -65.00
C2 NAG X . -27.50 5.08 -64.05
C3 NAG X . -28.70 4.14 -63.90
C4 NAG X . -29.32 3.88 -65.29
C5 NAG X . -28.27 3.48 -66.33
C6 NAG X . -28.87 3.50 -67.74
C7 NAG X . -26.73 6.57 -62.26
C8 NAG X . -26.31 6.67 -60.83
N2 NAG X . -26.97 5.34 -62.74
O1 NAG X . -25.32 5.21 -65.15
O3 NAG X . -29.64 4.69 -62.96
O4 NAG X . -30.26 2.80 -65.24
O5 NAG X . -27.13 4.34 -66.27
O6 NAG X . -28.78 4.84 -68.24
O7 NAG X . -26.86 7.58 -62.92
C1 GAL X . -31.58 3.21 -64.81
C2 GAL X . -32.60 2.34 -65.52
C3 GAL X . -34.02 2.69 -65.07
C4 GAL X . -34.13 2.65 -63.56
C5 GAL X . -33.03 3.49 -62.95
C6 GAL X . -33.02 3.40 -61.45
O2 GAL X . -32.43 2.52 -66.93
O3 GAL X . -34.97 1.75 -65.60
O4 GAL X . -33.99 1.30 -63.08
O5 GAL X . -31.74 3.09 -63.40
O6 GAL X . -31.98 4.27 -61.00
C1 SIA X . -32.46 3.93 -58.72
C2 SIA X . -31.37 4.11 -59.75
C3 SIA X . -30.51 5.35 -59.56
C4 SIA X . -29.65 5.18 -58.28
C5 SIA X . -28.83 3.88 -58.40
C6 SIA X . -29.74 2.69 -58.69
C7 SIA X . -29.08 1.33 -58.90
C8 SIA X . -30.12 0.30 -59.33
C9 SIA X . -29.65 -1.15 -59.17
C10 SIA X . -26.79 3.77 -57.02
C11 SIA X . -26.30 3.29 -55.65
N5 SIA X . -28.09 3.62 -57.19
O1A SIA X . -32.85 2.81 -58.32
O1B SIA X . -33.01 4.96 -58.28
O4 SIA X . -28.73 6.27 -58.11
O6 SIA X . -30.48 2.99 -59.89
O7 SIA X . -28.07 1.46 -59.91
O8 SIA X . -31.34 0.41 -58.55
O9 SIA X . -29.83 -1.52 -57.79
O10 SIA X . -25.99 4.22 -57.85
C1 GAL Y . -42.89 2.36 -57.57
C2 GAL Y . -42.26 3.20 -56.47
C3 GAL Y . -40.86 3.62 -56.89
C4 GAL Y . -39.99 2.37 -57.08
C5 GAL Y . -40.68 1.58 -58.20
C6 GAL Y . -40.02 0.24 -58.42
O1 GAL Y . -44.17 1.90 -57.10
O2 GAL Y . -43.14 4.32 -56.27
O3 GAL Y . -40.28 4.49 -55.92
O4 GAL Y . -39.94 1.62 -55.83
O5 GAL Y . -42.05 1.27 -57.94
O6 GAL Y . -38.62 0.45 -58.59
C1 GLA Y . -38.64 1.27 -55.32
C2 GLA Y . -38.77 0.19 -54.25
C3 GLA Y . -39.48 0.72 -53.02
C4 GLA Y . -38.75 1.97 -52.46
C5 GLA Y . -38.58 2.99 -53.58
C6 GLA Y . -37.75 4.22 -53.24
O2 GLA Y . -39.47 -0.96 -54.75
O3 GLA Y . -39.50 -0.36 -52.09
O4 GLA Y . -37.50 1.60 -51.89
O5 GLA Y . -37.94 2.39 -54.72
O6 GLA Y . -38.34 4.94 -52.16
C1 NGA Y . -40.53 -0.21 -51.15
C2 NGA Y . -41.04 -1.59 -50.77
C3 NGA Y . -41.92 -1.55 -49.54
C4 NGA Y . -41.22 -0.73 -48.46
C5 NGA Y . -40.82 0.65 -48.95
C6 NGA Y . -40.13 1.45 -47.84
C7 NGA Y . -41.44 -3.47 -52.30
C8 NGA Y . -42.19 -3.95 -53.52
N2 NGA Y . -41.72 -2.22 -51.90
O3 NGA Y . -42.14 -2.89 -49.07
O4 NGA Y . -40.02 -1.38 -48.01
O5 NGA Y . -39.95 0.52 -50.06
O6 NGA Y . -39.53 2.65 -48.37
O7 NGA Y . -40.59 -4.19 -51.77
O5 A2G Y . -44.39 -3.28 -49.60
C1 A2G Y . -43.47 -3.10 -48.56
C2 A2G Y . -43.48 -4.31 -47.64
N2 A2G Y . -42.53 -4.18 -46.55
C3 A2G Y . -43.13 -5.54 -48.48
O3 A2G Y . -43.13 -6.68 -47.64
C4 A2G Y . -44.15 -5.71 -49.61
O4 A2G Y . -45.43 -5.98 -49.06
C5 A2G Y . -44.23 -4.44 -50.44
C6 A2G Y . -45.43 -4.56 -51.38
O6 A2G Y . -45.31 -3.69 -52.49
C7 A2G Y . -42.83 -3.97 -45.25
O7 A2G Y . -43.96 -3.78 -44.78
C8 A2G Y . -41.64 -4.04 -44.34
C1 EDO Z . 21.94 3.79 17.77
O1 EDO Z . 21.69 4.98 18.45
C2 EDO Z . 23.04 3.05 18.41
O2 EDO Z . 22.75 2.70 19.74
C1 PEG AA . 24.10 8.71 18.88
O1 PEG AA . 23.13 9.16 17.95
C2 PEG AA . 23.49 8.03 20.08
O2 PEG AA . 24.08 6.74 20.24
C3 PEG AA . 24.86 6.60 21.42
C4 PEG AA . 25.56 5.26 21.41
O4 PEG AA . 25.98 4.85 22.69
C1 SIA BA . 28.64 -3.79 60.85
C2 SIA BA . 30.07 -3.93 60.44
C3 SIA BA . 30.27 -5.20 59.58
C4 SIA BA . 30.00 -5.01 58.06
C5 SIA BA . 30.67 -3.76 57.47
C6 SIA BA . 30.29 -2.61 58.39
C7 SIA BA . 30.89 -1.30 57.85
C8 SIA BA . 30.68 -0.10 58.81
C9 SIA BA . 30.45 1.22 58.06
C10 SIA BA . 30.98 -3.54 54.96
C11 SIA BA . 30.27 -3.28 53.64
N5 SIA BA . 30.27 -3.42 56.09
O1A SIA BA . 28.13 -4.78 61.42
O1B SIA BA . 28.07 -2.71 60.65
O2 SIA BA . 30.62 -4.02 61.77
O4 SIA BA . 30.48 -6.24 57.41
O6 SIA BA . 30.67 -2.81 59.77
O7 SIA BA . 32.29 -1.51 57.63
O8 SIA BA . 29.55 -0.28 59.66
O9 SIA BA . 29.04 1.56 58.02
O10 SIA BA . 32.13 -3.93 54.92
C1 PEG CA . 10.29 -2.92 26.36
O1 PEG CA . 10.67 -1.79 25.60
C2 PEG CA . 10.46 -2.70 27.83
O2 PEG CA . 9.31 -2.02 28.35
C3 PEG CA . 8.52 -2.80 29.24
C4 PEG CA . 7.27 -2.04 29.60
O4 PEG CA . 7.53 -0.85 30.34
C1 EDO DA . 11.38 -2.34 32.73
O1 EDO DA . 9.95 -2.34 32.59
C2 EDO DA . 12.11 -1.33 31.93
O2 EDO DA . 12.65 -1.79 30.69
C1 PEG EA . 1.58 5.17 30.12
O1 PEG EA . 2.59 4.22 30.42
C2 PEG EA . 1.42 6.18 31.21
O2 PEG EA . 1.18 7.47 30.65
C3 PEG EA . 1.80 8.53 31.39
C4 PEG EA . 3.16 8.83 30.82
O4 PEG EA . 3.10 9.57 29.61
C1 PEG FA . -0.67 7.42 27.57
O1 PEG FA . 0.58 8.00 27.90
C2 PEG FA . -1.71 8.44 27.26
O2 PEG FA . -1.98 9.24 28.41
C3 PEG FA . -2.99 10.22 28.20
C4 PEG FA . -2.37 11.59 28.27
O4 PEG FA . -3.33 12.62 28.40
C1 PEG GA . 5.00 23.14 18.31
O1 PEG GA . 6.12 23.67 18.99
C2 PEG GA . 3.81 22.99 19.20
O2 PEG GA . 3.77 21.67 19.74
C3 PEG GA . 2.59 20.95 19.38
C4 PEG GA . 2.77 19.51 19.72
O4 PEG GA . 3.71 19.31 20.76
C1 EDO HA . 16.82 20.90 16.38
O1 EDO HA . 18.05 21.11 17.04
C2 EDO HA . 15.75 21.87 16.75
O2 EDO HA . 14.43 21.41 16.47
C1 PEG IA . 21.19 17.17 13.77
O1 PEG IA . 21.76 17.19 15.07
C2 PEG IA . 20.33 18.38 13.48
O2 PEG IA . 19.02 18.18 13.99
C3 PEG IA . 17.98 18.60 13.11
C4 PEG IA . 16.68 18.00 13.55
O4 PEG IA . 16.60 17.86 14.95
C1 PEG JA . -24.02 -7.42 -19.54
O1 PEG JA . -22.90 -6.56 -19.33
C2 PEG JA . -23.63 -8.88 -19.31
O2 PEG JA . -24.66 -9.57 -18.60
C3 PEG JA . -25.45 -10.46 -19.42
C4 PEG JA . -26.67 -10.91 -18.66
O4 PEG JA . -26.67 -12.30 -18.40
C1 EDO KA . -22.65 -10.35 -14.48
O1 EDO KA . -22.37 -9.33 -15.41
C2 EDO KA . -23.75 -11.24 -14.91
O2 EDO KA . -23.68 -12.59 -14.46
C1 PGE LA . -17.37 -20.62 -15.93
O1 PGE LA . -17.28 -19.33 -15.36
C2 PGE LA . -16.01 -21.21 -16.20
O2 PGE LA . -16.05 -22.07 -17.33
C3 PGE LA . -15.01 -23.04 -17.34
C4 PGE LA . -15.60 -24.40 -17.18
O4 PGE LA . -11.76 -26.73 -17.65
C6 PGE LA . -12.75 -25.83 -18.13
C5 PGE LA . -14.12 -26.20 -17.67
O3 PGE LA . -15.07 -25.27 -18.17
C1 EDO MA . -12.86 -21.66 -14.14
O1 EDO MA . -12.96 -20.80 -15.24
C2 EDO MA . -11.65 -22.51 -14.15
O2 EDO MA . -11.52 -23.39 -15.26
C1 PEG NA . -11.12 -46.69 -13.10
O1 PEG NA . -12.16 -46.54 -12.15
C2 PEG NA . -9.88 -45.94 -12.71
O2 PEG NA . -10.06 -44.55 -12.94
C3 PEG NA . -9.61 -43.72 -11.87
C4 PEG NA . -10.72 -42.81 -11.43
O4 PEG NA . -10.24 -41.73 -10.63
C1 PGE OA . -0.05 -20.81 -27.35
O1 PGE OA . -0.23 -19.73 -28.24
C2 PGE OA . -1.27 -21.09 -26.58
O2 PGE OA . -1.50 -20.05 -25.63
C3 PGE OA . -2.82 -20.02 -25.11
C4 PGE OA . -2.93 -20.99 -23.96
O4 PGE OA . -3.35 -19.42 -19.82
C6 PGE OA . -2.66 -20.13 -20.83
C5 PGE OA . -3.54 -21.02 -21.65
O3 PGE OA . -3.75 -20.45 -22.94
C1 PEG PA . 1.96 -16.01 -25.34
O1 PEG PA . 1.53 -15.86 -26.68
C2 PEG PA . 1.66 -17.38 -24.80
O2 PEG PA . 0.47 -17.37 -24.02
C3 PEG PA . 0.68 -17.75 -22.67
C4 PEG PA . -0.53 -17.40 -21.90
O4 PEG PA . -1.69 -17.37 -22.72
C1 PEG QA . 21.85 -24.87 -36.81
O1 PEG QA . 21.43 -25.83 -37.76
C2 PEG QA . 20.94 -24.80 -35.62
O2 PEG QA . 19.67 -25.38 -35.94
C3 PEG QA . 18.91 -25.72 -34.78
C4 PEG QA . 17.48 -25.94 -35.17
O4 PEG QA . 16.58 -25.61 -34.14
C1 EDO RA . -1.42 -2.83 -29.75
O1 EDO RA . -2.28 -1.74 -29.94
C2 EDO RA . -1.70 -3.60 -28.52
O2 EDO RA . -1.14 -2.98 -27.39
C1 PEG SA . -0.84 -7.26 -30.75
O1 PEG SA . -0.64 -8.42 -29.97
C2 PEG SA . -2.29 -6.96 -30.96
O2 PEG SA . -2.46 -5.63 -31.45
C3 PEG SA . -2.09 -5.46 -32.81
C4 PEG SA . -2.82 -4.29 -33.41
O4 PEG SA . -2.34 -3.95 -34.69
C1 EDO TA . -18.58 -17.80 -51.96
O1 EDO TA . -19.31 -16.84 -51.20
C2 EDO TA . -19.44 -18.87 -52.55
O2 EDO TA . -18.72 -19.65 -53.50
C1 PEG UA . -14.27 1.30 -24.01
O1 PEG UA . -14.34 0.16 -24.84
C2 PEG UA . -15.48 2.16 -24.14
O2 PEG UA . -16.65 1.36 -24.15
C3 PEG UA . -17.85 2.11 -24.39
C4 PEG UA . -18.91 1.77 -23.37
O4 PEG UA . -19.42 0.46 -23.51
#